data_4QRM
#
_entry.id   4QRM
#
_cell.length_a   105.403
_cell.length_b   216.255
_cell.length_c   262.214
_cell.angle_alpha   90.00
_cell.angle_beta   90.00
_cell.angle_gamma   90.00
#
_symmetry.space_group_name_H-M   'P 21 21 21'
#
loop_
_entity.id
_entity.type
_entity.pdbx_description
1 polymer 'Flagellar motor switch protein FliM'
2 polymer 'Flagellar motor switch protein FliG'
#
loop_
_entity_poly.entity_id
_entity_poly.type
_entity_poly.pdbx_seq_one_letter_code
_entity_poly.pdbx_strand_id
1 'polypeptide(L)'
;KFSKEQLRTFQMIHENFGRALSTYLSGRLRTFVDVEISIDQLTYEEFIRSVMIPSFIVIFTGDVFEGSAIFEMRLDLFYT
MLDIIMGGPGENPPNRPPTEIETSIMRKEVTNMLTLLAQAWSDFQYFIPSIENVETNPQFVQIVPPNEIVLLVTASVSWG
EFTSFINVCWPFSLLEPLLEKLS
;
A,C,E,G,I,K,M,O,Q,S,U
2 'polypeptide(L)' GSHMVQLVNFLQSEHPQTIAVVLSYLDPPVAAQILGALPEELQTEVLKRIALLERTSPEVVKEIERNLEKKISGF B,D,F,H,J,L,N,P,R,T,V
#
# COMPACT_ATOMS: atom_id res chain seq x y z
N LYS A 1 26.75 38.87 -5.12
CA LYS A 1 26.86 37.56 -4.48
C LYS A 1 28.12 37.46 -3.62
N PHE A 2 28.91 36.40 -3.83
CA PHE A 2 30.10 36.14 -3.03
C PHE A 2 31.39 36.44 -3.79
N SER A 3 32.51 36.32 -3.09
CA SER A 3 33.82 36.54 -3.69
C SER A 3 34.55 35.21 -3.85
N LYS A 4 35.71 35.26 -4.49
CA LYS A 4 36.55 34.08 -4.68
C LYS A 4 37.24 33.69 -3.38
N GLU A 5 37.43 34.69 -2.52
CA GLU A 5 38.11 34.46 -1.25
C GLU A 5 37.13 34.11 -0.14
N GLN A 6 35.87 34.50 -0.30
CA GLN A 6 34.86 34.18 0.69
C GLN A 6 34.41 32.73 0.64
N LEU A 7 34.46 32.12 -0.54
CA LEU A 7 34.08 30.71 -0.72
C LEU A 7 35.11 29.79 -0.07
N ARG A 8 36.33 30.27 0.04
CA ARG A 8 37.43 29.49 0.60
C ARG A 8 37.40 29.49 2.12
N THR A 9 37.10 30.65 2.71
CA THR A 9 36.98 30.78 4.16
C THR A 9 35.78 29.96 4.65
N PHE A 10 34.76 29.87 3.81
CA PHE A 10 33.56 29.15 4.19
C PHE A 10 33.75 27.63 4.10
N GLN A 11 34.77 27.19 3.38
CA GLN A 11 35.11 25.76 3.37
C GLN A 11 35.75 25.38 4.70
N MET A 12 36.48 26.34 5.28
CA MET A 12 37.08 26.16 6.61
C MET A 12 36.22 26.82 7.67
N ILE A 13 34.90 26.66 7.55
CA ILE A 13 34.00 27.01 8.63
C ILE A 13 33.01 25.85 8.79
N HIS A 14 33.07 24.94 7.83
CA HIS A 14 32.33 23.68 7.91
C HIS A 14 33.38 22.55 7.92
N GLU A 15 34.62 22.99 8.14
CA GLU A 15 35.76 22.16 8.52
C GLU A 15 35.45 21.19 9.66
N ASN A 16 35.74 21.67 10.88
CA ASN A 16 35.43 20.99 12.13
C ASN A 16 34.03 20.37 12.09
N PHE A 17 33.07 21.16 11.62
CA PHE A 17 31.69 20.69 11.53
C PHE A 17 31.58 19.45 10.65
N GLY A 18 32.45 19.35 9.65
CA GLY A 18 32.52 18.13 8.86
C GLY A 18 33.03 16.96 9.68
N ARG A 19 34.05 17.21 10.50
CA ARG A 19 34.70 16.17 11.28
C ARG A 19 33.99 15.93 12.61
N ALA A 20 33.38 16.99 13.15
CA ALA A 20 32.65 16.89 14.40
C ALA A 20 31.31 16.21 14.19
N LEU A 21 30.68 16.48 13.05
CA LEU A 21 29.48 15.76 12.69
C LEU A 21 29.83 14.29 12.53
N SER A 22 30.97 14.04 11.88
CA SER A 22 31.48 12.70 11.65
C SER A 22 31.53 11.89 12.94
N THR A 23 32.29 12.36 13.91
CA THR A 23 32.52 11.61 15.13
C THR A 23 31.39 11.74 16.15
N TYR A 24 30.38 12.53 15.82
CA TYR A 24 29.23 12.68 16.72
C TYR A 24 28.18 11.61 16.48
N LEU A 25 27.71 11.50 15.24
CA LEU A 25 26.66 10.55 14.90
C LEU A 25 27.19 9.12 14.91
N SER A 26 28.46 8.96 14.51
CA SER A 26 29.14 7.67 14.59
C SER A 26 29.16 7.18 16.03
N GLY A 27 29.24 8.11 16.96
CA GLY A 27 29.18 7.79 18.37
C GLY A 27 27.78 7.39 18.79
N ARG A 28 26.78 7.80 18.02
CA ARG A 28 25.40 7.47 18.33
C ARG A 28 24.79 6.48 17.34
N LEU A 29 25.53 6.15 16.28
CA LEU A 29 25.12 5.06 15.40
C LEU A 29 25.87 3.77 15.74
N ARG A 30 26.74 3.86 16.75
CA ARG A 30 27.50 2.72 17.25
C ARG A 30 28.27 1.99 16.12
N THR A 31 28.71 2.76 15.12
CA THR A 31 29.51 2.26 14.02
C THR A 31 30.26 3.40 13.33
N PHE A 32 31.26 3.07 12.53
CA PHE A 32 32.04 4.09 11.82
C PHE A 32 31.25 4.73 10.67
N VAL A 33 31.27 6.06 10.60
CA VAL A 33 30.64 6.82 9.52
C VAL A 33 31.60 7.87 8.95
N ASP A 34 31.65 7.96 7.63
CA ASP A 34 32.45 8.98 6.97
C ASP A 34 31.55 10.10 6.43
N VAL A 35 32.02 11.35 6.55
CA VAL A 35 31.24 12.51 6.10
C VAL A 35 32.09 13.42 5.21
N GLU A 36 31.49 13.93 4.14
CA GLU A 36 32.19 14.85 3.24
C GLU A 36 31.35 16.07 2.87
N ILE A 37 31.96 17.25 2.97
CA ILE A 37 31.26 18.51 2.70
C ILE A 37 31.52 19.07 1.32
N SER A 38 30.44 19.37 0.60
CA SER A 38 30.54 20.09 -0.66
C SER A 38 29.74 21.39 -0.57
N ILE A 39 30.40 22.49 -0.91
CA ILE A 39 29.78 23.80 -0.79
C ILE A 39 29.46 24.37 -2.16
N ASP A 40 28.45 25.23 -2.23
CA ASP A 40 28.07 25.85 -3.49
C ASP A 40 27.21 27.09 -3.31
N GLN A 41 27.03 27.83 -4.39
CA GLN A 41 26.15 28.99 -4.43
C GLN A 41 24.88 28.62 -5.20
N LEU A 42 23.72 28.81 -4.59
CA LEU A 42 22.46 28.54 -5.28
C LEU A 42 21.42 29.61 -4.98
N THR A 43 20.44 29.76 -5.86
CA THR A 43 19.30 30.62 -5.56
C THR A 43 18.48 29.91 -4.51
N TYR A 44 17.57 30.63 -3.86
CA TYR A 44 16.82 30.06 -2.75
C TYR A 44 15.74 29.11 -3.26
N GLU A 45 15.42 29.21 -4.53
CA GLU A 45 14.47 28.30 -5.16
C GLU A 45 15.17 27.04 -5.70
N GLU A 46 16.43 27.20 -6.11
CA GLU A 46 17.25 26.06 -6.55
C GLU A 46 17.45 25.08 -5.40
N PHE A 47 17.24 25.58 -4.18
CA PHE A 47 17.39 24.80 -2.96
C PHE A 47 16.05 24.28 -2.46
N ILE A 48 15.02 25.12 -2.54
CA ILE A 48 13.71 24.76 -2.00
C ILE A 48 13.05 23.64 -2.83
N ARG A 49 13.53 23.44 -4.05
CA ARG A 49 13.04 22.34 -4.87
C ARG A 49 13.87 21.07 -4.64
N SER A 50 15.17 21.24 -4.47
CA SER A 50 16.07 20.11 -4.25
C SER A 50 15.94 19.52 -2.85
N VAL A 51 14.81 19.78 -2.21
CA VAL A 51 14.43 19.09 -0.97
C VAL A 51 13.21 18.24 -1.24
N MET A 52 13.36 16.93 -1.03
CA MET A 52 12.28 15.99 -1.31
C MET A 52 11.09 16.21 -0.38
N ILE A 53 9.90 15.85 -0.85
CA ILE A 53 8.68 15.97 -0.06
C ILE A 53 8.15 14.59 0.31
N PRO A 54 7.92 14.36 1.61
CA PRO A 54 8.28 15.32 2.66
C PRO A 54 9.69 15.08 3.18
N SER A 55 10.12 15.95 4.10
CA SER A 55 11.44 15.84 4.67
C SER A 55 11.46 16.53 6.02
N PHE A 56 12.54 16.32 6.77
CA PHE A 56 12.70 16.96 8.06
C PHE A 56 13.45 18.28 7.92
N ILE A 57 12.73 19.38 8.09
CA ILE A 57 13.31 20.70 7.91
C ILE A 57 13.25 21.51 9.21
N VAL A 58 14.42 21.90 9.69
CA VAL A 58 14.53 22.75 10.87
C VAL A 58 15.10 24.14 10.51
N ILE A 59 14.35 25.19 10.81
CA ILE A 59 14.83 26.55 10.60
C ILE A 59 15.26 27.14 11.93
N PHE A 60 16.42 27.79 11.94
CA PHE A 60 17.02 28.24 13.18
C PHE A 60 17.67 29.61 13.05
N THR A 61 18.01 30.20 14.19
CA THR A 61 18.66 31.50 14.23
C THR A 61 19.55 31.62 15.45
N GLY A 62 20.21 32.77 15.58
CA GLY A 62 21.09 33.04 16.70
C GLY A 62 20.79 34.38 17.33
N ASP A 63 21.42 34.64 18.47
CA ASP A 63 21.24 35.90 19.19
C ASP A 63 21.80 37.06 18.36
N VAL A 64 23.03 36.91 17.87
CA VAL A 64 23.67 37.94 17.05
C VAL A 64 23.17 37.90 15.61
N PHE A 65 22.33 36.91 15.33
CA PHE A 65 21.81 36.69 13.99
C PHE A 65 20.50 37.41 13.74
N GLU A 66 20.53 38.40 12.86
CA GLU A 66 19.30 38.97 12.34
C GLU A 66 18.99 38.23 11.05
N GLY A 67 18.06 37.29 11.13
CA GLY A 67 17.69 36.47 9.99
C GLY A 67 17.31 35.06 10.39
N SER A 68 17.24 34.15 9.42
CA SER A 68 16.88 32.77 9.71
C SER A 68 17.53 31.82 8.71
N ALA A 69 18.11 30.74 9.23
CA ALA A 69 18.80 29.75 8.41
C ALA A 69 18.11 28.39 8.50
N ILE A 70 18.35 27.55 7.51
CA ILE A 70 17.68 26.26 7.42
C ILE A 70 18.63 25.10 7.69
N PHE A 71 18.14 24.12 8.46
CA PHE A 71 18.85 22.88 8.70
C PHE A 71 18.01 21.74 8.14
N GLU A 72 18.46 21.18 7.03
CA GLU A 72 17.70 20.17 6.32
C GLU A 72 18.31 18.78 6.50
N MET A 73 17.45 17.81 6.74
CA MET A 73 17.87 16.43 6.90
C MET A 73 16.95 15.51 6.13
N ARG A 74 17.50 14.77 5.18
CA ARG A 74 16.69 13.89 4.36
C ARG A 74 16.11 12.78 5.23
N LEU A 75 14.92 12.29 4.86
CA LEU A 75 14.15 11.41 5.73
C LEU A 75 14.71 9.99 5.87
N ASP A 76 15.47 9.53 4.89
CA ASP A 76 16.05 8.19 4.95
C ASP A 76 16.99 8.08 6.14
N LEU A 77 17.82 9.10 6.32
CA LEU A 77 18.74 9.19 7.44
C LEU A 77 17.97 9.40 8.75
N PHE A 78 16.92 10.20 8.68
CA PHE A 78 16.13 10.58 9.84
C PHE A 78 15.65 9.36 10.63
N TYR A 79 14.98 8.45 9.95
CA TYR A 79 14.40 7.28 10.63
C TYR A 79 15.47 6.25 10.96
N THR A 80 16.56 6.27 10.21
CA THR A 80 17.67 5.36 10.47
C THR A 80 18.22 5.60 11.87
N MET A 81 18.28 6.88 12.26
CA MET A 81 18.77 7.25 13.58
C MET A 81 17.78 6.90 14.67
N LEU A 82 16.51 7.30 14.47
CA LEU A 82 15.44 7.03 15.43
C LEU A 82 15.42 5.56 15.86
N ASP A 83 15.72 4.69 14.91
CA ASP A 83 15.81 3.27 15.18
C ASP A 83 16.97 2.97 16.13
N ILE A 84 18.16 3.40 15.74
CA ILE A 84 19.38 3.04 16.47
C ILE A 84 19.33 3.50 17.92
N ILE A 85 18.79 4.69 18.15
CA ILE A 85 18.69 5.23 19.49
C ILE A 85 17.51 4.64 20.27
N MET A 86 16.79 3.71 19.65
CA MET A 86 15.72 3.00 20.34
C MET A 86 15.90 1.48 20.23
N GLY A 87 17.15 1.04 20.23
CA GLY A 87 17.49 -0.37 20.30
C GLY A 87 17.21 -1.12 19.01
N GLY A 88 17.37 -0.43 17.89
CA GLY A 88 17.08 -1.01 16.59
C GLY A 88 18.32 -1.31 15.78
N PRO A 89 18.16 -2.01 14.66
CA PRO A 89 19.25 -2.34 13.73
C PRO A 89 19.54 -1.27 12.66
N GLY A 90 18.52 -0.51 12.29
CA GLY A 90 18.60 0.37 11.12
C GLY A 90 17.60 -0.19 10.13
N GLU A 91 16.32 0.10 10.36
CA GLU A 91 15.24 -0.51 9.60
C GLU A 91 15.21 -0.06 8.15
N ASN A 92 14.17 -0.48 7.45
CA ASN A 92 13.81 0.15 6.19
C ASN A 92 13.09 1.46 6.52
N PRO A 93 13.58 2.59 5.98
CA PRO A 93 13.04 3.89 6.35
C PRO A 93 11.69 4.21 5.69
N PRO A 94 10.61 4.24 6.48
CA PRO A 94 9.32 4.61 5.88
C PRO A 94 9.32 6.09 5.46
N ASN A 95 8.87 6.38 4.24
CA ASN A 95 8.87 7.77 3.77
C ASN A 95 7.58 8.51 4.10
N ARG A 96 7.45 8.91 5.36
CA ARG A 96 6.25 9.59 5.84
C ARG A 96 6.60 10.71 6.81
N PRO A 97 5.71 11.70 6.93
CA PRO A 97 5.87 12.73 7.96
C PRO A 97 5.88 12.13 9.37
N PRO A 98 6.81 12.57 10.22
CA PRO A 98 7.03 12.04 11.57
C PRO A 98 5.92 12.40 12.56
N THR A 99 5.75 11.57 13.58
CA THR A 99 4.78 11.82 14.63
C THR A 99 5.38 12.69 15.73
N GLU A 100 4.57 13.00 16.75
CA GLU A 100 4.99 13.85 17.86
C GLU A 100 6.26 13.34 18.54
N ILE A 101 6.25 12.06 18.91
CA ILE A 101 7.40 11.46 19.59
C ILE A 101 8.64 11.55 18.75
N GLU A 102 8.50 11.21 17.48
CA GLU A 102 9.62 11.02 16.58
C GLU A 102 10.37 12.33 16.27
N THR A 103 9.72 13.48 16.46
CA THR A 103 10.40 14.76 16.29
C THR A 103 10.98 15.24 17.60
N SER A 104 10.19 15.08 18.67
CA SER A 104 10.59 15.46 20.02
C SER A 104 11.92 14.81 20.40
N ILE A 105 12.12 13.60 19.93
CA ILE A 105 13.37 12.89 20.13
C ILE A 105 14.47 13.51 19.28
N MET A 106 14.14 13.82 18.04
CA MET A 106 15.13 14.25 17.07
C MET A 106 15.45 15.74 17.14
N ARG A 107 14.53 16.54 17.68
CA ARG A 107 14.81 17.95 17.90
C ARG A 107 15.97 18.10 18.90
N LYS A 108 15.95 17.28 19.94
CA LYS A 108 17.04 17.28 20.92
C LYS A 108 18.35 16.88 20.25
N GLU A 109 18.25 16.08 19.19
CA GLU A 109 19.43 15.60 18.48
C GLU A 109 19.94 16.61 17.49
N VAL A 110 19.03 17.25 16.76
CA VAL A 110 19.41 18.30 15.84
C VAL A 110 19.79 19.57 16.60
N THR A 111 19.50 19.59 17.90
CA THR A 111 19.94 20.67 18.76
C THR A 111 21.40 20.48 19.13
N ASN A 112 21.73 19.30 19.65
CA ASN A 112 23.10 18.96 19.98
C ASN A 112 23.96 18.93 18.72
N MET A 113 23.32 18.68 17.59
CA MET A 113 24.02 18.62 16.31
C MET A 113 24.32 20.01 15.80
N LEU A 114 23.34 20.90 15.94
CA LEU A 114 23.46 22.27 15.48
C LEU A 114 24.47 23.06 16.30
N THR A 115 24.65 22.65 17.56
CA THR A 115 25.61 23.29 18.44
C THR A 115 27.02 23.04 17.92
N LEU A 116 27.23 21.85 17.36
CA LEU A 116 28.52 21.48 16.76
C LEU A 116 28.90 22.44 15.64
N LEU A 117 27.89 22.87 14.89
CA LEU A 117 28.08 23.86 13.84
C LEU A 117 28.61 25.14 14.46
N ALA A 118 27.99 25.55 15.57
CA ALA A 118 28.35 26.78 16.25
C ALA A 118 29.73 26.72 16.91
N GLN A 119 30.24 25.51 17.08
CA GLN A 119 31.56 25.32 17.69
C GLN A 119 32.66 25.36 16.65
N ALA A 120 32.27 25.49 15.39
CA ALA A 120 33.23 25.74 14.32
C ALA A 120 33.24 27.22 14.01
N TRP A 121 32.14 27.89 14.38
CA TRP A 121 31.97 29.31 14.09
C TRP A 121 32.45 30.23 15.21
N SER A 122 32.84 29.64 16.34
CA SER A 122 33.23 30.42 17.51
C SER A 122 34.48 31.26 17.25
N ASP A 123 35.21 30.93 16.18
CA ASP A 123 36.36 31.71 15.77
C ASP A 123 35.97 33.03 15.10
N PHE A 124 34.80 33.05 14.47
CA PHE A 124 34.41 34.21 13.66
C PHE A 124 33.18 34.91 14.20
N GLN A 125 32.27 34.15 14.78
CA GLN A 125 31.08 34.74 15.37
C GLN A 125 30.44 33.82 16.38
N TYR A 126 30.54 34.18 17.66
CA TYR A 126 29.92 33.38 18.71
C TYR A 126 28.40 33.61 18.78
N PHE A 127 27.66 32.51 18.81
CA PHE A 127 26.20 32.58 18.91
C PHE A 127 25.65 31.28 19.51
N ILE A 128 24.60 31.41 20.30
CA ILE A 128 23.86 30.25 20.75
C ILE A 128 22.68 29.99 19.81
N PRO A 129 22.75 28.88 19.07
CA PRO A 129 21.69 28.53 18.13
C PRO A 129 20.43 28.06 18.83
N SER A 130 19.32 28.74 18.57
CA SER A 130 18.03 28.28 19.08
C SER A 130 17.10 28.07 17.89
N ILE A 131 16.42 26.93 17.88
CA ILE A 131 15.58 26.57 16.75
C ILE A 131 14.26 27.34 16.80
N GLU A 132 14.03 28.12 15.76
CA GLU A 132 12.81 28.91 15.67
C GLU A 132 11.59 28.03 15.43
N ASN A 133 11.60 27.30 14.33
CA ASN A 133 10.44 26.53 13.92
C ASN A 133 10.81 25.21 13.23
N VAL A 134 9.87 24.26 13.22
CA VAL A 134 10.06 22.99 12.55
C VAL A 134 9.00 22.82 11.48
N GLU A 135 9.37 22.23 10.34
CA GLU A 135 8.39 21.95 9.30
C GLU A 135 8.76 20.66 8.57
N THR A 136 7.82 20.12 7.81
CA THR A 136 8.01 18.87 7.11
C THR A 136 7.86 19.04 5.60
N ASN A 137 7.33 20.20 5.20
CA ASN A 137 7.08 20.49 3.79
C ASN A 137 7.92 21.67 3.32
N PRO A 138 8.62 21.50 2.20
CA PRO A 138 9.52 22.56 1.72
C PRO A 138 8.83 23.65 0.88
N GLN A 139 7.60 23.42 0.43
CA GLN A 139 6.90 24.46 -0.32
C GLN A 139 6.10 25.33 0.63
N PHE A 140 6.31 25.09 1.92
CA PHE A 140 5.60 25.79 2.98
C PHE A 140 6.50 26.75 3.73
N VAL A 141 7.82 26.57 3.61
CA VAL A 141 8.78 27.43 4.31
C VAL A 141 8.98 28.78 3.63
N GLN A 142 10.02 28.88 2.80
CA GLN A 142 10.35 30.11 2.07
C GLN A 142 10.53 31.28 3.04
N ILE A 143 11.73 31.38 3.62
CA ILE A 143 12.04 32.41 4.63
C ILE A 143 12.41 33.75 4.02
N VAL A 144 13.19 33.71 2.94
CA VAL A 144 13.64 34.93 2.26
C VAL A 144 13.21 34.84 0.81
N PRO A 145 13.12 35.98 0.11
CA PRO A 145 12.83 36.08 -1.33
C PRO A 145 13.41 34.92 -2.16
N PRO A 146 12.56 34.34 -3.02
CA PRO A 146 12.80 33.08 -3.75
C PRO A 146 14.03 33.09 -4.66
N ASN A 147 14.53 34.27 -5.02
CA ASN A 147 15.69 34.33 -5.91
C ASN A 147 16.91 35.01 -5.26
N GLU A 148 16.92 35.07 -3.94
CA GLU A 148 18.09 35.55 -3.22
C GLU A 148 19.13 34.44 -3.09
N ILE A 149 20.38 34.75 -3.44
CA ILE A 149 21.43 33.72 -3.50
C ILE A 149 21.69 33.11 -2.13
N VAL A 150 22.21 31.88 -2.12
CA VAL A 150 22.31 31.10 -0.91
C VAL A 150 23.66 30.37 -0.80
N LEU A 151 24.19 30.30 0.42
CA LEU A 151 25.30 29.40 0.71
C LEU A 151 24.75 28.04 1.10
N LEU A 152 25.02 27.03 0.27
CA LEU A 152 24.46 25.70 0.48
C LEU A 152 25.52 24.69 0.91
N VAL A 153 25.31 24.12 2.09
CA VAL A 153 26.28 23.19 2.67
C VAL A 153 25.80 21.75 2.59
N THR A 154 26.40 20.97 1.69
CA THR A 154 25.99 19.59 1.49
C THR A 154 26.90 18.62 2.23
N ALA A 155 26.38 18.06 3.32
CA ALA A 155 27.11 17.08 4.12
C ALA A 155 26.79 15.66 3.68
N SER A 156 27.75 15.00 3.06
CA SER A 156 27.54 13.63 2.57
C SER A 156 27.74 12.62 3.69
N VAL A 157 26.64 12.17 4.29
CA VAL A 157 26.70 11.14 5.33
C VAL A 157 26.65 9.76 4.68
N SER A 158 27.64 8.93 4.99
CA SER A 158 27.72 7.61 4.39
C SER A 158 28.42 6.59 5.29
N TRP A 159 27.91 5.36 5.31
CA TRP A 159 28.49 4.28 6.09
C TRP A 159 28.04 2.92 5.57
N GLY A 160 28.93 1.94 5.65
CA GLY A 160 28.64 0.62 5.13
C GLY A 160 28.37 0.64 3.64
N GLU A 161 27.09 0.75 3.29
CA GLU A 161 26.69 0.88 1.90
C GLU A 161 25.70 2.03 1.76
N PHE A 162 24.94 2.28 2.82
CA PHE A 162 23.92 3.33 2.82
C PHE A 162 24.54 4.73 2.73
N THR A 163 23.77 5.69 2.20
CA THR A 163 24.27 7.05 2.04
C THR A 163 23.12 8.08 1.99
N SER A 164 23.37 9.26 2.55
CA SER A 164 22.34 10.30 2.67
C SER A 164 22.92 11.73 2.75
N PHE A 165 22.03 12.72 2.86
CA PHE A 165 22.41 14.13 2.85
C PHE A 165 21.94 14.95 4.06
N ILE A 166 22.85 15.74 4.61
CA ILE A 166 22.51 16.78 5.56
C ILE A 166 22.75 18.14 4.92
N ASN A 167 21.76 19.01 4.92
CA ASN A 167 21.95 20.31 4.29
C ASN A 167 21.70 21.50 5.24
N VAL A 168 22.57 22.50 5.15
CA VAL A 168 22.41 23.75 5.89
C VAL A 168 22.35 24.93 4.94
N CYS A 169 21.35 25.79 5.14
CA CYS A 169 21.08 26.86 4.20
C CYS A 169 21.35 28.27 4.77
N TRP A 170 22.36 28.92 4.20
CA TRP A 170 22.70 30.31 4.54
C TRP A 170 22.36 31.24 3.37
N PRO A 171 21.23 31.97 3.48
CA PRO A 171 20.72 32.88 2.44
C PRO A 171 21.40 34.24 2.49
N PHE A 172 21.57 34.94 1.37
CA PHE A 172 22.46 36.12 1.29
C PHE A 172 22.19 37.23 2.33
N SER A 173 20.97 37.29 2.89
CA SER A 173 20.72 38.23 3.98
C SER A 173 21.71 37.89 5.08
N LEU A 174 21.95 36.59 5.25
CA LEU A 174 23.20 36.04 5.76
C LEU A 174 23.81 36.69 6.98
N LEU A 175 25.13 36.67 6.93
CA LEU A 175 25.99 37.48 7.74
C LEU A 175 26.43 38.66 6.87
N GLU A 176 25.47 39.29 6.20
CA GLU A 176 25.73 40.55 5.53
C GLU A 176 26.02 41.66 6.55
N PRO A 177 25.37 41.62 7.74
CA PRO A 177 25.89 42.47 8.82
C PRO A 177 27.32 42.11 9.23
N LEU A 178 27.78 40.93 8.83
CA LEU A 178 29.12 40.48 9.12
C LEU A 178 29.87 40.21 7.81
N LEU A 179 29.31 40.71 6.71
CA LEU A 179 29.97 40.63 5.40
C LEU A 179 30.80 41.89 5.14
N GLU A 180 30.65 42.92 5.99
CA GLU A 180 31.74 43.86 6.19
C GLU A 180 32.78 43.01 6.91
N LYS A 181 33.56 42.29 6.11
CA LYS A 181 33.91 40.90 6.39
C LYS A 181 34.78 40.62 7.60
N LEU A 182 34.69 39.38 8.05
CA LEU A 182 35.55 38.81 9.06
C LEU A 182 37.01 38.99 8.64
N SER A 183 37.31 38.60 7.40
CA SER A 183 38.66 38.72 6.85
C SER A 183 38.73 39.82 5.78
N SER B 2 -11.62 3.37 28.07
CA SER B 2 -11.09 4.51 27.33
C SER B 2 -9.56 4.51 27.33
N HIS B 3 -8.96 3.96 28.38
CA HIS B 3 -7.50 3.86 28.46
C HIS B 3 -6.98 2.90 27.41
N MET B 4 -7.77 1.88 27.10
CA MET B 4 -7.34 0.89 26.10
C MET B 4 -7.41 1.40 24.68
N VAL B 5 -8.57 1.94 24.34
CA VAL B 5 -8.85 2.39 22.98
C VAL B 5 -7.92 3.52 22.55
N GLN B 6 -7.63 4.44 23.46
CA GLN B 6 -6.82 5.60 23.13
C GLN B 6 -5.35 5.25 22.87
N LEU B 7 -4.81 4.34 23.68
CA LEU B 7 -3.42 3.89 23.52
C LEU B 7 -3.21 3.23 22.17
N VAL B 8 -4.24 2.54 21.70
CA VAL B 8 -4.18 1.83 20.43
C VAL B 8 -4.11 2.81 19.26
N ASN B 9 -5.02 3.78 19.24
CA ASN B 9 -5.02 4.83 18.21
C ASN B 9 -3.66 5.49 18.15
N PHE B 10 -3.05 5.58 19.33
CA PHE B 10 -1.74 6.19 19.48
C PHE B 10 -0.64 5.38 18.78
N LEU B 11 -0.50 4.12 19.14
CA LEU B 11 0.63 3.32 18.65
C LEU B 11 0.47 2.83 17.21
N GLN B 12 -0.75 2.87 16.71
CA GLN B 12 -1.00 2.46 15.33
C GLN B 12 -0.19 3.30 14.34
N SER B 13 0.07 4.54 14.73
CA SER B 13 0.82 5.48 13.89
C SER B 13 2.32 5.33 14.08
N GLU B 14 2.72 4.87 15.26
CA GLU B 14 4.12 4.92 15.66
C GLU B 14 5.01 3.92 14.93
N HIS B 15 6.31 4.09 15.13
CA HIS B 15 7.33 3.27 14.51
C HIS B 15 7.34 1.89 15.16
N PRO B 16 7.49 0.83 14.35
CA PRO B 16 7.61 -0.55 14.86
C PRO B 16 8.62 -0.69 15.99
N GLN B 17 9.63 0.16 16.03
CA GLN B 17 10.58 0.14 17.13
C GLN B 17 10.10 0.96 18.30
N THR B 18 9.35 2.03 18.01
CA THR B 18 8.74 2.86 19.04
C THR B 18 7.65 2.09 19.76
N ILE B 19 6.80 1.43 18.98
CA ILE B 19 5.70 0.63 19.52
C ILE B 19 6.25 -0.47 20.40
N ALA B 20 7.40 -1.01 19.99
CA ALA B 20 8.04 -2.10 20.71
C ALA B 20 8.45 -1.71 22.13
N VAL B 21 9.13 -0.58 22.24
CA VAL B 21 9.67 -0.15 23.52
C VAL B 21 8.55 0.16 24.51
N VAL B 22 7.48 0.79 24.01
CA VAL B 22 6.33 1.15 24.84
C VAL B 22 5.66 -0.07 25.48
N LEU B 23 5.58 -1.16 24.73
CA LEU B 23 4.94 -2.37 25.22
C LEU B 23 5.82 -3.15 26.19
N SER B 24 7.10 -2.82 26.24
CA SER B 24 8.01 -3.55 27.10
C SER B 24 8.06 -2.95 28.50
N TYR B 25 7.61 -1.70 28.64
CA TYR B 25 7.62 -1.06 29.95
C TYR B 25 6.29 -1.24 30.68
N LEU B 26 5.21 -1.19 29.92
CA LEU B 26 3.91 -1.62 30.42
C LEU B 26 4.01 -3.10 30.71
N ASP B 27 3.24 -3.61 31.68
CA ASP B 27 3.22 -5.04 31.94
C ASP B 27 2.69 -5.77 30.71
N PRO B 28 3.15 -7.00 30.47
CA PRO B 28 2.69 -7.76 29.30
C PRO B 28 1.16 -7.84 29.11
N PRO B 29 0.34 -7.88 30.19
CA PRO B 29 -1.12 -7.84 29.97
C PRO B 29 -1.61 -6.65 29.15
N VAL B 30 -1.43 -5.45 29.67
CA VAL B 30 -1.88 -4.24 28.98
C VAL B 30 -1.27 -4.16 27.59
N ALA B 31 0.02 -4.50 27.51
CA ALA B 31 0.75 -4.43 26.24
C ALA B 31 0.17 -5.33 25.16
N ALA B 32 -0.08 -6.58 25.52
CA ALA B 32 -0.57 -7.56 24.55
C ALA B 32 -2.04 -7.34 24.25
N GLN B 33 -2.74 -6.69 25.17
CA GLN B 33 -4.11 -6.29 24.90
C GLN B 33 -4.13 -5.26 23.77
N ILE B 34 -3.07 -4.46 23.72
CA ILE B 34 -2.84 -3.52 22.63
C ILE B 34 -2.30 -4.22 21.39
N LEU B 35 -1.43 -5.20 21.61
CA LEU B 35 -0.82 -5.95 20.52
C LEU B 35 -1.87 -6.76 19.76
N GLY B 36 -3.04 -6.92 20.38
CA GLY B 36 -4.16 -7.57 19.73
C GLY B 36 -5.04 -6.62 18.94
N ALA B 37 -4.74 -5.32 18.99
CA ALA B 37 -5.53 -4.33 18.28
C ALA B 37 -4.70 -3.69 17.16
N LEU B 38 -3.44 -4.10 17.08
CA LEU B 38 -2.58 -3.73 15.97
C LEU B 38 -2.84 -4.64 14.79
N PRO B 39 -2.61 -4.14 13.57
CA PRO B 39 -2.82 -4.96 12.37
C PRO B 39 -1.90 -6.18 12.28
N GLU B 40 -2.17 -6.98 11.26
CA GLU B 40 -1.39 -8.18 10.92
C GLU B 40 0.12 -7.94 10.96
N GLU B 41 0.60 -7.01 10.14
CA GLU B 41 2.03 -6.76 10.00
C GLU B 41 2.66 -6.28 11.29
N LEU B 42 2.09 -5.24 11.89
CA LEU B 42 2.63 -4.67 13.11
C LEU B 42 2.65 -5.70 14.25
N GLN B 43 1.63 -6.56 14.30
CA GLN B 43 1.58 -7.58 15.35
C GLN B 43 2.84 -8.44 15.31
N THR B 44 3.30 -8.77 14.11
CA THR B 44 4.49 -9.60 13.96
C THR B 44 5.77 -8.76 13.94
N GLU B 45 5.72 -7.62 13.27
CA GLU B 45 6.91 -6.78 13.12
C GLU B 45 7.33 -6.15 14.44
N VAL B 46 6.34 -5.78 15.25
CA VAL B 46 6.63 -5.25 16.58
C VAL B 46 7.19 -6.36 17.44
N LEU B 47 6.54 -7.52 17.33
CA LEU B 47 6.82 -8.63 18.22
C LEU B 47 8.24 -9.18 18.09
N LYS B 48 8.73 -9.27 16.86
CA LYS B 48 10.08 -9.80 16.63
C LYS B 48 11.14 -8.76 17.00
N ARG B 49 10.72 -7.51 17.14
CA ARG B 49 11.63 -6.45 17.56
C ARG B 49 11.68 -6.35 19.07
N ILE B 50 10.60 -6.75 19.75
CA ILE B 50 10.59 -6.82 21.21
C ILE B 50 11.55 -7.94 21.63
N ALA B 51 11.84 -8.82 20.67
CA ALA B 51 12.85 -9.84 20.86
C ALA B 51 14.25 -9.22 20.90
N LEU B 52 14.47 -8.21 20.06
CA LEU B 52 15.80 -7.60 19.92
C LEU B 52 15.91 -6.28 20.69
N LEU B 53 15.32 -6.23 21.87
CA LEU B 53 15.57 -5.10 22.78
C LEU B 53 16.83 -5.38 23.60
N GLU B 54 17.98 -5.26 22.94
CA GLU B 54 19.27 -5.54 23.56
C GLU B 54 19.57 -4.63 24.74
N ARG B 55 19.40 -3.33 24.55
CA ARG B 55 19.56 -2.38 25.65
C ARG B 55 18.83 -1.08 25.34
N THR B 56 18.14 -0.52 26.34
CA THR B 56 17.37 0.69 26.12
C THR B 56 18.01 1.90 26.76
N SER B 57 17.54 3.07 26.35
CA SER B 57 18.10 4.34 26.80
C SER B 57 17.19 4.99 27.83
N PRO B 58 17.79 5.38 28.97
CA PRO B 58 17.07 5.98 30.11
C PRO B 58 16.46 7.35 29.81
N GLU B 59 17.04 8.11 28.89
CA GLU B 59 16.51 9.42 28.58
C GLU B 59 15.36 9.31 27.58
N VAL B 60 15.45 8.33 26.70
CA VAL B 60 14.46 8.19 25.63
C VAL B 60 13.15 7.57 26.14
N VAL B 61 13.22 6.88 27.28
CA VAL B 61 12.02 6.23 27.81
C VAL B 61 11.11 7.24 28.50
N LYS B 62 11.67 8.04 29.40
CA LYS B 62 10.86 9.01 30.11
C LYS B 62 10.67 10.26 29.26
N GLU B 63 11.19 10.24 28.04
CA GLU B 63 10.85 11.26 27.04
C GLU B 63 9.62 10.77 26.29
N ILE B 64 9.40 9.46 26.38
CA ILE B 64 8.18 8.84 25.86
C ILE B 64 7.12 8.88 26.96
N GLU B 65 7.56 8.80 28.22
CA GLU B 65 6.65 8.95 29.35
C GLU B 65 6.08 10.37 29.38
N ARG B 66 6.80 11.30 28.76
CA ARG B 66 6.30 12.68 28.64
C ARG B 66 5.55 12.84 27.30
N ASN B 67 5.81 11.95 26.33
CA ASN B 67 4.94 11.85 25.17
C ASN B 67 3.78 10.92 25.55
N LEU B 68 3.95 10.23 26.67
CA LEU B 68 2.82 9.73 27.45
C LEU B 68 2.46 10.91 28.38
N GLU B 69 1.68 10.71 29.43
CA GLU B 69 1.16 11.80 30.27
C GLU B 69 0.44 12.85 29.38
N LYS B 70 0.60 12.74 28.06
CA LYS B 70 0.12 13.68 27.08
C LYS B 70 -1.39 13.50 26.94
N LYS B 71 -1.80 12.61 26.05
CA LYS B 71 -3.16 12.65 25.55
C LYS B 71 -3.96 11.40 25.91
N ILE B 72 -3.59 10.72 26.99
CA ILE B 72 -4.46 9.70 27.58
C ILE B 72 -4.60 10.01 29.07
N SER B 73 -5.82 9.86 29.58
CA SER B 73 -6.18 10.39 30.86
C SER B 73 -5.40 9.74 32.01
N GLY B 74 -5.35 8.42 32.02
CA GLY B 74 -4.91 7.69 33.18
C GLY B 74 -3.62 6.91 33.02
N PHE B 75 -2.56 7.35 33.73
CA PHE B 75 -1.25 6.66 33.74
C PHE B 75 -0.76 6.41 35.17
N LYS C 1 31.28 5.22 48.94
CA LYS C 1 31.85 4.07 48.24
C LYS C 1 31.07 3.80 46.94
N PHE C 2 31.53 2.85 46.13
CA PHE C 2 30.96 2.62 44.79
C PHE C 2 30.06 1.41 44.62
N SER C 3 29.67 1.14 43.37
CA SER C 3 28.73 0.08 43.06
C SER C 3 28.70 -0.32 41.59
N LYS C 4 28.63 -1.62 41.34
CA LYS C 4 28.37 -2.19 40.01
C LYS C 4 29.51 -1.90 39.02
N GLU C 5 29.60 -2.72 37.97
CA GLU C 5 30.44 -2.38 36.83
C GLU C 5 29.90 -1.16 36.07
N GLN C 6 29.50 -0.14 36.81
CA GLN C 6 29.22 1.16 36.23
C GLN C 6 30.56 1.87 36.04
N LEU C 7 31.62 1.20 36.50
CA LEU C 7 33.00 1.66 36.28
C LEU C 7 33.33 1.56 34.79
N ARG C 8 32.56 0.75 34.06
CA ARG C 8 32.70 0.67 32.60
C ARG C 8 31.58 1.46 31.92
N THR C 9 30.41 1.47 32.54
CA THR C 9 29.27 2.26 32.05
C THR C 9 29.70 3.72 31.92
N PHE C 10 30.39 4.21 32.94
CA PHE C 10 30.94 5.56 32.90
C PHE C 10 32.14 5.64 31.97
N GLN C 11 32.99 4.61 32.02
CA GLN C 11 34.16 4.56 31.14
C GLN C 11 33.75 4.35 29.70
N MET C 12 32.45 4.13 29.47
CA MET C 12 31.90 4.07 28.13
C MET C 12 31.38 5.44 27.71
N ILE C 13 30.75 6.14 28.63
CA ILE C 13 30.22 7.48 28.36
C ILE C 13 31.34 8.46 28.03
N HIS C 14 32.37 8.46 28.87
CA HIS C 14 33.48 9.38 28.70
C HIS C 14 34.44 8.85 27.63
N GLU C 15 34.24 7.60 27.21
CA GLU C 15 35.00 7.04 26.10
C GLU C 15 34.57 7.71 24.80
N ASN C 16 33.26 7.92 24.67
CA ASN C 16 32.69 8.65 23.55
C ASN C 16 33.08 10.12 23.61
N PHE C 17 32.91 10.72 24.78
CA PHE C 17 33.32 12.09 25.01
C PHE C 17 34.81 12.26 24.72
N GLY C 18 35.58 11.23 25.08
CA GLY C 18 37.01 11.23 24.88
C GLY C 18 37.41 11.54 23.45
N ARG C 19 36.93 10.75 22.51
CA ARG C 19 37.24 10.99 21.11
C ARG C 19 36.38 12.11 20.52
N ALA C 20 35.34 12.52 21.25
CA ALA C 20 34.54 13.67 20.84
C ALA C 20 35.34 14.93 21.11
N LEU C 21 36.10 14.87 22.20
CA LEU C 21 37.03 15.93 22.56
C LEU C 21 38.23 15.94 21.61
N SER C 22 38.65 14.76 21.18
CA SER C 22 39.81 14.63 20.31
C SER C 22 39.62 15.34 18.98
N THR C 23 38.40 15.32 18.44
CA THR C 23 38.14 15.97 17.17
C THR C 23 38.05 17.48 17.38
N TYR C 24 37.62 17.88 18.57
CA TYR C 24 37.55 19.29 18.93
C TYR C 24 38.94 19.92 19.03
N LEU C 25 39.83 19.24 19.75
CA LEU C 25 41.19 19.74 19.96
C LEU C 25 42.04 19.64 18.70
N SER C 26 41.65 18.75 17.80
CA SER C 26 42.39 18.54 16.57
C SER C 26 42.12 19.67 15.57
N GLY C 27 41.13 20.49 15.90
CA GLY C 27 40.81 21.65 15.10
C GLY C 27 41.29 22.93 15.77
N ARG C 28 41.39 22.89 17.09
CA ARG C 28 41.84 24.05 17.85
C ARG C 28 43.35 24.24 17.77
N LEU C 29 44.09 23.15 17.94
CA LEU C 29 45.54 23.21 17.89
C LEU C 29 46.04 23.07 16.44
N ARG C 30 45.09 22.90 15.53
CA ARG C 30 45.32 22.86 14.07
C ARG C 30 46.31 21.76 13.64
N THR C 31 46.49 20.77 14.51
CA THR C 31 47.25 19.57 14.22
C THR C 31 46.50 18.40 14.84
N PHE C 32 46.85 17.18 14.47
CA PHE C 32 46.17 16.02 15.05
C PHE C 32 46.42 15.96 16.56
N VAL C 33 45.35 15.74 17.31
CA VAL C 33 45.41 15.58 18.76
C VAL C 33 44.70 14.31 19.20
N ASP C 34 45.38 13.47 19.97
CA ASP C 34 44.80 12.21 20.39
C ASP C 34 44.56 12.18 21.91
N VAL C 35 43.42 11.62 22.31
CA VAL C 35 43.05 11.57 23.71
C VAL C 35 42.78 10.13 24.17
N GLU C 36 43.07 9.84 25.43
CA GLU C 36 42.72 8.54 26.02
C GLU C 36 42.14 8.77 27.41
N ILE C 37 41.07 8.05 27.74
CA ILE C 37 40.35 8.25 28.99
C ILE C 37 40.62 7.17 30.05
N SER C 38 41.28 7.58 31.12
CA SER C 38 41.44 6.70 32.26
C SER C 38 40.43 7.09 33.35
N ILE C 39 39.90 6.10 34.04
CA ILE C 39 38.89 6.36 35.04
C ILE C 39 39.31 5.75 36.37
N ASP C 40 38.96 6.41 37.47
CA ASP C 40 39.36 5.91 38.78
C ASP C 40 38.49 6.41 39.94
N GLN C 41 38.64 5.74 41.08
CA GLN C 41 37.80 5.94 42.26
C GLN C 41 38.57 6.56 43.42
N LEU C 42 38.25 7.81 43.75
CA LEU C 42 38.84 8.48 44.90
C LEU C 42 37.82 9.40 45.58
N THR C 43 38.24 10.15 46.59
CA THR C 43 37.33 11.06 47.28
C THR C 43 37.62 12.51 46.89
N TYR C 44 37.76 13.40 47.88
CA TYR C 44 38.14 14.79 47.63
C TYR C 44 39.54 15.02 48.17
N GLU C 45 40.21 13.91 48.48
CA GLU C 45 41.54 13.91 49.08
C GLU C 45 42.63 14.45 48.16
N GLU C 46 43.48 13.53 47.68
CA GLU C 46 44.63 13.83 46.85
C GLU C 46 44.29 14.73 45.67
N PHE C 47 43.04 14.67 45.20
CA PHE C 47 42.62 15.46 44.04
C PHE C 47 42.85 16.95 44.26
N ILE C 48 42.41 17.47 45.40
CA ILE C 48 42.61 18.87 45.75
C ILE C 48 44.05 19.11 46.20
N ARG C 49 44.88 18.07 46.14
CA ARG C 49 46.30 18.17 46.49
C ARG C 49 47.18 17.85 45.28
N SER C 50 46.74 16.90 44.44
CA SER C 50 47.47 16.53 43.24
C SER C 50 47.26 17.53 42.11
N VAL C 51 46.37 18.51 42.33
CA VAL C 51 46.22 19.60 41.38
C VAL C 51 47.45 20.49 41.48
N MET C 52 48.20 20.54 40.39
CA MET C 52 49.41 21.33 40.33
C MET C 52 49.10 22.79 40.65
N ILE C 53 49.90 23.39 41.52
CA ILE C 53 49.67 24.77 41.93
C ILE C 53 50.67 25.71 41.24
N PRO C 54 50.16 26.74 40.54
CA PRO C 54 48.73 26.95 40.34
C PRO C 54 48.20 26.23 39.11
N SER C 55 46.91 26.31 38.85
CA SER C 55 46.33 25.69 37.66
C SER C 55 45.04 26.38 37.27
N PHE C 56 44.41 25.89 36.21
CA PHE C 56 43.12 26.43 35.77
C PHE C 56 41.99 25.50 36.19
N ILE C 57 41.15 25.98 37.10
CA ILE C 57 40.12 25.14 37.69
C ILE C 57 38.74 25.80 37.61
N VAL C 58 37.80 25.13 36.96
CA VAL C 58 36.44 25.62 36.92
C VAL C 58 35.52 24.69 37.69
N ILE C 59 34.75 25.24 38.63
CA ILE C 59 33.71 24.46 39.27
C ILE C 59 32.37 24.84 38.66
N PHE C 60 31.60 23.82 38.29
CA PHE C 60 30.40 24.01 37.51
C PHE C 60 29.23 23.20 38.02
N THR C 61 28.04 23.55 37.56
CA THR C 61 26.83 22.83 37.95
C THR C 61 25.84 22.80 36.80
N GLY C 62 24.72 22.11 37.01
CA GLY C 62 23.71 21.99 35.98
C GLY C 62 22.32 22.31 36.52
N ASP C 63 21.34 22.23 35.64
CA ASP C 63 19.96 22.51 36.02
C ASP C 63 19.40 21.42 36.93
N VAL C 64 19.55 20.16 36.52
CA VAL C 64 19.08 19.02 37.29
C VAL C 64 20.11 18.61 38.33
N PHE C 65 21.29 19.17 38.23
CA PHE C 65 22.36 18.93 39.19
C PHE C 65 22.33 19.99 40.29
N GLU C 66 22.24 19.54 41.54
CA GLU C 66 22.39 20.46 42.65
C GLU C 66 23.62 20.10 43.48
N GLY C 67 24.51 21.07 43.60
CA GLY C 67 25.87 20.85 44.05
C GLY C 67 26.75 21.21 42.85
N SER C 68 28.06 21.07 42.99
CA SER C 68 28.95 21.41 41.87
C SER C 68 29.98 20.33 41.58
N ALA C 69 30.45 20.31 40.33
CA ALA C 69 31.51 19.41 39.91
C ALA C 69 32.69 20.22 39.38
N ILE C 70 33.83 19.56 39.18
CA ILE C 70 35.06 20.27 38.88
C ILE C 70 35.65 19.91 37.51
N PHE C 71 36.10 20.92 36.79
CA PHE C 71 36.83 20.74 35.54
C PHE C 71 38.20 21.39 35.64
N GLU C 72 39.25 20.56 35.55
CA GLU C 72 40.62 21.03 35.72
C GLU C 72 41.46 20.85 34.45
N MET C 73 42.34 21.82 34.21
CA MET C 73 43.30 21.77 33.11
C MET C 73 44.68 22.16 33.62
N ARG C 74 45.71 21.43 33.19
CA ARG C 74 47.08 21.77 33.57
C ARG C 74 47.56 22.94 32.70
N LEU C 75 48.30 23.86 33.30
CA LEU C 75 48.64 25.14 32.67
C LEU C 75 49.45 25.03 31.37
N ASP C 76 50.25 23.96 31.25
CA ASP C 76 51.09 23.81 30.06
C ASP C 76 50.24 23.59 28.82
N LEU C 77 49.04 23.05 29.01
CA LEU C 77 48.06 22.91 27.95
C LEU C 77 47.27 24.20 27.78
N PHE C 78 47.05 24.87 28.92
CA PHE C 78 46.26 26.10 28.96
C PHE C 78 46.86 27.19 28.07
N TYR C 79 48.16 27.38 28.20
CA TYR C 79 48.86 28.42 27.45
C TYR C 79 49.18 27.99 26.04
N THR C 80 49.27 26.67 25.83
CA THR C 80 49.53 26.14 24.52
C THR C 80 48.33 26.42 23.61
N MET C 81 47.13 26.19 24.12
CA MET C 81 45.91 26.42 23.35
C MET C 81 45.73 27.90 23.03
N LEU C 82 45.96 28.74 24.02
CA LEU C 82 45.87 30.17 23.84
C LEU C 82 46.85 30.68 22.79
N ASP C 83 48.06 30.14 22.79
CA ASP C 83 49.10 30.52 21.84
C ASP C 83 48.65 30.22 20.40
N ILE C 84 48.10 29.04 20.19
CA ILE C 84 47.69 28.59 18.87
C ILE C 84 46.51 29.39 18.34
N ILE C 85 45.47 29.52 19.16
CA ILE C 85 44.22 30.13 18.69
C ILE C 85 44.31 31.64 18.53
N MET C 86 45.54 32.17 18.61
CA MET C 86 45.74 33.60 18.46
C MET C 86 46.77 33.94 17.38
N GLY C 87 47.24 32.91 16.68
CA GLY C 87 48.15 33.09 15.57
C GLY C 87 49.61 32.80 15.89
N GLY C 88 49.82 32.08 16.99
CA GLY C 88 51.17 31.70 17.39
C GLY C 88 51.45 30.23 17.14
N PRO C 89 52.73 29.85 17.15
CA PRO C 89 53.15 28.47 16.92
C PRO C 89 52.94 27.57 18.13
N GLY C 90 52.71 28.19 19.29
CA GLY C 90 52.46 27.43 20.50
C GLY C 90 53.67 26.64 20.98
N GLU C 91 54.50 27.27 21.80
CA GLU C 91 55.74 26.63 22.22
C GLU C 91 56.02 26.77 23.70
N ASN C 92 56.39 27.97 24.14
CA ASN C 92 56.82 28.20 25.52
C ASN C 92 55.71 28.69 26.44
N PRO C 93 55.41 27.89 27.48
CA PRO C 93 54.36 28.20 28.44
C PRO C 93 54.89 28.71 29.78
N PRO C 94 54.40 29.88 30.23
CA PRO C 94 54.70 30.37 31.59
C PRO C 94 53.83 29.68 32.65
N ASN C 95 54.38 29.50 33.84
CA ASN C 95 53.63 28.86 34.92
C ASN C 95 52.97 29.87 35.84
N ARG C 96 52.57 31.00 35.28
CA ARG C 96 51.93 32.07 36.02
C ARG C 96 50.39 31.94 36.00
N PRO C 97 49.73 32.29 37.11
CA PRO C 97 48.26 32.37 37.10
C PRO C 97 47.77 33.32 36.02
N PRO C 98 46.86 32.85 35.16
CA PRO C 98 46.41 33.60 33.98
C PRO C 98 45.84 34.96 34.32
N THR C 99 46.02 35.92 33.41
CA THR C 99 45.43 37.24 33.56
C THR C 99 43.97 37.22 33.12
N GLU C 100 43.31 38.37 33.16
CA GLU C 100 41.89 38.48 32.81
C GLU C 100 41.64 38.20 31.32
N ILE C 101 42.63 38.53 30.49
CA ILE C 101 42.55 38.30 29.05
C ILE C 101 42.49 36.81 28.74
N GLU C 102 43.47 36.10 29.29
CA GLU C 102 43.69 34.69 28.99
C GLU C 102 42.58 33.77 29.49
N THR C 103 41.90 34.13 30.58
CA THR C 103 40.79 33.31 31.09
C THR C 103 39.50 33.56 30.31
N SER C 104 39.20 34.83 30.05
CA SER C 104 37.98 35.20 29.36
C SER C 104 37.93 34.58 27.96
N ILE C 105 39.10 34.27 27.41
CA ILE C 105 39.19 33.59 26.13
C ILE C 105 38.99 32.07 26.30
N MET C 106 39.63 31.51 27.32
CA MET C 106 39.54 30.07 27.55
C MET C 106 38.26 29.69 28.27
N ARG C 107 37.52 30.69 28.76
CA ARG C 107 36.26 30.42 29.45
C ARG C 107 35.20 29.97 28.46
N LYS C 108 35.23 30.55 27.26
CA LYS C 108 34.31 30.16 26.20
C LYS C 108 34.86 28.94 25.46
N GLU C 109 36.09 28.55 25.81
CA GLU C 109 36.71 27.36 25.23
C GLU C 109 36.46 26.13 26.09
N VAL C 110 36.29 26.33 27.40
CA VAL C 110 35.92 25.24 28.28
C VAL C 110 34.41 25.17 28.42
N THR C 111 33.73 26.17 27.85
CA THR C 111 32.28 26.15 27.80
C THR C 111 31.84 25.28 26.64
N ASN C 112 32.42 25.53 25.48
CA ASN C 112 32.18 24.67 24.31
C ASN C 112 32.73 23.28 24.56
N MET C 113 33.75 23.18 25.41
CA MET C 113 34.30 21.89 25.80
C MET C 113 33.36 21.18 26.74
N LEU C 114 32.77 21.92 27.67
CA LEU C 114 31.83 21.35 28.62
C LEU C 114 30.56 20.94 27.93
N THR C 115 30.24 21.65 26.85
CA THR C 115 29.07 21.30 26.06
C THR C 115 29.22 19.90 25.49
N LEU C 116 30.44 19.56 25.05
CA LEU C 116 30.73 18.21 24.59
C LEU C 116 30.41 17.15 25.66
N LEU C 117 30.87 17.41 26.88
CA LEU C 117 30.69 16.47 27.98
C LEU C 117 29.20 16.20 28.22
N ALA C 118 28.40 17.26 28.16
CA ALA C 118 26.98 17.15 28.45
C ALA C 118 26.21 16.48 27.32
N GLN C 119 26.91 16.18 26.23
CA GLN C 119 26.31 15.46 25.11
C GLN C 119 26.42 13.96 25.27
N ALA C 120 27.62 13.47 25.63
CA ALA C 120 27.81 12.05 25.86
C ALA C 120 26.98 11.58 27.06
N TRP C 121 26.45 12.54 27.81
CA TRP C 121 25.61 12.25 28.97
C TRP C 121 24.12 12.31 28.64
N SER C 122 23.79 12.83 27.46
CA SER C 122 22.40 13.07 27.10
C SER C 122 21.66 11.78 26.74
N ASP C 123 22.37 10.66 26.76
CA ASP C 123 21.73 9.36 26.60
C ASP C 123 21.11 8.93 27.92
N PHE C 124 21.58 9.51 29.02
CA PHE C 124 21.16 9.13 30.36
C PHE C 124 20.50 10.28 31.10
N GLN C 125 21.16 11.44 31.08
CA GLN C 125 20.59 12.63 31.70
C GLN C 125 20.96 13.91 30.95
N TYR C 126 20.01 14.42 30.19
CA TYR C 126 20.21 15.66 29.44
C TYR C 126 20.31 16.84 30.39
N PHE C 127 21.49 17.43 30.46
CA PHE C 127 21.70 18.60 31.30
C PHE C 127 22.52 19.65 30.57
N ILE C 128 22.17 20.92 30.80
CA ILE C 128 22.92 22.02 30.22
C ILE C 128 23.93 22.51 31.23
N PRO C 129 25.22 22.52 30.86
CA PRO C 129 26.27 22.90 31.80
C PRO C 129 26.26 24.40 32.07
N SER C 130 26.72 24.81 33.25
CA SER C 130 26.83 26.23 33.58
C SER C 130 27.94 26.48 34.60
N ILE C 131 28.94 27.29 34.24
CA ILE C 131 30.08 27.53 35.12
C ILE C 131 29.68 28.41 36.31
N GLU C 132 29.95 27.95 37.52
CA GLU C 132 29.61 28.72 38.72
C GLU C 132 30.61 29.85 38.91
N ASN C 133 31.89 29.49 38.97
CA ASN C 133 32.97 30.46 39.01
C ASN C 133 34.30 29.79 38.69
N VAL C 134 35.32 30.61 38.47
CA VAL C 134 36.64 30.10 38.15
C VAL C 134 37.57 30.30 39.32
N GLU C 135 38.57 29.43 39.43
CA GLU C 135 39.59 29.58 40.46
C GLU C 135 40.90 29.03 39.90
N THR C 136 42.02 29.49 40.46
CA THR C 136 43.32 29.09 39.97
C THR C 136 44.09 28.30 41.02
N ASN C 137 43.55 28.26 42.23
CA ASN C 137 44.20 27.52 43.32
C ASN C 137 43.32 26.38 43.83
N PRO C 138 43.94 25.22 44.05
CA PRO C 138 43.22 24.05 44.58
C PRO C 138 42.71 24.23 46.00
N GLN C 139 43.55 24.70 46.92
CA GLN C 139 43.17 24.77 48.32
C GLN C 139 42.12 25.84 48.61
N PHE C 140 41.50 26.38 47.58
CA PHE C 140 40.54 27.47 47.74
C PHE C 140 39.08 27.05 47.54
N VAL C 141 38.84 26.10 46.65
CA VAL C 141 37.48 25.75 46.26
C VAL C 141 36.65 25.20 47.42
N GLN C 142 37.04 24.04 47.94
CA GLN C 142 36.32 23.37 49.01
C GLN C 142 34.83 23.29 48.68
N ILE C 143 34.53 22.73 47.51
CA ILE C 143 33.16 22.76 46.97
C ILE C 143 32.27 21.70 47.61
N VAL C 144 32.90 20.64 48.11
CA VAL C 144 32.18 19.52 48.72
C VAL C 144 33.02 18.99 49.88
N PRO C 145 32.37 18.33 50.87
CA PRO C 145 33.04 17.70 52.01
C PRO C 145 34.37 17.04 51.65
N PRO C 146 35.39 17.17 52.52
CA PRO C 146 36.78 16.83 52.24
C PRO C 146 37.05 15.35 52.01
N ASN C 147 36.08 14.49 52.32
CA ASN C 147 36.31 13.06 52.20
C ASN C 147 35.11 12.29 51.60
N GLU C 148 34.35 12.94 50.72
CA GLU C 148 33.25 12.30 50.01
C GLU C 148 33.77 11.61 48.74
N ILE C 149 33.41 10.35 48.53
CA ILE C 149 33.89 9.58 47.39
C ILE C 149 33.48 10.26 46.06
N VAL C 150 34.39 10.24 45.09
CA VAL C 150 34.24 11.03 43.86
C VAL C 150 34.82 10.32 42.63
N LEU C 151 34.11 10.41 41.50
CA LEU C 151 34.62 9.89 40.25
C LEU C 151 35.55 10.89 39.56
N LEU C 152 36.75 10.43 39.23
CA LEU C 152 37.73 11.30 38.56
C LEU C 152 38.05 10.81 37.16
N VAL C 153 37.60 11.57 36.16
CA VAL C 153 37.94 11.30 34.78
C VAL C 153 39.30 11.89 34.50
N THR C 154 40.04 11.29 33.57
CA THR C 154 41.39 11.77 33.28
C THR C 154 41.74 11.57 31.82
N ALA C 155 41.68 12.67 31.07
CA ALA C 155 41.98 12.64 29.65
C ALA C 155 43.43 13.03 29.38
N SER C 156 44.16 12.14 28.71
CA SER C 156 45.54 12.44 28.36
C SER C 156 45.63 13.06 26.97
N VAL C 157 45.75 14.39 26.92
CA VAL C 157 45.91 15.10 25.66
C VAL C 157 47.35 15.05 25.19
N SER C 158 47.58 14.43 24.04
CA SER C 158 48.93 14.25 23.52
C SER C 158 48.98 14.55 22.03
N TRP C 159 50.06 15.21 21.60
CA TRP C 159 50.25 15.56 20.19
C TRP C 159 51.71 15.92 19.94
N GLY C 160 52.22 15.53 18.77
CA GLY C 160 53.60 15.78 18.39
C GLY C 160 54.62 15.29 19.41
N GLU C 161 54.76 16.04 20.50
CA GLU C 161 55.77 15.78 21.52
C GLU C 161 55.17 15.90 22.92
N PHE C 162 54.35 16.93 23.10
CA PHE C 162 53.79 17.27 24.39
C PHE C 162 52.82 16.22 24.92
N THR C 163 52.48 16.33 26.19
CA THR C 163 51.55 15.43 26.87
C THR C 163 51.01 16.09 28.12
N SER C 164 49.68 16.24 28.17
CA SER C 164 49.03 16.99 29.24
C SER C 164 47.89 16.23 29.91
N PHE C 165 47.27 16.86 30.91
CA PHE C 165 46.18 16.27 31.66
C PHE C 165 44.91 17.13 31.64
N ILE C 166 43.78 16.47 31.43
CA ILE C 166 42.46 17.07 31.62
C ILE C 166 41.64 16.14 32.51
N ASN C 167 41.01 16.69 33.53
CA ASN C 167 40.29 15.85 34.47
C ASN C 167 38.99 16.45 34.96
N VAL C 168 37.94 15.64 34.94
CA VAL C 168 36.65 16.05 35.46
C VAL C 168 36.44 15.36 36.80
N CYS C 169 35.89 16.09 37.75
CA CYS C 169 35.67 15.57 39.08
C CYS C 169 34.18 15.48 39.40
N TRP C 170 33.68 14.25 39.53
CA TRP C 170 32.26 14.02 39.79
C TRP C 170 32.01 13.54 41.22
N PRO C 171 31.52 14.44 42.08
CA PRO C 171 31.14 14.05 43.44
C PRO C 171 29.82 13.30 43.48
N PHE C 172 29.67 12.43 44.49
CA PHE C 172 28.47 11.63 44.59
C PHE C 172 27.21 12.44 44.84
N SER C 173 27.35 13.53 45.59
CA SER C 173 26.19 14.34 45.97
C SER C 173 25.51 15.04 44.78
N LEU C 174 26.00 14.77 43.57
CA LEU C 174 25.36 15.25 42.36
C LEU C 174 24.93 14.07 41.48
N LEU C 175 25.27 12.86 41.94
CA LEU C 175 25.10 11.65 41.13
C LEU C 175 24.07 10.67 41.69
N GLU C 176 24.22 10.34 42.96
CA GLU C 176 23.41 9.32 43.62
C GLU C 176 21.88 9.52 43.53
N PRO C 177 21.38 10.78 43.63
CA PRO C 177 19.93 10.90 43.44
C PRO C 177 19.49 10.48 42.04
N LEU C 178 20.42 10.56 41.09
CA LEU C 178 20.16 10.13 39.73
C LEU C 178 20.75 8.73 39.48
N LEU C 179 21.11 8.04 40.57
CA LEU C 179 21.76 6.74 40.45
C LEU C 179 21.00 5.60 41.12
N GLU C 180 20.08 5.94 42.02
CA GLU C 180 19.33 4.92 42.74
C GLU C 180 17.89 4.83 42.23
N LYS C 181 17.58 5.64 41.21
CA LYS C 181 16.28 5.58 40.58
C LYS C 181 16.44 5.47 39.05
N LEU C 182 17.69 5.56 38.59
CA LEU C 182 17.99 5.49 37.16
C LEU C 182 19.05 4.44 36.82
N SER C 183 19.28 3.50 37.74
CA SER C 183 20.22 2.40 37.49
C SER C 183 19.59 1.06 37.87
N GLY D 1 52.65 61.32 27.45
CA GLY D 1 51.28 60.93 27.18
C GLY D 1 50.71 60.02 28.24
N SER D 2 49.39 59.95 28.34
CA SER D 2 48.74 59.12 29.34
C SER D 2 48.53 57.71 28.84
N HIS D 3 48.52 57.55 27.52
CA HIS D 3 48.22 56.26 26.92
C HIS D 3 49.34 55.25 27.05
N MET D 4 50.54 55.64 26.65
CA MET D 4 51.69 54.73 26.71
C MET D 4 51.92 54.24 28.12
N VAL D 5 51.68 55.09 29.11
CA VAL D 5 51.88 54.70 30.49
C VAL D 5 50.81 53.71 30.92
N GLN D 6 49.57 53.96 30.51
CA GLN D 6 48.46 53.08 30.86
C GLN D 6 48.45 51.79 30.05
N LEU D 7 49.15 51.77 28.92
CA LEU D 7 49.19 50.59 28.07
C LEU D 7 50.35 49.67 28.39
N VAL D 8 51.48 50.26 28.78
CA VAL D 8 52.70 49.48 29.00
C VAL D 8 52.58 48.59 30.23
N ASN D 9 52.23 49.18 31.37
CA ASN D 9 52.07 48.42 32.59
C ASN D 9 50.95 47.38 32.47
N PHE D 10 50.15 47.53 31.41
CA PHE D 10 49.06 46.61 31.12
C PHE D 10 49.55 45.41 30.32
N LEU D 11 50.41 45.65 29.34
CA LEU D 11 50.94 44.59 28.49
C LEU D 11 52.26 44.03 29.00
N GLN D 12 52.71 44.51 30.15
CA GLN D 12 53.92 43.95 30.77
C GLN D 12 53.60 42.59 31.35
N SER D 13 52.38 42.43 31.84
CA SER D 13 51.95 41.21 32.52
C SER D 13 51.55 40.12 31.53
N GLU D 14 51.10 40.54 30.34
CA GLU D 14 50.46 39.62 29.41
C GLU D 14 51.42 38.68 28.67
N HIS D 15 50.82 37.74 27.94
CA HIS D 15 51.54 36.75 27.14
C HIS D 15 52.10 37.40 25.88
N PRO D 16 53.34 37.03 25.50
CA PRO D 16 54.02 37.57 24.31
C PRO D 16 53.16 37.56 23.06
N GLN D 17 52.44 36.47 22.82
CA GLN D 17 51.59 36.37 21.64
C GLN D 17 50.41 37.33 21.74
N THR D 18 49.87 37.51 22.94
CA THR D 18 48.76 38.42 23.16
C THR D 18 49.13 39.86 22.81
N ILE D 19 50.34 40.25 23.21
CA ILE D 19 50.87 41.58 22.93
C ILE D 19 51.09 41.78 21.45
N ALA D 20 51.48 40.70 20.77
CA ALA D 20 51.72 40.73 19.34
C ALA D 20 50.48 41.17 18.59
N VAL D 21 49.34 40.57 18.92
CA VAL D 21 48.09 40.86 18.25
C VAL D 21 47.68 42.32 18.41
N VAL D 22 47.80 42.82 19.65
CA VAL D 22 47.40 44.18 19.98
C VAL D 22 48.06 45.22 19.09
N LEU D 23 49.39 45.26 19.17
CA LEU D 23 50.21 46.21 18.43
C LEU D 23 49.95 46.16 16.94
N SER D 24 49.50 45.00 16.46
CA SER D 24 49.29 44.79 15.04
C SER D 24 48.16 45.66 14.51
N TYR D 25 47.09 45.79 15.28
CA TYR D 25 45.95 46.59 14.85
C TYR D 25 46.06 48.04 15.34
N LEU D 26 47.09 48.32 16.14
CA LEU D 26 47.41 49.68 16.56
C LEU D 26 48.20 50.39 15.49
N ASP D 27 48.27 51.73 15.59
CA ASP D 27 49.06 52.51 14.65
C ASP D 27 50.54 52.29 14.90
N PRO D 28 51.32 52.03 13.83
CA PRO D 28 52.76 51.85 13.95
C PRO D 28 53.46 52.92 14.81
N PRO D 29 53.02 54.19 14.77
CA PRO D 29 53.68 55.11 15.71
C PRO D 29 53.45 54.74 17.17
N VAL D 30 52.27 54.19 17.48
CA VAL D 30 51.93 53.86 18.85
C VAL D 30 52.58 52.56 19.29
N ALA D 31 52.70 51.63 18.35
CA ALA D 31 53.20 50.30 18.65
C ALA D 31 54.66 50.34 19.06
N ALA D 32 55.45 51.11 18.31
CA ALA D 32 56.88 51.23 18.60
C ALA D 32 57.11 51.88 19.96
N GLN D 33 56.19 52.77 20.33
CA GLN D 33 56.28 53.47 21.61
C GLN D 33 56.13 52.51 22.77
N ILE D 34 55.19 51.57 22.64
CA ILE D 34 54.96 50.55 23.65
C ILE D 34 56.07 49.53 23.63
N LEU D 35 56.55 49.23 22.42
CA LEU D 35 57.61 48.24 22.23
C LEU D 35 58.92 48.70 22.83
N GLY D 36 59.16 50.00 22.80
CA GLY D 36 60.38 50.58 23.34
C GLY D 36 60.37 50.62 24.86
N ALA D 37 59.18 50.69 25.44
CA ALA D 37 59.05 50.76 26.88
C ALA D 37 58.94 49.37 27.52
N LEU D 38 59.11 48.34 26.69
CA LEU D 38 59.16 46.98 27.21
C LEU D 38 60.62 46.53 27.36
N PRO D 39 60.90 45.75 28.42
CA PRO D 39 62.22 45.15 28.63
C PRO D 39 62.68 44.38 27.40
N GLU D 40 63.98 44.29 27.18
CA GLU D 40 64.53 43.78 25.92
C GLU D 40 64.09 42.35 25.60
N GLU D 41 63.78 41.57 26.63
CA GLU D 41 63.34 40.20 26.41
C GLU D 41 62.02 40.16 25.64
N LEU D 42 61.05 40.93 26.12
CA LEU D 42 59.78 41.04 25.42
C LEU D 42 59.96 41.76 24.09
N GLN D 43 60.97 42.62 24.00
CA GLN D 43 61.22 43.37 22.77
C GLN D 43 61.45 42.43 21.60
N THR D 44 62.16 41.34 21.85
CA THR D 44 62.49 40.41 20.78
C THR D 44 61.38 39.38 20.58
N GLU D 45 60.87 38.83 21.68
CA GLU D 45 59.84 37.80 21.61
C GLU D 45 58.50 38.31 21.07
N VAL D 46 58.22 39.60 21.26
CA VAL D 46 56.98 40.16 20.70
C VAL D 46 57.19 40.48 19.22
N LEU D 47 58.40 40.88 18.88
CA LEU D 47 58.75 41.20 17.50
C LEU D 47 58.58 39.99 16.58
N LYS D 48 59.23 38.88 16.93
CA LYS D 48 59.24 37.68 16.10
C LYS D 48 57.83 37.15 15.87
N ARG D 49 56.96 37.33 16.86
CA ARG D 49 55.62 36.77 16.79
C ARG D 49 54.71 37.60 15.90
N ILE D 50 55.04 38.88 15.74
CA ILE D 50 54.27 39.72 14.86
C ILE D 50 54.62 39.38 13.40
N ALA D 51 55.89 39.06 13.17
CA ALA D 51 56.33 38.64 11.84
C ALA D 51 55.63 37.36 11.43
N LEU D 52 55.56 36.42 12.36
CA LEU D 52 54.95 35.12 12.13
C LEU D 52 53.42 35.21 12.13
N LEU D 53 52.89 36.29 12.68
CA LEU D 53 51.44 36.47 12.81
C LEU D 53 50.79 36.58 11.44
N GLU D 54 50.28 35.45 10.95
CA GLU D 54 49.71 35.38 9.62
C GLU D 54 48.18 35.42 9.68
N ARG D 55 47.60 34.49 10.42
CA ARG D 55 46.14 34.38 10.50
C ARG D 55 45.66 34.45 11.95
N THR D 56 45.05 35.57 12.31
CA THR D 56 44.56 35.77 13.66
C THR D 56 43.18 35.16 13.84
N SER D 57 42.33 35.86 14.56
CA SER D 57 40.97 35.38 14.82
C SER D 57 40.08 36.51 15.29
N PRO D 58 39.03 36.81 14.52
CA PRO D 58 38.10 37.91 14.78
C PRO D 58 37.45 37.87 16.16
N GLU D 59 37.21 36.70 16.71
CA GLU D 59 36.53 36.65 18.00
C GLU D 59 37.51 36.78 19.17
N VAL D 60 38.79 36.57 18.91
CA VAL D 60 39.78 36.79 19.94
C VAL D 60 40.23 38.24 19.90
N VAL D 61 39.76 38.96 18.89
CA VAL D 61 40.05 40.37 18.76
C VAL D 61 38.97 41.20 19.44
N LYS D 62 37.72 40.92 19.07
CA LYS D 62 36.56 41.59 19.66
C LYS D 62 36.54 41.37 21.17
N GLU D 63 37.00 40.20 21.60
CA GLU D 63 37.18 39.93 23.02
C GLU D 63 38.21 40.88 23.61
N ILE D 64 39.39 40.92 22.99
CA ILE D 64 40.45 41.83 23.41
C ILE D 64 39.93 43.27 23.38
N GLU D 65 39.20 43.59 22.31
CA GLU D 65 38.68 44.94 22.07
C GLU D 65 37.91 45.50 23.27
N ARG D 66 36.93 44.75 23.77
CA ARG D 66 36.16 45.23 24.90
C ARG D 66 36.77 44.78 26.22
N ASN D 67 38.07 44.50 26.21
CA ASN D 67 38.80 44.27 27.45
C ASN D 67 39.68 45.48 27.78
N LEU D 68 39.76 46.41 26.83
CA LEU D 68 40.29 47.74 27.12
C LEU D 68 39.22 48.50 27.88
N GLU D 69 37.98 48.29 27.44
CA GLU D 69 36.74 48.74 28.10
C GLU D 69 36.81 50.03 28.92
N LYS D 70 37.56 50.00 30.01
CA LYS D 70 37.57 51.09 30.99
C LYS D 70 38.85 51.03 31.83
N LYS D 71 39.60 49.94 31.70
CA LYS D 71 40.91 49.82 32.35
C LYS D 71 41.84 50.89 31.80
N ILE D 72 41.61 51.25 30.54
CA ILE D 72 42.26 52.40 29.91
C ILE D 72 41.22 53.49 29.68
N SER D 73 41.13 54.43 30.61
CA SER D 73 40.07 55.43 30.62
C SER D 73 39.94 56.22 29.31
N GLY D 74 41.03 56.31 28.57
CA GLY D 74 41.04 57.09 27.35
C GLY D 74 41.03 56.27 26.07
N PHE D 75 39.85 55.92 25.60
CA PHE D 75 39.72 55.31 24.28
C PHE D 75 38.94 56.23 23.35
N LYS E 1 -25.25 50.28 -14.48
CA LYS E 1 -24.74 50.13 -13.12
C LYS E 1 -23.36 49.50 -13.13
N PHE E 2 -22.57 49.77 -12.10
CA PHE E 2 -21.24 49.18 -11.97
C PHE E 2 -21.09 48.37 -10.69
N SER E 3 -20.06 47.52 -10.67
CA SER E 3 -19.99 46.48 -9.65
C SER E 3 -18.69 46.42 -8.87
N LYS E 4 -18.35 45.20 -8.47
CA LYS E 4 -17.27 44.91 -7.54
C LYS E 4 -15.90 45.35 -8.03
N GLU E 5 -15.25 44.46 -8.76
CA GLU E 5 -13.87 44.68 -9.20
C GLU E 5 -13.81 45.47 -10.50
N GLN E 6 -14.95 45.60 -11.18
CA GLN E 6 -14.95 46.32 -12.45
C GLN E 6 -14.79 47.83 -12.25
N LEU E 7 -15.14 48.32 -11.06
CA LEU E 7 -14.91 49.72 -10.73
C LEU E 7 -13.45 49.95 -10.36
N ARG E 8 -12.83 48.91 -9.83
CA ARG E 8 -11.45 48.95 -9.39
C ARG E 8 -10.51 48.48 -10.50
N THR E 9 -11.03 47.65 -11.41
CA THR E 9 -10.27 47.31 -12.60
C THR E 9 -10.07 48.58 -13.40
N PHE E 10 -11.14 49.38 -13.51
CA PHE E 10 -11.11 50.61 -14.28
C PHE E 10 -10.10 51.64 -13.76
N GLN E 11 -9.66 51.49 -12.52
CA GLN E 11 -8.61 52.36 -12.00
C GLN E 11 -7.27 51.97 -12.62
N MET E 12 -7.13 50.69 -12.97
CA MET E 12 -5.91 50.20 -13.61
C MET E 12 -6.04 50.32 -15.13
N ILE E 13 -7.15 50.87 -15.59
CA ILE E 13 -7.36 51.10 -17.02
C ILE E 13 -7.52 52.59 -17.31
N HIS E 14 -6.90 53.41 -16.47
CA HIS E 14 -6.62 54.81 -16.80
C HIS E 14 -5.23 55.06 -16.25
N GLU E 15 -4.78 54.05 -15.52
CA GLU E 15 -3.49 53.39 -15.74
C GLU E 15 -2.27 54.20 -16.19
N ASN E 16 -1.37 53.46 -16.84
CA ASN E 16 -0.36 53.96 -17.77
C ASN E 16 -0.75 55.29 -18.40
N PHE E 17 -1.98 55.38 -18.92
CA PHE E 17 -2.49 56.61 -19.54
C PHE E 17 -2.30 57.82 -18.62
N GLY E 18 -2.60 57.64 -17.34
CA GLY E 18 -2.39 58.70 -16.36
C GLY E 18 -0.94 59.08 -16.21
N ARG E 19 -0.06 58.13 -16.53
CA ARG E 19 1.38 58.31 -16.41
C ARG E 19 2.01 58.53 -17.78
N ALA E 20 1.27 58.23 -18.84
CA ALA E 20 1.73 58.51 -20.20
C ALA E 20 1.22 59.88 -20.63
N LEU E 21 0.09 60.29 -20.07
CA LEU E 21 -0.42 61.63 -20.29
C LEU E 21 0.58 62.65 -19.75
N SER E 22 1.13 62.32 -18.59
CA SER E 22 2.15 63.16 -17.96
C SER E 22 3.41 63.22 -18.81
N THR E 23 3.88 62.06 -19.25
CA THR E 23 5.09 61.97 -20.06
C THR E 23 4.93 62.70 -21.39
N TYR E 24 3.75 62.57 -22.00
CA TYR E 24 3.47 63.20 -23.28
C TYR E 24 3.42 64.71 -23.19
N LEU E 25 2.78 65.21 -22.13
CA LEU E 25 2.62 66.63 -21.93
C LEU E 25 3.96 67.30 -21.60
N SER E 26 4.78 66.60 -20.83
CA SER E 26 6.06 67.13 -20.36
C SER E 26 7.05 67.40 -21.49
N GLY E 27 7.10 66.51 -22.47
CA GLY E 27 8.03 66.63 -23.58
C GLY E 27 7.52 67.53 -24.69
N ARG E 28 6.30 68.01 -24.54
CA ARG E 28 5.70 68.85 -25.57
C ARG E 28 5.25 70.20 -25.02
N LEU E 29 5.23 70.33 -23.70
CA LEU E 29 5.04 71.63 -23.08
C LEU E 29 6.39 72.19 -22.64
N ARG E 30 7.44 71.40 -22.86
CA ARG E 30 8.82 71.74 -22.49
C ARG E 30 8.92 72.18 -21.04
N THR E 31 8.12 71.54 -20.19
CA THR E 31 8.13 71.78 -18.75
C THR E 31 7.44 70.60 -18.07
N PHE E 32 7.81 70.32 -16.84
CA PHE E 32 7.31 69.11 -16.16
C PHE E 32 5.88 69.28 -15.63
N VAL E 33 5.06 68.24 -15.79
CA VAL E 33 3.63 68.30 -15.50
C VAL E 33 3.18 67.14 -14.61
N ASP E 34 2.27 67.43 -13.66
CA ASP E 34 1.68 66.38 -12.83
C ASP E 34 0.29 65.99 -13.35
N VAL E 35 -0.05 64.72 -13.21
CA VAL E 35 -1.36 64.21 -13.61
C VAL E 35 -1.90 63.22 -12.58
N GLU E 36 -3.08 63.51 -12.05
CA GLU E 36 -3.69 62.65 -11.03
C GLU E 36 -5.05 62.12 -11.50
N ILE E 37 -5.18 60.81 -11.62
CA ILE E 37 -6.40 60.21 -12.17
C ILE E 37 -7.49 60.01 -11.13
N SER E 38 -8.56 60.78 -11.27
CA SER E 38 -9.74 60.63 -10.42
C SER E 38 -10.88 59.96 -11.19
N ILE E 39 -11.55 59.00 -10.54
CA ILE E 39 -12.65 58.27 -11.17
C ILE E 39 -13.87 58.28 -10.26
N ASP E 40 -15.06 58.17 -10.86
CA ASP E 40 -16.32 58.22 -10.12
C ASP E 40 -17.53 57.84 -10.98
N GLN E 41 -18.48 57.10 -10.40
CA GLN E 41 -19.76 56.86 -11.06
C GLN E 41 -20.61 58.11 -10.97
N LEU E 42 -21.04 58.64 -12.11
CA LEU E 42 -21.98 59.74 -12.11
C LEU E 42 -22.90 59.66 -13.32
N THR E 43 -24.03 60.37 -13.24
CA THR E 43 -24.98 60.40 -14.35
C THR E 43 -24.48 61.29 -15.46
N TYR E 44 -24.96 61.05 -16.67
CA TYR E 44 -24.61 61.89 -17.81
C TYR E 44 -25.17 63.30 -17.64
N GLU E 45 -26.23 63.41 -16.85
CA GLU E 45 -26.86 64.70 -16.60
C GLU E 45 -25.92 65.68 -15.91
N GLU E 46 -25.34 65.26 -14.80
CA GLU E 46 -24.46 66.12 -14.01
C GLU E 46 -23.17 66.44 -14.76
N PHE E 47 -22.71 65.52 -15.61
CA PHE E 47 -21.46 65.73 -16.34
C PHE E 47 -21.58 66.80 -17.42
N ILE E 48 -22.74 66.85 -18.07
CA ILE E 48 -22.94 67.75 -19.19
C ILE E 48 -23.05 69.20 -18.70
N ARG E 49 -23.28 69.38 -17.40
CA ARG E 49 -23.36 70.72 -16.83
C ARG E 49 -22.19 71.04 -15.91
N SER E 50 -21.27 70.08 -15.76
CA SER E 50 -20.04 70.33 -15.01
C SER E 50 -18.97 70.87 -15.94
N VAL E 51 -19.24 70.81 -17.24
CA VAL E 51 -18.36 71.39 -18.24
C VAL E 51 -18.74 72.84 -18.52
N MET E 52 -17.83 73.74 -18.16
CA MET E 52 -18.06 75.17 -18.30
C MET E 52 -18.27 75.58 -19.75
N ILE E 53 -19.04 76.64 -19.95
CA ILE E 53 -19.35 77.15 -21.27
C ILE E 53 -18.55 78.42 -21.55
N PRO E 54 -17.68 78.39 -22.57
CA PRO E 54 -17.47 77.23 -23.46
C PRO E 54 -16.33 76.31 -23.02
N SER E 55 -16.04 75.31 -23.85
CA SER E 55 -14.91 74.41 -23.61
C SER E 55 -14.54 73.65 -24.88
N PHE E 56 -13.57 72.75 -24.78
CA PHE E 56 -13.14 71.95 -25.91
C PHE E 56 -13.54 70.48 -25.76
N ILE E 57 -14.45 70.03 -26.61
CA ILE E 57 -15.04 68.69 -26.47
C ILE E 57 -14.89 67.84 -27.73
N VAL E 58 -14.25 66.68 -27.58
CA VAL E 58 -14.05 65.76 -28.70
C VAL E 58 -14.85 64.47 -28.51
N ILE E 59 -15.82 64.21 -29.39
CA ILE E 59 -16.59 62.95 -29.31
C ILE E 59 -16.07 61.93 -30.32
N PHE E 60 -15.70 60.76 -29.83
CA PHE E 60 -14.97 59.78 -30.64
C PHE E 60 -15.52 58.37 -30.49
N THR E 61 -14.95 57.45 -31.27
CA THR E 61 -15.36 56.05 -31.21
C THR E 61 -14.28 55.17 -31.83
N GLY E 62 -14.62 53.89 -32.03
CA GLY E 62 -13.69 52.94 -32.59
C GLY E 62 -14.41 51.93 -33.46
N ASP E 63 -13.63 51.05 -34.08
CA ASP E 63 -14.16 50.03 -34.97
C ASP E 63 -15.08 49.04 -34.24
N VAL E 64 -14.53 48.35 -33.25
CA VAL E 64 -15.29 47.38 -32.47
C VAL E 64 -16.10 48.06 -31.37
N PHE E 65 -16.33 49.34 -31.53
CA PHE E 65 -17.12 50.10 -30.56
C PHE E 65 -18.48 50.46 -31.13
N GLU E 66 -19.50 50.30 -30.29
CA GLU E 66 -20.88 50.56 -30.64
C GLU E 66 -21.41 51.71 -29.78
N GLY E 67 -21.61 52.86 -30.40
CA GLY E 67 -21.90 54.07 -29.66
C GLY E 67 -20.64 54.93 -29.63
N SER E 68 -20.68 56.03 -28.88
CA SER E 68 -19.53 56.94 -28.87
C SER E 68 -19.10 57.29 -27.45
N ALA E 69 -17.99 58.03 -27.35
CA ALA E 69 -17.45 58.45 -26.06
C ALA E 69 -16.97 59.90 -26.14
N ILE E 70 -16.80 60.52 -24.99
CA ILE E 70 -16.49 61.95 -24.93
C ILE E 70 -15.11 62.23 -24.33
N PHE E 71 -14.36 63.12 -24.97
CA PHE E 71 -13.09 63.61 -24.46
C PHE E 71 -13.23 65.11 -24.20
N GLU E 72 -12.75 65.58 -23.05
CA GLU E 72 -12.92 66.98 -22.69
C GLU E 72 -11.61 67.64 -22.24
N MET E 73 -11.40 68.88 -22.68
CA MET E 73 -10.25 69.68 -22.26
C MET E 73 -10.69 71.08 -21.88
N ARG E 74 -10.47 71.45 -20.62
CA ARG E 74 -10.82 72.77 -20.12
C ARG E 74 -10.01 73.83 -20.88
N LEU E 75 -10.58 75.01 -21.05
CA LEU E 75 -10.01 76.02 -21.93
C LEU E 75 -8.65 76.56 -21.49
N ASP E 76 -8.45 76.69 -20.18
CA ASP E 76 -7.20 77.25 -19.67
C ASP E 76 -6.00 76.37 -20.01
N LEU E 77 -6.25 75.08 -20.21
CA LEU E 77 -5.21 74.14 -20.61
C LEU E 77 -5.22 73.98 -22.12
N PHE E 78 -6.35 74.30 -22.72
CA PHE E 78 -6.48 74.24 -24.16
C PHE E 78 -5.61 75.29 -24.83
N TYR E 79 -5.62 76.50 -24.28
CA TYR E 79 -4.90 77.61 -24.87
C TYR E 79 -3.44 77.63 -24.44
N THR E 80 -3.18 77.29 -23.18
CA THR E 80 -1.81 77.28 -22.67
C THR E 80 -0.97 76.25 -23.41
N MET E 81 -1.59 75.15 -23.81
CA MET E 81 -0.91 74.18 -24.65
C MET E 81 -0.59 74.80 -26.00
N LEU E 82 -1.59 75.44 -26.59
CA LEU E 82 -1.44 76.11 -27.88
C LEU E 82 -0.35 77.18 -27.83
N ASP E 83 -0.36 77.96 -26.75
CA ASP E 83 0.62 79.02 -26.53
C ASP E 83 2.05 78.49 -26.47
N ILE E 84 2.25 77.41 -25.72
CA ILE E 84 3.59 76.85 -25.54
C ILE E 84 4.16 76.29 -26.83
N ILE E 85 3.37 75.49 -27.53
CA ILE E 85 3.86 74.79 -28.70
C ILE E 85 4.13 75.72 -29.88
N MET E 86 3.60 76.94 -29.82
CA MET E 86 3.88 77.93 -30.86
C MET E 86 4.91 78.96 -30.38
N GLY E 87 5.78 78.53 -29.47
CA GLY E 87 6.90 79.35 -29.02
C GLY E 87 6.59 80.38 -27.95
N GLY E 88 5.37 80.39 -27.45
CA GLY E 88 4.97 81.36 -26.44
C GLY E 88 5.26 80.88 -25.02
N PRO E 89 5.27 81.82 -24.07
CA PRO E 89 5.51 81.53 -22.65
C PRO E 89 4.35 80.76 -22.01
N GLY E 90 3.15 80.95 -22.53
CA GLY E 90 1.98 80.21 -22.09
C GLY E 90 1.58 80.48 -20.66
N GLU E 91 0.84 81.56 -20.46
CA GLU E 91 0.43 81.95 -19.12
C GLU E 91 -0.92 82.64 -19.14
N ASN E 92 -1.22 83.29 -20.25
CA ASN E 92 -2.48 84.01 -20.37
C ASN E 92 -3.40 83.38 -21.42
N PRO E 93 -4.39 82.61 -20.95
CA PRO E 93 -5.40 82.03 -21.83
C PRO E 93 -6.67 82.86 -21.88
N PRO E 94 -7.08 83.28 -23.09
CA PRO E 94 -8.36 83.97 -23.27
C PRO E 94 -9.54 83.04 -22.97
N ASN E 95 -10.71 83.62 -22.69
CA ASN E 95 -11.90 82.83 -22.39
C ASN E 95 -12.89 82.89 -23.55
N ARG E 96 -12.52 82.27 -24.66
CA ARG E 96 -13.32 82.35 -25.88
C ARG E 96 -13.32 81.04 -26.65
N PRO E 97 -14.39 80.78 -27.43
CA PRO E 97 -14.41 79.60 -28.29
C PRO E 97 -13.28 79.66 -29.32
N PRO E 98 -12.63 78.51 -29.57
CA PRO E 98 -11.48 78.41 -30.47
C PRO E 98 -11.81 78.65 -31.93
N THR E 99 -10.85 79.21 -32.67
CA THR E 99 -11.00 79.46 -34.10
C THR E 99 -10.70 78.19 -34.92
N GLU E 100 -10.53 78.36 -36.23
CA GLU E 100 -10.20 77.24 -37.10
C GLU E 100 -8.72 76.86 -36.96
N ILE E 101 -7.86 77.86 -36.90
CA ILE E 101 -6.42 77.64 -36.69
C ILE E 101 -6.20 76.77 -35.45
N GLU E 102 -6.81 77.20 -34.35
CA GLU E 102 -6.58 76.63 -33.03
C GLU E 102 -7.16 75.22 -32.87
N THR E 103 -8.29 74.94 -33.52
CA THR E 103 -8.89 73.62 -33.42
C THR E 103 -8.10 72.60 -34.22
N SER E 104 -7.66 72.97 -35.41
CA SER E 104 -6.92 72.07 -36.28
C SER E 104 -5.60 71.62 -35.66
N ILE E 105 -5.00 72.49 -34.86
CA ILE E 105 -3.75 72.18 -34.19
C ILE E 105 -3.98 71.22 -33.03
N MET E 106 -5.00 71.48 -32.23
CA MET E 106 -5.27 70.69 -31.03
C MET E 106 -6.06 69.42 -31.33
N ARG E 107 -6.64 69.33 -32.53
CA ARG E 107 -7.36 68.11 -32.91
C ARG E 107 -6.40 66.95 -33.04
N LYS E 108 -5.30 67.16 -33.76
CA LYS E 108 -4.30 66.10 -33.91
C LYS E 108 -3.52 65.90 -32.62
N GLU E 109 -3.67 66.84 -31.69
CA GLU E 109 -3.03 66.71 -30.38
C GLU E 109 -3.79 65.71 -29.52
N VAL E 110 -5.10 65.85 -29.43
CA VAL E 110 -5.92 64.87 -28.71
C VAL E 110 -6.04 63.60 -29.54
N THR E 111 -5.60 63.65 -30.79
CA THR E 111 -5.49 62.44 -31.61
C THR E 111 -4.28 61.65 -31.13
N ASN E 112 -3.15 62.33 -31.01
CA ASN E 112 -1.94 61.70 -30.51
C ASN E 112 -2.06 61.40 -29.02
N MET E 113 -3.06 62.00 -28.38
CA MET E 113 -3.32 61.78 -26.97
C MET E 113 -4.23 60.57 -26.77
N LEU E 114 -5.29 60.51 -27.59
CA LEU E 114 -6.21 59.39 -27.56
C LEU E 114 -5.52 58.09 -27.95
N THR E 115 -4.49 58.20 -28.80
CA THR E 115 -3.73 57.04 -29.22
C THR E 115 -3.04 56.42 -27.99
N LEU E 116 -2.64 57.26 -27.04
CA LEU E 116 -2.03 56.77 -25.81
C LEU E 116 -3.04 56.01 -24.97
N LEU E 117 -4.27 56.48 -25.00
CA LEU E 117 -5.37 55.83 -24.28
C LEU E 117 -5.62 54.43 -24.82
N ALA E 118 -5.78 54.34 -26.14
CA ALA E 118 -6.09 53.08 -26.80
C ALA E 118 -4.87 52.18 -26.95
N GLN E 119 -3.72 52.68 -26.49
CA GLN E 119 -2.51 51.87 -26.40
C GLN E 119 -2.52 51.10 -25.09
N ALA E 120 -3.17 51.67 -24.09
CA ALA E 120 -3.19 51.08 -22.77
C ALA E 120 -4.44 50.21 -22.56
N TRP E 121 -5.51 50.51 -23.30
CA TRP E 121 -6.71 49.67 -23.29
C TRP E 121 -6.47 48.36 -24.04
N SER E 122 -5.31 48.27 -24.70
CA SER E 122 -4.97 47.14 -25.55
C SER E 122 -4.70 45.88 -24.74
N ASP E 123 -4.67 46.00 -23.42
CA ASP E 123 -4.55 44.83 -22.57
C ASP E 123 -5.89 44.11 -22.51
N PHE E 124 -6.97 44.87 -22.60
CA PHE E 124 -8.31 44.30 -22.50
C PHE E 124 -9.06 44.39 -23.82
N GLN E 125 -8.93 45.52 -24.51
CA GLN E 125 -9.62 45.72 -25.78
C GLN E 125 -8.92 46.73 -26.66
N TYR E 126 -8.20 46.26 -27.67
CA TYR E 126 -7.50 47.16 -28.59
C TYR E 126 -8.44 47.72 -29.64
N PHE E 127 -8.32 49.01 -29.91
CA PHE E 127 -9.13 49.67 -30.91
C PHE E 127 -8.39 50.86 -31.46
N ILE E 128 -8.70 51.21 -32.71
CA ILE E 128 -8.12 52.38 -33.33
C ILE E 128 -9.07 53.56 -33.12
N PRO E 129 -8.64 54.54 -32.31
CA PRO E 129 -9.47 55.71 -32.00
C PRO E 129 -9.64 56.61 -33.20
N SER E 130 -10.84 57.15 -33.37
CA SER E 130 -11.11 58.06 -34.47
C SER E 130 -12.10 59.12 -34.05
N ILE E 131 -11.67 60.39 -34.10
CA ILE E 131 -12.54 61.49 -33.69
C ILE E 131 -13.67 61.61 -34.72
N GLU E 132 -14.89 61.75 -34.23
CA GLU E 132 -16.06 61.79 -35.09
C GLU E 132 -16.49 63.22 -35.35
N ASN E 133 -17.03 63.86 -34.31
CA ASN E 133 -17.43 65.25 -34.38
C ASN E 133 -16.72 66.05 -33.29
N VAL E 134 -16.71 67.37 -33.43
CA VAL E 134 -16.10 68.23 -32.41
C VAL E 134 -16.99 69.42 -32.16
N GLU E 135 -17.36 69.63 -30.90
CA GLU E 135 -18.16 70.79 -30.52
C GLU E 135 -17.47 71.57 -29.42
N THR E 136 -18.09 72.67 -29.01
CA THR E 136 -17.53 73.51 -27.95
C THR E 136 -18.60 73.92 -26.95
N ASN E 137 -19.85 73.62 -27.27
CA ASN E 137 -20.96 73.90 -26.36
C ASN E 137 -21.55 72.60 -25.83
N PRO E 138 -21.49 72.41 -24.50
CA PRO E 138 -21.94 71.16 -23.88
C PRO E 138 -23.42 70.86 -24.12
N GLN E 139 -24.26 71.89 -24.17
CA GLN E 139 -25.70 71.66 -24.28
C GLN E 139 -26.11 71.24 -25.70
N PHE E 140 -25.13 70.83 -26.50
CA PHE E 140 -25.36 70.49 -27.88
C PHE E 140 -25.02 69.03 -28.21
N VAL E 141 -24.06 68.47 -27.48
CA VAL E 141 -23.67 67.09 -27.73
C VAL E 141 -24.76 66.10 -27.33
N GLN E 142 -24.69 65.62 -26.09
CA GLN E 142 -25.65 64.64 -25.57
C GLN E 142 -25.70 63.39 -26.44
N ILE E 143 -24.65 62.59 -26.37
CA ILE E 143 -24.51 61.40 -27.21
C ILE E 143 -25.48 60.30 -26.81
N VAL E 144 -25.55 60.01 -25.52
CA VAL E 144 -26.42 58.97 -25.00
C VAL E 144 -27.59 59.63 -24.24
N PRO E 145 -28.72 58.91 -24.10
CA PRO E 145 -29.88 59.40 -23.34
C PRO E 145 -29.49 60.04 -22.00
N PRO E 146 -30.20 61.09 -21.59
CA PRO E 146 -29.87 61.96 -20.45
C PRO E 146 -29.62 61.23 -19.14
N ASN E 147 -30.52 60.33 -18.75
CA ASN E 147 -30.44 59.67 -17.46
C ASN E 147 -29.74 58.31 -17.51
N GLU E 148 -28.54 58.27 -18.08
CA GLU E 148 -27.75 57.04 -18.11
C GLU E 148 -26.56 57.17 -17.15
N ILE E 149 -26.13 56.04 -16.59
CA ILE E 149 -24.96 56.05 -15.73
C ILE E 149 -23.70 56.04 -16.62
N VAL E 150 -22.75 56.90 -16.28
CA VAL E 150 -21.53 57.01 -17.06
C VAL E 150 -20.29 57.03 -16.16
N LEU E 151 -19.28 56.25 -16.55
CA LEU E 151 -18.00 56.29 -15.85
C LEU E 151 -17.20 57.52 -16.29
N LEU E 152 -16.86 58.39 -15.33
CA LEU E 152 -16.10 59.59 -15.65
C LEU E 152 -14.69 59.50 -15.08
N VAL E 153 -13.72 59.94 -15.88
CA VAL E 153 -12.32 59.99 -15.47
C VAL E 153 -11.85 61.44 -15.41
N THR E 154 -11.11 61.77 -14.38
CA THR E 154 -10.69 63.16 -14.17
C THR E 154 -9.19 63.23 -13.91
N ALA E 155 -8.47 63.84 -14.84
CA ALA E 155 -7.04 64.00 -14.71
C ALA E 155 -6.70 65.38 -14.18
N SER E 156 -6.28 65.44 -12.92
CA SER E 156 -5.81 66.69 -12.33
C SER E 156 -4.49 67.07 -12.97
N VAL E 157 -4.56 67.84 -14.05
CA VAL E 157 -3.37 68.31 -14.71
C VAL E 157 -2.91 69.63 -14.10
N SER E 158 -1.91 69.55 -13.23
CA SER E 158 -1.38 70.72 -12.55
C SER E 158 0.14 70.73 -12.58
N TRP E 159 0.73 71.92 -12.69
CA TRP E 159 2.19 72.06 -12.64
C TRP E 159 2.60 73.49 -12.28
N GLY E 160 3.50 73.60 -11.30
CA GLY E 160 3.96 74.90 -10.83
C GLY E 160 2.84 75.70 -10.21
N GLU E 161 2.06 76.35 -11.06
CA GLU E 161 0.95 77.18 -10.62
C GLU E 161 -0.39 76.63 -11.10
N PHE E 162 -0.38 76.08 -12.31
CA PHE E 162 -1.59 75.58 -12.95
C PHE E 162 -2.29 74.48 -12.15
N THR E 163 -3.58 74.29 -12.45
CA THR E 163 -4.38 73.25 -11.82
C THR E 163 -5.68 73.05 -12.60
N SER E 164 -5.61 72.32 -13.70
CA SER E 164 -6.77 72.11 -14.56
C SER E 164 -7.22 70.65 -14.62
N PHE E 165 -8.04 70.33 -15.61
CA PHE E 165 -8.64 69.01 -15.71
C PHE E 165 -8.78 68.50 -17.14
N ILE E 166 -8.53 67.19 -17.32
CA ILE E 166 -8.81 66.50 -18.58
C ILE E 166 -9.80 65.37 -18.33
N ASN E 167 -11.05 65.56 -18.75
CA ASN E 167 -12.08 64.54 -18.52
C ASN E 167 -12.28 63.64 -19.72
N VAL E 168 -12.59 62.37 -19.43
CA VAL E 168 -12.92 61.38 -20.46
C VAL E 168 -14.20 60.62 -20.05
N CYS E 169 -15.14 60.47 -20.98
CA CYS E 169 -16.43 59.88 -20.66
C CYS E 169 -16.61 58.48 -21.21
N TRP E 170 -17.05 57.55 -20.36
CA TRP E 170 -17.35 56.19 -20.77
C TRP E 170 -18.79 55.82 -20.42
N PRO E 171 -19.71 56.00 -21.37
CA PRO E 171 -21.12 55.63 -21.16
C PRO E 171 -21.31 54.11 -21.06
N PHE E 172 -22.40 53.68 -20.41
CA PHE E 172 -22.62 52.26 -20.19
C PHE E 172 -22.99 51.53 -21.47
N SER E 173 -23.70 52.21 -22.37
CA SER E 173 -24.16 51.59 -23.61
C SER E 173 -23.00 51.20 -24.53
N LEU E 174 -21.81 51.68 -24.20
CA LEU E 174 -20.61 51.32 -24.93
C LEU E 174 -19.81 50.30 -24.12
N LEU E 175 -20.23 50.09 -22.88
CA LEU E 175 -19.53 49.20 -21.97
C LEU E 175 -20.29 47.90 -21.70
N GLU E 176 -21.59 47.91 -21.98
CA GLU E 176 -22.42 46.74 -21.70
C GLU E 176 -21.92 45.47 -22.40
N PRO E 177 -21.73 45.49 -23.74
CA PRO E 177 -21.23 44.24 -24.34
C PRO E 177 -19.75 44.02 -24.04
N LEU E 178 -19.14 45.00 -23.39
CA LEU E 178 -17.72 44.99 -23.07
C LEU E 178 -17.49 44.50 -21.65
N LEU E 179 -18.43 44.82 -20.77
CA LEU E 179 -18.29 44.54 -19.35
C LEU E 179 -18.77 43.14 -18.98
N GLU E 180 -19.69 42.59 -19.78
CA GLU E 180 -20.27 41.28 -19.48
C GLU E 180 -19.49 40.13 -20.09
N LYS E 181 -18.18 40.33 -20.25
CA LYS E 181 -17.27 39.24 -20.62
C LYS E 181 -15.82 39.71 -20.42
N LEU E 182 -15.64 40.70 -19.55
CA LEU E 182 -14.30 41.20 -19.21
C LEU E 182 -14.07 41.34 -17.70
N SER E 183 -15.05 40.90 -16.91
CA SER E 183 -14.94 40.94 -15.45
C SER E 183 -15.90 39.93 -14.81
N GLY F 1 -3.83 97.04 -52.05
CA GLY F 1 -4.12 95.71 -52.55
C GLY F 1 -5.36 95.11 -51.90
N SER F 2 -5.91 94.07 -52.53
CA SER F 2 -7.10 93.40 -52.00
C SER F 2 -6.72 92.30 -51.01
N HIS F 3 -5.45 92.29 -50.60
CA HIS F 3 -4.95 91.32 -49.64
C HIS F 3 -4.58 92.01 -48.33
N MET F 4 -4.32 93.31 -48.40
CA MET F 4 -3.93 94.08 -47.22
C MET F 4 -5.06 94.13 -46.18
N VAL F 5 -6.29 94.26 -46.66
CA VAL F 5 -7.47 94.37 -45.79
C VAL F 5 -8.06 93.02 -45.43
N GLN F 6 -8.02 92.09 -46.38
CA GLN F 6 -8.58 90.76 -46.18
C GLN F 6 -7.84 90.00 -45.08
N LEU F 7 -6.66 90.48 -44.73
CA LEU F 7 -5.79 89.81 -43.77
C LEU F 7 -5.97 90.34 -42.36
N VAL F 8 -6.17 91.65 -42.24
CA VAL F 8 -6.28 92.30 -40.93
C VAL F 8 -7.45 91.76 -40.11
N ASN F 9 -8.63 91.73 -40.74
CA ASN F 9 -9.82 91.21 -40.09
C ASN F 9 -9.61 89.77 -39.66
N PHE F 10 -8.78 89.07 -40.42
CA PHE F 10 -8.49 87.68 -40.12
C PHE F 10 -7.68 87.53 -38.83
N LEU F 11 -6.50 88.15 -38.77
CA LEU F 11 -5.65 88.01 -37.59
C LEU F 11 -6.15 88.82 -36.39
N GLN F 12 -7.22 89.57 -36.58
CA GLN F 12 -7.76 90.39 -35.50
C GLN F 12 -8.47 89.53 -34.46
N SER F 13 -8.84 88.31 -34.86
CA SER F 13 -9.59 87.41 -34.00
C SER F 13 -8.71 86.32 -33.36
N GLU F 14 -7.55 86.08 -33.96
CA GLU F 14 -6.67 85.00 -33.54
C GLU F 14 -5.95 85.27 -32.22
N HIS F 15 -5.23 84.25 -31.75
CA HIS F 15 -4.48 84.33 -30.51
C HIS F 15 -3.26 85.23 -30.65
N PRO F 16 -2.95 86.03 -29.60
CA PRO F 16 -1.78 86.92 -29.57
C PRO F 16 -0.47 86.24 -30.01
N GLN F 17 -0.39 84.92 -29.89
CA GLN F 17 0.81 84.21 -30.34
C GLN F 17 0.68 83.83 -31.81
N THR F 18 -0.52 83.48 -32.22
CA THR F 18 -0.81 83.11 -33.60
C THR F 18 -0.50 84.28 -34.54
N ILE F 19 -0.94 85.48 -34.14
CA ILE F 19 -0.67 86.70 -34.92
C ILE F 19 0.82 86.94 -35.04
N ALA F 20 1.53 86.72 -33.94
CA ALA F 20 2.98 86.91 -33.89
C ALA F 20 3.71 85.98 -34.85
N VAL F 21 3.20 84.77 -35.01
CA VAL F 21 3.83 83.78 -35.86
C VAL F 21 3.61 84.08 -37.34
N VAL F 22 2.39 84.44 -37.69
CA VAL F 22 2.05 84.73 -39.09
C VAL F 22 2.89 85.88 -39.65
N LEU F 23 3.00 86.97 -38.88
CA LEU F 23 3.76 88.13 -39.31
C LEU F 23 5.26 87.86 -39.39
N SER F 24 5.70 86.79 -38.74
CA SER F 24 7.13 86.48 -38.65
C SER F 24 7.73 86.03 -39.97
N TYR F 25 6.96 85.26 -40.74
CA TYR F 25 7.45 84.75 -42.00
C TYR F 25 7.08 85.67 -43.15
N LEU F 26 6.08 86.54 -42.92
CA LEU F 26 5.80 87.63 -43.86
C LEU F 26 6.96 88.61 -43.86
N ASP F 27 7.19 89.28 -44.98
CA ASP F 27 8.24 90.29 -45.06
C ASP F 27 7.82 91.52 -44.26
N PRO F 28 8.78 92.16 -43.56
CA PRO F 28 8.53 93.33 -42.72
C PRO F 28 7.67 94.45 -43.35
N PRO F 29 7.76 94.71 -44.67
CA PRO F 29 6.86 95.71 -45.26
C PRO F 29 5.38 95.51 -44.97
N VAL F 30 4.87 94.30 -45.21
CA VAL F 30 3.45 94.01 -45.02
C VAL F 30 3.13 93.89 -43.53
N ALA F 31 4.11 93.43 -42.76
CA ALA F 31 3.95 93.14 -41.34
C ALA F 31 3.43 94.33 -40.54
N ALA F 32 4.00 95.49 -40.79
CA ALA F 32 3.63 96.68 -40.04
C ALA F 32 2.20 97.11 -40.33
N GLN F 33 1.78 96.96 -41.58
CA GLN F 33 0.46 97.38 -42.00
C GLN F 33 -0.63 96.64 -41.23
N ILE F 34 -0.46 95.33 -41.12
CA ILE F 34 -1.38 94.51 -40.34
C ILE F 34 -1.21 94.85 -38.85
N LEU F 35 0.03 95.12 -38.46
CA LEU F 35 0.34 95.52 -37.09
C LEU F 35 -0.16 96.93 -36.82
N GLY F 36 -0.33 97.71 -37.88
CA GLY F 36 -0.82 99.07 -37.76
C GLY F 36 -2.33 99.17 -37.84
N ALA F 37 -2.98 98.05 -38.10
CA ALA F 37 -4.44 98.02 -38.22
C ALA F 37 -5.08 97.27 -37.06
N LEU F 38 -4.25 96.57 -36.29
CA LEU F 38 -4.70 95.95 -35.06
C LEU F 38 -4.86 97.01 -33.97
N PRO F 39 -5.83 96.80 -33.06
CA PRO F 39 -5.96 97.67 -31.88
C PRO F 39 -4.68 97.69 -31.05
N GLU F 40 -4.47 98.75 -30.29
CA GLU F 40 -3.22 98.97 -29.58
C GLU F 40 -2.89 97.87 -28.57
N GLU F 41 -3.91 97.25 -27.99
CA GLU F 41 -3.68 96.16 -27.05
C GLU F 41 -2.95 95.00 -27.71
N LEU F 42 -3.51 94.49 -28.80
CA LEU F 42 -2.87 93.41 -29.55
C LEU F 42 -1.52 93.87 -30.08
N GLN F 43 -1.45 95.13 -30.51
CA GLN F 43 -0.21 95.71 -31.02
C GLN F 43 0.94 95.56 -30.03
N THR F 44 0.62 95.70 -28.75
CA THR F 44 1.63 95.62 -27.71
C THR F 44 2.09 94.18 -27.48
N GLU F 45 1.13 93.29 -27.21
CA GLU F 45 1.45 91.90 -26.90
C GLU F 45 2.04 91.15 -28.11
N VAL F 46 1.56 91.45 -29.30
CA VAL F 46 2.15 90.84 -30.50
C VAL F 46 3.62 91.25 -30.60
N LEU F 47 3.89 92.54 -30.36
CA LEU F 47 5.25 93.06 -30.39
C LEU F 47 6.15 92.33 -29.40
N LYS F 48 5.65 92.12 -28.18
CA LYS F 48 6.39 91.40 -27.15
C LYS F 48 6.76 89.99 -27.60
N ARG F 49 5.78 89.24 -28.06
CA ARG F 49 5.99 87.83 -28.38
C ARG F 49 6.89 87.64 -29.60
N ILE F 50 6.80 88.55 -30.58
CA ILE F 50 7.65 88.47 -31.75
C ILE F 50 9.12 88.59 -31.34
N ALA F 51 9.38 89.43 -30.35
CA ALA F 51 10.72 89.53 -29.78
C ALA F 51 11.13 88.23 -29.10
N LEU F 52 10.19 87.61 -28.39
CA LEU F 52 10.47 86.40 -27.62
C LEU F 52 10.15 85.15 -28.43
N LEU F 53 10.69 85.08 -29.64
CA LEU F 53 10.47 83.90 -30.50
C LEU F 53 11.62 82.91 -30.38
N GLU F 54 11.45 81.92 -29.51
CA GLU F 54 12.46 80.89 -29.28
C GLU F 54 12.72 80.07 -30.54
N ARG F 55 11.98 78.97 -30.69
CA ARG F 55 12.11 78.14 -31.88
C ARG F 55 10.74 77.63 -32.31
N THR F 56 10.48 77.72 -33.61
CA THR F 56 9.19 77.36 -34.17
C THR F 56 9.09 75.87 -34.52
N SER F 57 7.94 75.47 -35.04
CA SER F 57 7.70 74.08 -35.41
C SER F 57 7.47 73.94 -36.91
N PRO F 58 8.33 73.15 -37.58
CA PRO F 58 8.25 72.90 -39.02
C PRO F 58 6.92 72.32 -39.50
N GLU F 59 5.96 72.13 -38.61
CA GLU F 59 4.67 71.62 -39.04
C GLU F 59 3.51 72.51 -38.56
N VAL F 60 3.78 73.39 -37.61
CA VAL F 60 2.76 74.34 -37.16
C VAL F 60 2.62 75.43 -38.21
N VAL F 61 3.66 75.56 -39.03
CA VAL F 61 3.62 76.46 -40.17
C VAL F 61 2.69 75.89 -41.23
N LYS F 62 2.86 74.59 -41.53
CA LYS F 62 2.03 73.87 -42.48
C LYS F 62 0.54 74.02 -42.17
N GLU F 63 0.20 73.89 -40.89
CA GLU F 63 -1.19 73.98 -40.46
C GLU F 63 -1.72 75.39 -40.68
N ILE F 64 -0.84 76.38 -40.58
CA ILE F 64 -1.24 77.75 -40.83
C ILE F 64 -1.13 78.06 -42.32
N GLU F 65 -0.19 77.38 -42.98
CA GLU F 65 0.04 77.58 -44.41
C GLU F 65 -1.22 77.33 -45.24
N ARG F 66 -1.77 76.13 -45.17
CA ARG F 66 -2.94 75.80 -45.98
C ARG F 66 -4.24 76.23 -45.28
N ASN F 67 -4.12 77.17 -44.35
CA ASN F 67 -5.30 77.81 -43.79
C ASN F 67 -5.38 79.23 -44.31
N LEU F 68 -4.21 79.77 -44.63
CA LEU F 68 -4.12 81.07 -45.28
C LEU F 68 -4.48 80.91 -46.75
N GLU F 69 -4.12 79.75 -47.32
CA GLU F 69 -4.50 79.41 -48.68
C GLU F 69 -6.00 79.16 -48.76
N LYS F 70 -6.62 78.96 -47.61
CA LYS F 70 -8.02 78.61 -47.53
C LYS F 70 -8.93 79.84 -47.60
N LYS F 71 -8.61 80.85 -46.80
CA LYS F 71 -9.51 82.00 -46.65
C LYS F 71 -9.03 83.25 -47.41
N ILE F 72 -7.82 83.21 -47.93
CA ILE F 72 -7.26 84.35 -48.65
C ILE F 72 -7.08 84.02 -50.13
N SER F 73 -7.49 84.94 -50.99
CA SER F 73 -7.45 84.73 -52.44
C SER F 73 -6.07 84.38 -52.99
N GLY F 74 -5.02 84.92 -52.38
CA GLY F 74 -3.68 84.72 -52.91
C GLY F 74 -2.59 84.44 -51.89
N PHE F 75 -1.74 83.46 -52.20
CA PHE F 75 -0.57 83.17 -51.38
C PHE F 75 0.69 83.66 -52.09
N LYS G 1 27.10 61.14 -46.82
CA LYS G 1 27.68 62.16 -45.96
C LYS G 1 26.60 62.87 -45.12
N PHE G 2 26.79 62.88 -43.80
CA PHE G 2 25.83 63.53 -42.91
C PHE G 2 26.34 64.84 -42.32
N SER G 3 25.41 65.71 -41.97
CA SER G 3 25.72 67.02 -41.41
C SER G 3 25.86 66.94 -39.88
N LYS G 4 26.47 67.96 -39.29
CA LYS G 4 26.62 68.05 -37.84
C LYS G 4 25.85 69.26 -37.31
N GLU G 5 25.44 70.13 -38.23
CA GLU G 5 24.65 71.30 -37.89
C GLU G 5 23.20 70.90 -37.63
N GLN G 6 22.85 69.68 -38.02
CA GLN G 6 21.56 69.10 -37.64
C GLN G 6 21.53 69.02 -36.13
N LEU G 7 22.70 68.80 -35.54
CA LEU G 7 22.90 68.92 -34.09
C LEU G 7 21.93 68.08 -33.27
N ARG G 8 21.24 68.76 -32.36
CA ARG G 8 20.33 68.12 -31.42
C ARG G 8 19.01 67.71 -32.05
N THR G 9 18.68 68.29 -33.19
CA THR G 9 17.40 68.06 -33.86
C THR G 9 17.05 66.56 -33.95
N PHE G 10 18.03 65.73 -34.29
CA PHE G 10 17.83 64.29 -34.30
C PHE G 10 17.83 63.72 -32.90
N GLN G 11 18.60 64.32 -32.01
CA GLN G 11 18.65 63.85 -30.63
C GLN G 11 17.50 64.44 -29.81
N MET G 12 17.07 65.65 -30.16
CA MET G 12 15.94 66.30 -29.47
C MET G 12 14.64 65.56 -29.76
N ILE G 13 14.58 64.88 -30.88
CA ILE G 13 13.41 64.10 -31.26
C ILE G 13 13.34 62.80 -30.46
N HIS G 14 14.47 62.09 -30.41
CA HIS G 14 14.55 60.83 -29.69
C HIS G 14 14.67 61.04 -28.18
N GLU G 15 14.64 62.29 -27.76
CA GLU G 15 14.65 62.60 -26.34
C GLU G 15 13.24 62.41 -25.79
N ASN G 16 12.24 62.63 -26.63
CA ASN G 16 10.85 62.50 -26.19
C ASN G 16 10.37 61.07 -26.35
N PHE G 17 10.92 60.37 -27.34
CA PHE G 17 10.63 58.96 -27.55
C PHE G 17 11.37 58.12 -26.51
N GLY G 18 12.45 58.69 -25.98
CA GLY G 18 13.25 58.02 -24.97
C GLY G 18 12.52 57.79 -23.66
N ARG G 19 11.97 58.85 -23.10
CA ARG G 19 11.25 58.74 -21.83
C ARG G 19 9.84 58.19 -22.02
N ALA G 20 9.32 58.27 -23.24
CA ALA G 20 8.01 57.71 -23.55
C ALA G 20 8.11 56.19 -23.64
N LEU G 21 9.20 55.71 -24.25
CA LEU G 21 9.46 54.28 -24.33
C LEU G 21 9.64 53.69 -22.94
N SER G 22 10.35 54.42 -22.10
CA SER G 22 10.60 53.99 -20.73
C SER G 22 9.30 53.93 -19.93
N THR G 23 8.48 54.96 -20.08
CA THR G 23 7.23 55.05 -19.32
C THR G 23 6.17 54.11 -19.91
N TYR G 24 6.46 53.55 -21.07
CA TYR G 24 5.59 52.56 -21.70
C TYR G 24 6.03 51.15 -21.32
N LEU G 25 7.34 50.95 -21.26
CA LEU G 25 7.91 49.67 -20.84
C LEU G 25 7.78 49.49 -19.34
N SER G 26 7.58 50.59 -18.62
CA SER G 26 7.35 50.53 -17.19
C SER G 26 5.95 50.04 -16.90
N GLY G 27 5.04 50.29 -17.83
CA GLY G 27 3.69 49.78 -17.74
C GLY G 27 3.59 48.34 -18.21
N ARG G 28 4.48 47.99 -19.14
CA ARG G 28 4.50 46.64 -19.70
C ARG G 28 5.14 45.63 -18.76
N LEU G 29 6.36 45.92 -18.33
CA LEU G 29 7.14 44.98 -17.53
C LEU G 29 6.75 45.01 -16.04
N ARG G 30 5.69 45.74 -15.72
CA ARG G 30 5.16 45.84 -14.36
C ARG G 30 6.22 46.29 -13.35
N THR G 31 7.25 46.97 -13.83
CA THR G 31 8.33 47.45 -12.97
C THR G 31 9.01 48.65 -13.61
N PHE G 32 9.79 49.40 -12.83
CA PHE G 32 10.45 50.58 -13.33
C PHE G 32 11.53 50.21 -14.35
N VAL G 33 11.47 50.88 -15.51
CA VAL G 33 12.42 50.66 -16.58
C VAL G 33 13.01 51.99 -17.05
N ASP G 34 14.32 52.04 -17.22
CA ASP G 34 14.99 53.24 -17.72
C ASP G 34 15.60 53.03 -19.09
N VAL G 35 15.31 53.95 -20.00
CA VAL G 35 15.80 53.87 -21.37
C VAL G 35 16.54 55.15 -21.73
N GLU G 36 17.79 55.01 -22.16
CA GLU G 36 18.58 56.18 -22.54
C GLU G 36 19.06 56.09 -23.99
N ILE G 37 18.94 57.20 -24.70
CA ILE G 37 19.19 57.23 -26.13
C ILE G 37 20.62 57.59 -26.47
N SER G 38 21.21 56.85 -27.40
CA SER G 38 22.51 57.21 -27.96
C SER G 38 22.37 57.43 -29.46
N ILE G 39 23.21 58.28 -30.03
CA ILE G 39 23.07 58.63 -31.43
C ILE G 39 24.42 58.52 -32.12
N ASP G 40 24.42 58.07 -33.37
CA ASP G 40 25.66 57.90 -34.13
C ASP G 40 25.43 57.77 -35.65
N GLN G 41 26.52 57.87 -36.42
CA GLN G 41 26.46 57.78 -37.88
C GLN G 41 27.35 56.66 -38.43
N LEU G 42 26.74 55.69 -39.10
CA LEU G 42 27.48 54.61 -39.76
C LEU G 42 26.79 54.21 -41.07
N THR G 43 27.41 53.29 -41.80
CA THR G 43 26.84 52.79 -43.04
C THR G 43 25.90 51.62 -42.78
N TYR G 44 25.10 51.23 -43.77
CA TYR G 44 24.13 50.16 -43.60
C TYR G 44 24.81 48.81 -43.41
N GLU G 45 25.99 48.64 -44.00
CA GLU G 45 26.76 47.41 -43.84
C GLU G 45 27.31 47.34 -42.41
N GLU G 46 27.60 48.50 -41.84
CA GLU G 46 28.12 48.59 -40.48
C GLU G 46 27.07 48.23 -39.43
N PHE G 47 25.83 48.06 -39.86
CA PHE G 47 24.74 47.73 -38.95
C PHE G 47 24.09 46.38 -39.29
N ILE G 48 24.12 46.00 -40.57
CA ILE G 48 23.59 44.71 -40.99
C ILE G 48 24.51 43.59 -40.49
N ARG G 49 25.63 43.98 -39.88
CA ARG G 49 26.59 43.06 -39.30
C ARG G 49 26.63 43.20 -37.78
N SER G 50 26.28 44.39 -37.29
CA SER G 50 26.26 44.65 -35.84
C SER G 50 24.98 44.14 -35.18
N VAL G 51 24.44 43.05 -35.73
CA VAL G 51 23.21 42.47 -35.22
C VAL G 51 23.43 41.01 -34.85
N MET G 52 23.09 40.66 -33.62
CA MET G 52 23.22 39.29 -33.13
C MET G 52 22.32 38.35 -33.94
N ILE G 53 22.83 37.17 -34.26
CA ILE G 53 22.09 36.21 -35.08
C ILE G 53 21.65 34.99 -34.27
N PRO G 54 20.33 34.73 -34.25
CA PRO G 54 19.31 35.56 -34.89
C PRO G 54 18.81 36.69 -33.99
N SER G 55 17.84 37.44 -34.48
CA SER G 55 17.26 38.54 -33.70
C SER G 55 15.91 38.94 -34.26
N PHE G 56 15.26 39.87 -33.57
CA PHE G 56 13.97 40.39 -34.00
C PHE G 56 14.19 41.64 -34.86
N ILE G 57 13.89 41.52 -36.14
CA ILE G 57 14.18 42.58 -37.09
C ILE G 57 12.91 43.12 -37.73
N VAL G 58 12.70 44.42 -37.55
CA VAL G 58 11.48 45.08 -37.97
C VAL G 58 11.82 46.27 -38.86
N ILE G 59 11.64 46.09 -40.17
CA ILE G 59 11.99 47.09 -41.17
C ILE G 59 10.80 47.99 -41.55
N PHE G 60 10.50 48.96 -40.69
CA PHE G 60 9.23 49.69 -40.77
C PHE G 60 9.23 50.88 -41.72
N THR G 61 8.05 51.48 -41.87
CA THR G 61 7.89 52.70 -42.67
C THR G 61 6.52 53.34 -42.48
N GLY G 62 6.20 54.34 -43.32
CA GLY G 62 4.99 55.13 -43.16
C GLY G 62 4.29 55.55 -44.43
N ASP G 63 3.73 56.76 -44.44
CA ASP G 63 2.90 57.23 -45.55
C ASP G 63 3.52 58.40 -46.33
N VAL G 64 4.56 58.99 -45.75
CA VAL G 64 5.40 59.97 -46.46
C VAL G 64 6.63 59.18 -46.93
N PHE G 65 6.37 57.94 -47.34
CA PHE G 65 7.41 56.96 -47.55
C PHE G 65 7.76 56.71 -49.01
N GLU G 66 9.03 56.96 -49.33
CA GLU G 66 9.69 56.37 -50.48
C GLU G 66 11.11 56.05 -50.00
N GLY G 67 11.20 55.06 -49.13
CA GLY G 67 12.44 54.70 -48.45
C GLY G 67 12.12 54.12 -47.09
N SER G 68 12.74 53.00 -46.74
CA SER G 68 12.40 52.30 -45.50
C SER G 68 13.53 52.25 -44.48
N ALA G 69 13.15 52.36 -43.20
CA ALA G 69 14.10 52.29 -42.10
C ALA G 69 13.90 51.00 -41.30
N ILE G 70 14.48 50.93 -40.11
CA ILE G 70 14.46 49.68 -39.34
C ILE G 70 14.12 49.86 -37.85
N PHE G 71 13.69 48.77 -37.22
CA PHE G 71 13.50 48.71 -35.77
C PHE G 71 14.01 47.37 -35.24
N GLU G 72 15.08 47.42 -34.45
CA GLU G 72 15.73 46.20 -34.00
C GLU G 72 15.53 45.96 -32.51
N MET G 73 15.34 44.68 -32.17
CA MET G 73 15.19 44.26 -30.78
C MET G 73 15.87 42.91 -30.58
N ARG G 74 16.85 42.86 -29.70
CA ARG G 74 17.55 41.62 -29.42
C ARG G 74 16.66 40.72 -28.57
N LEU G 75 16.68 39.42 -28.85
CA LEU G 75 15.73 38.48 -28.26
C LEU G 75 15.80 38.38 -26.74
N ASP G 76 16.81 38.98 -26.13
CA ASP G 76 16.89 39.01 -24.66
C ASP G 76 15.69 39.76 -24.08
N LEU G 77 15.37 40.91 -24.67
CA LEU G 77 14.26 41.73 -24.21
C LEU G 77 12.95 41.26 -24.83
N PHE G 78 13.06 40.64 -26.00
CA PHE G 78 11.90 40.14 -26.73
C PHE G 78 11.11 39.13 -25.92
N TYR G 79 11.80 38.16 -25.35
CA TYR G 79 11.14 37.11 -24.60
C TYR G 79 10.82 37.55 -23.19
N THR G 80 11.68 38.41 -22.63
CA THR G 80 11.44 38.92 -21.28
C THR G 80 10.09 39.64 -21.24
N MET G 81 9.80 40.41 -22.28
CA MET G 81 8.52 41.10 -22.39
C MET G 81 7.38 40.11 -22.57
N LEU G 82 7.57 39.17 -23.49
CA LEU G 82 6.57 38.14 -23.78
C LEU G 82 6.16 37.39 -22.51
N ASP G 83 7.14 37.07 -21.69
CA ASP G 83 6.93 36.34 -20.45
C ASP G 83 6.04 37.12 -19.48
N ILE G 84 6.30 38.43 -19.39
CA ILE G 84 5.54 39.29 -18.49
C ILE G 84 4.09 39.45 -18.90
N ILE G 85 3.87 39.70 -20.19
CA ILE G 85 2.53 39.98 -20.69
C ILE G 85 1.68 38.72 -20.83
N MET G 86 2.13 37.63 -20.22
CA MET G 86 1.35 36.40 -20.19
C MET G 86 1.24 35.85 -18.76
N GLY G 87 1.43 36.74 -17.78
CA GLY G 87 1.21 36.41 -16.39
C GLY G 87 2.38 35.76 -15.67
N GLY G 88 3.54 35.74 -16.32
CA GLY G 88 4.72 35.10 -15.76
C GLY G 88 5.61 36.04 -14.97
N PRO G 89 6.66 35.50 -14.34
CA PRO G 89 7.67 36.28 -13.61
C PRO G 89 8.65 36.95 -14.56
N GLY G 90 8.87 36.34 -15.73
CA GLY G 90 9.70 36.93 -16.76
C GLY G 90 11.18 37.03 -16.45
N GLU G 91 11.91 35.95 -16.67
CA GLU G 91 13.33 35.94 -16.35
C GLU G 91 14.18 35.14 -17.33
N ASN G 92 13.63 34.04 -17.84
CA ASN G 92 14.37 33.15 -18.73
C ASN G 92 14.17 33.49 -20.21
N PRO G 93 15.24 33.92 -20.88
CA PRO G 93 15.18 34.23 -22.31
C PRO G 93 15.76 33.12 -23.18
N PRO G 94 14.91 32.42 -23.94
CA PRO G 94 15.38 31.45 -24.92
C PRO G 94 15.99 32.12 -26.14
N ASN G 95 16.75 31.38 -26.95
CA ASN G 95 17.37 31.96 -28.14
C ASN G 95 16.92 31.27 -29.41
N ARG G 96 15.63 31.43 -29.71
CA ARG G 96 15.01 30.76 -30.85
C ARG G 96 14.34 31.78 -31.77
N PRO G 97 14.30 31.47 -33.08
CA PRO G 97 13.46 32.26 -34.00
C PRO G 97 11.99 32.17 -33.59
N PRO G 98 11.39 33.30 -33.20
CA PRO G 98 10.05 33.35 -32.62
C PRO G 98 9.01 32.64 -33.48
N THR G 99 8.03 32.02 -32.83
CA THR G 99 6.98 31.29 -33.52
C THR G 99 5.82 32.21 -33.90
N GLU G 100 4.76 31.63 -34.47
CA GLU G 100 3.60 32.41 -34.90
C GLU G 100 2.97 33.15 -33.74
N ILE G 101 2.87 32.48 -32.60
CA ILE G 101 2.30 33.07 -31.39
C ILE G 101 3.21 34.16 -30.85
N GLU G 102 4.50 33.86 -30.77
CA GLU G 102 5.48 34.78 -30.20
C GLU G 102 5.69 36.04 -31.05
N THR G 103 5.64 35.87 -32.37
CA THR G 103 5.78 37.02 -33.27
C THR G 103 4.56 37.93 -33.21
N SER G 104 3.38 37.35 -33.40
CA SER G 104 2.12 38.09 -33.47
C SER G 104 1.89 38.97 -32.24
N ILE G 105 2.38 38.53 -31.09
CA ILE G 105 2.18 39.25 -29.84
C ILE G 105 3.01 40.52 -29.76
N MET G 106 4.28 40.42 -30.18
CA MET G 106 5.18 41.55 -30.12
C MET G 106 5.05 42.47 -31.33
N ARG G 107 4.40 41.98 -32.37
CA ARG G 107 4.17 42.78 -33.58
C ARG G 107 3.22 43.94 -33.27
N LYS G 108 2.23 43.67 -32.44
CA LYS G 108 1.30 44.72 -32.01
C LYS G 108 1.93 45.55 -30.90
N GLU G 109 3.00 45.03 -30.31
CA GLU G 109 3.75 45.75 -29.29
C GLU G 109 4.65 46.79 -29.94
N VAL G 110 5.40 46.38 -30.95
CA VAL G 110 6.27 47.30 -31.68
C VAL G 110 5.43 48.28 -32.49
N THR G 111 4.18 47.90 -32.77
CA THR G 111 3.25 48.78 -33.47
C THR G 111 2.92 49.98 -32.60
N ASN G 112 2.52 49.71 -31.37
CA ASN G 112 2.27 50.77 -30.41
C ASN G 112 3.57 51.50 -30.11
N MET G 113 4.68 50.77 -30.15
CA MET G 113 5.99 51.32 -29.82
C MET G 113 6.43 52.40 -30.79
N LEU G 114 6.05 52.23 -32.05
CA LEU G 114 6.43 53.15 -33.11
C LEU G 114 5.45 54.30 -33.23
N THR G 115 4.25 54.13 -32.67
CA THR G 115 3.30 55.23 -32.64
C THR G 115 3.72 56.18 -31.52
N LEU G 116 4.59 55.71 -30.64
CA LEU G 116 5.24 56.56 -29.66
C LEU G 116 6.36 57.35 -30.33
N LEU G 117 7.09 56.67 -31.21
CA LEU G 117 8.16 57.28 -31.96
C LEU G 117 7.60 58.35 -32.90
N ALA G 118 6.45 58.06 -33.50
CA ALA G 118 5.82 58.97 -34.43
C ALA G 118 5.32 60.23 -33.73
N GLN G 119 5.14 60.15 -32.42
CA GLN G 119 4.68 61.28 -31.62
C GLN G 119 5.84 62.14 -31.18
N ALA G 120 7.05 61.58 -31.23
CA ALA G 120 8.25 62.34 -30.93
C ALA G 120 8.66 63.14 -32.17
N TRP G 121 8.23 62.68 -33.34
CA TRP G 121 8.50 63.37 -34.60
C TRP G 121 7.35 64.32 -34.95
N SER G 122 6.41 64.49 -34.01
CA SER G 122 5.23 65.32 -34.22
C SER G 122 5.55 66.80 -34.31
N ASP G 123 6.70 67.19 -33.78
CA ASP G 123 7.11 68.60 -33.82
C ASP G 123 7.65 68.96 -35.19
N PHE G 124 8.05 67.97 -35.97
CA PHE G 124 8.69 68.23 -37.26
C PHE G 124 7.91 67.71 -38.45
N GLN G 125 7.74 66.40 -38.55
CA GLN G 125 6.96 65.83 -39.65
C GLN G 125 6.05 64.69 -39.18
N TYR G 126 4.79 64.76 -39.59
CA TYR G 126 3.77 63.81 -39.17
C TYR G 126 3.71 62.58 -40.07
N PHE G 127 3.52 61.41 -39.45
CA PHE G 127 3.39 60.17 -40.19
C PHE G 127 2.75 59.07 -39.34
N ILE G 128 1.99 58.20 -40.00
CA ILE G 128 1.42 57.02 -39.36
C ILE G 128 2.20 55.78 -39.78
N PRO G 129 3.00 55.22 -38.86
CA PRO G 129 3.81 54.04 -39.20
C PRO G 129 2.93 52.84 -39.55
N SER G 130 3.36 52.04 -40.52
CA SER G 130 2.69 50.78 -40.86
C SER G 130 3.72 49.68 -41.01
N ILE G 131 3.31 48.41 -40.96
CA ILE G 131 4.29 47.37 -40.70
C ILE G 131 4.53 46.34 -41.83
N GLU G 132 5.39 46.77 -42.78
CA GLU G 132 6.37 45.94 -43.50
C GLU G 132 6.18 44.44 -43.78
N ASN G 133 7.33 43.78 -44.01
CA ASN G 133 7.51 42.33 -43.93
C ASN G 133 8.63 42.03 -42.92
N VAL G 134 8.30 41.30 -41.84
CA VAL G 134 9.24 41.05 -40.76
C VAL G 134 10.12 39.83 -41.00
N GLU G 135 11.40 39.93 -40.65
CA GLU G 135 12.34 38.83 -40.84
C GLU G 135 13.21 38.60 -39.60
N THR G 136 13.85 37.44 -39.54
CA THR G 136 14.73 37.08 -38.42
C THR G 136 16.21 37.01 -38.81
N ASN G 137 16.47 36.89 -40.12
CA ASN G 137 17.83 36.84 -40.63
C ASN G 137 18.28 38.20 -41.18
N PRO G 138 19.32 38.79 -40.56
CA PRO G 138 19.80 40.13 -40.90
C PRO G 138 20.37 40.24 -42.32
N GLN G 139 20.89 39.14 -42.84
CA GLN G 139 21.50 39.17 -44.17
C GLN G 139 20.46 39.29 -45.28
N PHE G 140 19.25 38.79 -45.04
CA PHE G 140 18.26 38.68 -46.11
C PHE G 140 17.19 39.77 -46.15
N VAL G 141 17.31 40.76 -45.28
CA VAL G 141 16.41 41.91 -45.35
C VAL G 141 16.90 42.87 -46.42
N GLN G 142 18.17 43.29 -46.30
CA GLN G 142 18.87 44.04 -47.34
C GLN G 142 18.07 45.24 -47.83
N ILE G 143 17.74 46.16 -46.93
CA ILE G 143 16.77 47.21 -47.23
C ILE G 143 17.33 48.33 -48.11
N VAL G 144 18.61 48.64 -47.95
CA VAL G 144 19.26 49.69 -48.74
C VAL G 144 20.68 49.28 -49.14
N PRO G 145 21.18 49.83 -50.28
CA PRO G 145 22.56 49.65 -50.72
C PRO G 145 23.59 49.77 -49.57
N PRO G 146 24.51 48.80 -49.48
CA PRO G 146 25.49 48.66 -48.39
C PRO G 146 26.47 49.82 -48.23
N ASN G 147 26.37 50.85 -49.05
CA ASN G 147 27.33 51.96 -49.00
C ASN G 147 26.71 53.25 -48.46
N GLU G 148 25.40 53.24 -48.22
CA GLU G 148 24.70 54.44 -47.76
C GLU G 148 25.02 54.76 -46.30
N ILE G 149 25.11 56.05 -46.00
CA ILE G 149 25.30 56.50 -44.61
C ILE G 149 23.96 56.50 -43.89
N VAL G 150 23.96 56.15 -42.61
CA VAL G 150 22.72 55.97 -41.86
C VAL G 150 22.81 56.57 -40.45
N LEU G 151 21.69 57.08 -39.95
CA LEU G 151 21.60 57.60 -38.58
C LEU G 151 21.15 56.52 -37.60
N LEU G 152 22.06 56.12 -36.71
CA LEU G 152 21.78 55.08 -35.72
C LEU G 152 21.25 55.65 -34.41
N VAL G 153 20.15 55.08 -33.92
CA VAL G 153 19.61 55.47 -32.63
C VAL G 153 19.58 54.26 -31.71
N THR G 154 20.44 54.26 -30.70
CA THR G 154 20.55 53.13 -29.78
C THR G 154 19.83 53.40 -28.46
N ALA G 155 18.78 52.63 -28.22
CA ALA G 155 18.03 52.73 -26.98
C ALA G 155 18.56 51.73 -25.96
N SER G 156 19.12 52.24 -24.87
CA SER G 156 19.67 51.40 -23.82
C SER G 156 18.61 51.05 -22.78
N VAL G 157 17.92 49.93 -23.00
CA VAL G 157 16.85 49.50 -22.10
C VAL G 157 17.37 48.64 -20.97
N SER G 158 17.43 49.21 -19.78
CA SER G 158 17.90 48.49 -18.60
C SER G 158 16.93 48.64 -17.44
N TRP G 159 16.91 47.65 -16.55
CA TRP G 159 16.06 47.70 -15.37
C TRP G 159 16.51 46.64 -14.37
N GLY G 160 16.74 47.07 -13.12
CA GLY G 160 17.15 46.20 -12.04
C GLY G 160 18.24 45.20 -12.39
N GLU G 161 17.82 44.05 -12.93
CA GLU G 161 18.74 42.96 -13.25
C GLU G 161 19.30 43.05 -14.67
N PHE G 162 18.41 42.99 -15.67
CA PHE G 162 18.81 42.85 -17.05
C PHE G 162 19.19 44.18 -17.73
N THR G 163 19.57 44.08 -18.99
CA THR G 163 19.90 45.21 -19.86
C THR G 163 20.09 44.72 -21.30
N SER G 164 19.27 45.23 -22.22
CA SER G 164 19.40 44.82 -23.62
C SER G 164 19.33 46.04 -24.54
N PHE G 165 19.26 45.79 -25.85
CA PHE G 165 19.38 46.87 -26.81
C PHE G 165 18.19 47.01 -27.76
N ILE G 166 17.79 48.26 -27.98
CA ILE G 166 16.79 48.61 -28.98
C ILE G 166 17.34 49.62 -29.97
N ASN G 167 17.37 49.25 -31.24
CA ASN G 167 17.99 50.11 -32.25
C ASN G 167 17.02 50.56 -33.33
N VAL G 168 17.07 51.85 -33.65
CA VAL G 168 16.34 52.40 -34.78
C VAL G 168 17.29 53.17 -35.69
N CYS G 169 17.50 52.67 -36.90
CA CYS G 169 18.43 53.31 -37.84
C CYS G 169 17.69 54.05 -38.94
N TRP G 170 18.09 55.30 -39.16
CA TRP G 170 17.47 56.13 -40.20
C TRP G 170 18.43 56.37 -41.36
N PRO G 171 18.23 55.65 -42.47
CA PRO G 171 19.09 55.80 -43.67
C PRO G 171 18.92 57.17 -44.32
N PHE G 172 19.97 57.67 -44.97
CA PHE G 172 19.94 58.99 -45.59
C PHE G 172 19.03 59.02 -46.82
N SER G 173 18.60 57.85 -47.28
CA SER G 173 17.78 57.76 -48.49
C SER G 173 16.30 58.05 -48.22
N LEU G 174 16.01 58.59 -47.05
CA LEU G 174 14.68 59.12 -46.76
C LEU G 174 14.81 60.40 -45.92
N LEU G 175 16.00 60.63 -45.38
CA LEU G 175 16.25 61.81 -44.56
C LEU G 175 16.72 62.99 -45.39
N GLU G 176 16.78 62.80 -46.71
CA GLU G 176 17.24 63.84 -47.62
C GLU G 176 16.15 64.89 -47.90
N PRO G 177 14.91 64.46 -48.24
CA PRO G 177 13.88 65.50 -48.39
C PRO G 177 13.34 66.01 -47.05
N LEU G 178 14.18 65.92 -46.02
CA LEU G 178 13.83 66.34 -44.68
C LEU G 178 14.86 67.31 -44.13
N LEU G 179 16.09 67.19 -44.64
CA LEU G 179 17.20 68.01 -44.18
C LEU G 179 17.32 69.35 -44.92
N GLU G 180 16.56 69.49 -46.00
CA GLU G 180 16.67 70.69 -46.85
C GLU G 180 15.33 71.42 -47.05
N LYS G 181 14.22 70.74 -46.80
CA LYS G 181 12.89 71.36 -46.89
C LYS G 181 12.36 71.67 -45.49
N LEU G 182 12.68 70.80 -44.53
CA LEU G 182 12.21 70.95 -43.15
C LEU G 182 13.37 71.09 -42.16
N SER G 183 14.16 72.16 -42.32
CA SER G 183 15.26 72.47 -41.39
C SER G 183 15.10 73.87 -40.80
N GLY H 1 -5.62 9.58 -31.29
CA GLY H 1 -6.51 10.45 -32.05
C GLY H 1 -5.82 11.74 -32.44
N SER H 2 -6.57 12.66 -33.04
CA SER H 2 -6.07 13.96 -33.44
C SER H 2 -5.78 14.84 -32.22
N HIS H 3 -6.32 14.42 -31.08
CA HIS H 3 -6.16 15.11 -29.81
C HIS H 3 -4.70 15.39 -29.49
N MET H 4 -3.97 14.33 -29.14
CA MET H 4 -2.63 14.45 -28.61
C MET H 4 -1.57 14.61 -29.70
N VAL H 5 -1.75 13.92 -30.83
CA VAL H 5 -0.72 13.83 -31.84
C VAL H 5 -0.21 15.18 -32.36
N GLN H 6 -1.09 16.17 -32.42
CA GLN H 6 -0.73 17.46 -33.02
C GLN H 6 -0.57 18.57 -31.98
N LEU H 7 -1.22 18.40 -30.84
CA LEU H 7 -1.09 19.37 -29.76
C LEU H 7 0.22 19.18 -29.01
N VAL H 8 0.71 17.94 -28.98
CA VAL H 8 1.93 17.63 -28.25
C VAL H 8 3.15 18.12 -29.01
N ASN H 9 3.23 17.78 -30.29
CA ASN H 9 4.35 18.20 -31.12
C ASN H 9 4.45 19.71 -31.19
N PHE H 10 3.32 20.38 -31.02
CA PHE H 10 3.23 21.83 -31.16
C PHE H 10 3.68 22.59 -29.91
N LEU H 11 3.07 22.25 -28.78
CA LEU H 11 3.42 22.86 -27.50
C LEU H 11 4.85 22.54 -27.09
N GLN H 12 5.43 21.54 -27.75
CA GLN H 12 6.80 21.13 -27.46
C GLN H 12 7.80 22.09 -28.11
N SER H 13 7.28 23.18 -28.68
CA SER H 13 8.12 24.16 -29.36
C SER H 13 7.98 25.55 -28.74
N GLU H 14 6.83 25.81 -28.13
CA GLU H 14 6.52 27.15 -27.64
C GLU H 14 7.17 27.49 -26.32
N HIS H 15 7.11 28.77 -25.98
CA HIS H 15 7.67 29.28 -24.73
C HIS H 15 6.93 28.64 -23.56
N PRO H 16 7.68 28.26 -22.52
CA PRO H 16 7.15 27.65 -21.29
C PRO H 16 5.96 28.40 -20.69
N GLN H 17 5.95 29.72 -20.79
CA GLN H 17 4.82 30.49 -20.24
C GLN H 17 3.59 30.37 -21.14
N THR H 18 3.81 30.17 -22.44
CA THR H 18 2.70 30.00 -23.36
C THR H 18 1.97 28.69 -23.04
N ILE H 19 2.73 27.59 -22.97
CA ILE H 19 2.18 26.26 -22.65
C ILE H 19 1.39 26.29 -21.34
N ALA H 20 1.88 27.07 -20.39
CA ALA H 20 1.21 27.25 -19.12
C ALA H 20 -0.15 27.92 -19.32
N VAL H 21 -0.16 29.03 -20.05
CA VAL H 21 -1.40 29.78 -20.26
C VAL H 21 -2.38 28.97 -21.11
N VAL H 22 -1.85 28.19 -22.05
CA VAL H 22 -2.68 27.33 -22.90
C VAL H 22 -3.48 26.32 -22.09
N LEU H 23 -2.78 25.52 -21.29
CA LEU H 23 -3.41 24.47 -20.50
C LEU H 23 -4.24 25.02 -19.35
N SER H 24 -4.20 26.33 -19.15
CA SER H 24 -4.88 26.96 -18.04
C SER H 24 -6.38 27.06 -18.28
N TYR H 25 -6.77 27.06 -19.55
CA TYR H 25 -8.18 27.15 -19.88
C TYR H 25 -8.66 25.87 -20.58
N LEU H 26 -7.78 24.88 -20.64
CA LEU H 26 -8.17 23.55 -21.10
C LEU H 26 -8.80 22.75 -19.97
N ASP H 27 -9.48 21.66 -20.33
CA ASP H 27 -10.05 20.75 -19.34
C ASP H 27 -8.95 19.89 -18.74
N PRO H 28 -8.85 19.88 -17.40
CA PRO H 28 -7.85 19.14 -16.64
C PRO H 28 -7.60 17.70 -17.15
N PRO H 29 -8.65 16.97 -17.57
CA PRO H 29 -8.28 15.65 -18.11
C PRO H 29 -7.41 15.76 -19.36
N VAL H 30 -7.76 16.71 -20.23
CA VAL H 30 -7.03 16.94 -21.46
C VAL H 30 -5.63 17.47 -21.20
N ALA H 31 -5.55 18.48 -20.35
CA ALA H 31 -4.28 19.13 -20.02
C ALA H 31 -3.27 18.14 -19.45
N ALA H 32 -3.75 17.22 -18.64
CA ALA H 32 -2.90 16.18 -18.06
C ALA H 32 -2.39 15.24 -19.14
N GLN H 33 -3.25 14.95 -20.11
CA GLN H 33 -2.92 14.03 -21.18
C GLN H 33 -1.83 14.61 -22.07
N ILE H 34 -1.71 15.93 -22.06
CA ILE H 34 -0.69 16.62 -22.84
C ILE H 34 0.59 16.77 -22.03
N LEU H 35 0.44 17.09 -20.75
CA LEU H 35 1.57 17.35 -19.86
C LEU H 35 2.49 16.15 -19.71
N GLY H 36 1.89 14.96 -19.71
CA GLY H 36 2.64 13.73 -19.60
C GLY H 36 3.31 13.35 -20.90
N ALA H 37 2.83 13.92 -22.00
CA ALA H 37 3.40 13.65 -23.30
C ALA H 37 4.50 14.67 -23.62
N LEU H 38 4.64 15.65 -22.74
CA LEU H 38 5.75 16.60 -22.82
C LEU H 38 6.88 16.15 -21.90
N PRO H 39 8.13 16.35 -22.34
CA PRO H 39 9.32 15.97 -21.57
C PRO H 39 9.29 16.49 -20.14
N GLU H 40 9.94 15.79 -19.22
CA GLU H 40 9.87 16.12 -17.79
C GLU H 40 10.30 17.54 -17.49
N GLU H 41 11.25 18.04 -18.26
CA GLU H 41 11.73 19.40 -18.09
C GLU H 41 10.59 20.42 -18.13
N LEU H 42 9.92 20.51 -19.27
CA LEU H 42 8.78 21.40 -19.44
C LEU H 42 7.71 21.12 -18.40
N GLN H 43 7.43 19.84 -18.19
CA GLN H 43 6.38 19.41 -17.27
C GLN H 43 6.51 20.10 -15.92
N THR H 44 7.72 20.08 -15.35
CA THR H 44 7.95 20.64 -14.03
C THR H 44 8.02 22.18 -14.05
N GLU H 45 8.25 22.76 -15.23
CA GLU H 45 8.27 24.21 -15.35
C GLU H 45 6.90 24.74 -15.76
N VAL H 46 6.25 24.05 -16.69
CA VAL H 46 4.90 24.43 -17.08
C VAL H 46 4.01 24.34 -15.84
N LEU H 47 4.24 23.32 -15.03
CA LEU H 47 3.52 23.13 -13.77
C LEU H 47 3.69 24.34 -12.84
N LYS H 48 4.92 24.80 -12.69
CA LYS H 48 5.19 25.89 -11.76
C LYS H 48 4.63 27.20 -12.32
N ARG H 49 4.72 27.40 -13.62
CA ARG H 49 4.24 28.63 -14.25
C ARG H 49 2.72 28.74 -14.17
N ILE H 50 2.05 27.60 -14.23
CA ILE H 50 0.60 27.58 -14.08
C ILE H 50 0.24 27.99 -12.65
N ALA H 51 1.07 27.61 -11.69
CA ALA H 51 0.88 28.02 -10.31
C ALA H 51 1.02 29.53 -10.19
N LEU H 52 1.97 30.09 -10.93
CA LEU H 52 2.24 31.52 -10.88
C LEU H 52 1.52 32.30 -11.98
N LEU H 53 0.31 31.86 -12.31
CA LEU H 53 -0.52 32.61 -13.25
C LEU H 53 -1.30 33.67 -12.48
N GLU H 54 -0.63 34.77 -12.14
CA GLU H 54 -1.24 35.83 -11.34
C GLU H 54 -2.53 36.34 -11.98
N ARG H 55 -2.39 37.14 -13.02
CA ARG H 55 -3.56 37.51 -13.82
C ARG H 55 -3.27 37.25 -15.29
N THR H 56 -4.21 36.57 -15.95
CA THR H 56 -4.05 36.30 -17.37
C THR H 56 -4.56 37.51 -18.14
N SER H 57 -4.14 37.66 -19.39
CA SER H 57 -4.49 38.85 -20.18
C SER H 57 -5.52 38.56 -21.26
N PRO H 58 -6.67 39.23 -21.18
CA PRO H 58 -7.84 39.02 -22.05
C PRO H 58 -7.55 39.15 -23.52
N GLU H 59 -6.50 39.88 -23.89
CA GLU H 59 -6.20 40.06 -25.31
C GLU H 59 -5.05 39.18 -25.78
N VAL H 60 -4.30 38.60 -24.85
CA VAL H 60 -3.30 37.63 -25.25
C VAL H 60 -3.98 36.28 -25.41
N VAL H 61 -5.18 36.18 -24.84
CA VAL H 61 -6.04 35.03 -25.07
C VAL H 61 -6.72 35.22 -26.43
N LYS H 62 -7.14 36.45 -26.70
CA LYS H 62 -7.67 36.86 -28.00
C LYS H 62 -6.51 37.08 -28.98
N GLU H 63 -5.43 36.33 -28.77
CA GLU H 63 -4.33 36.27 -29.71
C GLU H 63 -3.87 34.82 -29.82
N ILE H 64 -4.02 34.09 -28.73
CA ILE H 64 -4.00 32.64 -28.81
C ILE H 64 -5.32 32.27 -29.48
N GLU H 65 -6.30 33.15 -29.28
CA GLU H 65 -7.41 33.36 -30.23
C GLU H 65 -8.04 32.09 -30.76
N ARG H 66 -8.42 32.14 -32.03
CA ARG H 66 -8.63 30.93 -32.81
C ARG H 66 -7.30 30.54 -33.40
N ASN H 67 -6.22 31.07 -32.82
CA ASN H 67 -4.86 30.81 -33.25
C ASN H 67 -4.47 29.36 -32.95
N LEU H 68 -5.46 28.59 -32.50
CA LEU H 68 -5.44 27.14 -32.60
C LEU H 68 -5.26 26.85 -34.07
N GLU H 69 -5.82 27.74 -34.88
CA GLU H 69 -5.32 28.01 -36.21
C GLU H 69 -5.62 26.95 -37.25
N LYS H 70 -4.87 27.04 -38.34
CA LYS H 70 -4.91 26.08 -39.43
C LYS H 70 -4.40 24.72 -38.95
N LYS H 71 -3.69 24.76 -37.82
CA LYS H 71 -3.13 23.58 -37.18
C LYS H 71 -4.21 22.54 -36.90
N ILE H 72 -5.04 22.82 -35.90
CA ILE H 72 -6.21 21.99 -35.66
C ILE H 72 -7.36 22.59 -36.47
N SER H 73 -7.76 21.86 -37.51
CA SER H 73 -8.79 22.32 -38.44
C SER H 73 -10.17 22.25 -37.80
N GLY H 74 -10.42 21.15 -37.10
CA GLY H 74 -11.72 20.92 -36.51
C GLY H 74 -11.81 21.31 -35.05
N PHE H 75 -12.31 22.51 -34.81
CA PHE H 75 -12.57 22.96 -33.44
C PHE H 75 -14.04 22.74 -33.10
N LYS I 1 -28.00 -22.30 20.04
CA LYS I 1 -27.89 -23.31 19.00
C LYS I 1 -29.10 -23.26 18.07
N PHE I 2 -28.89 -23.55 16.79
CA PHE I 2 -29.96 -23.54 15.80
C PHE I 2 -30.47 -24.93 15.47
N SER I 3 -31.43 -24.99 14.55
CA SER I 3 -31.97 -26.27 14.12
C SER I 3 -31.45 -26.68 12.74
N LYS I 4 -31.67 -27.94 12.39
CA LYS I 4 -31.28 -28.51 11.10
C LYS I 4 -32.15 -27.91 9.99
N GLU I 5 -33.33 -27.43 10.37
CA GLU I 5 -34.32 -26.93 9.43
C GLU I 5 -34.22 -25.43 9.25
N GLN I 6 -33.97 -24.72 10.34
CA GLN I 6 -33.81 -23.28 10.30
C GLN I 6 -32.59 -22.92 9.46
N LEU I 7 -31.56 -23.76 9.53
CA LEU I 7 -30.31 -23.54 8.81
C LEU I 7 -30.53 -23.48 7.30
N ARG I 8 -31.40 -24.35 6.81
CA ARG I 8 -31.70 -24.40 5.37
C ARG I 8 -32.61 -23.25 4.97
N THR I 9 -33.55 -22.90 5.85
CA THR I 9 -34.46 -21.80 5.58
C THR I 9 -33.68 -20.52 5.32
N PHE I 10 -32.73 -20.20 6.20
CA PHE I 10 -31.90 -19.00 6.02
C PHE I 10 -31.08 -19.06 4.76
N GLN I 11 -30.56 -20.25 4.46
CA GLN I 11 -29.69 -20.39 3.30
C GLN I 11 -30.49 -20.22 2.01
N MET I 12 -31.81 -20.40 2.09
CA MET I 12 -32.68 -20.14 0.96
C MET I 12 -32.96 -18.64 0.85
N ILE I 13 -32.79 -17.94 1.96
CA ILE I 13 -33.05 -16.50 2.03
C ILE I 13 -31.86 -15.67 1.55
N HIS I 14 -30.68 -15.98 2.06
CA HIS I 14 -29.47 -15.27 1.65
C HIS I 14 -29.05 -15.70 0.25
N GLU I 15 -29.73 -16.72 -0.27
CA GLU I 15 -29.61 -17.13 -1.66
C GLU I 15 -30.04 -15.99 -2.58
N ASN I 16 -31.25 -15.47 -2.33
CA ASN I 16 -31.83 -14.37 -3.11
C ASN I 16 -31.18 -13.04 -2.80
N PHE I 17 -30.35 -13.01 -1.76
CA PHE I 17 -29.56 -11.83 -1.45
C PHE I 17 -28.26 -11.83 -2.24
N GLY I 18 -27.62 -12.99 -2.27
CA GLY I 18 -26.34 -13.13 -2.94
C GLY I 18 -26.45 -12.90 -4.43
N ARG I 19 -27.60 -13.24 -4.99
CA ARG I 19 -27.82 -13.08 -6.41
C ARG I 19 -28.21 -11.64 -6.73
N ALA I 20 -28.69 -10.92 -5.72
CA ALA I 20 -28.99 -9.50 -5.85
C ALA I 20 -27.74 -8.68 -5.55
N LEU I 21 -26.92 -9.19 -4.65
CA LEU I 21 -25.64 -8.57 -4.33
C LEU I 21 -24.69 -8.71 -5.51
N SER I 22 -24.81 -9.82 -6.23
CA SER I 22 -23.97 -10.08 -7.39
C SER I 22 -24.30 -9.14 -8.55
N THR I 23 -25.54 -8.66 -8.59
CA THR I 23 -25.98 -7.81 -9.68
C THR I 23 -25.72 -6.35 -9.37
N TYR I 24 -25.93 -5.97 -8.11
CA TYR I 24 -25.70 -4.60 -7.66
C TYR I 24 -24.25 -4.18 -7.83
N LEU I 25 -23.34 -5.11 -7.52
CA LEU I 25 -21.90 -4.85 -7.62
C LEU I 25 -21.42 -4.92 -9.06
N SER I 26 -22.21 -5.57 -9.91
CA SER I 26 -21.86 -5.68 -11.32
C SER I 26 -22.13 -4.37 -12.05
N GLY I 27 -23.01 -3.55 -11.47
CA GLY I 27 -23.30 -2.24 -12.03
C GLY I 27 -22.43 -1.19 -11.37
N ARG I 28 -21.95 -1.51 -10.16
CA ARG I 28 -21.13 -0.59 -9.38
C ARG I 28 -19.67 -0.66 -9.77
N LEU I 29 -19.19 -1.87 -10.04
CA LEU I 29 -17.80 -2.07 -10.43
C LEU I 29 -17.60 -1.96 -11.95
N ARG I 30 -18.69 -1.65 -12.66
CA ARG I 30 -18.66 -1.43 -14.10
C ARG I 30 -18.10 -2.65 -14.85
N THR I 31 -18.25 -3.83 -14.25
CA THR I 31 -17.79 -5.08 -14.86
C THR I 31 -18.54 -6.25 -14.23
N PHE I 32 -18.13 -7.47 -14.59
CA PHE I 32 -18.82 -8.66 -14.10
C PHE I 32 -18.35 -9.08 -12.71
N VAL I 33 -19.31 -9.26 -11.80
CA VAL I 33 -19.04 -9.69 -10.42
C VAL I 33 -19.84 -10.94 -10.06
N ASP I 34 -19.14 -11.96 -9.57
CA ASP I 34 -19.78 -13.20 -9.15
C ASP I 34 -19.74 -13.34 -7.63
N VAL I 35 -20.82 -13.84 -7.04
CA VAL I 35 -20.89 -14.00 -5.59
C VAL I 35 -21.46 -15.36 -5.19
N GLU I 36 -20.69 -16.13 -4.42
CA GLU I 36 -21.13 -17.43 -3.92
C GLU I 36 -21.30 -17.40 -2.39
N ILE I 37 -22.55 -17.38 -1.93
CA ILE I 37 -22.83 -17.25 -0.50
C ILE I 37 -22.42 -18.48 0.27
N SER I 38 -21.95 -18.28 1.50
CA SER I 38 -21.77 -19.37 2.43
C SER I 38 -22.40 -19.00 3.76
N ILE I 39 -22.95 -19.99 4.46
CA ILE I 39 -23.62 -19.72 5.72
C ILE I 39 -23.09 -20.70 6.77
N ASP I 40 -23.02 -20.26 8.03
CA ASP I 40 -22.48 -21.08 9.10
C ASP I 40 -22.89 -20.60 10.50
N GLN I 41 -22.75 -21.49 11.48
CA GLN I 41 -22.96 -21.14 12.89
C GLN I 41 -21.62 -21.09 13.61
N LEU I 42 -21.34 -19.97 14.27
CA LEU I 42 -20.12 -19.82 15.04
C LEU I 42 -20.33 -18.99 16.29
N THR I 43 -19.25 -18.80 17.05
CA THR I 43 -19.30 -17.98 18.26
C THR I 43 -18.85 -16.56 17.96
N TYR I 44 -19.23 -15.64 18.85
CA TYR I 44 -18.96 -14.24 18.65
C TYR I 44 -17.46 -13.95 18.69
N GLU I 45 -16.76 -14.51 19.68
CA GLU I 45 -15.30 -14.34 19.81
C GLU I 45 -14.55 -14.83 18.57
N GLU I 46 -14.99 -15.95 18.01
CA GLU I 46 -14.32 -16.55 16.87
C GLU I 46 -14.56 -15.74 15.61
N PHE I 47 -15.68 -15.02 15.56
CA PHE I 47 -15.98 -14.14 14.44
C PHE I 47 -15.20 -12.84 14.50
N ILE I 48 -15.11 -12.28 15.71
CA ILE I 48 -14.40 -11.03 15.93
C ILE I 48 -12.93 -11.18 15.50
N ARG I 49 -12.46 -12.43 15.44
CA ARG I 49 -11.13 -12.73 14.94
C ARG I 49 -11.06 -12.76 13.41
N SER I 50 -12.10 -13.34 12.78
CA SER I 50 -12.15 -13.48 11.32
C SER I 50 -12.02 -12.14 10.62
N VAL I 51 -12.46 -11.08 11.28
CA VAL I 51 -12.31 -9.73 10.76
C VAL I 51 -10.87 -9.27 10.91
N MET I 52 -10.21 -9.05 9.77
CA MET I 52 -8.83 -8.61 9.77
C MET I 52 -8.72 -7.16 10.24
N ILE I 53 -7.62 -6.84 10.89
CA ILE I 53 -7.37 -5.47 11.35
C ILE I 53 -6.45 -4.71 10.40
N PRO I 54 -6.91 -3.56 9.91
CA PRO I 54 -8.24 -3.01 10.17
C PRO I 54 -9.23 -3.41 9.09
N SER I 55 -10.47 -2.97 9.24
CA SER I 55 -11.51 -3.34 8.30
C SER I 55 -12.73 -2.45 8.45
N PHE I 56 -13.48 -2.31 7.37
CA PHE I 56 -14.69 -1.50 7.38
C PHE I 56 -15.81 -2.27 8.06
N ILE I 57 -16.32 -1.71 9.16
CA ILE I 57 -17.33 -2.41 9.93
C ILE I 57 -18.52 -1.53 10.26
N VAL I 58 -19.73 -2.04 9.98
CA VAL I 58 -20.97 -1.34 10.32
C VAL I 58 -21.77 -2.13 11.33
N ILE I 59 -22.22 -1.47 12.39
CA ILE I 59 -23.23 -2.10 13.23
C ILE I 59 -24.58 -1.41 12.96
N PHE I 60 -25.63 -2.22 12.89
CA PHE I 60 -26.96 -1.75 12.51
C PHE I 60 -28.08 -2.53 13.17
N THR I 61 -29.30 -2.08 12.94
CA THR I 61 -30.49 -2.73 13.46
C THR I 61 -31.72 -2.31 12.66
N GLY I 62 -32.89 -2.50 13.25
CA GLY I 62 -34.13 -2.18 12.59
C GLY I 62 -35.20 -1.71 13.54
N ASP I 63 -36.36 -1.37 12.98
CA ASP I 63 -37.48 -0.86 13.76
C ASP I 63 -38.06 -1.94 14.66
N VAL I 64 -38.17 -3.15 14.12
CA VAL I 64 -38.75 -4.27 14.86
C VAL I 64 -37.67 -5.17 15.45
N PHE I 65 -36.45 -4.65 15.52
CA PHE I 65 -35.33 -5.42 16.04
C PHE I 65 -34.84 -4.88 17.38
N GLU I 66 -34.79 -5.75 18.37
CA GLU I 66 -34.23 -5.42 19.67
C GLU I 66 -32.83 -5.99 19.78
N GLY I 67 -31.83 -5.14 19.54
CA GLY I 67 -30.44 -5.55 19.49
C GLY I 67 -29.84 -5.11 18.18
N SER I 68 -28.54 -5.35 18.00
CA SER I 68 -27.88 -4.89 16.78
C SER I 68 -27.12 -6.01 16.07
N ALA I 69 -26.98 -5.85 14.76
CA ALA I 69 -26.27 -6.81 13.92
C ALA I 69 -25.08 -6.14 13.25
N ILE I 70 -24.28 -6.92 12.54
CA ILE I 70 -23.05 -6.40 11.94
C ILE I 70 -23.02 -6.63 10.43
N PHE I 71 -22.48 -5.64 9.70
CA PHE I 71 -22.17 -5.81 8.28
C PHE I 71 -20.70 -5.52 8.07
N GLU I 72 -19.94 -6.53 7.67
CA GLU I 72 -18.51 -6.37 7.49
C GLU I 72 -18.11 -6.39 6.01
N MET I 73 -17.10 -5.60 5.67
CA MET I 73 -16.56 -5.57 4.31
C MET I 73 -15.04 -5.52 4.34
N ARG I 74 -14.41 -6.48 3.68
CA ARG I 74 -12.95 -6.49 3.57
C ARG I 74 -12.49 -5.18 2.93
N LEU I 75 -11.31 -4.71 3.32
CA LEU I 75 -10.83 -3.40 2.89
C LEU I 75 -10.43 -3.36 1.43
N ASP I 76 -10.02 -4.50 0.88
CA ASP I 76 -9.64 -4.55 -0.53
C ASP I 76 -10.86 -4.30 -1.40
N LEU I 77 -12.01 -4.84 -0.99
CA LEU I 77 -13.27 -4.59 -1.70
C LEU I 77 -13.72 -3.15 -1.47
N PHE I 78 -13.43 -2.65 -0.28
CA PHE I 78 -13.83 -1.30 0.12
C PHE I 78 -13.25 -0.23 -0.79
N TYR I 79 -11.95 -0.34 -1.04
CA TYR I 79 -11.26 0.65 -1.85
C TYR I 79 -11.42 0.37 -3.34
N THR I 80 -11.57 -0.89 -3.71
CA THR I 80 -11.73 -1.22 -5.12
C THR I 80 -13.04 -0.62 -5.64
N MET I 81 -14.03 -0.50 -4.76
CA MET I 81 -15.26 0.19 -5.10
C MET I 81 -15.05 1.70 -5.24
N LEU I 82 -14.48 2.29 -4.21
CA LEU I 82 -14.25 3.74 -4.16
C LEU I 82 -13.43 4.24 -5.35
N ASP I 83 -12.46 3.44 -5.75
CA ASP I 83 -11.63 3.75 -6.89
C ASP I 83 -12.47 3.81 -8.15
N ILE I 84 -13.34 2.83 -8.34
CA ILE I 84 -14.15 2.73 -9.55
C ILE I 84 -15.26 3.78 -9.62
N ILE I 85 -15.89 4.04 -8.49
CA ILE I 85 -17.04 4.95 -8.47
C ILE I 85 -16.63 6.42 -8.49
N MET I 86 -15.36 6.67 -8.80
CA MET I 86 -14.87 8.04 -8.98
C MET I 86 -14.12 8.18 -10.30
N GLY I 87 -14.25 7.17 -11.15
CA GLY I 87 -13.68 7.22 -12.49
C GLY I 87 -12.36 6.49 -12.64
N GLY I 88 -11.88 5.89 -11.57
CA GLY I 88 -10.60 5.19 -11.59
C GLY I 88 -10.68 3.80 -12.17
N PRO I 89 -9.51 3.19 -12.42
CA PRO I 89 -9.39 1.81 -12.91
C PRO I 89 -9.63 0.77 -11.81
N GLY I 90 -9.68 1.20 -10.56
CA GLY I 90 -9.86 0.29 -9.45
C GLY I 90 -8.68 -0.64 -9.30
N GLU I 91 -7.50 -0.06 -9.10
CA GLU I 91 -6.28 -0.84 -9.16
C GLU I 91 -5.70 -1.15 -7.76
N ASN I 92 -4.88 -0.24 -7.24
CA ASN I 92 -4.23 -0.47 -5.95
C ASN I 92 -5.02 0.11 -4.78
N PRO I 93 -5.41 -0.76 -3.84
CA PRO I 93 -6.03 -0.30 -2.60
C PRO I 93 -5.03 -0.22 -1.45
N PRO I 94 -5.14 0.82 -0.61
CA PRO I 94 -4.30 0.92 0.59
C PRO I 94 -4.91 0.15 1.78
N ASN I 95 -4.07 -0.37 2.67
CA ASN I 95 -4.61 -1.07 3.83
C ASN I 95 -4.65 -0.14 5.04
N ARG I 96 -5.56 0.81 5.00
CA ARG I 96 -5.66 1.84 6.02
C ARG I 96 -7.13 2.19 6.26
N PRO I 97 -7.44 2.71 7.45
CA PRO I 97 -8.82 3.14 7.70
C PRO I 97 -9.23 4.27 6.78
N PRO I 98 -10.49 4.28 6.34
CA PRO I 98 -11.03 5.34 5.49
C PRO I 98 -11.15 6.67 6.24
N THR I 99 -11.11 7.77 5.48
CA THR I 99 -11.29 9.11 6.04
C THR I 99 -12.77 9.43 6.25
N GLU I 100 -13.06 10.66 6.67
CA GLU I 100 -14.44 11.04 6.91
C GLU I 100 -15.20 11.26 5.59
N ILE I 101 -14.49 11.57 4.52
CA ILE I 101 -15.12 11.77 3.23
C ILE I 101 -15.19 10.44 2.46
N GLU I 102 -14.50 9.43 3.00
CA GLU I 102 -14.47 8.12 2.35
C GLU I 102 -15.52 7.19 2.95
N THR I 103 -15.99 7.50 4.14
CA THR I 103 -17.06 6.71 4.75
C THR I 103 -18.42 7.27 4.34
N SER I 104 -18.54 8.60 4.33
CA SER I 104 -19.77 9.26 3.92
C SER I 104 -20.17 8.89 2.49
N ILE I 105 -19.17 8.52 1.69
CA ILE I 105 -19.38 8.06 0.31
C ILE I 105 -19.76 6.58 0.29
N MET I 106 -19.19 5.83 1.22
CA MET I 106 -19.42 4.40 1.25
C MET I 106 -20.59 4.00 2.15
N ARG I 107 -20.97 4.88 3.07
CA ARG I 107 -22.10 4.60 3.95
C ARG I 107 -23.38 4.49 3.12
N LYS I 108 -23.47 5.28 2.05
CA LYS I 108 -24.62 5.27 1.18
C LYS I 108 -24.54 4.10 0.19
N GLU I 109 -23.44 3.36 0.25
CA GLU I 109 -23.29 2.16 -0.55
C GLU I 109 -23.82 0.95 0.21
N VAL I 110 -23.36 0.79 1.45
CA VAL I 110 -23.82 -0.30 2.31
C VAL I 110 -25.24 -0.04 2.78
N THR I 111 -25.71 1.20 2.64
CA THR I 111 -27.09 1.49 2.96
C THR I 111 -27.98 0.90 1.87
N ASN I 112 -27.65 1.19 0.61
CA ASN I 112 -28.40 0.64 -0.49
C ASN I 112 -28.14 -0.85 -0.65
N MET I 113 -26.99 -1.28 -0.15
CA MET I 113 -26.65 -2.69 -0.17
C MET I 113 -27.42 -3.47 0.91
N LEU I 114 -27.64 -2.83 2.06
CA LEU I 114 -28.38 -3.46 3.14
C LEU I 114 -29.87 -3.57 2.80
N THR I 115 -30.36 -2.61 2.02
CA THR I 115 -31.77 -2.60 1.62
C THR I 115 -32.05 -3.84 0.78
N LEU I 116 -31.02 -4.35 0.11
CA LEU I 116 -31.16 -5.59 -0.63
C LEU I 116 -31.50 -6.76 0.28
N LEU I 117 -30.75 -6.94 1.37
CA LEU I 117 -31.02 -8.08 2.24
C LEU I 117 -32.33 -7.87 3.01
N ALA I 118 -32.77 -6.63 3.10
CA ALA I 118 -34.06 -6.35 3.73
C ALA I 118 -35.20 -6.77 2.81
N GLN I 119 -34.88 -6.93 1.53
CA GLN I 119 -35.86 -7.34 0.54
C GLN I 119 -35.94 -8.86 0.43
N ALA I 120 -34.81 -9.52 0.67
CA ALA I 120 -34.78 -10.98 0.64
C ALA I 120 -35.42 -11.56 1.90
N TRP I 121 -35.70 -10.69 2.86
CA TRP I 121 -36.35 -11.11 4.11
C TRP I 121 -37.82 -10.71 4.17
N SER I 122 -38.27 -9.95 3.18
CA SER I 122 -39.65 -9.45 3.16
C SER I 122 -40.67 -10.59 3.05
N ASP I 123 -40.20 -11.79 2.71
CA ASP I 123 -41.04 -12.97 2.75
C ASP I 123 -41.41 -13.27 4.19
N PHE I 124 -40.42 -13.12 5.06
CA PHE I 124 -40.56 -13.50 6.46
C PHE I 124 -40.78 -12.29 7.36
N GLN I 125 -39.88 -11.32 7.27
CA GLN I 125 -39.96 -10.13 8.11
C GLN I 125 -39.62 -8.86 7.36
N TYR I 126 -40.63 -8.01 7.14
CA TYR I 126 -40.41 -6.69 6.54
C TYR I 126 -39.81 -5.74 7.57
N PHE I 127 -38.68 -5.14 7.24
CA PHE I 127 -38.05 -4.20 8.14
C PHE I 127 -37.23 -3.15 7.40
N ILE I 128 -37.17 -1.96 7.98
CA ILE I 128 -36.41 -0.86 7.42
C ILE I 128 -35.11 -0.70 8.18
N PRO I 129 -33.98 -1.08 7.55
CA PRO I 129 -32.66 -1.08 8.18
C PRO I 129 -32.23 0.33 8.61
N SER I 130 -31.24 0.42 9.50
CA SER I 130 -30.75 1.72 9.95
C SER I 130 -29.32 1.61 10.49
N ILE I 131 -28.42 2.44 9.95
CA ILE I 131 -27.03 2.42 10.39
C ILE I 131 -26.86 3.16 11.73
N GLU I 132 -26.65 2.39 12.79
CA GLU I 132 -26.50 2.95 14.13
C GLU I 132 -25.12 3.57 14.32
N ASN I 133 -24.09 2.85 13.93
CA ASN I 133 -22.73 3.21 14.30
C ASN I 133 -21.70 2.52 13.41
N VAL I 134 -20.55 3.15 13.23
CA VAL I 134 -19.48 2.58 12.40
C VAL I 134 -18.13 2.70 13.09
N GLU I 135 -17.37 1.61 13.10
CA GLU I 135 -15.97 1.65 13.57
C GLU I 135 -15.09 0.75 12.70
N THR I 136 -13.79 0.73 13.00
CA THR I 136 -12.82 0.08 12.12
C THR I 136 -11.98 -0.98 12.80
N ASN I 137 -11.98 -0.99 14.13
CA ASN I 137 -11.25 -2.01 14.87
C ASN I 137 -12.22 -2.98 15.52
N PRO I 138 -12.29 -4.22 15.00
CA PRO I 138 -13.29 -5.20 15.42
C PRO I 138 -13.25 -5.49 16.92
N GLN I 139 -12.12 -5.27 17.57
CA GLN I 139 -12.00 -5.56 18.99
C GLN I 139 -12.78 -4.55 19.84
N PHE I 140 -13.37 -3.55 19.20
CA PHE I 140 -13.97 -2.44 19.93
C PHE I 140 -15.51 -2.45 19.93
N VAL I 141 -16.10 -3.23 19.04
CA VAL I 141 -17.55 -3.26 18.94
C VAL I 141 -18.21 -4.09 20.05
N GLN I 142 -18.50 -5.34 19.75
CA GLN I 142 -19.11 -6.28 20.70
C GLN I 142 -20.47 -5.81 21.21
N ILE I 143 -21.50 -6.02 20.39
CA ILE I 143 -22.88 -5.67 20.75
C ILE I 143 -23.43 -6.64 21.79
N VAL I 144 -23.26 -7.92 21.52
CA VAL I 144 -23.75 -8.98 22.39
C VAL I 144 -22.60 -9.64 23.13
N PRO I 145 -22.87 -10.18 24.33
CA PRO I 145 -21.90 -11.00 25.09
C PRO I 145 -21.06 -11.90 24.19
N PRO I 146 -19.75 -12.02 24.48
CA PRO I 146 -18.75 -12.66 23.62
C PRO I 146 -18.98 -14.15 23.38
N ASN I 147 -19.73 -14.82 24.26
CA ASN I 147 -19.96 -16.24 24.10
C ASN I 147 -21.40 -16.56 23.66
N GLU I 148 -21.83 -15.92 22.58
CA GLU I 148 -23.16 -16.15 22.04
C GLU I 148 -23.05 -16.76 20.65
N ILE I 149 -24.00 -17.60 20.30
CA ILE I 149 -23.99 -18.23 18.98
C ILE I 149 -24.47 -17.20 17.96
N VAL I 150 -23.84 -17.21 16.79
CA VAL I 150 -24.15 -16.25 15.73
C VAL I 150 -24.21 -16.91 14.36
N LEU I 151 -25.18 -16.51 13.55
CA LEU I 151 -25.27 -16.97 12.17
C LEU I 151 -24.46 -16.06 11.25
N LEU I 152 -23.29 -16.54 10.84
CA LEU I 152 -22.42 -15.80 9.94
C LEU I 152 -22.70 -16.12 8.48
N VAL I 153 -23.09 -15.10 7.72
CA VAL I 153 -23.26 -15.27 6.28
C VAL I 153 -22.05 -14.69 5.58
N THR I 154 -21.28 -15.55 4.93
CA THR I 154 -20.05 -15.11 4.29
C THR I 154 -20.21 -15.04 2.78
N ALA I 155 -20.30 -13.83 2.26
CA ALA I 155 -20.45 -13.62 0.84
C ALA I 155 -19.10 -13.57 0.15
N SER I 156 -18.93 -14.42 -0.87
CA SER I 156 -17.69 -14.46 -1.62
C SER I 156 -17.77 -13.54 -2.84
N VAL I 157 -17.43 -12.28 -2.66
CA VAL I 157 -17.37 -11.34 -3.76
C VAL I 157 -16.10 -11.59 -4.58
N SER I 158 -16.28 -11.80 -5.88
CA SER I 158 -15.14 -12.06 -6.75
C SER I 158 -15.43 -11.53 -8.15
N TRP I 159 -14.37 -11.12 -8.84
CA TRP I 159 -14.50 -10.52 -10.16
C TRP I 159 -13.16 -10.51 -10.88
N GLY I 160 -13.20 -10.80 -12.18
CA GLY I 160 -12.01 -10.78 -13.01
C GLY I 160 -10.87 -11.64 -12.49
N GLU I 161 -10.07 -11.07 -11.60
CA GLU I 161 -8.94 -11.77 -11.00
C GLU I 161 -8.91 -11.61 -9.47
N PHE I 162 -9.63 -10.62 -8.97
CA PHE I 162 -9.69 -10.37 -7.54
C PHE I 162 -10.77 -11.19 -6.85
N THR I 163 -10.76 -11.17 -5.52
CA THR I 163 -11.79 -11.82 -4.72
C THR I 163 -11.81 -11.30 -3.29
N SER I 164 -13.00 -11.19 -2.71
CA SER I 164 -13.13 -10.62 -1.38
C SER I 164 -14.28 -11.21 -0.59
N PHE I 165 -14.64 -10.55 0.51
CA PHE I 165 -15.64 -11.08 1.41
C PHE I 165 -16.52 -10.02 2.04
N ILE I 166 -17.82 -10.21 1.91
CA ILE I 166 -18.80 -9.43 2.63
C ILE I 166 -19.43 -10.30 3.71
N ASN I 167 -19.17 -9.98 4.98
CA ASN I 167 -19.73 -10.75 6.08
C ASN I 167 -20.90 -10.03 6.77
N VAL I 168 -22.05 -10.70 6.82
CA VAL I 168 -23.19 -10.21 7.58
C VAL I 168 -23.36 -11.08 8.81
N CYS I 169 -23.48 -10.43 9.97
CA CYS I 169 -23.38 -11.12 11.25
C CYS I 169 -24.68 -11.06 12.07
N TRP I 170 -25.26 -12.22 12.37
CA TRP I 170 -26.53 -12.26 13.09
C TRP I 170 -26.44 -12.91 14.47
N PRO I 171 -26.58 -12.11 15.53
CA PRO I 171 -26.57 -12.63 16.90
C PRO I 171 -27.85 -13.37 17.27
N PHE I 172 -27.74 -14.35 18.16
CA PHE I 172 -28.90 -15.13 18.59
C PHE I 172 -29.89 -14.29 19.38
N SER I 173 -29.40 -13.37 20.19
CA SER I 173 -30.28 -12.53 21.01
C SER I 173 -31.08 -11.54 20.15
N LEU I 174 -30.79 -11.52 18.85
CA LEU I 174 -31.53 -10.71 17.91
C LEU I 174 -32.42 -11.59 17.05
N LEU I 175 -32.01 -12.85 16.91
CA LEU I 175 -32.75 -13.84 16.13
C LEU I 175 -33.75 -14.61 16.97
N GLU I 176 -33.56 -14.56 18.28
CA GLU I 176 -34.40 -15.28 19.23
C GLU I 176 -35.90 -15.06 19.03
N PRO I 177 -36.36 -13.79 19.02
CA PRO I 177 -37.82 -13.65 18.95
C PRO I 177 -38.39 -13.96 17.57
N LEU I 178 -37.54 -13.97 16.55
CA LEU I 178 -38.01 -14.20 15.19
C LEU I 178 -38.02 -15.68 14.83
N LEU I 179 -37.21 -16.47 15.54
CA LEU I 179 -37.07 -17.88 15.23
C LEU I 179 -38.18 -18.73 15.84
N GLU I 180 -38.74 -18.27 16.96
CA GLU I 180 -39.79 -19.00 17.67
C GLU I 180 -41.10 -19.09 16.88
N LYS I 181 -41.19 -18.32 15.80
CA LYS I 181 -42.32 -18.38 14.87
C LYS I 181 -41.78 -18.09 13.47
N LEU I 182 -41.32 -19.14 12.79
CA LEU I 182 -40.70 -19.01 11.47
C LEU I 182 -41.21 -20.08 10.50
N SER I 183 -41.17 -21.35 10.92
CA SER I 183 -41.62 -22.45 10.05
C SER I 183 -42.86 -23.16 10.59
N GLY J 1 -0.26 31.10 0.11
CA GLY J 1 -1.57 31.32 0.70
C GLY J 1 -1.76 30.49 1.96
N SER J 2 -2.73 30.87 2.77
CA SER J 2 -3.00 30.18 4.04
C SER J 2 -4.05 29.10 3.88
N HIS J 3 -5.05 29.37 3.04
CA HIS J 3 -6.13 28.42 2.80
C HIS J 3 -5.59 27.16 2.14
N MET J 4 -4.51 27.32 1.37
CA MET J 4 -3.91 26.19 0.68
C MET J 4 -3.20 25.26 1.65
N VAL J 5 -2.59 25.85 2.68
CA VAL J 5 -1.97 25.07 3.74
C VAL J 5 -2.98 24.12 4.36
N GLN J 6 -4.21 24.60 4.54
CA GLN J 6 -5.29 23.75 5.06
C GLN J 6 -5.74 22.76 3.99
N LEU J 7 -5.51 23.11 2.74
CA LEU J 7 -5.95 22.29 1.62
C LEU J 7 -4.94 21.17 1.32
N VAL J 8 -3.66 21.51 1.30
CA VAL J 8 -2.62 20.50 1.05
C VAL J 8 -2.56 19.50 2.19
N ASN J 9 -2.66 19.99 3.42
CA ASN J 9 -2.71 19.11 4.59
C ASN J 9 -3.89 18.16 4.53
N PHE J 10 -4.99 18.65 3.95
CA PHE J 10 -6.20 17.86 3.83
C PHE J 10 -6.06 16.77 2.78
N LEU J 11 -5.69 17.15 1.56
CA LEU J 11 -5.62 16.19 0.47
C LEU J 11 -4.33 15.37 0.48
N GLN J 12 -3.51 15.51 1.52
CA GLN J 12 -2.27 14.77 1.56
C GLN J 12 -2.50 13.29 1.85
N SER J 13 -3.58 12.98 2.56
CA SER J 13 -3.83 11.62 3.02
C SER J 13 -4.82 10.86 2.14
N GLU J 14 -5.66 11.60 1.42
CA GLU J 14 -6.74 11.02 0.64
C GLU J 14 -6.25 10.09 -0.47
N HIS J 15 -7.18 9.28 -0.97
CA HIS J 15 -6.86 8.32 -2.01
C HIS J 15 -6.45 9.04 -3.29
N PRO J 16 -5.44 8.49 -4.00
CA PRO J 16 -4.96 9.05 -5.28
C PRO J 16 -6.09 9.50 -6.23
N GLN J 17 -7.16 8.74 -6.32
CA GLN J 17 -8.26 9.10 -7.21
C GLN J 17 -9.11 10.22 -6.62
N THR J 18 -9.15 10.29 -5.28
CA THR J 18 -9.86 11.36 -4.60
C THR J 18 -9.18 12.69 -4.90
N ILE J 19 -7.87 12.76 -4.67
CA ILE J 19 -7.08 13.96 -4.92
C ILE J 19 -7.24 14.39 -6.37
N ALA J 20 -7.24 13.41 -7.26
CA ALA J 20 -7.43 13.63 -8.68
C ALA J 20 -8.72 14.38 -8.97
N VAL J 21 -9.78 14.01 -8.25
CA VAL J 21 -11.08 14.63 -8.47
C VAL J 21 -11.12 16.04 -7.90
N VAL J 22 -10.56 16.20 -6.70
CA VAL J 22 -10.58 17.49 -6.03
C VAL J 22 -9.75 18.51 -6.80
N LEU J 23 -8.64 18.06 -7.38
CA LEU J 23 -7.78 18.94 -8.17
C LEU J 23 -8.44 19.31 -9.50
N SER J 24 -9.40 18.49 -9.93
CA SER J 24 -10.12 18.72 -11.18
C SER J 24 -11.25 19.71 -10.99
N TYR J 25 -11.73 19.82 -9.75
CA TYR J 25 -12.81 20.74 -9.41
C TYR J 25 -12.29 22.18 -9.30
N LEU J 26 -11.06 22.34 -8.81
CA LEU J 26 -10.49 23.68 -8.66
C LEU J 26 -9.81 24.16 -9.93
N ASP J 27 -9.65 25.48 -10.05
CA ASP J 27 -9.04 26.09 -11.23
C ASP J 27 -7.52 25.92 -11.23
N PRO J 28 -6.92 25.73 -12.42
CA PRO J 28 -5.49 25.46 -12.63
C PRO J 28 -4.48 26.28 -11.81
N PRO J 29 -4.76 27.57 -11.50
CA PRO J 29 -3.78 28.24 -10.64
C PRO J 29 -3.54 27.53 -9.30
N VAL J 30 -4.61 27.01 -8.67
CA VAL J 30 -4.50 26.39 -7.35
C VAL J 30 -4.09 24.93 -7.41
N ALA J 31 -4.52 24.26 -8.49
CA ALA J 31 -4.23 22.84 -8.68
C ALA J 31 -2.73 22.59 -8.72
N ALA J 32 -2.00 23.54 -9.30
CA ALA J 32 -0.56 23.42 -9.43
C ALA J 32 0.11 23.63 -8.09
N GLN J 33 -0.47 24.49 -7.28
CA GLN J 33 0.07 24.77 -5.95
C GLN J 33 -0.03 23.54 -5.05
N ILE J 34 -1.13 22.82 -5.15
CA ILE J 34 -1.32 21.66 -4.30
C ILE J 34 -0.46 20.50 -4.80
N LEU J 35 -0.46 20.31 -6.13
CA LEU J 35 0.24 19.20 -6.77
C LEU J 35 1.75 19.22 -6.53
N GLY J 36 2.33 20.42 -6.54
CA GLY J 36 3.75 20.56 -6.27
C GLY J 36 4.03 20.37 -4.79
N ALA J 37 3.02 20.62 -3.97
CA ALA J 37 3.14 20.48 -2.52
C ALA J 37 3.06 19.02 -2.10
N LEU J 38 2.52 18.20 -3.01
CA LEU J 38 2.46 16.76 -2.80
C LEU J 38 3.77 16.10 -3.21
N PRO J 39 4.15 15.03 -2.50
CA PRO J 39 5.31 14.19 -2.83
C PRO J 39 5.27 13.71 -4.27
N GLU J 40 6.43 13.31 -4.78
CA GLU J 40 6.62 13.10 -6.21
C GLU J 40 5.76 11.99 -6.80
N GLU J 41 5.73 10.83 -6.15
CA GLU J 41 5.02 9.70 -6.71
C GLU J 41 3.51 9.96 -6.72
N LEU J 42 3.04 10.75 -5.77
CA LEU J 42 1.63 11.18 -5.78
C LEU J 42 1.37 12.08 -6.97
N GLN J 43 2.24 13.07 -7.17
CA GLN J 43 2.17 13.96 -8.32
C GLN J 43 2.10 13.17 -9.62
N THR J 44 2.83 12.06 -9.68
CA THR J 44 2.80 11.21 -10.86
C THR J 44 1.48 10.46 -10.94
N GLU J 45 1.15 9.71 -9.88
CA GLU J 45 -0.03 8.85 -9.90
C GLU J 45 -1.35 9.63 -9.82
N VAL J 46 -1.30 10.90 -9.41
CA VAL J 46 -2.52 11.71 -9.46
C VAL J 46 -2.71 12.28 -10.85
N LEU J 47 -1.62 12.81 -11.41
CA LEU J 47 -1.64 13.37 -12.75
C LEU J 47 -2.10 12.33 -13.76
N LYS J 48 -1.56 11.13 -13.65
CA LYS J 48 -1.88 10.04 -14.55
C LYS J 48 -3.36 9.67 -14.49
N ARG J 49 -3.93 9.73 -13.29
CA ARG J 49 -5.33 9.37 -13.11
C ARG J 49 -6.27 10.49 -13.56
N ILE J 50 -5.82 11.73 -13.45
CA ILE J 50 -6.62 12.86 -13.90
C ILE J 50 -6.85 12.79 -15.40
N ALA J 51 -5.82 12.41 -16.14
CA ALA J 51 -5.92 12.26 -17.60
C ALA J 51 -6.84 11.10 -18.00
N LEU J 52 -7.28 10.33 -17.01
CA LEU J 52 -8.15 9.19 -17.27
C LEU J 52 -9.51 9.39 -16.61
N LEU J 53 -9.86 10.66 -16.40
CA LEU J 53 -11.09 11.01 -15.70
C LEU J 53 -12.19 11.51 -16.62
N GLU J 54 -12.90 10.60 -17.28
CA GLU J 54 -13.97 10.99 -18.20
C GLU J 54 -15.33 11.07 -17.50
N ARG J 55 -15.93 9.91 -17.26
CA ARG J 55 -17.26 9.87 -16.65
C ARG J 55 -17.17 9.64 -15.15
N THR J 56 -17.18 10.74 -14.40
CA THR J 56 -17.25 10.68 -12.96
C THR J 56 -18.69 10.93 -12.56
N SER J 57 -18.96 10.79 -11.26
CA SER J 57 -20.33 10.88 -10.77
C SER J 57 -20.66 12.28 -10.29
N PRO J 58 -21.90 12.73 -10.54
CA PRO J 58 -22.43 14.02 -10.11
C PRO J 58 -22.74 14.08 -8.62
N GLU J 59 -23.09 12.94 -8.02
CA GLU J 59 -23.47 12.94 -6.61
C GLU J 59 -22.34 12.44 -5.72
N VAL J 60 -21.24 12.01 -6.32
CA VAL J 60 -20.07 11.65 -5.55
C VAL J 60 -19.31 12.92 -5.21
N VAL J 61 -19.58 13.97 -5.98
CA VAL J 61 -18.91 15.25 -5.82
C VAL J 61 -19.68 16.15 -4.88
N LYS J 62 -21.00 16.17 -5.06
CA LYS J 62 -21.86 16.95 -4.19
C LYS J 62 -21.74 16.52 -2.72
N GLU J 63 -21.30 15.29 -2.48
CA GLU J 63 -21.03 14.84 -1.13
C GLU J 63 -19.62 15.28 -0.72
N ILE J 64 -18.73 15.40 -1.70
CA ILE J 64 -17.38 15.89 -1.43
C ILE J 64 -17.42 17.39 -1.10
N GLU J 65 -18.05 18.17 -1.97
CA GLU J 65 -18.10 19.63 -1.84
C GLU J 65 -18.54 20.09 -0.45
N ARG J 66 -19.59 19.48 0.08
CA ARG J 66 -20.07 19.86 1.39
C ARG J 66 -19.22 19.23 2.49
N ASN J 67 -18.51 18.15 2.14
CA ASN J 67 -17.60 17.51 3.08
C ASN J 67 -16.18 17.94 2.77
N LEU J 68 -16.07 19.06 2.08
CA LEU J 68 -14.79 19.72 1.86
C LEU J 68 -14.88 21.05 2.60
N GLU J 69 -16.09 21.58 2.65
CA GLU J 69 -16.41 22.82 3.35
C GLU J 69 -16.32 22.61 4.84
N LYS J 70 -16.14 21.35 5.23
CA LYS J 70 -16.09 20.93 6.62
C LYS J 70 -15.09 21.69 7.48
N LYS J 71 -13.80 21.51 7.20
CA LYS J 71 -12.75 21.96 8.10
C LYS J 71 -11.82 23.00 7.45
N ILE J 72 -12.10 23.35 6.20
CA ILE J 72 -11.37 24.44 5.57
C ILE J 72 -12.30 25.66 5.49
N SER J 73 -11.73 26.84 5.71
CA SER J 73 -12.51 28.06 5.88
C SER J 73 -13.35 28.44 4.65
N GLY J 74 -12.73 29.09 3.67
CA GLY J 74 -13.46 29.67 2.56
C GLY J 74 -13.62 28.82 1.31
N PHE J 75 -14.82 28.88 0.74
CA PHE J 75 -15.12 28.18 -0.51
C PHE J 75 -16.07 29.00 -1.38
N LYS K 1 -39.93 19.71 -25.01
CA LYS K 1 -39.23 18.69 -25.79
C LYS K 1 -37.80 18.53 -25.29
N PHE K 2 -37.17 17.42 -25.65
CA PHE K 2 -35.75 17.17 -25.37
C PHE K 2 -35.23 16.13 -26.37
N SER K 3 -33.92 16.05 -26.51
CA SER K 3 -33.33 15.20 -27.57
C SER K 3 -32.23 14.26 -27.10
N LYS K 4 -31.23 14.08 -27.96
CA LYS K 4 -30.20 13.05 -27.80
C LYS K 4 -29.33 13.20 -26.56
N GLU K 5 -29.09 14.46 -26.19
CA GLU K 5 -28.32 14.85 -25.01
C GLU K 5 -28.31 13.84 -23.84
N GLN K 6 -29.50 13.53 -23.33
CA GLN K 6 -29.63 12.70 -22.15
C GLN K 6 -30.20 11.32 -22.46
N LEU K 7 -30.46 11.07 -23.74
CA LEU K 7 -30.91 9.75 -24.18
C LEU K 7 -29.71 8.79 -24.18
N ARG K 8 -28.52 9.36 -24.04
CA ARG K 8 -27.33 8.57 -23.78
C ARG K 8 -27.29 8.13 -22.33
N THR K 9 -27.75 8.99 -21.45
CA THR K 9 -27.71 8.75 -20.02
C THR K 9 -28.92 7.95 -19.54
N PHE K 10 -30.11 8.33 -20.01
CA PHE K 10 -31.33 7.64 -19.62
C PHE K 10 -31.37 6.20 -20.11
N GLN K 11 -30.84 5.97 -21.31
CA GLN K 11 -30.69 4.61 -21.83
C GLN K 11 -29.62 3.85 -21.05
N MET K 12 -28.87 4.57 -20.22
CA MET K 12 -27.77 3.99 -19.47
C MET K 12 -28.16 3.86 -17.99
N ILE K 13 -29.11 4.68 -17.56
CA ILE K 13 -29.59 4.64 -16.19
C ILE K 13 -30.56 3.49 -15.96
N HIS K 14 -31.59 3.42 -16.80
CA HIS K 14 -32.63 2.43 -16.63
C HIS K 14 -32.25 1.07 -17.22
N GLU K 15 -31.20 1.04 -18.04
CA GLU K 15 -30.69 -0.22 -18.56
C GLU K 15 -30.02 -1.00 -17.43
N ASN K 16 -29.52 -0.26 -16.45
CA ASN K 16 -28.95 -0.84 -15.26
C ASN K 16 -30.03 -1.20 -14.25
N PHE K 17 -31.09 -0.40 -14.22
CA PHE K 17 -32.23 -0.68 -13.38
C PHE K 17 -33.00 -1.84 -13.96
N GLY K 18 -32.87 -2.03 -15.27
CA GLY K 18 -33.56 -3.10 -15.97
C GLY K 18 -33.00 -4.47 -15.59
N ARG K 19 -31.71 -4.54 -15.32
CA ARG K 19 -31.09 -5.82 -14.99
C ARG K 19 -31.11 -6.07 -13.49
N ALA K 20 -31.44 -5.04 -12.71
CA ALA K 20 -31.67 -5.21 -11.28
C ALA K 20 -33.11 -5.68 -11.06
N LEU K 21 -33.98 -5.22 -11.95
CA LEU K 21 -35.37 -5.63 -11.97
C LEU K 21 -35.48 -7.10 -12.31
N SER K 22 -34.62 -7.54 -13.21
CA SER K 22 -34.60 -8.92 -13.68
C SER K 22 -34.29 -9.89 -12.56
N THR K 23 -33.26 -9.58 -11.79
CA THR K 23 -32.84 -10.47 -10.71
C THR K 23 -33.90 -10.56 -9.63
N TYR K 24 -34.56 -9.43 -9.35
CA TYR K 24 -35.64 -9.37 -8.37
C TYR K 24 -36.83 -10.24 -8.80
N LEU K 25 -37.21 -10.12 -10.07
CA LEU K 25 -38.31 -10.89 -10.62
C LEU K 25 -38.00 -12.37 -10.57
N SER K 26 -36.75 -12.72 -10.88
CA SER K 26 -36.30 -14.10 -10.88
C SER K 26 -36.43 -14.75 -9.51
N GLY K 27 -36.36 -13.94 -8.47
CA GLY K 27 -36.52 -14.43 -7.11
C GLY K 27 -37.97 -14.43 -6.69
N ARG K 28 -38.77 -13.59 -7.32
CA ARG K 28 -40.19 -13.48 -6.99
C ARG K 28 -41.04 -14.49 -7.73
N LEU K 29 -40.63 -14.86 -8.93
CA LEU K 29 -41.35 -15.85 -9.70
C LEU K 29 -40.77 -17.24 -9.49
N ARG K 30 -39.68 -17.31 -8.74
CA ARG K 30 -39.00 -18.57 -8.42
C ARG K 30 -38.61 -19.31 -9.70
N THR K 31 -38.41 -18.56 -10.77
CA THR K 31 -38.01 -19.07 -12.06
C THR K 31 -37.28 -17.95 -12.80
N PHE K 32 -36.73 -18.23 -13.98
CA PHE K 32 -35.93 -17.23 -14.68
C PHE K 32 -36.79 -16.18 -15.37
N VAL K 33 -36.47 -14.91 -15.13
CA VAL K 33 -37.16 -13.78 -15.75
C VAL K 33 -36.20 -12.91 -16.54
N ASP K 34 -36.62 -12.45 -17.71
CA ASP K 34 -35.77 -11.59 -18.52
C ASP K 34 -36.39 -10.22 -18.76
N VAL K 35 -35.55 -9.19 -18.69
CA VAL K 35 -36.01 -7.81 -18.88
C VAL K 35 -35.14 -7.09 -19.88
N GLU K 36 -35.79 -6.33 -20.77
CA GLU K 36 -35.06 -5.50 -21.72
C GLU K 36 -35.66 -4.11 -21.84
N ILE K 37 -34.84 -3.10 -21.57
CA ILE K 37 -35.31 -1.72 -21.50
C ILE K 37 -35.28 -1.01 -22.84
N SER K 38 -36.45 -0.54 -23.27
CA SER K 38 -36.55 0.35 -24.40
C SER K 38 -37.03 1.71 -23.89
N ILE K 39 -36.69 2.77 -24.61
CA ILE K 39 -37.05 4.10 -24.18
C ILE K 39 -37.52 4.92 -25.37
N ASP K 40 -38.44 5.86 -25.13
CA ASP K 40 -38.95 6.73 -26.20
C ASP K 40 -39.70 7.94 -25.63
N GLN K 41 -40.04 8.87 -26.53
CA GLN K 41 -40.73 10.10 -26.18
C GLN K 41 -42.23 10.02 -26.47
N LEU K 42 -43.06 10.43 -25.51
CA LEU K 42 -44.51 10.40 -25.72
C LEU K 42 -45.23 11.60 -25.10
N THR K 43 -46.46 11.83 -25.55
CA THR K 43 -47.36 12.81 -24.92
C THR K 43 -48.09 12.11 -23.77
N TYR K 44 -48.53 12.87 -22.77
CA TYR K 44 -49.19 12.29 -21.62
C TYR K 44 -50.55 11.67 -21.97
N GLU K 45 -51.21 12.25 -22.98
CA GLU K 45 -52.49 11.71 -23.43
C GLU K 45 -52.26 10.49 -24.31
N GLU K 46 -51.13 10.48 -25.02
CA GLU K 46 -50.78 9.39 -25.93
C GLU K 46 -50.25 8.18 -25.15
N PHE K 47 -49.93 8.42 -23.88
CA PHE K 47 -49.42 7.37 -23.01
C PHE K 47 -50.53 6.67 -22.22
N ILE K 48 -51.54 7.43 -21.81
CA ILE K 48 -52.68 6.85 -21.10
C ILE K 48 -53.41 5.90 -22.06
N ARG K 49 -53.27 6.16 -23.35
CA ARG K 49 -53.79 5.30 -24.41
C ARG K 49 -53.29 3.85 -24.28
N SER K 50 -52.02 3.68 -23.91
CA SER K 50 -51.41 2.36 -23.88
C SER K 50 -51.76 1.56 -22.62
N VAL K 51 -52.58 2.15 -21.75
CA VAL K 51 -53.00 1.47 -20.52
C VAL K 51 -54.34 0.78 -20.70
N MET K 52 -54.35 -0.54 -20.50
CA MET K 52 -55.57 -1.31 -20.62
C MET K 52 -56.52 -1.00 -19.46
N ILE K 53 -57.81 -1.30 -19.65
CA ILE K 53 -58.79 -1.09 -18.60
C ILE K 53 -59.49 -2.41 -18.25
N PRO K 54 -59.38 -2.83 -16.99
CA PRO K 54 -58.61 -2.11 -15.95
C PRO K 54 -57.14 -2.50 -15.95
N SER K 55 -56.35 -1.82 -15.13
CA SER K 55 -54.94 -2.16 -14.98
C SER K 55 -54.38 -1.67 -13.65
N PHE K 56 -53.11 -1.96 -13.40
CA PHE K 56 -52.45 -1.57 -12.16
C PHE K 56 -51.74 -0.24 -12.34
N ILE K 57 -52.06 0.72 -11.48
CA ILE K 57 -51.56 2.08 -11.61
C ILE K 57 -51.12 2.69 -10.28
N VAL K 58 -49.84 3.03 -10.19
CA VAL K 58 -49.28 3.62 -8.98
C VAL K 58 -48.67 4.98 -9.27
N ILE K 59 -49.03 5.98 -8.46
CA ILE K 59 -48.41 7.29 -8.56
C ILE K 59 -47.59 7.59 -7.31
N PHE K 60 -46.34 7.99 -7.52
CA PHE K 60 -45.41 8.18 -6.41
C PHE K 60 -44.72 9.53 -6.49
N THR K 61 -44.04 9.91 -5.41
CA THR K 61 -43.30 11.16 -5.36
C THR K 61 -42.02 11.01 -4.56
N GLY K 62 -41.40 12.14 -4.21
CA GLY K 62 -40.18 12.14 -3.45
C GLY K 62 -40.02 13.36 -2.56
N ASP K 63 -38.96 13.37 -1.76
CA ASP K 63 -38.66 14.48 -0.87
C ASP K 63 -38.14 15.68 -1.66
N VAL K 64 -37.06 15.46 -2.41
CA VAL K 64 -36.50 16.49 -3.27
C VAL K 64 -37.28 16.57 -4.57
N PHE K 65 -38.00 15.48 -4.88
CA PHE K 65 -38.91 15.46 -6.01
C PHE K 65 -40.16 16.26 -5.71
N GLU K 66 -40.33 17.40 -6.38
CA GLU K 66 -41.57 18.13 -6.25
C GLU K 66 -42.38 17.90 -7.52
N GLY K 67 -43.34 16.99 -7.40
CA GLY K 67 -44.12 16.52 -8.53
C GLY K 67 -44.47 15.07 -8.29
N SER K 68 -44.90 14.37 -9.34
CA SER K 68 -45.24 12.96 -9.20
C SER K 68 -45.09 12.20 -10.51
N ALA K 69 -44.71 10.93 -10.40
CA ALA K 69 -44.49 10.08 -11.57
C ALA K 69 -45.30 8.79 -11.45
N ILE K 70 -45.30 7.99 -12.52
CA ILE K 70 -46.16 6.82 -12.57
C ILE K 70 -45.41 5.52 -12.91
N PHE K 71 -45.97 4.40 -12.45
CA PHE K 71 -45.37 3.07 -12.63
C PHE K 71 -46.47 2.02 -12.77
N GLU K 72 -46.53 1.38 -13.94
CA GLU K 72 -47.62 0.46 -14.26
C GLU K 72 -47.20 -0.98 -14.50
N MET K 73 -48.11 -1.88 -14.15
CA MET K 73 -47.89 -3.30 -14.30
C MET K 73 -49.08 -3.94 -14.99
N ARG K 74 -48.82 -4.81 -15.96
CA ARG K 74 -49.89 -5.54 -16.63
C ARG K 74 -50.55 -6.49 -15.64
N LEU K 75 -51.86 -6.69 -15.80
CA LEU K 75 -52.61 -7.57 -14.90
C LEU K 75 -52.11 -9.00 -14.95
N ASP K 76 -51.67 -9.45 -16.13
CA ASP K 76 -51.25 -10.83 -16.28
C ASP K 76 -49.94 -11.11 -15.52
N LEU K 77 -49.06 -10.13 -15.45
CA LEU K 77 -47.83 -10.26 -14.68
C LEU K 77 -48.14 -10.04 -13.20
N PHE K 78 -49.16 -9.23 -12.97
CA PHE K 78 -49.58 -8.86 -11.64
C PHE K 78 -50.07 -10.04 -10.80
N TYR K 79 -50.85 -10.92 -11.43
CA TYR K 79 -51.41 -12.07 -10.73
C TYR K 79 -50.44 -13.24 -10.74
N THR K 80 -49.61 -13.33 -11.78
CA THR K 80 -48.63 -14.40 -11.85
C THR K 80 -47.63 -14.22 -10.71
N MET K 81 -47.27 -12.96 -10.44
CA MET K 81 -46.41 -12.64 -9.30
C MET K 81 -47.08 -13.01 -7.99
N LEU K 82 -48.31 -12.54 -7.81
CA LEU K 82 -49.11 -12.82 -6.64
C LEU K 82 -49.18 -14.32 -6.38
N ASP K 83 -49.37 -15.06 -7.46
CA ASP K 83 -49.50 -16.52 -7.42
C ASP K 83 -48.28 -17.19 -6.77
N ILE K 84 -47.11 -16.98 -7.36
CA ILE K 84 -45.89 -17.67 -6.95
C ILE K 84 -45.46 -17.38 -5.51
N ILE K 85 -45.72 -16.16 -5.04
CA ILE K 85 -45.23 -15.74 -3.73
C ILE K 85 -46.12 -16.21 -2.59
N MET K 86 -46.97 -17.20 -2.86
CA MET K 86 -47.87 -17.74 -1.85
C MET K 86 -47.88 -19.28 -1.87
N GLY K 87 -47.23 -19.85 -2.87
CA GLY K 87 -47.22 -21.29 -3.06
C GLY K 87 -48.05 -21.66 -4.26
N GLY K 88 -48.00 -20.81 -5.28
CA GLY K 88 -48.78 -21.01 -6.48
C GLY K 88 -47.98 -21.69 -7.58
N PRO K 89 -48.65 -22.00 -8.69
CA PRO K 89 -48.07 -22.64 -9.88
C PRO K 89 -47.61 -21.70 -11.01
N GLY K 90 -48.32 -20.60 -11.22
CA GLY K 90 -48.10 -19.76 -12.39
C GLY K 90 -49.29 -19.97 -13.31
N GLU K 91 -50.42 -19.43 -12.89
CA GLU K 91 -51.73 -19.83 -13.41
C GLU K 91 -52.23 -19.01 -14.59
N ASN K 92 -53.53 -19.16 -14.87
CA ASN K 92 -54.22 -18.36 -15.85
C ASN K 92 -54.61 -17.00 -15.23
N PRO K 93 -54.09 -15.91 -15.82
CA PRO K 93 -54.33 -14.55 -15.32
C PRO K 93 -55.75 -14.06 -15.55
N PRO K 94 -56.46 -13.74 -14.46
CA PRO K 94 -57.81 -13.15 -14.55
C PRO K 94 -57.78 -11.69 -15.04
N ASN K 95 -58.87 -11.23 -15.63
CA ASN K 95 -58.94 -9.86 -16.15
C ASN K 95 -59.78 -8.95 -15.26
N ARG K 96 -59.80 -9.26 -13.97
CA ARG K 96 -60.53 -8.48 -13.00
C ARG K 96 -59.70 -7.32 -12.48
N PRO K 97 -60.37 -6.25 -12.05
CA PRO K 97 -59.66 -5.22 -11.29
C PRO K 97 -59.21 -5.78 -9.94
N PRO K 98 -57.98 -5.47 -9.51
CA PRO K 98 -57.41 -6.04 -8.29
C PRO K 98 -58.24 -5.72 -7.05
N THR K 99 -58.42 -6.72 -6.19
CA THR K 99 -59.24 -6.57 -5.00
C THR K 99 -58.53 -5.79 -3.91
N GLU K 100 -58.62 -6.27 -2.68
CA GLU K 100 -58.01 -5.59 -1.55
C GLU K 100 -56.65 -6.19 -1.19
N ILE K 101 -56.65 -7.47 -0.85
CA ILE K 101 -55.42 -8.15 -0.45
C ILE K 101 -54.41 -8.16 -1.59
N GLU K 102 -54.92 -8.18 -2.82
CA GLU K 102 -54.10 -8.27 -4.02
C GLU K 102 -53.26 -7.00 -4.21
N THR K 103 -53.68 -5.92 -3.59
CA THR K 103 -53.01 -4.62 -3.73
C THR K 103 -51.98 -4.38 -2.62
N SER K 104 -52.45 -4.41 -1.37
CA SER K 104 -51.60 -4.14 -0.21
C SER K 104 -50.41 -5.08 -0.12
N ILE K 105 -50.53 -6.26 -0.71
CA ILE K 105 -49.43 -7.21 -0.76
C ILE K 105 -48.53 -6.88 -1.95
N MET K 106 -49.13 -6.42 -3.04
CA MET K 106 -48.36 -6.00 -4.20
C MET K 106 -47.94 -4.54 -4.10
N ARG K 107 -48.35 -3.87 -3.03
CA ARG K 107 -47.92 -2.51 -2.78
C ARG K 107 -46.48 -2.49 -2.26
N LYS K 108 -46.19 -3.41 -1.35
CA LYS K 108 -44.84 -3.55 -0.80
C LYS K 108 -43.95 -4.32 -1.77
N GLU K 109 -44.56 -4.87 -2.81
CA GLU K 109 -43.80 -5.52 -3.87
C GLU K 109 -43.30 -4.49 -4.87
N VAL K 110 -44.03 -3.38 -4.99
CA VAL K 110 -43.61 -2.32 -5.87
C VAL K 110 -42.91 -1.23 -5.07
N THR K 111 -43.18 -1.18 -3.76
CA THR K 111 -42.46 -0.26 -2.87
C THR K 111 -40.99 -0.65 -2.84
N ASN K 112 -40.73 -1.96 -2.78
CA ASN K 112 -39.36 -2.45 -2.91
C ASN K 112 -38.83 -2.24 -4.33
N MET K 113 -39.70 -2.50 -5.32
CA MET K 113 -39.30 -2.44 -6.71
C MET K 113 -38.96 -1.00 -7.11
N LEU K 114 -39.67 -0.05 -6.52
CA LEU K 114 -39.44 1.37 -6.74
C LEU K 114 -38.08 1.77 -6.19
N THR K 115 -37.71 1.19 -5.06
CA THR K 115 -36.43 1.47 -4.44
C THR K 115 -35.30 1.08 -5.37
N LEU K 116 -35.49 0.00 -6.14
CA LEU K 116 -34.54 -0.44 -7.15
C LEU K 116 -34.33 0.63 -8.21
N LEU K 117 -35.39 1.37 -8.49
CA LEU K 117 -35.31 2.48 -9.43
C LEU K 117 -34.60 3.65 -8.75
N ALA K 118 -34.72 3.71 -7.43
CA ALA K 118 -34.05 4.77 -6.67
C ALA K 118 -32.57 4.48 -6.50
N GLN K 119 -32.19 3.22 -6.74
CA GLN K 119 -30.79 2.82 -6.60
C GLN K 119 -30.00 3.05 -7.88
N ALA K 120 -30.65 2.90 -9.03
CA ALA K 120 -30.00 3.22 -10.29
C ALA K 120 -29.94 4.74 -10.49
N TRP K 121 -30.55 5.48 -9.56
CA TRP K 121 -30.59 6.94 -9.62
C TRP K 121 -29.81 7.59 -8.48
N SER K 122 -29.03 6.80 -7.76
CA SER K 122 -28.26 7.31 -6.61
C SER K 122 -27.00 8.05 -7.06
N ASP K 123 -26.64 7.85 -8.33
CA ASP K 123 -25.48 8.50 -8.90
C ASP K 123 -25.78 9.93 -9.33
N PHE K 124 -27.07 10.25 -9.45
CA PHE K 124 -27.46 11.56 -9.96
C PHE K 124 -28.30 12.33 -8.95
N GLN K 125 -29.21 11.64 -8.29
CA GLN K 125 -29.99 12.24 -7.20
C GLN K 125 -30.71 11.16 -6.42
N TYR K 126 -30.24 10.87 -5.22
CA TYR K 126 -30.90 9.88 -4.39
C TYR K 126 -32.22 10.44 -3.85
N PHE K 127 -33.23 9.58 -3.81
CA PHE K 127 -34.55 9.98 -3.31
C PHE K 127 -35.28 8.79 -2.71
N ILE K 128 -36.05 9.07 -1.67
CA ILE K 128 -36.93 8.07 -1.09
C ILE K 128 -38.25 8.06 -1.85
N PRO K 129 -38.54 6.97 -2.57
CA PRO K 129 -39.82 6.87 -3.27
C PRO K 129 -40.97 6.75 -2.29
N SER K 130 -42.10 7.40 -2.57
CA SER K 130 -43.24 7.31 -1.69
C SER K 130 -44.53 7.35 -2.52
N ILE K 131 -45.24 6.22 -2.55
CA ILE K 131 -46.46 6.13 -3.35
C ILE K 131 -47.50 7.11 -2.81
N GLU K 132 -48.27 7.69 -3.73
CA GLU K 132 -49.29 8.67 -3.35
C GLU K 132 -50.67 8.03 -3.34
N ASN K 133 -51.09 7.51 -4.49
CA ASN K 133 -52.37 6.80 -4.58
C ASN K 133 -52.30 5.68 -5.61
N VAL K 134 -53.33 4.83 -5.64
CA VAL K 134 -53.43 3.75 -6.60
C VAL K 134 -54.85 3.68 -7.15
N GLU K 135 -54.98 3.56 -8.47
CA GLU K 135 -56.29 3.48 -9.09
C GLU K 135 -56.34 2.46 -10.23
N THR K 136 -57.54 2.01 -10.56
CA THR K 136 -57.73 0.92 -11.52
C THR K 136 -58.01 1.42 -12.92
N ASN K 137 -58.63 2.60 -13.00
CA ASN K 137 -59.02 3.18 -14.29
C ASN K 137 -58.14 4.37 -14.69
N PRO K 138 -57.44 4.25 -15.84
CA PRO K 138 -56.55 5.29 -16.36
C PRO K 138 -57.28 6.53 -16.86
N GLN K 139 -58.61 6.48 -16.89
CA GLN K 139 -59.41 7.62 -17.32
C GLN K 139 -59.86 8.43 -16.12
N PHE K 140 -58.93 8.71 -15.21
CA PHE K 140 -59.22 9.49 -14.03
C PHE K 140 -57.93 9.98 -13.36
N VAL K 141 -56.80 9.73 -14.01
CA VAL K 141 -55.51 10.10 -13.44
C VAL K 141 -55.16 11.56 -13.69
N GLN K 142 -54.95 11.91 -14.97
CA GLN K 142 -54.46 13.23 -15.42
C GLN K 142 -53.52 13.89 -14.40
N ILE K 143 -52.30 13.34 -14.31
CA ILE K 143 -51.32 13.79 -13.31
C ILE K 143 -50.70 15.14 -13.70
N VAL K 144 -50.71 15.44 -15.00
CA VAL K 144 -50.17 16.69 -15.53
C VAL K 144 -51.07 17.14 -16.68
N PRO K 145 -50.93 18.42 -17.13
CA PRO K 145 -51.60 18.91 -18.33
C PRO K 145 -51.62 17.89 -19.48
N PRO K 146 -52.83 17.45 -19.88
CA PRO K 146 -53.08 16.33 -20.80
C PRO K 146 -52.18 16.30 -22.04
N ASN K 147 -51.58 17.42 -22.41
CA ASN K 147 -50.65 17.43 -23.54
C ASN K 147 -49.22 17.74 -23.12
N GLU K 148 -48.81 17.20 -21.98
CA GLU K 148 -47.44 17.28 -21.50
C GLU K 148 -46.55 16.30 -22.29
N ILE K 149 -45.25 16.56 -22.33
CA ILE K 149 -44.30 15.63 -22.94
C ILE K 149 -43.66 14.75 -21.87
N VAL K 150 -43.49 13.47 -22.17
CA VAL K 150 -43.06 12.49 -21.17
C VAL K 150 -42.07 11.46 -21.70
N LEU K 151 -41.04 11.19 -20.90
CA LEU K 151 -40.10 10.11 -21.16
C LEU K 151 -40.67 8.78 -20.66
N LEU K 152 -40.84 7.83 -21.57
CA LEU K 152 -41.37 6.53 -21.16
C LEU K 152 -40.31 5.44 -21.24
N VAL K 153 -40.16 4.72 -20.13
CA VAL K 153 -39.31 3.54 -20.08
C VAL K 153 -40.18 2.32 -20.35
N THR K 154 -39.66 1.37 -21.15
CA THR K 154 -40.41 0.15 -21.41
C THR K 154 -39.53 -1.06 -21.17
N ALA K 155 -39.85 -1.78 -20.11
CA ALA K 155 -39.12 -2.98 -19.73
C ALA K 155 -39.90 -4.20 -20.16
N SER K 156 -39.37 -4.92 -21.15
CA SER K 156 -40.04 -6.09 -21.71
C SER K 156 -39.79 -7.32 -20.85
N VAL K 157 -40.73 -7.61 -19.95
CA VAL K 157 -40.60 -8.74 -19.07
C VAL K 157 -41.04 -10.02 -19.77
N SER K 158 -40.11 -10.97 -19.92
CA SER K 158 -40.43 -12.23 -20.57
C SER K 158 -39.86 -13.41 -19.79
N TRP K 159 -40.64 -14.48 -19.68
CA TRP K 159 -40.19 -15.70 -19.02
C TRP K 159 -40.89 -16.94 -19.59
N GLY K 160 -40.09 -17.90 -20.06
CA GLY K 160 -40.62 -19.11 -20.67
C GLY K 160 -41.43 -18.82 -21.92
N GLU K 161 -42.73 -19.13 -21.84
CA GLU K 161 -43.63 -18.88 -22.96
C GLU K 161 -44.30 -17.51 -22.83
N PHE K 162 -44.57 -17.10 -21.60
CA PHE K 162 -45.24 -15.84 -21.33
C PHE K 162 -44.41 -14.61 -21.76
N THR K 163 -45.03 -13.44 -21.73
CA THR K 163 -44.38 -12.17 -22.05
C THR K 163 -45.28 -11.03 -21.60
N SER K 164 -44.73 -10.13 -20.78
CA SER K 164 -45.51 -9.01 -20.25
C SER K 164 -44.72 -7.69 -20.25
N PHE K 165 -45.36 -6.63 -19.74
CA PHE K 165 -44.78 -5.30 -19.81
C PHE K 165 -44.65 -4.59 -18.46
N ILE K 166 -43.57 -3.83 -18.32
CA ILE K 166 -43.40 -2.93 -17.20
C ILE K 166 -42.87 -1.60 -17.72
N ASN K 167 -43.55 -0.52 -17.35
CA ASN K 167 -43.14 0.80 -17.83
C ASN K 167 -43.06 1.87 -16.74
N VAL K 168 -42.12 2.78 -16.89
CA VAL K 168 -41.96 3.89 -15.96
C VAL K 168 -42.24 5.22 -16.66
N CYS K 169 -43.02 6.06 -15.99
CA CYS K 169 -43.53 7.28 -16.60
C CYS K 169 -42.91 8.53 -15.97
N TRP K 170 -42.04 9.19 -16.73
CA TRP K 170 -41.37 10.39 -16.25
C TRP K 170 -41.92 11.66 -16.93
N PRO K 171 -42.60 12.53 -16.15
CA PRO K 171 -43.12 13.79 -16.68
C PRO K 171 -42.05 14.88 -16.78
N PHE K 172 -42.14 15.72 -17.79
CA PHE K 172 -41.18 16.79 -18.03
C PHE K 172 -41.14 17.79 -16.88
N SER K 173 -42.24 17.87 -16.12
CA SER K 173 -42.36 18.83 -15.02
C SER K 173 -41.75 18.32 -13.71
N LEU K 174 -41.02 17.21 -13.78
CA LEU K 174 -40.30 16.69 -12.62
C LEU K 174 -38.82 16.48 -12.96
N LEU K 175 -38.49 16.65 -14.23
CA LEU K 175 -37.12 16.46 -14.70
C LEU K 175 -36.36 17.77 -14.86
N GLU K 176 -37.04 18.90 -14.72
CA GLU K 176 -36.41 20.20 -14.98
C GLU K 176 -35.33 20.62 -13.95
N PRO K 177 -35.46 20.26 -12.66
CA PRO K 177 -34.36 20.76 -11.84
C PRO K 177 -33.12 19.88 -11.93
N LEU K 178 -33.28 18.68 -12.47
CA LEU K 178 -32.18 17.73 -12.61
C LEU K 178 -31.67 17.67 -14.04
N LEU K 179 -32.47 18.21 -14.96
CA LEU K 179 -32.29 18.05 -16.40
C LEU K 179 -30.84 18.10 -16.85
N GLU K 180 -30.18 19.25 -16.67
CA GLU K 180 -28.76 19.36 -16.97
C GLU K 180 -28.08 20.36 -16.03
N LYS K 181 -28.60 20.49 -14.82
CA LYS K 181 -27.83 21.02 -13.71
C LYS K 181 -27.22 19.81 -13.02
N LEU K 182 -27.46 18.64 -13.62
CA LEU K 182 -26.89 17.37 -13.18
C LEU K 182 -26.44 16.53 -14.37
N SER K 183 -25.71 17.16 -15.30
CA SER K 183 -25.14 16.47 -16.47
C SER K 183 -24.08 17.32 -17.17
N GLY L 1 -74.44 -19.51 9.99
CA GLY L 1 -73.40 -19.00 10.86
C GLY L 1 -73.14 -17.52 10.64
N SER L 2 -72.96 -16.78 11.74
CA SER L 2 -72.73 -15.35 11.67
C SER L 2 -71.39 -15.02 11.02
N HIS L 3 -70.48 -15.99 11.01
CA HIS L 3 -69.15 -15.78 10.43
C HIS L 3 -69.00 -16.50 9.09
N MET L 4 -69.97 -17.34 8.74
CA MET L 4 -69.91 -18.07 7.48
C MET L 4 -70.54 -17.29 6.34
N VAL L 5 -71.67 -16.65 6.63
CA VAL L 5 -72.44 -15.91 5.63
C VAL L 5 -71.57 -14.96 4.81
N GLN L 6 -70.76 -14.16 5.48
CA GLN L 6 -69.88 -13.22 4.77
C GLN L 6 -68.78 -13.96 4.02
N LEU L 7 -68.20 -14.96 4.68
CA LEU L 7 -67.06 -15.70 4.16
C LEU L 7 -67.26 -16.28 2.77
N VAL L 8 -68.41 -16.90 2.54
CA VAL L 8 -68.72 -17.47 1.23
C VAL L 8 -68.91 -16.36 0.20
N ASN L 9 -69.64 -15.32 0.58
CA ASN L 9 -69.87 -14.18 -0.29
C ASN L 9 -68.54 -13.47 -0.57
N PHE L 10 -67.64 -13.56 0.40
CA PHE L 10 -66.35 -12.89 0.35
C PHE L 10 -65.38 -13.57 -0.62
N LEU L 11 -65.00 -14.80 -0.30
CA LEU L 11 -64.08 -15.57 -1.11
C LEU L 11 -64.67 -15.93 -2.47
N GLN L 12 -65.94 -15.62 -2.67
CA GLN L 12 -66.60 -15.85 -3.95
C GLN L 12 -65.92 -15.04 -5.05
N SER L 13 -65.47 -13.84 -4.69
CA SER L 13 -64.88 -12.92 -5.64
C SER L 13 -63.37 -12.80 -5.45
N GLU L 14 -62.77 -13.83 -4.87
CA GLU L 14 -61.34 -13.79 -4.56
C GLU L 14 -60.49 -14.65 -5.50
N HIS L 15 -59.18 -14.67 -5.23
CA HIS L 15 -58.25 -15.43 -6.05
C HIS L 15 -58.14 -16.87 -5.55
N PRO L 16 -58.19 -17.84 -6.49
CA PRO L 16 -58.13 -19.27 -6.21
C PRO L 16 -57.01 -19.64 -5.24
N GLN L 17 -55.81 -19.16 -5.51
CA GLN L 17 -54.68 -19.46 -4.65
C GLN L 17 -54.86 -18.81 -3.28
N THR L 18 -55.42 -17.61 -3.26
CA THR L 18 -55.64 -16.91 -1.99
C THR L 18 -56.63 -17.67 -1.12
N ILE L 19 -57.73 -18.10 -1.72
CA ILE L 19 -58.75 -18.89 -1.02
C ILE L 19 -58.12 -20.13 -0.38
N ALA L 20 -57.08 -20.64 -1.03
CA ALA L 20 -56.39 -21.82 -0.54
C ALA L 20 -55.64 -21.53 0.76
N VAL L 21 -54.83 -20.48 0.76
CA VAL L 21 -53.99 -20.19 1.91
C VAL L 21 -54.84 -19.84 3.13
N VAL L 22 -56.03 -19.28 2.89
CA VAL L 22 -56.97 -18.97 3.96
C VAL L 22 -57.44 -20.24 4.68
N LEU L 23 -58.11 -21.12 3.94
CA LEU L 23 -58.71 -22.33 4.49
C LEU L 23 -57.68 -23.33 5.00
N SER L 24 -56.42 -23.09 4.66
CA SER L 24 -55.34 -23.95 5.11
C SER L 24 -55.03 -23.75 6.59
N TYR L 25 -55.28 -22.54 7.07
CA TYR L 25 -55.04 -22.20 8.47
C TYR L 25 -56.37 -22.17 9.23
N LEU L 26 -57.44 -22.35 8.48
CA LEU L 26 -58.77 -22.56 9.04
C LEU L 26 -58.84 -23.91 9.74
N ASP L 27 -59.81 -24.08 10.63
CA ASP L 27 -60.06 -25.40 11.21
C ASP L 27 -60.90 -26.21 10.23
N PRO L 28 -60.42 -27.41 9.86
CA PRO L 28 -61.01 -28.29 8.85
C PRO L 28 -62.54 -28.36 8.83
N PRO L 29 -63.22 -28.43 10.00
CA PRO L 29 -64.68 -28.49 9.93
C PRO L 29 -65.31 -27.31 9.20
N VAL L 30 -64.74 -26.12 9.38
CA VAL L 30 -65.25 -24.92 8.76
C VAL L 30 -64.91 -24.86 7.29
N ALA L 31 -63.68 -25.26 6.97
CA ALA L 31 -63.15 -25.18 5.61
C ALA L 31 -64.03 -25.92 4.61
N ALA L 32 -64.35 -27.17 4.92
CA ALA L 32 -65.18 -27.98 4.04
C ALA L 32 -66.56 -27.35 3.90
N GLN L 33 -67.13 -26.96 5.04
CA GLN L 33 -68.45 -26.34 5.08
C GLN L 33 -68.49 -25.08 4.22
N ILE L 34 -67.38 -24.34 4.24
CA ILE L 34 -67.20 -23.19 3.37
C ILE L 34 -67.08 -23.62 1.92
N LEU L 35 -66.24 -24.62 1.71
CA LEU L 35 -65.92 -25.09 0.36
C LEU L 35 -67.16 -25.59 -0.37
N GLY L 36 -67.92 -26.46 0.29
CA GLY L 36 -69.10 -27.06 -0.31
C GLY L 36 -70.17 -26.08 -0.71
N ALA L 37 -70.13 -24.88 -0.13
CA ALA L 37 -71.11 -23.84 -0.42
C ALA L 37 -70.67 -22.98 -1.60
N LEU L 38 -69.40 -23.10 -1.97
CA LEU L 38 -68.87 -22.40 -3.14
C LEU L 38 -69.28 -23.11 -4.41
N PRO L 39 -69.33 -22.39 -5.54
CA PRO L 39 -69.57 -23.04 -6.83
C PRO L 39 -68.56 -24.14 -7.10
N GLU L 40 -68.92 -25.05 -8.01
CA GLU L 40 -68.13 -26.25 -8.29
C GLU L 40 -66.72 -25.94 -8.80
N GLU L 41 -66.62 -24.95 -9.70
CA GLU L 41 -65.35 -24.65 -10.34
C GLU L 41 -64.28 -24.22 -9.35
N LEU L 42 -64.64 -23.31 -8.45
CA LEU L 42 -63.72 -22.84 -7.43
C LEU L 42 -63.44 -23.94 -6.43
N GLN L 43 -64.35 -24.90 -6.33
CA GLN L 43 -64.20 -25.99 -5.37
C GLN L 43 -63.09 -26.94 -5.79
N THR L 44 -63.07 -27.32 -7.06
CA THR L 44 -62.06 -28.24 -7.57
C THR L 44 -60.70 -27.56 -7.68
N GLU L 45 -60.71 -26.29 -8.09
CA GLU L 45 -59.46 -25.55 -8.31
C GLU L 45 -58.74 -25.22 -7.00
N VAL L 46 -59.49 -24.88 -5.97
CA VAL L 46 -58.90 -24.60 -4.66
C VAL L 46 -58.32 -25.86 -4.05
N LEU L 47 -59.11 -26.94 -4.09
CA LEU L 47 -58.72 -28.21 -3.50
C LEU L 47 -57.41 -28.74 -4.05
N LYS L 48 -57.32 -28.84 -5.37
CA LYS L 48 -56.10 -29.34 -6.01
C LYS L 48 -54.99 -28.29 -6.01
N ARG L 49 -55.24 -27.16 -5.35
CA ARG L 49 -54.22 -26.14 -5.16
C ARG L 49 -53.70 -26.15 -3.73
N ILE L 50 -54.58 -26.47 -2.78
CA ILE L 50 -54.16 -26.63 -1.38
C ILE L 50 -53.24 -27.82 -1.27
N ALA L 51 -53.45 -28.79 -2.14
CA ALA L 51 -52.60 -29.97 -2.22
C ALA L 51 -51.20 -29.59 -2.67
N LEU L 52 -51.06 -28.43 -3.30
CA LEU L 52 -49.80 -28.07 -3.91
C LEU L 52 -49.18 -26.79 -3.35
N LEU L 53 -49.52 -26.44 -2.11
CA LEU L 53 -48.86 -25.30 -1.49
C LEU L 53 -48.04 -25.78 -0.30
N GLU L 54 -46.73 -25.83 -0.52
CA GLU L 54 -45.79 -26.32 0.47
C GLU L 54 -45.07 -25.16 1.14
N ARG L 55 -44.56 -24.25 0.33
CA ARG L 55 -43.89 -23.07 0.85
C ARG L 55 -44.82 -21.88 0.84
N THR L 56 -45.56 -21.74 1.93
CA THR L 56 -46.35 -20.55 2.17
C THR L 56 -45.40 -19.39 2.44
N SER L 57 -45.95 -18.19 2.58
CA SER L 57 -45.11 -17.04 2.88
C SER L 57 -45.53 -16.42 4.21
N PRO L 58 -44.68 -16.57 5.23
CA PRO L 58 -44.90 -16.26 6.65
C PRO L 58 -45.43 -14.86 6.90
N GLU L 59 -45.15 -13.92 6.02
CA GLU L 59 -45.69 -12.58 6.22
C GLU L 59 -46.97 -12.40 5.43
N VAL L 60 -47.02 -12.98 4.24
CA VAL L 60 -48.20 -12.91 3.40
C VAL L 60 -49.46 -13.39 4.13
N VAL L 61 -49.28 -14.40 4.99
CA VAL L 61 -50.39 -14.91 5.78
C VAL L 61 -50.87 -13.86 6.78
N LYS L 62 -49.98 -13.44 7.68
CA LYS L 62 -50.36 -12.51 8.73
C LYS L 62 -50.46 -11.08 8.21
N GLU L 63 -50.32 -10.92 6.90
CA GLU L 63 -50.67 -9.65 6.28
C GLU L 63 -52.16 -9.68 6.00
N ILE L 64 -52.72 -10.87 5.82
CA ILE L 64 -54.15 -11.02 5.62
C ILE L 64 -54.83 -11.14 6.98
N GLU L 65 -54.05 -11.46 8.00
CA GLU L 65 -54.54 -11.48 9.38
C GLU L 65 -55.03 -10.09 9.82
N ARG L 66 -54.19 -9.06 9.64
CA ARG L 66 -54.55 -7.70 10.02
C ARG L 66 -55.62 -7.14 9.07
N ASN L 67 -55.93 -7.89 8.02
CA ASN L 67 -57.03 -7.54 7.14
C ASN L 67 -57.93 -8.73 6.91
N LEU L 68 -58.49 -9.25 7.99
CA LEU L 68 -59.54 -10.25 7.93
C LEU L 68 -60.36 -10.06 9.19
N GLU L 69 -59.83 -9.26 10.11
CA GLU L 69 -60.58 -8.80 11.27
C GLU L 69 -61.36 -7.55 10.87
N LYS L 70 -61.50 -7.37 9.57
CA LYS L 70 -62.15 -6.19 9.00
C LYS L 70 -63.66 -6.37 8.86
N LYS L 71 -64.10 -7.24 7.95
CA LYS L 71 -65.52 -7.45 7.70
C LYS L 71 -66.11 -8.48 8.66
N ILE L 72 -65.26 -9.40 9.11
CA ILE L 72 -65.63 -10.29 10.21
C ILE L 72 -64.92 -9.77 11.45
N SER L 73 -65.65 -9.03 12.27
CA SER L 73 -65.07 -8.31 13.41
C SER L 73 -64.72 -9.20 14.59
N GLY L 74 -64.71 -10.51 14.36
CA GLY L 74 -64.40 -11.47 15.42
C GLY L 74 -63.58 -12.63 14.91
N PHE L 75 -62.32 -12.70 15.36
CA PHE L 75 -61.44 -13.80 14.97
C PHE L 75 -61.40 -14.87 16.06
N LYS M 1 18.54 -8.08 -6.41
CA LYS M 1 17.25 -7.92 -7.07
C LYS M 1 17.23 -8.62 -8.43
N PHE M 2 16.15 -9.35 -8.69
CA PHE M 2 15.95 -9.99 -9.98
C PHE M 2 15.54 -8.99 -11.05
N SER M 3 15.42 -9.49 -12.27
CA SER M 3 14.97 -8.68 -13.40
C SER M 3 13.67 -9.24 -13.94
N LYS M 4 13.24 -8.72 -15.09
CA LYS M 4 12.11 -9.29 -15.82
C LYS M 4 12.66 -9.89 -17.11
N GLU M 5 13.98 -9.79 -17.23
CA GLU M 5 14.75 -10.54 -18.21
C GLU M 5 15.23 -11.83 -17.53
N GLN M 6 14.81 -11.98 -16.29
CA GLN M 6 15.14 -13.16 -15.50
C GLN M 6 13.86 -13.84 -14.99
N LEU M 7 12.72 -13.16 -15.07
CA LEU M 7 11.42 -13.81 -14.88
C LEU M 7 11.24 -14.73 -16.08
N ARG M 8 11.77 -14.25 -17.20
CA ARG M 8 12.12 -15.03 -18.40
C ARG M 8 11.54 -16.43 -18.49
N THR M 9 12.41 -17.42 -18.36
CA THR M 9 12.04 -18.82 -18.52
C THR M 9 11.42 -19.39 -17.25
N PHE M 10 11.59 -18.66 -16.14
CA PHE M 10 11.00 -19.08 -14.88
C PHE M 10 9.49 -19.15 -14.97
N GLN M 11 8.90 -18.32 -15.83
CA GLN M 11 7.46 -18.36 -16.05
C GLN M 11 7.08 -19.55 -16.93
N MET M 12 8.07 -20.20 -17.53
CA MET M 12 7.85 -21.40 -18.32
C MET M 12 8.27 -22.64 -17.56
N ILE M 13 9.49 -22.61 -17.03
CA ILE M 13 10.08 -23.76 -16.36
C ILE M 13 9.18 -24.28 -15.24
N HIS M 14 8.64 -23.36 -14.45
CA HIS M 14 7.81 -23.76 -13.31
C HIS M 14 6.32 -23.92 -13.68
N GLU M 15 5.91 -23.32 -14.79
CA GLU M 15 4.55 -23.53 -15.30
C GLU M 15 4.52 -24.86 -16.05
N ASN M 16 5.68 -25.28 -16.55
CA ASN M 16 5.83 -26.61 -17.14
C ASN M 16 5.87 -27.65 -16.03
N PHE M 17 6.37 -27.25 -14.87
CA PHE M 17 6.37 -28.09 -13.67
C PHE M 17 4.94 -28.26 -13.19
N GLY M 18 4.14 -27.22 -13.39
CA GLY M 18 2.75 -27.21 -12.95
C GLY M 18 1.88 -28.24 -13.64
N ARG M 19 2.26 -28.61 -14.86
CA ARG M 19 1.52 -29.60 -15.61
C ARG M 19 1.96 -31.01 -15.23
N ALA M 20 3.23 -31.15 -14.88
CA ALA M 20 3.74 -32.43 -14.39
C ALA M 20 3.23 -32.65 -12.98
N LEU M 21 3.03 -31.54 -12.27
CA LEU M 21 2.50 -31.57 -10.92
C LEU M 21 1.03 -31.98 -10.94
N SER M 22 0.31 -31.53 -11.96
CA SER M 22 -1.12 -31.76 -12.05
C SER M 22 -1.44 -33.18 -12.53
N THR M 23 -0.55 -33.78 -13.31
CA THR M 23 -0.76 -35.13 -13.79
C THR M 23 -0.36 -36.14 -12.73
N TYR M 24 0.67 -35.80 -11.95
CA TYR M 24 1.10 -36.64 -10.85
C TYR M 24 0.07 -36.64 -9.73
N LEU M 25 -0.60 -35.51 -9.55
CA LEU M 25 -1.58 -35.34 -8.47
C LEU M 25 -2.99 -35.78 -8.87
N SER M 26 -3.25 -35.88 -10.18
CA SER M 26 -4.56 -36.31 -10.65
C SER M 26 -4.67 -37.84 -10.65
N GLY M 27 -3.53 -38.51 -10.53
CA GLY M 27 -3.50 -39.95 -10.39
C GLY M 27 -3.23 -40.34 -8.95
N ARG M 28 -2.80 -39.34 -8.17
CA ARG M 28 -2.48 -39.56 -6.77
C ARG M 28 -3.73 -39.40 -5.91
N LEU M 29 -4.49 -38.35 -6.16
CA LEU M 29 -5.71 -38.08 -5.41
C LEU M 29 -6.91 -38.80 -6.01
N ARG M 30 -6.67 -39.62 -7.04
CA ARG M 30 -7.70 -40.44 -7.66
C ARG M 30 -8.88 -39.59 -8.16
N THR M 31 -8.57 -38.42 -8.69
CA THR M 31 -9.57 -37.54 -9.29
C THR M 31 -8.84 -36.46 -10.08
N PHE M 32 -9.58 -35.59 -10.74
CA PHE M 32 -8.97 -34.52 -11.52
C PHE M 32 -8.46 -33.40 -10.62
N VAL M 33 -7.20 -33.03 -10.80
CA VAL M 33 -6.58 -31.94 -10.05
C VAL M 33 -6.16 -30.82 -10.99
N ASP M 34 -6.51 -29.58 -10.64
CA ASP M 34 -6.19 -28.43 -11.47
C ASP M 34 -5.09 -27.59 -10.82
N VAL M 35 -4.01 -27.35 -11.56
CA VAL M 35 -2.86 -26.61 -11.02
C VAL M 35 -2.48 -25.43 -11.90
N GLU M 36 -2.34 -24.25 -11.30
CA GLU M 36 -1.84 -23.08 -12.00
C GLU M 36 -0.70 -22.42 -11.23
N ILE M 37 0.34 -22.04 -11.95
CA ILE M 37 1.56 -21.53 -11.32
C ILE M 37 1.68 -20.01 -11.34
N SER M 38 1.80 -19.43 -10.15
CA SER M 38 2.05 -18.00 -10.00
C SER M 38 3.44 -17.82 -9.42
N ILE M 39 4.26 -17.01 -10.08
CA ILE M 39 5.63 -16.79 -9.63
C ILE M 39 5.84 -15.32 -9.27
N ASP M 40 6.61 -15.08 -8.22
CA ASP M 40 6.79 -13.71 -7.69
C ASP M 40 8.19 -13.42 -7.16
N GLN M 41 8.40 -12.18 -6.73
CA GLN M 41 9.65 -11.76 -6.12
C GLN M 41 9.37 -11.26 -4.71
N LEU M 42 9.96 -11.92 -3.73
CA LEU M 42 9.77 -11.53 -2.33
C LEU M 42 11.06 -11.62 -1.54
N THR M 43 11.02 -11.13 -0.31
CA THR M 43 12.13 -11.26 0.61
C THR M 43 11.97 -12.57 1.36
N TYR M 44 13.04 -13.01 2.00
CA TYR M 44 13.01 -14.24 2.76
C TYR M 44 12.15 -14.09 4.01
N GLU M 45 12.29 -12.95 4.68
CA GLU M 45 11.51 -12.67 5.89
C GLU M 45 10.02 -12.56 5.57
N GLU M 46 9.71 -12.04 4.38
CA GLU M 46 8.32 -11.89 3.94
C GLU M 46 7.66 -13.25 3.78
N PHE M 47 8.41 -14.17 3.19
CA PHE M 47 7.91 -15.48 2.86
C PHE M 47 7.73 -16.36 4.09
N ILE M 48 8.55 -16.12 5.10
CA ILE M 48 8.54 -16.96 6.31
C ILE M 48 7.29 -16.70 7.16
N ARG M 49 6.67 -15.54 6.97
CA ARG M 49 5.40 -15.22 7.63
C ARG M 49 4.23 -15.72 6.78
N SER M 50 4.42 -15.74 5.46
CA SER M 50 3.39 -16.18 4.52
C SER M 50 3.10 -17.68 4.63
N VAL M 51 3.87 -18.36 5.48
CA VAL M 51 3.68 -19.79 5.71
C VAL M 51 2.97 -20.04 7.03
N MET M 52 1.82 -20.69 6.95
CA MET M 52 1.01 -20.97 8.14
C MET M 52 1.78 -21.84 9.12
N ILE M 53 1.35 -21.81 10.38
CA ILE M 53 1.94 -22.66 11.40
C ILE M 53 0.84 -23.48 12.07
N PRO M 54 1.01 -24.81 12.14
CA PRO M 54 2.16 -25.55 11.61
C PRO M 54 1.97 -25.87 10.13
N SER M 55 3.03 -26.31 9.47
CA SER M 55 2.96 -26.62 8.04
C SER M 55 4.06 -27.61 7.67
N PHE M 56 3.93 -28.24 6.52
CA PHE M 56 4.91 -29.23 6.09
C PHE M 56 5.96 -28.58 5.18
N ILE M 57 7.21 -28.59 5.65
CA ILE M 57 8.29 -27.89 4.95
C ILE M 57 9.50 -28.80 4.71
N VAL M 58 9.99 -28.85 3.47
CA VAL M 58 11.20 -29.59 3.15
C VAL M 58 12.24 -28.66 2.50
N ILE M 59 13.50 -28.77 2.92
CA ILE M 59 14.54 -27.83 2.46
C ILE M 59 15.70 -28.47 1.69
N PHE M 60 15.42 -28.89 0.46
CA PHE M 60 16.34 -29.72 -0.33
C PHE M 60 17.60 -29.04 -0.86
N THR M 61 18.39 -29.82 -1.59
CA THR M 61 19.63 -29.35 -2.19
C THR M 61 19.99 -30.23 -3.39
N GLY M 62 21.16 -30.00 -3.96
CA GLY M 62 21.56 -30.75 -5.15
C GLY M 62 23.05 -30.78 -5.40
N ASP M 63 23.43 -31.34 -6.56
CA ASP M 63 24.82 -31.48 -6.94
C ASP M 63 25.43 -30.13 -7.26
N VAL M 64 24.92 -29.51 -8.32
CA VAL M 64 25.41 -28.20 -8.75
C VAL M 64 25.09 -27.13 -7.71
N PHE M 65 24.18 -27.45 -6.79
CA PHE M 65 23.79 -26.53 -5.73
C PHE M 65 24.67 -26.66 -4.49
N GLU M 66 25.44 -25.62 -4.22
CA GLU M 66 26.05 -25.48 -2.91
C GLU M 66 25.21 -24.50 -2.11
N GLY M 67 24.20 -25.04 -1.45
CA GLY M 67 23.21 -24.26 -0.73
C GLY M 67 21.94 -25.10 -0.64
N SER M 68 20.85 -24.48 -0.20
CA SER M 68 19.59 -25.22 -0.06
C SER M 68 18.39 -24.33 -0.38
N ALA M 69 17.25 -24.97 -0.63
CA ALA M 69 16.04 -24.26 -1.06
C ALA M 69 14.79 -24.93 -0.48
N ILE M 70 13.72 -24.16 -0.31
CA ILE M 70 12.54 -24.60 0.43
C ILE M 70 11.38 -25.10 -0.42
N PHE M 71 10.86 -26.28 -0.06
CA PHE M 71 9.61 -26.79 -0.62
C PHE M 71 8.54 -26.81 0.47
N GLU M 72 7.45 -26.08 0.22
CA GLU M 72 6.41 -25.90 1.24
C GLU M 72 5.07 -26.50 0.82
N MET M 73 4.34 -27.05 1.79
CA MET M 73 3.00 -27.59 1.54
C MET M 73 2.08 -27.29 2.73
N ARG M 74 0.92 -26.71 2.46
CA ARG M 74 -0.06 -26.45 3.52
C ARG M 74 -0.63 -27.78 4.03
N LEU M 75 -1.10 -27.78 5.28
CA LEU M 75 -1.56 -29.02 5.91
C LEU M 75 -2.89 -29.53 5.37
N ASP M 76 -3.74 -28.64 4.87
CA ASP M 76 -5.04 -29.05 4.34
C ASP M 76 -4.87 -29.84 3.06
N LEU M 77 -3.67 -29.85 2.50
CA LEU M 77 -3.36 -30.67 1.33
C LEU M 77 -2.47 -31.83 1.73
N PHE M 78 -1.79 -31.68 2.86
CA PHE M 78 -0.91 -32.73 3.37
C PHE M 78 -1.71 -33.95 3.84
N TYR M 79 -2.77 -33.71 4.60
CA TYR M 79 -3.58 -34.80 5.14
C TYR M 79 -4.62 -35.29 4.16
N THR M 80 -5.11 -34.40 3.30
CA THR M 80 -6.04 -34.78 2.25
C THR M 80 -5.34 -35.71 1.27
N MET M 81 -4.01 -35.66 1.27
CA MET M 81 -3.21 -36.55 0.43
C MET M 81 -2.88 -37.85 1.16
N LEU M 82 -2.59 -37.75 2.46
CA LEU M 82 -2.36 -38.92 3.29
C LEU M 82 -3.60 -39.82 3.34
N ASP M 83 -4.75 -39.19 3.52
CA ASP M 83 -6.02 -39.89 3.56
C ASP M 83 -6.20 -40.80 2.34
N ILE M 84 -5.94 -40.25 1.15
CA ILE M 84 -6.27 -40.92 -0.10
C ILE M 84 -5.48 -42.19 -0.34
N ILE M 85 -4.16 -42.13 -0.17
CA ILE M 85 -3.33 -43.29 -0.44
C ILE M 85 -3.66 -44.44 0.49
N MET M 86 -4.20 -44.13 1.66
CA MET M 86 -4.57 -45.15 2.63
C MET M 86 -6.05 -45.53 2.59
N GLY M 87 -6.67 -45.32 1.43
CA GLY M 87 -8.05 -45.73 1.21
C GLY M 87 -9.09 -44.88 1.90
N GLY M 88 -8.76 -43.61 2.13
CA GLY M 88 -9.70 -42.68 2.76
C GLY M 88 -10.28 -41.72 1.75
N PRO M 89 -11.37 -41.04 2.13
CA PRO M 89 -12.03 -40.09 1.23
C PRO M 89 -11.33 -38.72 1.18
N GLY M 90 -10.79 -38.28 2.32
CA GLY M 90 -10.26 -36.94 2.43
C GLY M 90 -11.15 -36.15 3.36
N GLU M 91 -11.49 -36.80 4.47
CA GLU M 91 -12.33 -36.27 5.56
C GLU M 91 -12.27 -34.76 5.74
N ASN M 92 -11.32 -34.33 6.55
CA ASN M 92 -11.05 -32.92 6.75
C ASN M 92 -9.63 -32.81 7.28
N PRO M 93 -9.00 -31.67 7.04
CA PRO M 93 -7.65 -31.48 7.56
C PRO M 93 -7.61 -31.39 9.09
N PRO M 94 -6.83 -32.27 9.72
CA PRO M 94 -6.51 -32.13 11.14
C PRO M 94 -5.39 -31.09 11.35
N ASN M 95 -5.69 -29.96 11.97
CA ASN M 95 -4.65 -28.94 12.16
C ASN M 95 -3.68 -29.35 13.27
N ARG M 96 -2.75 -30.25 12.93
CA ARG M 96 -1.72 -30.70 13.87
C ARG M 96 -0.43 -31.06 13.13
N PRO M 97 0.72 -31.00 13.82
CA PRO M 97 1.94 -31.47 13.17
C PRO M 97 1.85 -32.95 12.82
N PRO M 98 2.50 -33.36 11.72
CA PRO M 98 2.45 -34.74 11.23
C PRO M 98 3.28 -35.70 12.07
N THR M 99 2.72 -36.88 12.35
CA THR M 99 3.42 -37.92 13.12
C THR M 99 4.40 -38.70 12.26
N GLU M 100 5.25 -39.48 12.93
CA GLU M 100 6.35 -40.19 12.27
C GLU M 100 5.89 -41.13 11.16
N ILE M 101 4.72 -41.72 11.33
CA ILE M 101 4.11 -42.50 10.26
C ILE M 101 3.86 -41.60 9.05
N GLU M 102 3.15 -40.51 9.29
CA GLU M 102 2.66 -39.65 8.22
C GLU M 102 3.76 -38.90 7.49
N THR M 103 4.88 -38.65 8.16
CA THR M 103 5.99 -37.93 7.54
C THR M 103 6.86 -38.84 6.66
N SER M 104 7.32 -39.95 7.22
CA SER M 104 8.19 -40.85 6.47
C SER M 104 7.43 -41.45 5.29
N ILE M 105 6.10 -41.52 5.41
CA ILE M 105 5.23 -41.91 4.29
C ILE M 105 5.21 -40.85 3.21
N MET M 106 5.16 -39.59 3.62
CA MET M 106 5.02 -38.49 2.66
C MET M 106 6.37 -38.04 2.11
N ARG M 107 7.44 -38.40 2.80
CA ARG M 107 8.79 -38.03 2.34
C ARG M 107 9.06 -38.60 0.95
N LYS M 108 8.64 -39.84 0.72
CA LYS M 108 8.79 -40.50 -0.57
C LYS M 108 7.79 -39.93 -1.59
N GLU M 109 6.80 -39.18 -1.09
CA GLU M 109 5.82 -38.53 -1.97
C GLU M 109 6.36 -37.22 -2.49
N VAL M 110 6.87 -36.39 -1.60
CA VAL M 110 7.46 -35.13 -2.02
C VAL M 110 8.76 -35.39 -2.76
N THR M 111 9.47 -36.47 -2.42
CA THR M 111 10.71 -36.79 -3.12
C THR M 111 10.40 -37.22 -4.55
N ASN M 112 9.34 -38.00 -4.74
CA ASN M 112 8.89 -38.34 -6.09
C ASN M 112 8.36 -37.11 -6.82
N MET M 113 7.89 -36.14 -6.05
CA MET M 113 7.31 -34.92 -6.60
C MET M 113 8.40 -33.91 -6.96
N LEU M 114 9.54 -34.07 -6.32
CA LEU M 114 10.67 -33.16 -6.51
C LEU M 114 11.49 -33.55 -7.71
N THR M 115 11.40 -34.82 -8.11
CA THR M 115 12.08 -35.25 -9.32
C THR M 115 11.25 -34.80 -10.51
N LEU M 116 10.04 -34.32 -10.23
CA LEU M 116 9.24 -33.66 -11.26
C LEU M 116 9.75 -32.25 -11.50
N LEU M 117 10.35 -31.67 -10.47
CA LEU M 117 10.91 -30.34 -10.58
C LEU M 117 12.18 -30.38 -11.41
N ALA M 118 13.06 -31.33 -11.09
CA ALA M 118 14.35 -31.45 -11.78
C ALA M 118 14.19 -31.87 -13.24
N GLN M 119 12.98 -32.31 -13.60
CA GLN M 119 12.67 -32.62 -14.99
C GLN M 119 12.21 -31.37 -15.73
N ALA M 120 11.66 -30.40 -15.00
CA ALA M 120 11.30 -29.14 -15.61
C ALA M 120 12.55 -28.27 -15.81
N TRP M 121 13.60 -28.56 -15.04
CA TRP M 121 14.86 -27.82 -15.13
C TRP M 121 15.89 -28.52 -16.01
N SER M 122 15.49 -29.64 -16.60
CA SER M 122 16.41 -30.46 -17.38
C SER M 122 16.83 -29.78 -18.68
N ASP M 123 16.10 -28.74 -19.07
CA ASP M 123 16.48 -27.94 -20.23
C ASP M 123 17.79 -27.19 -19.95
N PHE M 124 17.97 -26.75 -18.70
CA PHE M 124 19.11 -25.91 -18.34
C PHE M 124 20.14 -26.65 -17.48
N GLN M 125 19.71 -27.17 -16.34
CA GLN M 125 20.58 -27.96 -15.48
C GLN M 125 19.96 -29.28 -15.06
N TYR M 126 20.70 -30.35 -15.27
CA TYR M 126 20.40 -31.58 -14.58
C TYR M 126 20.80 -31.37 -13.13
N PHE M 127 19.99 -31.87 -12.21
CA PHE M 127 20.36 -31.86 -10.80
C PHE M 127 19.48 -32.83 -10.05
N ILE M 128 20.11 -33.67 -9.24
CA ILE M 128 19.40 -34.68 -8.48
C ILE M 128 19.08 -34.13 -7.10
N PRO M 129 17.80 -33.84 -6.86
CA PRO M 129 17.39 -33.27 -5.57
C PRO M 129 17.75 -34.22 -4.44
N SER M 130 18.19 -33.70 -3.30
CA SER M 130 18.60 -34.55 -2.19
C SER M 130 17.84 -34.25 -0.90
N ILE M 131 17.07 -35.21 -0.41
CA ILE M 131 16.35 -35.05 0.85
C ILE M 131 17.38 -34.92 1.98
N GLU M 132 17.04 -34.16 3.03
CA GLU M 132 18.05 -33.75 4.01
C GLU M 132 17.53 -33.48 5.44
N ASN M 133 16.56 -32.58 5.59
CA ASN M 133 16.07 -32.16 6.90
C ASN M 133 14.68 -31.54 6.80
N VAL M 134 13.76 -32.03 7.62
CA VAL M 134 12.37 -31.59 7.54
C VAL M 134 11.92 -30.96 8.85
N GLU M 135 11.14 -29.90 8.74
CA GLU M 135 10.56 -29.23 9.91
C GLU M 135 9.13 -28.80 9.64
N THR M 136 8.44 -28.41 10.71
CA THR M 136 7.03 -28.06 10.61
C THR M 136 6.74 -26.68 11.14
N ASN M 137 7.79 -25.97 11.55
CA ASN M 137 7.62 -24.57 11.95
C ASN M 137 8.49 -23.66 11.11
N PRO M 138 7.85 -22.71 10.41
CA PRO M 138 8.59 -21.76 9.60
C PRO M 138 9.55 -20.90 10.42
N GLN M 139 9.14 -20.45 11.61
CA GLN M 139 10.01 -19.57 12.39
C GLN M 139 11.27 -20.28 12.91
N PHE M 140 11.60 -21.44 12.33
CA PHE M 140 12.75 -22.22 12.76
C PHE M 140 13.72 -22.57 11.65
N VAL M 141 13.39 -22.16 10.42
CA VAL M 141 14.17 -22.65 9.27
C VAL M 141 15.43 -21.83 8.97
N GLN M 142 15.28 -20.53 8.73
CA GLN M 142 16.35 -19.62 8.28
C GLN M 142 17.52 -20.28 7.54
N ILE M 143 17.32 -20.53 6.24
CA ILE M 143 18.37 -21.10 5.41
C ILE M 143 19.35 -20.01 4.97
N VAL M 144 18.80 -18.83 4.69
CA VAL M 144 19.61 -17.69 4.27
C VAL M 144 19.26 -16.47 5.12
N PRO M 145 20.12 -15.43 5.10
CA PRO M 145 19.78 -14.15 5.71
C PRO M 145 18.35 -13.73 5.42
N PRO M 146 17.61 -13.31 6.46
CA PRO M 146 16.21 -12.90 6.34
C PRO M 146 16.01 -11.75 5.36
N ASN M 147 17.09 -11.05 5.01
CA ASN M 147 17.00 -9.96 4.03
C ASN M 147 17.62 -10.36 2.71
N GLU M 148 17.16 -11.46 2.14
CA GLU M 148 17.57 -11.85 0.80
C GLU M 148 16.35 -11.89 -0.12
N ILE M 149 16.48 -11.28 -1.29
CA ILE M 149 15.41 -11.33 -2.27
C ILE M 149 15.35 -12.75 -2.82
N VAL M 150 14.14 -13.30 -2.92
CA VAL M 150 13.96 -14.69 -3.29
C VAL M 150 12.87 -14.85 -4.33
N LEU M 151 13.14 -15.71 -5.31
CA LEU M 151 12.14 -16.10 -6.29
C LEU M 151 11.21 -17.18 -5.73
N LEU M 152 9.95 -16.84 -5.55
CA LEU M 152 8.98 -17.77 -4.99
C LEU M 152 8.05 -18.32 -6.06
N VAL M 153 7.83 -19.64 -6.04
CA VAL M 153 6.94 -20.29 -7.00
C VAL M 153 5.74 -20.90 -6.28
N THR M 154 4.57 -20.32 -6.49
CA THR M 154 3.37 -20.75 -5.79
C THR M 154 2.46 -21.57 -6.69
N ALA M 155 2.22 -22.82 -6.30
CA ALA M 155 1.36 -23.70 -7.08
C ALA M 155 -0.04 -23.78 -6.48
N SER M 156 -1.00 -23.22 -7.19
CA SER M 156 -2.38 -23.22 -6.73
C SER M 156 -3.03 -24.58 -7.01
N VAL M 157 -3.05 -25.43 -5.99
CA VAL M 157 -3.66 -26.74 -6.13
C VAL M 157 -5.13 -26.71 -5.71
N SER M 158 -6.02 -26.90 -6.68
CA SER M 158 -7.47 -26.82 -6.42
C SER M 158 -8.22 -27.93 -7.15
N TRP M 159 -9.27 -28.45 -6.51
CA TRP M 159 -10.05 -29.55 -7.09
C TRP M 159 -11.45 -29.65 -6.48
N GLY M 160 -12.46 -29.70 -7.36
CA GLY M 160 -13.84 -29.88 -6.94
C GLY M 160 -14.38 -28.79 -6.05
N GLU M 161 -13.92 -28.78 -4.80
CA GLU M 161 -14.36 -27.78 -3.83
C GLU M 161 -13.17 -27.20 -3.09
N PHE M 162 -12.25 -28.07 -2.67
CA PHE M 162 -11.06 -27.63 -1.96
C PHE M 162 -10.12 -26.84 -2.85
N THR M 163 -9.13 -26.19 -2.23
CA THR M 163 -8.09 -25.45 -2.92
C THR M 163 -6.93 -25.15 -1.95
N SER M 164 -5.71 -25.49 -2.37
CA SER M 164 -4.55 -25.27 -1.49
C SER M 164 -3.35 -24.69 -2.23
N PHE M 165 -2.21 -24.67 -1.55
CA PHE M 165 -1.00 -24.04 -2.08
C PHE M 165 0.25 -24.85 -1.83
N ILE M 166 1.10 -24.92 -2.86
CA ILE M 166 2.42 -25.52 -2.75
C ILE M 166 3.46 -24.46 -3.07
N ASN M 167 4.38 -24.21 -2.14
CA ASN M 167 5.39 -23.18 -2.37
C ASN M 167 6.79 -23.74 -2.56
N VAL M 168 7.43 -23.32 -3.65
CA VAL M 168 8.82 -23.64 -3.90
C VAL M 168 9.66 -22.38 -3.91
N CYS M 169 10.59 -22.27 -2.97
CA CYS M 169 11.41 -21.08 -2.85
C CYS M 169 12.77 -21.26 -3.50
N TRP M 170 13.18 -20.27 -4.27
CA TRP M 170 14.50 -20.26 -4.85
C TRP M 170 15.24 -19.00 -4.40
N PRO M 171 16.09 -19.12 -3.39
CA PRO M 171 16.85 -17.97 -2.88
C PRO M 171 17.81 -17.40 -3.92
N PHE M 172 18.11 -16.12 -3.81
CA PHE M 172 19.06 -15.45 -4.70
C PHE M 172 20.39 -16.19 -4.74
N SER M 173 20.89 -16.57 -3.56
CA SER M 173 22.22 -17.14 -3.40
C SER M 173 22.48 -18.43 -4.18
N LEU M 174 21.43 -19.14 -4.56
CA LEU M 174 21.60 -20.42 -5.25
C LEU M 174 21.45 -20.29 -6.76
N LEU M 175 20.98 -19.14 -7.21
CA LEU M 175 20.66 -18.96 -8.63
C LEU M 175 21.65 -18.05 -9.34
N GLU M 176 22.71 -17.66 -8.63
CA GLU M 176 23.70 -16.71 -9.17
C GLU M 176 24.80 -17.33 -10.04
N PRO M 177 25.35 -18.50 -9.65
CA PRO M 177 26.33 -19.08 -10.57
C PRO M 177 25.66 -19.69 -11.81
N LEU M 178 24.53 -19.13 -12.22
CA LEU M 178 23.70 -19.74 -13.24
C LEU M 178 22.94 -18.69 -14.05
N LEU M 179 22.41 -17.69 -13.34
CA LEU M 179 21.60 -16.67 -13.98
C LEU M 179 22.37 -16.00 -15.12
N GLU M 180 23.68 -15.85 -14.95
CA GLU M 180 24.52 -15.22 -15.97
C GLU M 180 25.62 -16.16 -16.46
N LYS M 181 25.23 -17.42 -16.68
CA LYS M 181 26.11 -18.40 -17.31
C LYS M 181 25.29 -19.25 -18.28
N LEU M 182 24.05 -19.54 -17.91
CA LEU M 182 23.16 -20.32 -18.77
C LEU M 182 21.77 -19.67 -18.86
N SER M 183 21.71 -18.51 -19.48
CA SER M 183 20.46 -17.79 -19.70
C SER M 183 20.63 -16.64 -20.72
N GLY N 1 -2.62 -56.96 28.22
CA GLY N 1 -1.17 -57.03 28.19
C GLY N 1 -0.50 -55.72 27.79
N SER N 2 0.83 -55.73 27.79
CA SER N 2 1.60 -54.54 27.41
C SER N 2 1.42 -54.19 25.95
N HIS N 3 1.18 -55.20 25.11
CA HIS N 3 1.06 -54.97 23.67
C HIS N 3 -0.33 -54.47 23.28
N MET N 4 -1.28 -54.52 24.21
CA MET N 4 -2.55 -53.84 24.00
C MET N 4 -2.40 -52.37 24.31
N VAL N 5 -1.80 -52.10 25.45
CA VAL N 5 -1.64 -50.73 25.95
C VAL N 5 -0.68 -49.92 25.08
N GLN N 6 0.43 -50.52 24.68
CA GLN N 6 1.43 -49.83 23.85
C GLN N 6 0.85 -49.43 22.50
N LEU N 7 -0.19 -50.13 22.06
CA LEU N 7 -0.86 -49.81 20.80
C LEU N 7 -1.90 -48.71 20.94
N VAL N 8 -2.71 -48.81 21.99
CA VAL N 8 -3.83 -47.89 22.17
C VAL N 8 -3.38 -46.43 22.26
N ASN N 9 -2.50 -46.13 23.21
CA ASN N 9 -2.01 -44.77 23.38
C ASN N 9 -1.19 -44.30 22.19
N PHE N 10 -0.78 -45.25 21.35
CA PHE N 10 0.04 -44.95 20.18
C PHE N 10 -0.81 -44.64 18.96
N LEU N 11 -1.90 -45.39 18.78
CA LEU N 11 -2.80 -45.12 17.68
C LEU N 11 -3.78 -43.99 18.04
N GLN N 12 -3.76 -43.59 19.32
CA GLN N 12 -4.67 -42.56 19.80
C GLN N 12 -4.38 -41.21 19.14
N SER N 13 -3.11 -40.95 18.86
CA SER N 13 -2.68 -39.67 18.26
C SER N 13 -2.81 -39.72 16.74
N GLU N 14 -2.63 -40.91 16.18
CA GLU N 14 -2.54 -41.10 14.72
C GLU N 14 -3.85 -40.83 13.98
N HIS N 15 -3.74 -40.72 12.66
CA HIS N 15 -4.87 -40.39 11.78
C HIS N 15 -5.92 -41.49 11.80
N PRO N 16 -7.22 -41.11 11.79
CA PRO N 16 -8.32 -42.07 11.74
C PRO N 16 -8.16 -43.09 10.63
N GLN N 17 -7.51 -42.71 9.53
CA GLN N 17 -7.31 -43.64 8.42
C GLN N 17 -6.12 -44.55 8.67
N THR N 18 -5.13 -44.08 9.41
CA THR N 18 -3.99 -44.90 9.76
C THR N 18 -4.41 -45.97 10.75
N ILE N 19 -5.25 -45.58 11.72
CA ILE N 19 -5.79 -46.51 12.72
C ILE N 19 -6.57 -47.63 12.06
N ALA N 20 -7.37 -47.26 11.07
CA ALA N 20 -8.15 -48.24 10.31
C ALA N 20 -7.26 -49.28 9.66
N VAL N 21 -6.26 -48.83 8.90
CA VAL N 21 -5.38 -49.72 8.17
C VAL N 21 -4.64 -50.65 9.11
N VAL N 22 -4.13 -50.09 10.20
CA VAL N 22 -3.43 -50.88 11.20
C VAL N 22 -4.35 -51.96 11.79
N LEU N 23 -5.52 -51.55 12.28
CA LEU N 23 -6.49 -52.48 12.85
C LEU N 23 -7.01 -53.50 11.83
N SER N 24 -6.90 -53.16 10.55
CA SER N 24 -7.40 -54.04 9.49
C SER N 24 -6.52 -55.25 9.33
N TYR N 25 -5.22 -55.07 9.55
CA TYR N 25 -4.26 -56.16 9.42
C TYR N 25 -3.98 -56.79 10.78
N LEU N 26 -4.74 -56.38 11.79
CA LEU N 26 -4.70 -56.99 13.11
C LEU N 26 -5.76 -58.08 13.23
N ASP N 27 -5.65 -58.92 14.26
CA ASP N 27 -6.64 -59.96 14.51
C ASP N 27 -7.85 -59.33 15.20
N PRO N 28 -9.06 -59.75 14.82
CA PRO N 28 -10.32 -59.21 15.33
C PRO N 28 -10.46 -59.16 16.86
N PRO N 29 -10.00 -60.19 17.60
CA PRO N 29 -10.14 -60.02 19.06
C PRO N 29 -9.17 -58.97 19.60
N VAL N 30 -8.07 -58.74 18.89
CA VAL N 30 -7.12 -57.70 19.25
C VAL N 30 -7.68 -56.32 18.95
N ALA N 31 -8.20 -56.15 17.74
CA ALA N 31 -8.72 -54.88 17.27
C ALA N 31 -9.84 -54.34 18.15
N ALA N 32 -10.75 -55.21 18.56
CA ALA N 32 -11.93 -54.80 19.32
C ALA N 32 -11.55 -54.24 20.70
N GLN N 33 -10.42 -54.70 21.22
CA GLN N 33 -9.89 -54.15 22.47
C GLN N 33 -9.30 -52.77 22.21
N ILE N 34 -8.48 -52.68 21.18
CA ILE N 34 -7.88 -51.41 20.78
C ILE N 34 -8.96 -50.40 20.40
N LEU N 35 -9.92 -50.87 19.62
CA LEU N 35 -11.02 -50.02 19.17
C LEU N 35 -11.85 -49.52 20.34
N GLY N 36 -12.17 -50.40 21.27
CA GLY N 36 -12.97 -50.06 22.42
C GLY N 36 -12.25 -49.16 23.40
N ALA N 37 -10.93 -49.14 23.33
CA ALA N 37 -10.11 -48.35 24.26
C ALA N 37 -9.92 -46.92 23.76
N LEU N 38 -10.13 -46.71 22.47
CA LEU N 38 -10.09 -45.37 21.88
C LEU N 38 -11.34 -44.58 22.27
N PRO N 39 -11.22 -43.25 22.34
CA PRO N 39 -12.38 -42.39 22.57
C PRO N 39 -13.53 -42.70 21.61
N GLU N 40 -14.76 -42.43 22.07
CA GLU N 40 -15.96 -42.78 21.31
C GLU N 40 -16.00 -42.11 19.94
N GLU N 41 -15.57 -40.85 19.87
CA GLU N 41 -15.57 -40.10 18.61
C GLU N 41 -14.79 -40.83 17.51
N LEU N 42 -13.64 -41.37 17.88
CA LEU N 42 -12.81 -42.12 16.94
C LEU N 42 -13.36 -43.50 16.68
N GLN N 43 -14.01 -44.08 17.69
CA GLN N 43 -14.59 -45.42 17.55
C GLN N 43 -15.58 -45.44 16.39
N THR N 44 -16.29 -44.34 16.21
CA THR N 44 -17.28 -44.22 15.13
C THR N 44 -16.58 -43.99 13.79
N GLU N 45 -15.63 -43.06 13.77
CA GLU N 45 -14.92 -42.72 12.55
C GLU N 45 -14.08 -43.90 12.04
N VAL N 46 -13.32 -44.55 12.93
CA VAL N 46 -12.45 -45.64 12.48
C VAL N 46 -13.27 -46.80 11.91
N LEU N 47 -14.33 -47.19 12.61
CA LEU N 47 -15.22 -48.27 12.18
C LEU N 47 -15.79 -48.03 10.80
N LYS N 48 -16.33 -46.83 10.58
CA LYS N 48 -16.88 -46.42 9.30
C LYS N 48 -15.85 -46.58 8.19
N ARG N 49 -14.62 -46.22 8.50
CA ARG N 49 -13.54 -46.29 7.52
C ARG N 49 -13.17 -47.72 7.17
N ILE N 50 -13.06 -48.59 8.18
CA ILE N 50 -12.62 -49.95 7.94
C ILE N 50 -13.63 -50.68 7.05
N ALA N 51 -14.91 -50.36 7.23
CA ALA N 51 -15.95 -50.89 6.35
C ALA N 51 -15.77 -50.38 4.91
N LEU N 52 -15.12 -49.23 4.77
CA LEU N 52 -14.95 -48.58 3.48
C LEU N 52 -13.61 -48.90 2.84
N LEU N 53 -12.63 -49.28 3.66
CA LEU N 53 -11.30 -49.60 3.18
C LEU N 53 -11.32 -50.81 2.27
N GLU N 54 -11.31 -50.59 0.97
CA GLU N 54 -11.35 -51.68 0.03
C GLU N 54 -9.96 -52.01 -0.48
N ARG N 55 -9.40 -51.11 -1.29
CA ARG N 55 -8.06 -51.34 -1.81
C ARG N 55 -7.00 -50.61 -1.00
N THR N 56 -6.24 -51.39 -0.24
CA THR N 56 -5.09 -50.86 0.47
C THR N 56 -3.94 -50.70 -0.52
N SER N 57 -2.86 -50.07 -0.06
CA SER N 57 -1.67 -49.88 -0.89
C SER N 57 -0.52 -50.72 -0.36
N PRO N 58 0.10 -51.53 -1.22
CA PRO N 58 1.20 -52.44 -0.90
C PRO N 58 2.40 -51.74 -0.24
N GLU N 59 2.57 -50.46 -0.51
CA GLU N 59 3.74 -49.73 -0.04
C GLU N 59 3.46 -48.84 1.16
N VAL N 60 2.20 -48.48 1.36
CA VAL N 60 1.86 -47.65 2.51
C VAL N 60 1.89 -48.51 3.77
N VAL N 61 1.63 -49.80 3.58
CA VAL N 61 1.65 -50.75 4.69
C VAL N 61 3.10 -51.12 4.98
N LYS N 62 3.90 -51.23 3.93
CA LYS N 62 5.32 -51.57 4.06
C LYS N 62 6.04 -50.54 4.91
N GLU N 63 5.58 -49.30 4.86
CA GLU N 63 6.15 -48.24 5.67
C GLU N 63 5.65 -48.35 7.11
N ILE N 64 4.38 -48.72 7.26
CA ILE N 64 3.78 -48.90 8.58
C ILE N 64 4.48 -50.01 9.33
N GLU N 65 4.96 -51.00 8.58
CA GLU N 65 5.75 -52.12 9.11
C GLU N 65 6.76 -51.68 10.15
N ARG N 66 7.96 -51.38 9.66
CA ARG N 66 9.10 -51.11 10.52
C ARG N 66 8.91 -49.87 11.39
N ASN N 67 7.84 -49.12 11.14
CA ASN N 67 7.51 -47.99 11.99
C ASN N 67 6.82 -48.46 13.27
N LEU N 68 6.07 -49.55 13.17
CA LEU N 68 5.47 -50.17 14.35
C LEU N 68 6.37 -51.30 14.84
N GLU N 69 6.94 -52.03 13.89
CA GLU N 69 7.74 -53.21 14.19
C GLU N 69 8.86 -52.91 15.17
N LYS N 70 9.46 -51.72 15.02
CA LYS N 70 10.57 -51.35 15.87
C LYS N 70 10.14 -50.39 16.97
N LYS N 71 8.89 -49.92 16.90
CA LYS N 71 8.39 -49.01 17.94
C LYS N 71 7.87 -49.78 19.14
N ILE N 72 6.97 -50.73 18.88
CA ILE N 72 6.42 -51.57 19.94
C ILE N 72 7.19 -52.89 19.98
N SER N 73 7.52 -53.31 21.20
CA SER N 73 8.39 -54.47 21.44
C SER N 73 8.12 -55.69 20.55
N GLY N 74 6.86 -55.94 20.22
CA GLY N 74 6.51 -57.14 19.46
C GLY N 74 5.63 -56.93 18.25
N PHE N 75 5.95 -57.65 17.18
CA PHE N 75 5.14 -57.62 15.96
C PHE N 75 4.45 -58.97 15.75
N LYS O 1 3.35 -68.15 -17.52
CA LYS O 1 1.90 -68.13 -17.36
C LYS O 1 1.46 -67.04 -16.39
N PHE O 2 0.63 -66.11 -16.87
CA PHE O 2 0.02 -65.12 -15.98
C PHE O 2 -1.49 -65.37 -15.90
N SER O 3 -2.23 -64.39 -15.39
CA SER O 3 -3.67 -64.57 -15.21
C SER O 3 -4.46 -63.29 -15.45
N LYS O 4 -5.61 -63.20 -14.81
CA LYS O 4 -6.54 -62.08 -14.97
C LYS O 4 -6.42 -61.10 -13.82
N GLU O 5 -6.17 -61.63 -12.62
CA GLU O 5 -6.02 -60.79 -11.42
C GLU O 5 -4.92 -59.76 -11.60
N GLN O 6 -3.87 -60.14 -12.32
CA GLN O 6 -2.74 -59.23 -12.54
C GLN O 6 -2.93 -58.40 -13.81
N LEU O 7 -3.60 -58.96 -14.81
CA LEU O 7 -3.90 -58.23 -16.05
C LEU O 7 -4.72 -56.99 -15.74
N ARG O 8 -5.62 -57.12 -14.76
CA ARG O 8 -6.45 -56.01 -14.32
C ARG O 8 -5.62 -54.96 -13.58
N THR O 9 -4.72 -55.43 -12.70
CA THR O 9 -3.96 -54.52 -11.86
C THR O 9 -2.76 -53.91 -12.59
N PHE O 10 -2.35 -54.55 -13.69
CA PHE O 10 -1.24 -54.03 -14.49
C PHE O 10 -1.73 -53.06 -15.54
N GLN O 11 -2.98 -53.24 -15.96
CA GLN O 11 -3.58 -52.37 -16.97
C GLN O 11 -3.77 -50.95 -16.41
N MET O 12 -3.89 -50.84 -15.09
CA MET O 12 -4.09 -49.55 -14.45
C MET O 12 -2.76 -48.91 -14.07
N ILE O 13 -1.76 -49.74 -13.77
CA ILE O 13 -0.43 -49.25 -13.43
C ILE O 13 0.19 -48.49 -14.59
N HIS O 14 0.17 -49.10 -15.77
CA HIS O 14 0.72 -48.47 -16.95
C HIS O 14 -0.35 -47.66 -17.68
N GLU O 15 -1.48 -47.45 -17.01
CA GLU O 15 -2.49 -46.50 -17.48
C GLU O 15 -2.15 -45.11 -16.96
N ASN O 16 -1.53 -45.08 -15.79
CA ASN O 16 -1.13 -43.82 -15.16
C ASN O 16 0.23 -43.36 -15.63
N PHE O 17 1.08 -44.32 -15.97
CA PHE O 17 2.37 -44.00 -16.56
C PHE O 17 2.18 -43.63 -18.01
N GLY O 18 1.14 -44.19 -18.63
CA GLY O 18 0.82 -43.89 -20.01
C GLY O 18 0.35 -42.46 -20.22
N ARG O 19 -0.23 -41.87 -19.18
CA ARG O 19 -0.70 -40.49 -19.26
C ARG O 19 0.31 -39.52 -18.63
N ALA O 20 1.15 -40.06 -17.75
CA ALA O 20 2.27 -39.29 -17.20
C ALA O 20 3.33 -39.12 -18.29
N LEU O 21 3.39 -40.10 -19.17
CA LEU O 21 4.25 -40.04 -20.35
C LEU O 21 3.62 -39.13 -21.39
N SER O 22 2.30 -39.21 -21.51
CA SER O 22 1.55 -38.41 -22.48
C SER O 22 1.74 -36.91 -22.24
N THR O 23 1.96 -36.54 -20.99
CA THR O 23 2.13 -35.13 -20.65
C THR O 23 3.60 -34.72 -20.72
N TYR O 24 4.49 -35.71 -20.55
CA TYR O 24 5.93 -35.48 -20.58
C TYR O 24 6.41 -35.14 -21.98
N LEU O 25 5.89 -35.86 -22.96
CA LEU O 25 6.28 -35.66 -24.36
C LEU O 25 5.74 -34.34 -24.91
N SER O 26 4.59 -33.91 -24.39
CA SER O 26 4.01 -32.64 -24.82
C SER O 26 4.87 -31.48 -24.37
N GLY O 27 5.67 -31.69 -23.33
CA GLY O 27 6.60 -30.69 -22.86
C GLY O 27 7.90 -30.74 -23.64
N ARG O 28 8.14 -31.88 -24.30
CA ARG O 28 9.35 -32.08 -25.08
C ARG O 28 9.13 -31.82 -26.57
N LEU O 29 7.94 -32.13 -27.05
CA LEU O 29 7.63 -32.02 -28.47
C LEU O 29 6.81 -30.76 -28.78
N ARG O 30 6.81 -29.81 -27.86
CA ARG O 30 6.20 -28.50 -28.07
C ARG O 30 4.67 -28.53 -28.32
N THR O 31 4.15 -29.64 -28.85
CA THR O 31 2.73 -29.72 -29.19
C THR O 31 1.95 -30.75 -28.36
N PHE O 32 0.71 -30.99 -28.74
CA PHE O 32 -0.15 -31.97 -28.06
C PHE O 32 0.24 -33.40 -28.42
N VAL O 33 0.30 -34.26 -27.41
CA VAL O 33 0.58 -35.69 -27.60
C VAL O 33 -0.47 -36.56 -26.92
N ASP O 34 -1.01 -37.55 -27.64
CA ASP O 34 -1.93 -38.51 -27.04
C ASP O 34 -1.25 -39.88 -26.99
N VAL O 35 -1.41 -40.57 -25.85
CA VAL O 35 -0.84 -41.90 -25.69
C VAL O 35 -1.92 -42.90 -25.27
N GLU O 36 -2.07 -43.97 -26.07
CA GLU O 36 -3.02 -45.04 -25.78
C GLU O 36 -2.29 -46.32 -25.39
N ILE O 37 -2.62 -46.86 -24.22
CA ILE O 37 -1.89 -47.99 -23.66
C ILE O 37 -2.56 -49.34 -23.94
N SER O 38 -1.74 -50.30 -24.36
CA SER O 38 -2.20 -51.66 -24.59
C SER O 38 -1.23 -52.66 -23.97
N ILE O 39 -1.79 -53.60 -23.21
CA ILE O 39 -0.99 -54.61 -22.55
C ILE O 39 -1.41 -56.00 -23.03
N ASP O 40 -0.42 -56.83 -23.38
CA ASP O 40 -0.70 -58.16 -23.91
C ASP O 40 0.34 -59.18 -23.50
N GLN O 41 0.15 -60.42 -23.96
CA GLN O 41 0.97 -61.55 -23.54
C GLN O 41 1.56 -62.28 -24.74
N LEU O 42 2.90 -62.32 -24.82
CA LEU O 42 3.59 -63.04 -25.89
C LEU O 42 4.88 -63.68 -25.40
N THR O 43 5.61 -64.32 -26.30
CA THR O 43 6.88 -64.95 -25.96
C THR O 43 8.03 -64.04 -26.36
N TYR O 44 9.19 -64.23 -25.72
CA TYR O 44 10.35 -63.36 -25.97
C TYR O 44 11.00 -63.64 -27.32
N GLU O 45 10.79 -64.84 -27.86
CA GLU O 45 11.34 -65.20 -29.17
C GLU O 45 10.65 -64.43 -30.29
N GLU O 46 9.35 -64.19 -30.12
CA GLU O 46 8.54 -63.49 -31.11
C GLU O 46 8.82 -61.99 -31.09
N PHE O 47 9.02 -61.46 -29.88
CA PHE O 47 9.17 -60.02 -29.69
C PHE O 47 10.51 -59.48 -30.18
N ILE O 48 11.59 -60.18 -29.87
CA ILE O 48 12.95 -59.68 -30.13
C ILE O 48 13.24 -59.50 -31.63
N ARG O 49 12.37 -60.06 -32.48
CA ARG O 49 12.48 -59.87 -33.92
C ARG O 49 11.46 -58.85 -34.42
N SER O 50 10.41 -58.60 -33.63
CA SER O 50 9.36 -57.67 -34.01
C SER O 50 9.89 -56.23 -34.02
N VAL O 51 11.02 -56.03 -33.35
CA VAL O 51 11.69 -54.74 -33.36
C VAL O 51 12.38 -54.51 -34.70
N MET O 52 11.99 -53.44 -35.39
CA MET O 52 12.50 -53.12 -36.72
C MET O 52 14.01 -52.83 -36.71
N ILE O 53 14.71 -53.36 -37.71
CA ILE O 53 16.16 -53.21 -37.82
C ILE O 53 16.56 -52.04 -38.71
N PRO O 54 17.41 -51.15 -38.20
CA PRO O 54 17.84 -51.16 -36.80
C PRO O 54 16.97 -50.23 -35.95
N SER O 55 17.24 -50.18 -34.65
CA SER O 55 16.51 -49.27 -33.77
C SER O 55 17.31 -48.95 -32.52
N PHE O 56 16.75 -48.05 -31.71
CA PHE O 56 17.40 -47.59 -30.49
C PHE O 56 17.00 -48.47 -29.31
N ILE O 57 17.92 -49.31 -28.85
CA ILE O 57 17.59 -50.31 -27.83
C ILE O 57 18.31 -50.13 -26.50
N VAL O 58 17.53 -50.10 -25.41
CA VAL O 58 18.06 -49.87 -24.08
C VAL O 58 17.67 -50.98 -23.11
N ILE O 59 18.66 -51.57 -22.45
CA ILE O 59 18.38 -52.49 -21.37
C ILE O 59 18.80 -51.87 -20.04
N PHE O 60 18.05 -52.18 -18.98
CA PHE O 60 18.24 -51.55 -17.68
C PHE O 60 18.02 -52.54 -16.54
N THR O 61 18.18 -52.05 -15.31
CA THR O 61 17.99 -52.88 -14.13
C THR O 61 17.54 -52.02 -12.96
N GLY O 62 17.00 -52.67 -11.93
CA GLY O 62 16.48 -51.98 -10.77
C GLY O 62 17.21 -52.34 -9.49
N ASP O 63 17.10 -51.49 -8.48
CA ASP O 63 17.79 -51.71 -7.21
C ASP O 63 17.25 -52.98 -6.54
N VAL O 64 15.93 -53.09 -6.49
CA VAL O 64 15.28 -54.24 -5.88
C VAL O 64 14.87 -55.28 -6.93
N PHE O 65 15.43 -55.17 -8.12
CA PHE O 65 15.09 -56.11 -9.20
C PHE O 65 16.25 -57.01 -9.57
N GLU O 66 16.02 -58.31 -9.46
CA GLU O 66 17.03 -59.29 -9.83
C GLU O 66 16.89 -59.65 -11.31
N GLY O 67 17.82 -59.14 -12.11
CA GLY O 67 17.83 -59.39 -13.53
C GLY O 67 17.79 -58.12 -14.36
N SER O 68 17.23 -58.23 -15.57
CA SER O 68 17.17 -57.09 -16.48
C SER O 68 15.88 -57.09 -17.30
N ALA O 69 15.46 -55.90 -17.73
CA ALA O 69 14.25 -55.74 -18.55
C ALA O 69 14.48 -54.74 -19.70
N ILE O 70 13.45 -54.52 -20.51
CA ILE O 70 13.63 -53.75 -21.74
C ILE O 70 12.70 -52.53 -21.86
N PHE O 71 13.24 -51.45 -22.42
CA PHE O 71 12.45 -50.27 -22.82
C PHE O 71 12.80 -49.88 -24.25
N GLU O 72 11.78 -49.80 -25.10
CA GLU O 72 11.98 -49.61 -26.53
C GLU O 72 11.28 -48.41 -27.16
N MET O 73 11.91 -47.88 -28.20
CA MET O 73 11.42 -46.71 -28.92
C MET O 73 11.83 -46.80 -30.39
N ARG O 74 10.83 -46.73 -31.26
CA ARG O 74 11.05 -46.77 -32.70
C ARG O 74 11.83 -45.54 -33.14
N LEU O 75 12.49 -45.62 -34.29
CA LEU O 75 13.35 -44.54 -34.74
C LEU O 75 12.61 -43.26 -35.14
N ASP O 76 11.39 -43.41 -35.65
CA ASP O 76 10.63 -42.26 -36.15
C ASP O 76 10.33 -41.24 -35.05
N LEU O 77 10.21 -41.73 -33.82
CA LEU O 77 9.94 -40.86 -32.68
C LEU O 77 11.23 -40.53 -31.95
N PHE O 78 12.27 -41.30 -32.24
CA PHE O 78 13.58 -41.09 -31.64
C PHE O 78 14.23 -39.83 -32.19
N TYR O 79 14.01 -39.58 -33.47
CA TYR O 79 14.63 -38.44 -34.13
C TYR O 79 13.71 -37.23 -34.11
N THR O 80 12.40 -37.47 -34.19
CA THR O 80 11.42 -36.40 -34.10
C THR O 80 11.59 -35.63 -32.79
N MET O 81 11.91 -36.36 -31.72
CA MET O 81 12.21 -35.74 -30.43
C MET O 81 13.50 -34.94 -30.47
N LEU O 82 14.59 -35.62 -30.81
CA LEU O 82 15.93 -35.05 -30.81
C LEU O 82 15.98 -33.73 -31.58
N ASP O 83 15.17 -33.67 -32.64
CA ASP O 83 15.07 -32.45 -33.45
C ASP O 83 14.42 -31.31 -32.68
N ILE O 84 13.27 -31.58 -32.08
CA ILE O 84 12.48 -30.56 -31.40
C ILE O 84 13.24 -29.95 -30.23
N ILE O 85 13.90 -30.80 -29.44
CA ILE O 85 14.59 -30.35 -28.23
C ILE O 85 15.95 -29.73 -28.55
N MET O 86 16.20 -29.47 -29.83
CA MET O 86 17.41 -28.75 -30.23
C MET O 86 17.07 -27.53 -31.07
N GLY O 87 15.81 -27.11 -31.00
CA GLY O 87 15.36 -25.92 -31.71
C GLY O 87 14.95 -26.17 -33.13
N GLY O 88 14.53 -27.40 -33.42
CA GLY O 88 14.11 -27.77 -34.75
C GLY O 88 12.60 -27.68 -34.94
N PRO O 89 12.13 -27.95 -36.16
CA PRO O 89 10.69 -27.98 -36.45
C PRO O 89 10.06 -29.36 -36.25
N GLY O 90 10.85 -30.41 -36.36
CA GLY O 90 10.34 -31.78 -36.30
C GLY O 90 9.96 -32.29 -37.68
N GLU O 91 10.97 -32.54 -38.51
CA GLU O 91 10.77 -32.88 -39.92
C GLU O 91 11.15 -34.34 -40.22
N ASN O 92 11.55 -34.60 -41.47
CA ASN O 92 11.99 -35.93 -41.91
C ASN O 92 13.09 -36.54 -41.03
N PRO O 93 12.81 -37.72 -40.47
CA PRO O 93 13.79 -38.46 -39.65
C PRO O 93 14.56 -39.51 -40.45
N PRO O 94 15.90 -39.44 -40.45
CA PRO O 94 16.73 -40.45 -41.12
C PRO O 94 16.64 -41.83 -40.45
N ASN O 95 16.93 -42.90 -41.20
CA ASN O 95 16.86 -44.25 -40.64
C ASN O 95 18.23 -44.82 -40.27
N ARG O 96 19.13 -43.95 -39.85
CA ARG O 96 20.50 -44.32 -39.51
C ARG O 96 20.66 -44.66 -38.02
N PRO O 97 21.46 -45.70 -37.72
CA PRO O 97 21.83 -46.03 -36.34
C PRO O 97 22.48 -44.84 -35.61
N PRO O 98 21.99 -44.50 -34.40
CA PRO O 98 22.47 -43.33 -33.66
C PRO O 98 23.98 -43.32 -33.47
N THR O 99 24.62 -42.18 -33.73
CA THR O 99 26.07 -42.06 -33.62
C THR O 99 26.52 -42.03 -32.16
N GLU O 100 27.25 -40.98 -31.78
CA GLU O 100 27.72 -40.83 -30.41
C GLU O 100 26.91 -39.75 -29.70
N ILE O 101 26.63 -38.67 -30.44
CA ILE O 101 25.89 -37.55 -29.89
C ILE O 101 24.41 -37.85 -29.76
N GLU O 102 23.90 -38.69 -30.65
CA GLU O 102 22.46 -38.95 -30.73
C GLU O 102 22.00 -39.91 -29.63
N THR O 103 22.96 -40.63 -29.05
CA THR O 103 22.68 -41.57 -27.98
C THR O 103 22.64 -40.88 -26.62
N SER O 104 23.72 -40.18 -26.31
CA SER O 104 23.86 -39.51 -25.02
C SER O 104 22.83 -38.39 -24.82
N ILE O 105 22.21 -37.96 -25.91
CA ILE O 105 21.12 -36.99 -25.84
C ILE O 105 19.84 -37.66 -25.32
N MET O 106 19.52 -38.82 -25.85
CA MET O 106 18.28 -39.51 -25.52
C MET O 106 18.44 -40.45 -24.35
N ARG O 107 19.67 -40.65 -23.89
CA ARG O 107 19.92 -41.48 -22.71
C ARG O 107 19.39 -40.79 -21.47
N LYS O 108 19.48 -39.46 -21.46
CA LYS O 108 19.02 -38.66 -20.33
C LYS O 108 17.54 -38.33 -20.47
N GLU O 109 17.02 -38.45 -21.69
CA GLU O 109 15.60 -38.19 -21.94
C GLU O 109 14.73 -39.42 -21.62
N VAL O 110 15.29 -40.61 -21.77
CA VAL O 110 14.58 -41.82 -21.39
C VAL O 110 14.70 -42.05 -19.89
N THR O 111 15.77 -41.50 -19.29
CA THR O 111 16.00 -41.66 -17.86
C THR O 111 14.94 -40.92 -17.06
N ASN O 112 14.59 -39.72 -17.53
CA ASN O 112 13.45 -39.00 -16.98
C ASN O 112 12.18 -39.80 -17.25
N MET O 113 12.11 -40.34 -18.46
CA MET O 113 10.95 -41.09 -18.92
C MET O 113 10.82 -42.41 -18.16
N LEU O 114 11.94 -42.90 -17.67
CA LEU O 114 11.99 -44.13 -16.89
C LEU O 114 11.44 -43.90 -15.48
N THR O 115 11.80 -42.75 -14.90
CA THR O 115 11.38 -42.41 -13.56
C THR O 115 9.88 -42.07 -13.52
N LEU O 116 9.24 -42.12 -14.68
CA LEU O 116 7.80 -41.90 -14.76
C LEU O 116 7.00 -43.14 -14.36
N LEU O 117 7.43 -44.31 -14.83
CA LEU O 117 6.74 -45.55 -14.48
C LEU O 117 7.17 -46.00 -13.09
N ALA O 118 8.38 -45.63 -12.69
CA ALA O 118 8.87 -45.94 -11.35
C ALA O 118 8.05 -45.20 -10.30
N GLN O 119 7.33 -44.18 -10.72
CA GLN O 119 6.45 -43.42 -9.84
C GLN O 119 5.00 -43.81 -10.08
N ALA O 120 4.75 -44.55 -11.15
CA ALA O 120 3.46 -45.19 -11.34
C ALA O 120 3.52 -46.58 -10.69
N TRP O 121 4.67 -46.88 -10.09
CA TRP O 121 4.89 -48.14 -9.40
C TRP O 121 5.11 -47.93 -7.90
N SER O 122 5.09 -46.66 -7.47
CA SER O 122 5.35 -46.31 -6.07
C SER O 122 4.29 -46.90 -5.14
N ASP O 123 3.13 -47.23 -5.70
CA ASP O 123 2.09 -47.89 -4.93
C ASP O 123 2.47 -49.33 -4.61
N PHE O 124 3.04 -50.01 -5.59
CA PHE O 124 3.26 -51.46 -5.46
C PHE O 124 4.68 -51.78 -5.02
N GLN O 125 5.66 -51.12 -5.62
CA GLN O 125 7.04 -51.27 -5.16
C GLN O 125 7.92 -50.14 -5.67
N TYR O 126 8.53 -49.42 -4.74
CA TYR O 126 9.45 -48.35 -5.09
C TYR O 126 10.79 -48.92 -5.52
N PHE O 127 11.35 -48.36 -6.58
CA PHE O 127 12.64 -48.81 -7.09
C PHE O 127 13.35 -47.67 -7.81
N ILE O 128 14.68 -47.73 -7.80
CA ILE O 128 15.50 -46.73 -8.47
C ILE O 128 16.01 -47.28 -9.79
N PRO O 129 15.38 -46.86 -10.90
CA PRO O 129 15.74 -47.34 -12.23
C PRO O 129 17.19 -47.03 -12.58
N SER O 130 17.93 -48.02 -13.08
CA SER O 130 19.33 -47.82 -13.43
C SER O 130 19.65 -48.47 -14.77
N ILE O 131 20.17 -47.66 -15.69
CA ILE O 131 20.53 -48.13 -17.03
C ILE O 131 21.97 -48.62 -17.04
N GLU O 132 22.20 -49.77 -17.66
CA GLU O 132 23.53 -50.39 -17.68
C GLU O 132 24.14 -50.43 -19.08
N ASN O 133 23.51 -51.16 -20.00
CA ASN O 133 24.06 -51.29 -21.35
C ASN O 133 23.05 -50.93 -22.45
N VAL O 134 23.58 -50.49 -23.59
CA VAL O 134 22.75 -50.06 -24.72
C VAL O 134 23.39 -50.45 -26.05
N GLU O 135 22.61 -51.11 -26.90
CA GLU O 135 23.07 -51.41 -28.26
C GLU O 135 21.95 -51.15 -29.25
N THR O 136 22.23 -51.32 -30.54
CA THR O 136 21.30 -50.90 -31.59
C THR O 136 20.74 -52.06 -32.42
N ASN O 137 21.16 -53.28 -32.12
CA ASN O 137 20.64 -54.44 -32.85
C ASN O 137 19.84 -55.36 -31.93
N PRO O 138 18.63 -55.74 -32.37
CA PRO O 138 17.69 -56.51 -31.56
C PRO O 138 18.19 -57.90 -31.17
N GLN O 139 18.98 -58.53 -32.04
CA GLN O 139 19.44 -59.90 -31.80
C GLN O 139 20.69 -59.95 -30.90
N PHE O 140 21.31 -58.80 -30.66
CA PHE O 140 22.59 -58.76 -29.94
C PHE O 140 22.45 -58.72 -28.43
N VAL O 141 21.23 -58.46 -27.95
CA VAL O 141 20.98 -58.37 -26.52
C VAL O 141 20.60 -59.72 -25.90
N GLN O 142 19.29 -60.00 -25.89
CA GLN O 142 18.69 -61.15 -25.20
C GLN O 142 19.45 -61.59 -23.95
N ILE O 143 19.15 -60.95 -22.83
CA ILE O 143 19.75 -61.30 -21.55
C ILE O 143 18.99 -62.48 -20.93
N VAL O 144 17.90 -62.88 -21.60
CA VAL O 144 17.08 -64.00 -21.16
C VAL O 144 16.94 -65.06 -22.24
N PRO O 145 16.76 -66.32 -21.85
CA PRO O 145 16.41 -67.40 -22.78
C PRO O 145 15.26 -67.04 -23.70
N PRO O 146 15.34 -67.41 -24.99
CA PRO O 146 14.38 -67.02 -26.03
C PRO O 146 12.94 -67.40 -25.74
N ASN O 147 12.65 -68.70 -25.65
CA ASN O 147 11.27 -69.17 -25.51
C ASN O 147 10.70 -68.96 -24.12
N GLU O 148 10.93 -67.78 -23.54
CA GLU O 148 10.36 -67.44 -22.23
C GLU O 148 9.08 -66.64 -22.39
N ILE O 149 8.31 -66.53 -21.31
CA ILE O 149 7.08 -65.74 -21.32
C ILE O 149 7.42 -64.31 -20.89
N VAL O 150 6.67 -63.33 -21.40
CA VAL O 150 7.01 -61.92 -21.17
C VAL O 150 5.81 -60.99 -21.29
N LEU O 151 5.78 -59.96 -20.45
CA LEU O 151 4.71 -58.95 -20.50
C LEU O 151 5.06 -57.82 -21.46
N LEU O 152 4.13 -57.51 -22.35
CA LEU O 152 4.35 -56.42 -23.32
C LEU O 152 3.33 -55.31 -23.16
N VAL O 153 3.82 -54.11 -22.86
CA VAL O 153 2.98 -52.91 -22.80
C VAL O 153 3.35 -51.97 -23.94
N THR O 154 2.34 -51.52 -24.68
CA THR O 154 2.59 -50.72 -25.87
C THR O 154 1.96 -49.34 -25.74
N ALA O 155 2.72 -48.30 -26.13
CA ALA O 155 2.25 -46.93 -26.03
C ALA O 155 2.03 -46.28 -27.39
N SER O 156 0.77 -46.08 -27.75
CA SER O 156 0.40 -45.49 -29.01
C SER O 156 0.61 -43.98 -29.02
N VAL O 157 1.88 -43.56 -29.05
CA VAL O 157 2.18 -42.13 -29.09
C VAL O 157 1.80 -41.52 -30.42
N SER O 158 0.64 -40.86 -30.45
CA SER O 158 0.14 -40.23 -31.66
C SER O 158 -0.09 -38.74 -31.45
N TRP O 159 0.45 -37.92 -32.35
CA TRP O 159 0.30 -36.47 -32.25
C TRP O 159 -0.03 -35.83 -33.60
N GLY O 160 -1.32 -35.62 -33.83
CA GLY O 160 -1.80 -35.00 -35.07
C GLY O 160 -1.46 -35.80 -36.32
N GLU O 161 -0.27 -35.56 -36.86
CA GLU O 161 0.16 -36.20 -38.09
C GLU O 161 0.71 -37.61 -37.85
N PHE O 162 1.89 -37.69 -37.25
CA PHE O 162 2.57 -38.96 -37.02
C PHE O 162 1.81 -39.88 -36.07
N THR O 163 2.33 -41.10 -35.94
CA THR O 163 1.79 -42.07 -34.99
C THR O 163 2.81 -43.18 -34.73
N SER O 164 3.54 -43.05 -33.62
CA SER O 164 4.59 -43.99 -33.27
C SER O 164 4.20 -44.89 -32.11
N PHE O 165 5.16 -45.68 -31.63
CA PHE O 165 4.93 -46.63 -30.56
C PHE O 165 6.08 -46.68 -29.56
N ILE O 166 5.73 -46.84 -28.29
CA ILE O 166 6.72 -47.07 -27.25
C ILE O 166 6.41 -48.39 -26.53
N ASN O 167 7.40 -49.27 -26.45
CA ASN O 167 7.20 -50.58 -25.84
C ASN O 167 8.09 -50.83 -24.64
N VAL O 168 7.50 -51.35 -23.57
CA VAL O 168 8.25 -51.75 -22.38
C VAL O 168 8.05 -53.23 -22.12
N CYS O 169 9.16 -53.96 -21.98
CA CYS O 169 9.08 -55.40 -21.77
C CYS O 169 9.33 -55.78 -20.32
N TRP O 170 8.32 -56.40 -19.71
CA TRP O 170 8.44 -56.93 -18.37
C TRP O 170 8.51 -58.47 -18.45
N PRO O 171 9.73 -59.03 -18.43
CA PRO O 171 9.91 -60.47 -18.62
C PRO O 171 9.75 -61.31 -17.35
N PHE O 172 9.24 -62.53 -17.56
CA PHE O 172 8.99 -63.58 -16.55
C PHE O 172 9.53 -63.37 -15.13
N SER O 173 10.74 -63.86 -14.87
CA SER O 173 11.28 -64.01 -13.51
C SER O 173 11.57 -62.70 -12.79
N LEU O 174 11.24 -61.58 -13.42
CA LEU O 174 11.28 -60.29 -12.75
C LEU O 174 10.03 -60.15 -11.88
N LEU O 175 8.98 -60.87 -12.28
CA LEU O 175 7.65 -60.70 -11.70
C LEU O 175 7.25 -61.80 -10.71
N GLU O 176 7.83 -62.99 -10.86
CA GLU O 176 7.52 -64.11 -9.97
C GLU O 176 7.91 -63.83 -8.51
N PRO O 177 9.09 -63.21 -8.27
CA PRO O 177 9.32 -62.79 -6.88
C PRO O 177 8.64 -61.46 -6.55
N LEU O 178 7.55 -61.15 -7.25
CA LEU O 178 6.84 -59.89 -7.06
C LEU O 178 5.32 -60.05 -7.19
N LEU O 179 4.88 -60.80 -8.19
CA LEU O 179 3.45 -60.98 -8.46
C LEU O 179 2.75 -61.67 -7.30
N GLU O 180 3.43 -62.63 -6.70
CA GLU O 180 2.88 -63.42 -5.60
C GLU O 180 3.24 -62.85 -4.23
N LYS O 181 3.73 -61.62 -4.22
CA LYS O 181 3.90 -60.88 -2.97
C LYS O 181 2.57 -60.26 -2.59
N LEU O 182 2.35 -59.05 -3.09
CA LEU O 182 1.16 -58.27 -2.77
C LEU O 182 0.16 -58.34 -3.93
N SER O 183 -1.05 -58.82 -3.64
CA SER O 183 -2.10 -58.96 -4.65
C SER O 183 -3.48 -59.08 -4.01
N GLY P 1 43.56 -27.94 -42.84
CA GLY P 1 43.68 -27.49 -41.46
C GLY P 1 43.56 -28.63 -40.46
N SER P 2 44.12 -28.42 -39.27
CA SER P 2 44.12 -29.44 -38.22
C SER P 2 42.70 -29.80 -37.80
N HIS P 3 41.85 -28.78 -37.68
CA HIS P 3 40.49 -28.97 -37.24
C HIS P 3 39.55 -29.16 -38.43
N MET P 4 39.60 -28.22 -39.37
CA MET P 4 38.66 -28.14 -40.49
C MET P 4 38.44 -29.48 -41.20
N VAL P 5 39.51 -30.26 -41.34
CA VAL P 5 39.46 -31.50 -42.10
C VAL P 5 38.56 -32.56 -41.47
N GLN P 6 38.86 -32.95 -40.24
CA GLN P 6 38.12 -34.04 -39.59
C GLN P 6 36.77 -33.58 -39.04
N LEU P 7 36.53 -32.27 -39.07
CA LEU P 7 35.28 -31.70 -38.57
C LEU P 7 34.18 -31.74 -39.64
N VAL P 8 34.59 -31.58 -40.90
CA VAL P 8 33.67 -31.63 -42.03
C VAL P 8 33.07 -33.03 -42.17
N ASN P 9 33.94 -34.04 -42.24
CA ASN P 9 33.52 -35.42 -42.41
C ASN P 9 32.74 -35.93 -41.21
N PHE P 10 33.00 -35.32 -40.06
CA PHE P 10 32.29 -35.67 -38.84
C PHE P 10 30.82 -35.26 -38.92
N LEU P 11 30.59 -33.99 -39.27
CA LEU P 11 29.24 -33.47 -39.41
C LEU P 11 28.54 -34.02 -40.64
N GLN P 12 29.28 -34.74 -41.47
CA GLN P 12 28.72 -35.35 -42.67
C GLN P 12 27.75 -36.46 -42.27
N SER P 13 28.14 -37.22 -41.26
CA SER P 13 27.34 -38.35 -40.80
C SER P 13 26.28 -37.91 -39.80
N GLU P 14 26.42 -36.69 -39.29
CA GLU P 14 25.51 -36.17 -38.27
C GLU P 14 24.17 -35.71 -38.83
N HIS P 15 23.22 -35.49 -37.94
CA HIS P 15 21.86 -35.12 -38.31
C HIS P 15 21.82 -33.66 -38.78
N PRO P 16 20.97 -33.36 -39.77
CA PRO P 16 20.71 -31.99 -40.24
C PRO P 16 20.46 -30.98 -39.12
N GLN P 17 20.01 -31.44 -37.96
CA GLN P 17 19.82 -30.53 -36.84
C GLN P 17 21.12 -30.32 -36.08
N THR P 18 21.83 -31.42 -35.84
CA THR P 18 23.10 -31.39 -35.12
C THR P 18 24.08 -30.38 -35.71
N ILE P 19 24.19 -30.37 -37.02
CA ILE P 19 25.15 -29.52 -37.72
C ILE P 19 24.96 -28.05 -37.39
N ALA P 20 23.71 -27.60 -37.43
CA ALA P 20 23.37 -26.19 -37.31
C ALA P 20 23.81 -25.57 -35.99
N VAL P 21 23.52 -26.27 -34.89
CA VAL P 21 23.83 -25.75 -33.57
C VAL P 21 25.34 -25.68 -33.35
N VAL P 22 26.08 -26.53 -34.07
CA VAL P 22 27.53 -26.49 -34.01
C VAL P 22 28.06 -25.21 -34.68
N LEU P 23 27.46 -24.83 -35.79
CA LEU P 23 27.90 -23.64 -36.53
C LEU P 23 27.35 -22.35 -35.91
N SER P 24 26.46 -22.49 -34.94
CA SER P 24 25.75 -21.35 -34.40
C SER P 24 26.62 -20.57 -33.41
N TYR P 25 27.30 -21.29 -32.52
CA TYR P 25 28.14 -20.65 -31.52
C TYR P 25 29.60 -20.64 -31.98
N LEU P 26 29.82 -20.98 -33.25
CA LEU P 26 31.15 -20.89 -33.85
C LEU P 26 31.32 -19.59 -34.63
N ASP P 27 32.55 -19.14 -34.79
CA ASP P 27 32.83 -17.91 -35.53
C ASP P 27 32.51 -18.07 -37.01
N PRO P 28 31.67 -17.17 -37.55
CA PRO P 28 31.27 -17.17 -38.96
C PRO P 28 32.41 -17.38 -39.98
N PRO P 29 33.65 -16.92 -39.70
CA PRO P 29 34.70 -17.29 -40.64
C PRO P 29 34.86 -18.79 -40.85
N VAL P 30 34.80 -19.58 -39.77
CA VAL P 30 34.99 -21.02 -39.88
C VAL P 30 33.69 -21.71 -40.31
N ALA P 31 32.58 -21.02 -40.10
CA ALA P 31 31.25 -21.59 -40.35
C ALA P 31 31.05 -21.97 -41.81
N ALA P 32 31.43 -21.08 -42.71
CA ALA P 32 31.22 -21.28 -44.14
C ALA P 32 32.20 -22.30 -44.70
N GLN P 33 33.42 -22.28 -44.17
CA GLN P 33 34.48 -23.18 -44.61
C GLN P 33 34.07 -24.65 -44.51
N ILE P 34 33.27 -24.94 -43.50
CA ILE P 34 32.75 -26.28 -43.29
C ILE P 34 31.45 -26.44 -44.07
N LEU P 35 30.71 -25.34 -44.20
CA LEU P 35 29.44 -25.35 -44.91
C LEU P 35 29.64 -25.51 -46.41
N GLY P 36 30.64 -24.83 -46.96
CA GLY P 36 30.97 -24.94 -48.37
C GLY P 36 31.62 -26.28 -48.69
N ALA P 37 32.15 -26.95 -47.67
CA ALA P 37 32.79 -28.25 -47.82
C ALA P 37 31.78 -29.37 -47.59
N LEU P 38 30.55 -28.96 -47.28
CA LEU P 38 29.44 -29.89 -47.17
C LEU P 38 28.76 -30.08 -48.53
N PRO P 39 28.92 -31.26 -49.12
CA PRO P 39 28.37 -31.57 -50.44
C PRO P 39 26.84 -31.53 -50.44
N GLU P 40 26.26 -31.66 -51.62
CA GLU P 40 24.81 -31.77 -51.79
C GLU P 40 24.04 -30.60 -51.20
N GLU P 41 22.82 -30.91 -50.76
CA GLU P 41 21.95 -29.96 -50.09
C GLU P 41 22.16 -30.03 -48.60
N LEU P 42 23.20 -30.75 -48.17
CA LEU P 42 23.61 -30.68 -46.78
C LEU P 42 24.22 -29.31 -46.51
N GLN P 43 24.59 -28.60 -47.58
CA GLN P 43 24.91 -27.18 -47.52
C GLN P 43 23.60 -26.39 -47.47
N THR P 44 22.64 -26.80 -48.31
CA THR P 44 21.33 -26.17 -48.35
C THR P 44 20.54 -26.45 -47.08
N GLU P 45 20.34 -27.72 -46.76
CA GLU P 45 19.67 -28.12 -45.52
C GLU P 45 20.64 -27.98 -44.34
N VAL P 46 21.03 -26.74 -44.06
CA VAL P 46 21.70 -26.36 -42.82
C VAL P 46 21.28 -24.92 -42.56
N LEU P 47 21.22 -24.15 -43.64
CA LEU P 47 20.71 -22.78 -43.62
C LEU P 47 19.26 -22.75 -43.13
N LYS P 48 18.45 -23.57 -43.78
CA LYS P 48 17.00 -23.70 -43.53
C LYS P 48 16.52 -23.37 -42.12
N ARG P 49 17.19 -23.95 -41.12
CA ARG P 49 16.72 -23.91 -39.74
C ARG P 49 17.61 -23.06 -38.84
N ILE P 50 18.82 -22.75 -39.31
CA ILE P 50 19.63 -21.75 -38.63
C ILE P 50 18.87 -20.43 -38.70
N ALA P 51 18.12 -20.27 -39.78
CA ALA P 51 17.22 -19.15 -39.95
C ALA P 51 16.00 -19.24 -39.01
N LEU P 52 15.81 -20.39 -38.37
CA LEU P 52 14.63 -20.62 -37.53
C LEU P 52 14.86 -21.53 -36.33
N LEU P 53 16.01 -21.45 -35.69
CA LEU P 53 16.31 -22.39 -34.62
C LEU P 53 15.78 -21.92 -33.26
N GLU P 54 14.93 -20.90 -33.27
CA GLU P 54 14.28 -20.39 -32.07
C GLU P 54 15.31 -20.06 -30.99
N ARG P 55 15.06 -20.51 -29.77
CA ARG P 55 16.07 -20.46 -28.73
C ARG P 55 16.50 -21.88 -28.37
N THR P 56 17.75 -22.18 -28.68
CA THR P 56 18.31 -23.49 -28.39
C THR P 56 18.42 -23.69 -26.88
N SER P 57 18.49 -24.95 -26.48
CA SER P 57 18.55 -25.31 -25.06
C SER P 57 19.99 -25.34 -24.56
N PRO P 58 20.26 -24.62 -23.45
CA PRO P 58 21.59 -24.42 -22.88
C PRO P 58 22.36 -25.70 -22.59
N GLU P 59 21.71 -26.71 -22.01
CA GLU P 59 22.42 -27.91 -21.64
C GLU P 59 22.55 -28.88 -22.82
N VAL P 60 21.66 -28.78 -23.80
CA VAL P 60 21.77 -29.61 -25.00
C VAL P 60 22.84 -29.01 -25.91
N VAL P 61 23.26 -27.80 -25.57
CA VAL P 61 24.45 -27.21 -26.16
C VAL P 61 25.66 -27.81 -25.45
N LYS P 62 25.59 -27.81 -24.12
CA LYS P 62 26.65 -28.36 -23.29
C LYS P 62 26.55 -29.89 -23.23
N GLU P 63 25.66 -30.44 -24.05
CA GLU P 63 25.63 -31.89 -24.25
C GLU P 63 26.37 -32.21 -25.54
N ILE P 64 26.32 -31.29 -26.50
CA ILE P 64 27.17 -31.41 -27.67
C ILE P 64 28.59 -31.27 -27.15
N GLU P 65 28.78 -30.34 -26.22
CA GLU P 65 29.84 -30.47 -25.21
C GLU P 65 31.25 -30.48 -25.81
N ARG P 66 32.26 -30.60 -24.95
CA ARG P 66 33.57 -31.08 -25.37
C ARG P 66 33.46 -32.56 -25.78
N ASN P 67 32.48 -32.87 -26.63
CA ASN P 67 32.49 -34.08 -27.41
C ASN P 67 33.11 -33.67 -28.74
N LEU P 68 33.10 -32.36 -28.95
CA LEU P 68 33.95 -31.72 -29.96
C LEU P 68 35.40 -32.08 -29.66
N GLU P 69 35.67 -32.34 -28.39
CA GLU P 69 36.93 -32.93 -27.97
C GLU P 69 37.23 -34.17 -28.76
N LYS P 70 36.54 -35.25 -28.41
CA LYS P 70 36.77 -36.57 -29.00
C LYS P 70 38.26 -36.88 -28.93
N LYS P 71 38.95 -36.55 -30.02
CA LYS P 71 40.41 -36.56 -30.05
C LYS P 71 40.90 -35.41 -30.92
N ILE P 72 40.00 -34.46 -31.16
CA ILE P 72 40.31 -33.28 -31.97
C ILE P 72 41.21 -32.33 -31.20
N SER P 73 42.34 -31.97 -31.83
CA SER P 73 43.37 -31.16 -31.18
C SER P 73 42.85 -29.82 -30.64
N GLY P 74 41.77 -29.32 -31.23
CA GLY P 74 41.18 -28.06 -30.82
C GLY P 74 40.44 -28.15 -29.49
N PHE P 75 41.20 -28.32 -28.41
CA PHE P 75 40.63 -28.44 -27.08
C PHE P 75 40.32 -27.07 -26.49
N LYS Q 1 9.09 -7.06 62.33
CA LYS Q 1 7.65 -6.86 62.46
C LYS Q 1 6.95 -6.94 61.10
N PHE Q 2 5.73 -7.47 61.10
CA PHE Q 2 4.95 -7.67 59.89
C PHE Q 2 4.44 -6.32 59.35
N SER Q 3 3.77 -6.35 58.20
CA SER Q 3 3.52 -5.12 57.46
C SER Q 3 2.16 -4.96 56.78
N LYS Q 4 2.21 -4.30 55.62
CA LYS Q 4 1.06 -3.78 54.90
C LYS Q 4 0.13 -4.87 54.36
N GLU Q 5 0.43 -5.32 53.15
CA GLU Q 5 -0.42 -6.25 52.43
C GLU Q 5 -0.37 -7.63 53.06
N GLN Q 6 0.79 -7.99 53.60
CA GLN Q 6 1.00 -9.31 54.17
C GLN Q 6 0.09 -9.59 55.37
N LEU Q 7 -0.34 -8.52 56.05
CA LEU Q 7 -1.28 -8.67 57.17
C LEU Q 7 -2.65 -9.08 56.64
N ARG Q 8 -3.03 -8.55 55.49
CA ARG Q 8 -4.31 -8.88 54.87
C ARG Q 8 -4.34 -10.29 54.32
N THR Q 9 -3.31 -10.64 53.55
CA THR Q 9 -3.26 -11.91 52.86
C THR Q 9 -3.23 -13.07 53.86
N PHE Q 10 -2.71 -12.81 55.05
CA PHE Q 10 -2.71 -13.81 56.10
C PHE Q 10 -4.10 -14.04 56.66
N GLN Q 11 -4.84 -12.95 56.86
CA GLN Q 11 -6.22 -13.06 57.31
C GLN Q 11 -7.05 -13.71 56.20
N MET Q 12 -6.63 -13.47 54.96
CA MET Q 12 -7.28 -14.08 53.81
C MET Q 12 -7.06 -15.59 53.81
N ILE Q 13 -5.85 -16.00 54.18
CA ILE Q 13 -5.52 -17.42 54.24
C ILE Q 13 -6.34 -18.15 55.29
N HIS Q 14 -6.21 -17.70 56.53
CA HIS Q 14 -6.92 -18.33 57.65
C HIS Q 14 -8.42 -18.06 57.58
N GLU Q 15 -8.85 -17.40 56.51
CA GLU Q 15 -10.28 -17.22 56.25
C GLU Q 15 -10.88 -18.51 55.70
N ASN Q 16 -10.11 -19.20 54.88
CA ASN Q 16 -10.51 -20.52 54.36
C ASN Q 16 -10.39 -21.57 55.45
N PHE Q 17 -9.30 -21.53 56.19
CA PHE Q 17 -9.10 -22.42 57.33
C PHE Q 17 -10.15 -22.10 58.38
N GLY Q 18 -10.57 -20.84 58.42
CA GLY Q 18 -11.62 -20.42 59.34
C GLY Q 18 -12.94 -21.09 59.07
N ARG Q 19 -13.18 -21.44 57.80
CA ARG Q 19 -14.43 -22.06 57.41
C ARG Q 19 -14.29 -23.57 57.23
N ALA Q 20 -13.07 -24.01 56.92
CA ALA Q 20 -12.76 -25.43 56.86
C ALA Q 20 -12.77 -26.00 58.28
N LEU Q 21 -12.58 -25.11 59.24
CA LEU Q 21 -12.59 -25.48 60.65
C LEU Q 21 -14.01 -25.75 61.13
N SER Q 22 -14.90 -24.80 60.85
CA SER Q 22 -16.30 -24.90 61.26
C SER Q 22 -17.00 -26.11 60.67
N THR Q 23 -16.71 -26.39 59.41
CA THR Q 23 -17.35 -27.50 58.70
C THR Q 23 -16.90 -28.84 59.29
N TYR Q 24 -15.73 -28.85 59.91
CA TYR Q 24 -15.15 -30.07 60.47
C TYR Q 24 -15.64 -30.30 61.89
N LEU Q 25 -15.74 -29.22 62.66
CA LEU Q 25 -16.20 -29.28 64.04
C LEU Q 25 -17.72 -29.26 64.12
N SER Q 26 -18.40 -29.08 63.00
CA SER Q 26 -19.85 -29.12 63.00
C SER Q 26 -20.36 -30.54 62.81
N GLY Q 27 -19.52 -31.40 62.24
CA GLY Q 27 -19.87 -32.80 62.08
C GLY Q 27 -19.37 -33.63 63.25
N ARG Q 28 -18.30 -33.13 63.88
CA ARG Q 28 -17.69 -33.80 65.02
C ARG Q 28 -18.51 -33.57 66.29
N LEU Q 29 -19.15 -32.42 66.39
CA LEU Q 29 -19.97 -32.11 67.55
C LEU Q 29 -21.44 -32.41 67.33
N ARG Q 30 -21.76 -32.96 66.16
CA ARG Q 30 -23.14 -33.35 65.82
C ARG Q 30 -24.13 -32.20 65.96
N THR Q 31 -23.63 -30.96 65.88
CA THR Q 31 -24.47 -29.78 66.00
C THR Q 31 -23.85 -28.60 65.25
N PHE Q 32 -24.55 -27.47 65.22
CA PHE Q 32 -24.09 -26.29 64.51
C PHE Q 32 -22.84 -25.70 65.17
N VAL Q 33 -21.85 -25.34 64.35
CA VAL Q 33 -20.64 -24.66 64.84
C VAL Q 33 -20.25 -23.50 63.93
N ASP Q 34 -19.90 -22.36 64.52
CA ASP Q 34 -19.43 -21.22 63.76
C ASP Q 34 -18.02 -20.82 64.19
N VAL Q 35 -17.23 -20.35 63.22
CA VAL Q 35 -15.87 -19.91 63.50
C VAL Q 35 -15.58 -18.55 62.86
N GLU Q 36 -15.06 -17.63 63.68
CA GLU Q 36 -14.62 -16.33 63.18
C GLU Q 36 -13.12 -16.21 63.46
N ILE Q 37 -12.39 -15.50 62.60
CA ILE Q 37 -10.93 -15.44 62.73
C ILE Q 37 -10.40 -14.06 63.06
N SER Q 38 -9.86 -13.92 64.26
CA SER Q 38 -9.16 -12.71 64.66
C SER Q 38 -7.66 -12.88 64.42
N ILE Q 39 -6.98 -11.81 64.06
CA ILE Q 39 -5.56 -11.90 63.75
C ILE Q 39 -4.83 -10.64 64.23
N ASP Q 40 -3.65 -10.85 64.82
CA ASP Q 40 -2.89 -9.74 65.39
C ASP Q 40 -1.40 -10.07 65.53
N GLN Q 41 -0.56 -9.03 65.63
CA GLN Q 41 0.87 -9.22 65.84
C GLN Q 41 1.25 -8.88 67.28
N LEU Q 42 1.84 -9.84 67.98
CA LEU Q 42 2.33 -9.57 69.33
C LEU Q 42 3.61 -10.33 69.61
N THR Q 43 4.19 -10.06 70.78
CA THR Q 43 5.46 -10.69 71.14
C THR Q 43 5.21 -12.06 71.75
N TYR Q 44 6.25 -12.89 71.71
CA TYR Q 44 6.14 -14.30 72.10
C TYR Q 44 5.73 -14.51 73.53
N GLU Q 45 6.15 -13.62 74.42
CA GLU Q 45 5.85 -13.79 75.84
C GLU Q 45 4.46 -13.26 76.19
N GLU Q 46 3.96 -12.31 75.42
CA GLU Q 46 2.60 -11.82 75.66
C GLU Q 46 1.56 -12.86 75.26
N PHE Q 47 1.97 -13.85 74.48
CA PHE Q 47 1.08 -14.91 74.05
C PHE Q 47 1.14 -16.10 74.99
N ILE Q 48 2.35 -16.51 75.34
CA ILE Q 48 2.57 -17.62 76.26
C ILE Q 48 1.94 -17.32 77.62
N ARG Q 49 1.86 -16.02 77.97
CA ARG Q 49 1.23 -15.58 79.21
C ARG Q 49 -0.30 -15.61 79.09
N SER Q 50 -0.79 -15.29 77.89
CA SER Q 50 -2.22 -15.31 77.62
C SER Q 50 -2.80 -16.72 77.66
N VAL Q 51 -1.94 -17.73 77.52
CA VAL Q 51 -2.37 -19.12 77.65
C VAL Q 51 -2.52 -19.46 79.11
N MET Q 52 -3.68 -20.01 79.47
CA MET Q 52 -3.94 -20.29 80.87
C MET Q 52 -3.50 -21.69 81.27
N ILE Q 53 -3.14 -21.84 82.54
CA ILE Q 53 -2.56 -23.07 83.05
C ILE Q 53 -3.56 -23.81 83.94
N PRO Q 54 -3.81 -25.09 83.65
CA PRO Q 54 -3.20 -25.83 82.54
C PRO Q 54 -3.93 -25.66 81.22
N SER Q 55 -3.37 -26.19 80.15
CA SER Q 55 -4.00 -26.11 78.84
C SER Q 55 -3.51 -27.21 77.91
N PHE Q 56 -4.15 -27.31 76.75
CA PHE Q 56 -3.75 -28.26 75.73
C PHE Q 56 -2.95 -27.54 74.65
N ILE Q 57 -1.64 -27.78 74.65
CA ILE Q 57 -0.75 -27.09 73.72
C ILE Q 57 -0.03 -28.06 72.80
N VAL Q 58 -0.28 -27.93 71.50
CA VAL Q 58 0.39 -28.73 70.50
C VAL Q 58 1.42 -27.91 69.75
N ILE Q 59 2.70 -28.21 69.95
CA ILE Q 59 3.72 -27.57 69.12
C ILE Q 59 4.04 -28.50 67.96
N PHE Q 60 4.20 -27.91 66.78
CA PHE Q 60 4.37 -28.66 65.55
C PHE Q 60 5.29 -27.95 64.57
N THR Q 61 5.74 -28.70 63.57
CA THR Q 61 6.62 -28.19 62.54
C THR Q 61 6.24 -28.78 61.20
N GLY Q 62 7.05 -28.48 60.18
CA GLY Q 62 6.81 -29.00 58.85
C GLY Q 62 8.09 -29.48 58.21
N ASP Q 63 7.96 -30.07 57.02
CA ASP Q 63 9.10 -30.53 56.26
C ASP Q 63 9.86 -29.36 55.67
N VAL Q 64 9.12 -28.28 55.37
CA VAL Q 64 9.68 -27.08 54.79
C VAL Q 64 10.05 -26.06 55.87
N PHE Q 65 9.29 -26.06 56.95
CA PHE Q 65 9.53 -25.15 58.05
C PHE Q 65 10.80 -25.50 58.82
N GLU Q 66 11.63 -24.49 59.06
CA GLU Q 66 12.75 -24.65 59.96
C GLU Q 66 12.47 -23.86 61.23
N GLY Q 67 12.14 -24.61 62.28
CA GLY Q 67 11.65 -24.04 63.51
C GLY Q 67 10.36 -24.75 63.87
N SER Q 68 9.55 -24.15 64.73
CA SER Q 68 8.30 -24.78 65.12
C SER Q 68 7.20 -23.76 65.38
N ALA Q 69 5.99 -24.09 64.95
CA ALA Q 69 4.82 -23.25 65.19
C ALA Q 69 3.92 -23.91 66.24
N ILE Q 70 3.12 -23.10 66.93
CA ILE Q 70 2.34 -23.62 68.04
C ILE Q 70 0.85 -23.65 67.76
N PHE Q 71 0.22 -24.76 68.11
CA PHE Q 71 -1.23 -24.88 68.06
C PHE Q 71 -1.77 -25.07 69.47
N GLU Q 72 -2.69 -24.19 69.86
CA GLU Q 72 -3.14 -24.13 71.25
C GLU Q 72 -4.66 -24.23 71.35
N MET Q 73 -5.13 -24.85 72.43
CA MET Q 73 -6.56 -25.06 72.65
C MET Q 73 -6.91 -25.00 74.13
N ARG Q 74 -7.92 -24.20 74.46
CA ARG Q 74 -8.38 -24.10 75.84
C ARG Q 74 -9.09 -25.38 76.26
N LEU Q 75 -9.07 -25.68 77.55
CA LEU Q 75 -9.57 -26.95 78.04
C LEU Q 75 -11.08 -27.12 77.89
N ASP Q 76 -11.83 -26.05 78.15
CA ASP Q 76 -13.29 -26.13 78.14
C ASP Q 76 -13.84 -26.58 76.79
N LEU Q 77 -13.13 -26.22 75.72
CA LEU Q 77 -13.48 -26.69 74.39
C LEU Q 77 -12.94 -28.10 74.18
N PHE Q 78 -11.81 -28.35 74.82
CA PHE Q 78 -11.11 -29.62 74.67
C PHE Q 78 -11.95 -30.77 75.17
N TYR Q 79 -12.54 -30.58 76.34
CA TYR Q 79 -13.32 -31.64 76.97
C TYR Q 79 -14.75 -31.70 76.43
N THR Q 80 -15.32 -30.56 76.07
CA THR Q 80 -16.69 -30.55 75.55
C THR Q 80 -16.75 -31.35 74.25
N MET Q 81 -15.62 -31.43 73.56
CA MET Q 81 -15.50 -32.29 72.39
C MET Q 81 -15.44 -33.77 72.78
N LEU Q 82 -14.55 -34.08 73.73
CA LEU Q 82 -14.34 -35.45 74.19
C LEU Q 82 -15.61 -36.07 74.75
N ASP Q 83 -16.48 -35.21 75.27
CA ASP Q 83 -17.78 -35.63 75.79
C ASP Q 83 -18.67 -36.13 74.64
N ILE Q 84 -18.87 -35.27 73.65
CA ILE Q 84 -19.76 -35.54 72.53
C ILE Q 84 -19.35 -36.78 71.74
N ILE Q 85 -18.11 -36.78 71.26
CA ILE Q 85 -17.61 -37.83 70.38
C ILE Q 85 -17.49 -39.19 71.06
N MET Q 86 -17.88 -39.26 72.33
CA MET Q 86 -17.92 -40.54 73.03
C MET Q 86 -19.36 -40.88 73.44
N GLY Q 87 -20.30 -40.07 72.96
CA GLY Q 87 -21.71 -40.33 73.17
C GLY Q 87 -22.37 -39.41 74.19
N GLY Q 88 -21.58 -38.49 74.73
CA GLY Q 88 -22.07 -37.58 75.76
C GLY Q 88 -22.70 -36.31 75.22
N PRO Q 89 -23.34 -35.53 76.12
CA PRO Q 89 -24.00 -34.27 75.78
C PRO Q 89 -23.07 -33.06 75.80
N GLY Q 90 -21.95 -33.16 76.51
CA GLY Q 90 -20.96 -32.09 76.53
C GLY Q 90 -21.36 -30.90 77.37
N GLU Q 91 -21.44 -31.11 78.68
CA GLU Q 91 -21.90 -30.06 79.59
C GLU Q 91 -20.82 -29.60 80.55
N ASN Q 92 -20.51 -30.44 81.53
CA ASN Q 92 -19.56 -30.10 82.58
C ASN Q 92 -18.11 -30.26 82.13
N PRO Q 93 -17.34 -29.17 82.20
CA PRO Q 93 -15.92 -29.18 81.83
C PRO Q 93 -14.98 -29.23 83.04
N PRO Q 94 -14.23 -30.34 83.18
CA PRO Q 94 -13.22 -30.43 84.24
C PRO Q 94 -11.94 -29.68 83.88
N ASN Q 95 -11.49 -28.80 84.77
CA ASN Q 95 -10.28 -28.02 84.52
C ASN Q 95 -9.06 -28.70 85.13
N ARG Q 96 -8.45 -29.58 84.35
CA ARG Q 96 -7.34 -30.40 84.84
C ARG Q 96 -6.51 -30.89 83.67
N PRO Q 97 -5.25 -31.27 83.94
CA PRO Q 97 -4.41 -31.81 82.86
C PRO Q 97 -5.01 -33.04 82.21
N PRO Q 98 -4.82 -33.19 80.90
CA PRO Q 98 -5.34 -34.34 80.15
C PRO Q 98 -4.62 -35.62 80.53
N THR Q 99 -5.35 -36.72 80.57
CA THR Q 99 -4.79 -37.99 81.02
C THR Q 99 -4.02 -38.72 79.91
N GLU Q 100 -4.31 -40.00 79.76
CA GLU Q 100 -3.65 -40.81 78.75
C GLU Q 100 -4.62 -41.19 77.65
N ILE Q 101 -5.83 -41.56 78.06
CA ILE Q 101 -6.92 -41.83 77.13
C ILE Q 101 -7.30 -40.54 76.41
N GLU Q 102 -7.39 -39.47 77.19
CA GLU Q 102 -7.88 -38.19 76.69
C GLU Q 102 -6.96 -37.53 75.66
N THR Q 103 -5.65 -37.73 75.78
CA THR Q 103 -4.70 -37.15 74.84
C THR Q 103 -4.68 -37.90 73.51
N SER Q 104 -4.41 -39.22 73.58
CA SER Q 104 -4.29 -40.04 72.38
C SER Q 104 -5.53 -39.96 71.49
N ILE Q 105 -6.71 -39.83 72.10
CA ILE Q 105 -7.94 -39.66 71.34
C ILE Q 105 -7.97 -38.30 70.65
N MET Q 106 -7.55 -37.26 71.36
CA MET Q 106 -7.68 -35.91 70.84
C MET Q 106 -6.47 -35.47 70.02
N ARG Q 107 -5.42 -36.29 69.98
CA ARG Q 107 -4.25 -35.96 69.16
C ARG Q 107 -4.59 -36.17 67.68
N LYS Q 108 -5.30 -37.25 67.38
CA LYS Q 108 -5.71 -37.53 66.02
C LYS Q 108 -6.74 -36.48 65.55
N GLU Q 109 -7.37 -35.80 66.50
CA GLU Q 109 -8.34 -34.76 66.17
C GLU Q 109 -7.66 -33.46 65.76
N VAL Q 110 -6.67 -33.03 66.54
CA VAL Q 110 -5.90 -31.86 66.16
C VAL Q 110 -4.96 -32.21 65.02
N THR Q 111 -4.84 -33.50 64.72
CA THR Q 111 -4.07 -33.94 63.55
C THR Q 111 -4.88 -33.68 62.30
N ASN Q 112 -6.07 -34.25 62.24
CA ASN Q 112 -6.96 -34.01 61.11
C ASN Q 112 -7.29 -32.54 60.97
N MET Q 113 -7.36 -31.85 62.11
CA MET Q 113 -7.64 -30.43 62.14
C MET Q 113 -6.46 -29.61 61.59
N LEU Q 114 -5.24 -30.11 61.81
CA LEU Q 114 -4.05 -29.40 61.36
C LEU Q 114 -3.75 -29.67 59.90
N THR Q 115 -4.49 -30.59 59.29
CA THR Q 115 -4.33 -30.82 57.87
C THR Q 115 -5.21 -29.81 57.14
N LEU Q 116 -6.28 -29.37 57.79
CA LEU Q 116 -7.15 -28.34 57.23
C LEU Q 116 -6.41 -27.03 57.06
N LEU Q 117 -5.46 -26.79 57.96
CA LEU Q 117 -4.65 -25.59 57.93
C LEU Q 117 -3.69 -25.64 56.74
N ALA Q 118 -3.16 -26.83 56.45
CA ALA Q 118 -2.24 -27.01 55.34
C ALA Q 118 -2.95 -26.91 53.99
N GLN Q 119 -4.28 -27.00 54.01
CA GLN Q 119 -5.09 -26.89 52.80
C GLN Q 119 -5.73 -25.52 52.66
N ALA Q 120 -5.39 -24.63 53.58
CA ALA Q 120 -5.69 -23.22 53.40
C ALA Q 120 -4.41 -22.53 52.93
N TRP Q 121 -3.28 -23.12 53.32
CA TRP Q 121 -1.97 -22.62 52.92
C TRP Q 121 -1.50 -23.25 51.61
N SER Q 122 -2.38 -23.98 50.95
CA SER Q 122 -2.04 -24.71 49.74
C SER Q 122 -1.65 -23.81 48.58
N ASP Q 123 -2.05 -22.56 48.63
CA ASP Q 123 -1.72 -21.63 47.57
C ASP Q 123 -0.25 -21.25 47.60
N PHE Q 124 0.21 -20.82 48.77
CA PHE Q 124 1.52 -20.20 48.91
C PHE Q 124 2.60 -21.22 49.23
N GLN Q 125 2.31 -22.11 50.15
CA GLN Q 125 3.27 -23.14 50.55
C GLN Q 125 2.58 -24.45 50.94
N TYR Q 126 2.77 -25.49 50.13
CA TYR Q 126 2.25 -26.81 50.45
C TYR Q 126 3.20 -27.52 51.39
N PHE Q 127 2.66 -28.08 52.46
CA PHE Q 127 3.51 -28.75 53.44
C PHE Q 127 2.72 -29.82 54.20
N ILE Q 128 3.38 -30.95 54.45
CA ILE Q 128 2.76 -32.02 55.22
C ILE Q 128 3.01 -31.76 56.70
N PRO Q 129 1.93 -31.47 57.45
CA PRO Q 129 2.09 -31.06 58.86
C PRO Q 129 2.64 -32.18 59.73
N SER Q 130 3.45 -31.86 60.73
CA SER Q 130 3.99 -32.86 61.65
C SER Q 130 3.99 -32.36 63.09
N ILE Q 131 3.42 -33.15 63.99
CA ILE Q 131 3.29 -32.75 65.40
C ILE Q 131 4.52 -33.16 66.22
N GLU Q 132 5.24 -32.16 66.71
CA GLU Q 132 6.54 -32.37 67.35
C GLU Q 132 6.42 -32.83 68.79
N ASN Q 133 5.64 -32.09 69.59
CA ASN Q 133 5.49 -32.38 71.00
C ASN Q 133 4.16 -31.85 71.51
N VAL Q 134 3.68 -32.44 72.61
CA VAL Q 134 2.47 -31.95 73.27
C VAL Q 134 2.81 -31.61 74.71
N GLU Q 135 2.47 -30.40 75.14
CA GLU Q 135 2.71 -30.00 76.53
C GLU Q 135 1.42 -29.46 77.15
N THR Q 136 1.39 -29.43 78.47
CA THR Q 136 0.19 -29.06 79.19
C THR Q 136 0.37 -27.69 79.84
N ASN Q 137 1.63 -27.29 80.00
CA ASN Q 137 1.95 -26.05 80.70
C ASN Q 137 2.69 -25.07 79.81
N PRO Q 138 2.12 -23.87 79.61
CA PRO Q 138 2.68 -22.87 78.68
C PRO Q 138 4.06 -22.33 79.08
N GLN Q 139 4.47 -22.54 80.33
CA GLN Q 139 5.79 -22.07 80.74
C GLN Q 139 6.86 -23.11 80.42
N PHE Q 140 6.43 -24.21 79.82
CA PHE Q 140 7.31 -25.31 79.49
C PHE Q 140 7.76 -25.28 78.04
N VAL Q 141 6.94 -24.69 77.17
CA VAL Q 141 7.21 -24.69 75.73
C VAL Q 141 8.41 -23.81 75.39
N GLN Q 142 8.16 -22.53 75.06
CA GLN Q 142 9.23 -21.61 74.69
C GLN Q 142 10.09 -22.14 73.55
N ILE Q 143 9.61 -21.97 72.31
CA ILE Q 143 10.34 -22.45 71.14
C ILE Q 143 11.39 -21.44 70.68
N VAL Q 144 10.97 -20.21 70.46
CA VAL Q 144 11.86 -19.15 70.00
C VAL Q 144 12.01 -18.11 71.11
N PRO Q 145 13.12 -17.34 71.10
CA PRO Q 145 13.37 -16.28 72.09
C PRO Q 145 12.13 -15.45 72.41
N PRO Q 146 11.99 -15.04 73.67
CA PRO Q 146 10.76 -14.43 74.20
C PRO Q 146 10.37 -13.10 73.56
N ASN Q 147 11.28 -12.48 72.81
CA ASN Q 147 11.00 -11.17 72.22
C ASN Q 147 10.97 -11.15 70.69
N GLU Q 148 10.37 -12.18 70.10
CA GLU Q 148 10.13 -12.19 68.66
C GLU Q 148 8.69 -11.78 68.37
N ILE Q 149 8.51 -10.94 67.36
CA ILE Q 149 7.16 -10.63 66.91
C ILE Q 149 6.56 -11.92 66.35
N VAL Q 150 5.28 -12.16 66.62
CA VAL Q 150 4.65 -13.40 66.17
C VAL Q 150 3.22 -13.12 65.71
N LEU Q 151 2.81 -13.79 64.64
CA LEU Q 151 1.44 -13.69 64.14
C LEU Q 151 0.53 -14.70 64.84
N LEU Q 152 -0.56 -14.20 65.43
CA LEU Q 152 -1.48 -15.05 66.15
C LEU Q 152 -2.82 -15.11 65.45
N VAL Q 153 -3.36 -16.32 65.29
CA VAL Q 153 -4.65 -16.51 64.67
C VAL Q 153 -5.66 -16.98 65.71
N THR Q 154 -6.61 -16.12 66.05
CA THR Q 154 -7.58 -16.43 67.10
C THR Q 154 -8.93 -16.83 66.53
N ALA Q 155 -9.27 -18.11 66.67
CA ALA Q 155 -10.49 -18.65 66.11
C ALA Q 155 -11.63 -18.65 67.13
N SER Q 156 -12.57 -17.74 66.95
CA SER Q 156 -13.71 -17.64 67.86
C SER Q 156 -14.71 -18.77 67.63
N VAL Q 157 -14.42 -19.93 68.21
CA VAL Q 157 -15.32 -21.08 68.13
C VAL Q 157 -16.46 -20.93 69.14
N SER Q 158 -17.69 -20.90 68.62
CA SER Q 158 -18.86 -20.67 69.48
C SER Q 158 -20.12 -21.35 68.92
N TRP Q 159 -20.97 -21.82 69.83
CA TRP Q 159 -22.23 -22.46 69.45
C TRP Q 159 -23.21 -22.50 70.62
N GLY Q 160 -24.49 -22.40 70.32
CA GLY Q 160 -25.53 -22.44 71.34
C GLY Q 160 -25.46 -21.24 72.27
N GLU Q 161 -24.75 -21.41 73.38
CA GLU Q 161 -24.60 -20.35 74.38
C GLU Q 161 -23.13 -20.22 74.76
N PHE Q 162 -22.35 -21.22 74.37
CA PHE Q 162 -20.95 -21.35 74.78
C PHE Q 162 -20.00 -20.77 73.73
N THR Q 163 -18.90 -20.18 74.19
CA THR Q 163 -17.89 -19.63 73.30
C THR Q 163 -16.47 -19.88 73.84
N SER Q 164 -15.53 -20.13 72.92
CA SER Q 164 -14.15 -20.40 73.32
C SER Q 164 -13.19 -19.97 72.22
N PHE Q 165 -11.96 -20.48 72.27
CA PHE Q 165 -10.92 -20.02 71.35
C PHE Q 165 -9.92 -21.11 70.94
N ILE Q 166 -9.60 -21.14 69.65
CA ILE Q 166 -8.51 -21.96 69.10
C ILE Q 166 -7.41 -21.02 68.62
N ASN Q 167 -6.17 -21.23 69.07
CA ASN Q 167 -5.10 -20.32 68.71
C ASN Q 167 -3.96 -20.98 67.94
N VAL Q 168 -3.44 -20.27 66.95
CA VAL Q 168 -2.32 -20.73 66.12
C VAL Q 168 -1.21 -19.69 66.11
N CYS Q 169 0.02 -20.14 66.36
CA CYS Q 169 1.13 -19.21 66.59
C CYS Q 169 2.20 -19.26 65.50
N TRP Q 170 2.31 -18.18 64.72
CA TRP Q 170 3.27 -18.11 63.62
C TRP Q 170 4.40 -17.14 63.93
N PRO Q 171 5.53 -17.65 64.44
CA PRO Q 171 6.68 -16.80 64.80
C PRO Q 171 7.33 -16.10 63.61
N PHE Q 172 8.03 -15.00 63.86
CA PHE Q 172 8.72 -14.26 62.81
C PHE Q 172 9.79 -15.11 62.17
N SER Q 173 10.64 -15.73 63.00
CA SER Q 173 11.79 -16.49 62.54
C SER Q 173 11.44 -17.72 61.71
N LEU Q 174 10.14 -18.04 61.64
CA LEU Q 174 9.67 -19.15 60.83
C LEU Q 174 8.96 -18.66 59.58
N LEU Q 175 8.40 -17.47 59.66
CA LEU Q 175 7.66 -16.89 58.55
C LEU Q 175 8.54 -16.01 57.67
N GLU Q 176 9.54 -15.38 58.26
CA GLU Q 176 10.44 -14.46 57.55
C GLU Q 176 11.16 -15.06 56.32
N PRO Q 177 11.68 -16.31 56.43
CA PRO Q 177 12.29 -16.89 55.23
C PRO Q 177 11.27 -17.05 54.09
N LEU Q 178 10.07 -17.48 54.42
CA LEU Q 178 9.00 -17.59 53.45
C LEU Q 178 8.52 -16.20 53.00
N LEU Q 179 8.67 -15.22 53.89
CA LEU Q 179 8.14 -13.88 53.67
C LEU Q 179 8.84 -13.12 52.54
N GLU Q 180 10.15 -13.35 52.39
CA GLU Q 180 10.95 -12.58 51.44
C GLU Q 180 11.10 -13.26 50.07
N LYS Q 181 10.02 -13.90 49.62
CA LYS Q 181 9.93 -14.46 48.28
C LYS Q 181 8.47 -14.85 48.00
N LEU Q 182 7.59 -14.40 48.88
CA LEU Q 182 6.15 -14.67 48.76
C LEU Q 182 5.39 -13.37 48.55
N SER Q 183 6.12 -12.28 48.34
CA SER Q 183 5.53 -10.96 48.17
C SER Q 183 6.43 -10.04 47.35
N GLY R 1 -10.21 -59.45 93.72
CA GLY R 1 -9.59 -59.76 92.44
C GLY R 1 -8.45 -58.81 92.11
N SER R 2 -7.54 -59.26 91.24
CA SER R 2 -6.39 -58.45 90.87
C SER R 2 -6.74 -57.49 89.74
N HIS R 3 -7.57 -57.96 88.80
CA HIS R 3 -7.99 -57.13 87.68
C HIS R 3 -8.86 -55.98 88.14
N MET R 4 -9.73 -56.27 89.10
CA MET R 4 -10.65 -55.27 89.62
C MET R 4 -9.93 -54.06 90.18
N VAL R 5 -9.06 -54.30 91.14
CA VAL R 5 -8.26 -53.24 91.75
C VAL R 5 -7.43 -52.50 90.71
N GLN R 6 -6.85 -53.25 89.77
CA GLN R 6 -6.01 -52.68 88.73
C GLN R 6 -6.84 -51.82 87.77
N LEU R 7 -8.16 -51.97 87.85
CA LEU R 7 -9.08 -51.24 86.99
C LEU R 7 -9.64 -50.01 87.68
N VAL R 8 -9.89 -50.14 88.97
CA VAL R 8 -10.53 -49.09 89.75
C VAL R 8 -9.71 -47.81 89.79
N ASN R 9 -8.48 -47.89 90.30
CA ASN R 9 -7.62 -46.72 90.44
C ASN R 9 -7.29 -46.09 89.10
N PHE R 10 -7.48 -46.86 88.04
CA PHE R 10 -7.24 -46.42 86.68
C PHE R 10 -8.34 -45.49 86.19
N LEU R 11 -9.58 -45.91 86.40
CA LEU R 11 -10.77 -45.14 85.99
C LEU R 11 -11.09 -43.99 86.94
N GLN R 12 -10.41 -43.95 88.08
CA GLN R 12 -10.60 -42.85 89.02
C GLN R 12 -10.05 -41.57 88.42
N SER R 13 -9.10 -41.70 87.52
CA SER R 13 -8.43 -40.55 86.93
C SER R 13 -9.16 -40.05 85.69
N GLU R 14 -9.92 -40.93 85.05
CA GLU R 14 -10.49 -40.64 83.74
C GLU R 14 -11.83 -39.92 83.80
N HIS R 15 -12.30 -39.47 82.65
CA HIS R 15 -13.49 -38.63 82.54
C HIS R 15 -14.79 -39.40 82.78
N PRO R 16 -15.78 -38.76 83.44
CA PRO R 16 -17.13 -39.28 83.67
C PRO R 16 -17.80 -39.94 82.45
N GLN R 17 -17.37 -39.58 81.24
CA GLN R 17 -17.89 -40.21 80.03
C GLN R 17 -16.90 -41.26 79.54
N THR R 18 -15.62 -41.04 79.80
CA THR R 18 -14.60 -42.02 79.48
C THR R 18 -14.88 -43.29 80.27
N ILE R 19 -15.39 -43.11 81.47
CA ILE R 19 -15.78 -44.23 82.31
C ILE R 19 -17.04 -44.91 81.76
N ALA R 20 -18.04 -44.11 81.40
CA ALA R 20 -19.35 -44.61 80.99
C ALA R 20 -19.29 -45.46 79.72
N VAL R 21 -18.27 -45.22 78.90
CA VAL R 21 -18.08 -45.98 77.68
C VAL R 21 -17.53 -47.37 77.99
N VAL R 22 -16.52 -47.41 78.87
CA VAL R 22 -15.89 -48.66 79.27
C VAL R 22 -16.90 -49.65 79.87
N LEU R 23 -17.69 -49.18 80.83
CA LEU R 23 -18.66 -50.02 81.54
C LEU R 23 -19.83 -50.46 80.67
N SER R 24 -19.96 -49.86 79.49
CA SER R 24 -21.11 -50.12 78.63
C SER R 24 -20.98 -51.41 77.84
N TYR R 25 -19.83 -52.06 77.94
CA TYR R 25 -19.61 -53.30 77.21
C TYR R 25 -19.18 -54.43 78.16
N LEU R 26 -19.52 -54.28 79.43
CA LEU R 26 -19.23 -55.30 80.42
C LEU R 26 -20.49 -55.75 81.15
N ASP R 27 -20.31 -56.50 82.23
CA ASP R 27 -21.44 -57.02 83.00
C ASP R 27 -22.23 -55.89 83.66
N PRO R 28 -23.53 -56.13 83.94
CA PRO R 28 -24.31 -55.07 84.60
C PRO R 28 -23.86 -54.77 86.05
N PRO R 29 -23.67 -55.78 86.94
CA PRO R 29 -23.23 -55.38 88.28
C PRO R 29 -21.72 -55.54 88.55
N VAL R 30 -20.96 -56.15 87.64
CA VAL R 30 -19.51 -56.25 87.79
C VAL R 30 -18.91 -54.87 87.68
N ALA R 31 -19.55 -54.04 86.85
CA ALA R 31 -19.18 -52.65 86.70
C ALA R 31 -19.50 -51.88 87.96
N ALA R 32 -20.56 -52.30 88.64
CA ALA R 32 -20.95 -51.69 89.91
C ALA R 32 -19.88 -51.93 90.97
N GLN R 33 -19.30 -53.13 90.98
CA GLN R 33 -18.24 -53.45 91.93
C GLN R 33 -16.99 -52.59 91.66
N ILE R 34 -16.96 -51.94 90.51
CA ILE R 34 -15.97 -50.91 90.25
C ILE R 34 -16.59 -49.57 90.57
N LEU R 35 -17.88 -49.42 90.24
CA LEU R 35 -18.61 -48.20 90.52
C LEU R 35 -18.86 -48.05 92.02
N GLY R 36 -18.69 -49.14 92.75
CA GLY R 36 -18.79 -49.13 94.20
C GLY R 36 -17.43 -48.95 94.84
N ALA R 37 -16.40 -48.91 93.98
CA ALA R 37 -15.04 -48.67 94.43
C ALA R 37 -14.63 -47.24 94.07
N LEU R 38 -15.38 -46.64 93.16
CA LEU R 38 -15.31 -45.21 92.95
C LEU R 38 -16.21 -44.54 93.94
N PRO R 39 -15.78 -43.41 94.51
CA PRO R 39 -16.59 -42.63 95.45
C PRO R 39 -17.94 -42.21 94.88
N GLU R 40 -18.80 -41.66 95.73
CA GLU R 40 -20.15 -41.28 95.36
C GLU R 40 -20.19 -40.17 94.31
N GLU R 41 -19.02 -39.64 93.96
CA GLU R 41 -18.91 -38.58 92.96
C GLU R 41 -19.60 -38.90 91.65
N LEU R 42 -18.92 -39.68 90.80
CA LEU R 42 -19.43 -40.01 89.48
C LEU R 42 -20.33 -41.23 89.54
N GLN R 43 -20.51 -41.78 90.74
CA GLN R 43 -21.43 -42.87 90.96
C GLN R 43 -22.84 -42.46 90.56
N THR R 44 -23.11 -41.16 90.62
CA THR R 44 -24.41 -40.61 90.22
C THR R 44 -24.36 -39.96 88.84
N GLU R 45 -23.16 -39.71 88.32
CA GLU R 45 -23.00 -39.04 87.03
C GLU R 45 -22.55 -40.03 85.93
N VAL R 46 -21.92 -41.13 86.31
CA VAL R 46 -21.59 -42.19 85.33
C VAL R 46 -22.89 -42.84 84.87
N LEU R 47 -23.80 -43.02 85.82
CA LEU R 47 -25.10 -43.59 85.54
C LEU R 47 -25.88 -42.78 84.49
N LYS R 48 -25.82 -41.46 84.63
CA LYS R 48 -26.55 -40.56 83.74
C LYS R 48 -26.15 -40.74 82.27
N ARG R 49 -24.91 -41.17 82.06
CA ARG R 49 -24.33 -41.23 80.72
C ARG R 49 -24.44 -42.61 80.08
N ILE R 50 -24.81 -43.61 80.88
CA ILE R 50 -25.06 -44.94 80.34
C ILE R 50 -26.53 -45.05 79.97
N ALA R 51 -27.34 -44.19 80.58
CA ALA R 51 -28.75 -44.05 80.19
C ALA R 51 -28.85 -43.10 78.99
N LEU R 52 -27.89 -42.19 78.91
CA LEU R 52 -27.80 -41.27 77.78
C LEU R 52 -26.65 -41.66 76.86
N LEU R 53 -26.34 -42.96 76.82
CA LEU R 53 -25.34 -43.47 75.90
C LEU R 53 -25.95 -43.57 74.52
N GLU R 54 -25.89 -42.48 73.77
CA GLU R 54 -26.47 -42.40 72.43
C GLU R 54 -25.79 -43.40 71.50
N ARG R 55 -24.66 -43.01 70.93
CA ARG R 55 -23.89 -43.91 70.09
C ARG R 55 -22.40 -43.62 70.19
N THR R 56 -21.68 -44.52 70.85
CA THR R 56 -20.24 -44.49 70.87
C THR R 56 -19.68 -44.76 69.48
N SER R 57 -18.41 -44.42 69.28
CA SER R 57 -17.80 -44.61 67.97
C SER R 57 -16.86 -45.81 67.94
N PRO R 58 -16.81 -46.52 66.80
CA PRO R 58 -15.94 -47.67 66.57
C PRO R 58 -14.44 -47.35 66.66
N GLU R 59 -14.10 -46.07 66.75
CA GLU R 59 -12.70 -45.67 66.86
C GLU R 59 -12.36 -45.26 68.29
N VAL R 60 -13.37 -44.95 69.09
CA VAL R 60 -13.14 -44.58 70.48
C VAL R 60 -13.07 -45.84 71.34
N VAL R 61 -13.45 -46.97 70.75
CA VAL R 61 -13.35 -48.25 71.43
C VAL R 61 -12.07 -48.95 71.00
N LYS R 62 -11.68 -48.74 69.74
CA LYS R 62 -10.45 -49.32 69.20
C LYS R 62 -9.22 -48.55 69.65
N GLU R 63 -9.44 -47.40 70.30
CA GLU R 63 -8.35 -46.59 70.83
C GLU R 63 -8.19 -46.84 72.33
N ILE R 64 -9.32 -46.91 73.03
CA ILE R 64 -9.31 -47.20 74.46
C ILE R 64 -8.74 -48.60 74.69
N GLU R 65 -9.01 -49.50 73.75
CA GLU R 65 -8.53 -50.87 73.83
C GLU R 65 -7.00 -50.95 73.91
N ARG R 66 -6.33 -50.21 73.03
CA ARG R 66 -4.87 -50.28 72.94
C ARG R 66 -4.19 -49.53 74.10
N ASN R 67 -4.85 -48.48 74.61
CA ASN R 67 -4.31 -47.73 75.74
C ASN R 67 -4.50 -48.50 77.04
N LEU R 68 -5.38 -49.49 76.98
CA LEU R 68 -5.66 -50.35 78.14
C LEU R 68 -4.59 -51.39 78.35
N GLU R 69 -4.35 -52.16 77.30
CA GLU R 69 -3.45 -53.31 77.33
C GLU R 69 -2.08 -53.01 77.94
N LYS R 70 -1.69 -51.74 77.95
CA LYS R 70 -0.37 -51.34 78.42
C LYS R 70 -0.10 -51.64 79.90
N LYS R 71 -1.08 -51.42 80.76
CA LYS R 71 -0.84 -51.49 82.20
C LYS R 71 -1.40 -52.74 82.88
N ILE R 72 -2.49 -53.28 82.36
CA ILE R 72 -3.05 -54.52 82.88
C ILE R 72 -2.83 -55.65 81.87
N SER R 73 -2.17 -56.70 82.31
CA SER R 73 -1.76 -57.78 81.40
C SER R 73 -2.90 -58.70 81.00
N GLY R 74 -4.12 -58.38 81.43
CA GLY R 74 -5.27 -59.23 81.15
C GLY R 74 -6.44 -58.55 80.47
N PHE R 75 -6.41 -58.53 79.14
CA PHE R 75 -7.53 -58.02 78.36
C PHE R 75 -7.93 -58.99 77.27
N LYS S 1 -21.44 -59.13 48.14
CA LYS S 1 -22.74 -58.60 47.80
C LYS S 1 -23.30 -57.75 48.95
N PHE S 2 -24.12 -56.75 48.64
CA PHE S 2 -24.67 -55.88 49.68
C PHE S 2 -26.18 -55.95 49.83
N SER S 3 -26.68 -55.25 50.85
CA SER S 3 -28.11 -55.09 51.09
C SER S 3 -28.37 -53.75 51.77
N LYS S 4 -29.44 -53.68 52.56
CA LYS S 4 -29.72 -52.49 53.37
C LYS S 4 -28.61 -52.32 54.39
N GLU S 5 -27.96 -53.45 54.69
CA GLU S 5 -26.62 -53.55 55.31
C GLU S 5 -26.22 -52.32 56.12
N GLN S 6 -25.52 -51.41 55.46
CA GLN S 6 -25.00 -50.21 56.09
C GLN S 6 -25.18 -49.03 55.13
N LEU S 7 -26.11 -49.19 54.19
CA LEU S 7 -26.38 -48.17 53.18
C LEU S 7 -26.81 -46.87 53.85
N ARG S 8 -27.39 -47.00 55.05
CA ARG S 8 -27.82 -45.84 55.81
C ARG S 8 -26.65 -45.14 56.50
N THR S 9 -25.66 -45.93 56.93
CA THR S 9 -24.46 -45.38 57.55
C THR S 9 -23.47 -44.92 56.48
N PHE S 10 -23.42 -45.64 55.37
CA PHE S 10 -22.58 -45.27 54.24
C PHE S 10 -23.03 -43.93 53.66
N GLN S 11 -24.34 -43.80 53.45
CA GLN S 11 -24.93 -42.54 52.99
C GLN S 11 -24.64 -41.44 54.00
N MET S 12 -24.58 -41.83 55.27
CA MET S 12 -24.31 -40.91 56.37
C MET S 12 -22.86 -40.44 56.36
N ILE S 13 -21.93 -41.36 56.10
CA ILE S 13 -20.51 -41.08 56.18
C ILE S 13 -20.00 -40.17 55.05
N HIS S 14 -20.34 -40.52 53.82
CA HIS S 14 -19.85 -39.75 52.68
C HIS S 14 -20.52 -38.38 52.58
N GLU S 15 -21.63 -38.20 53.31
CA GLU S 15 -22.29 -36.90 53.34
C GLU S 15 -21.38 -35.87 54.00
N ASN S 16 -20.64 -36.30 55.01
CA ASN S 16 -19.69 -35.44 55.70
C ASN S 16 -18.40 -35.26 54.92
N PHE S 17 -18.18 -36.13 53.94
CA PHE S 17 -17.08 -35.93 53.01
C PHE S 17 -17.52 -34.96 51.93
N GLY S 18 -18.76 -35.14 51.47
CA GLY S 18 -19.32 -34.29 50.44
C GLY S 18 -19.52 -32.86 50.92
N ARG S 19 -19.70 -32.69 52.23
CA ARG S 19 -19.94 -31.38 52.80
C ARG S 19 -18.62 -30.74 53.19
N ALA S 20 -17.61 -31.57 53.41
CA ALA S 20 -16.24 -31.12 53.58
C ALA S 20 -15.65 -30.86 52.20
N LEU S 21 -16.30 -31.44 51.19
CA LEU S 21 -15.95 -31.22 49.80
C LEU S 21 -16.51 -29.87 49.32
N SER S 22 -17.80 -29.67 49.56
CA SER S 22 -18.50 -28.44 49.17
C SER S 22 -17.78 -27.19 49.65
N THR S 23 -17.37 -27.20 50.92
CA THR S 23 -16.66 -26.07 51.50
C THR S 23 -15.23 -25.97 50.98
N TYR S 24 -14.69 -27.10 50.52
CA TYR S 24 -13.32 -27.13 50.02
C TYR S 24 -13.23 -26.52 48.62
N LEU S 25 -14.03 -27.05 47.71
CA LEU S 25 -14.00 -26.61 46.32
C LEU S 25 -14.54 -25.20 46.14
N SER S 26 -15.26 -24.70 47.14
CA SER S 26 -15.76 -23.33 47.10
C SER S 26 -14.61 -22.37 47.38
N GLY S 27 -13.55 -22.88 47.98
CA GLY S 27 -12.36 -22.10 48.24
C GLY S 27 -11.36 -22.18 47.10
N ARG S 28 -11.41 -23.26 46.34
CA ARG S 28 -10.51 -23.43 45.20
C ARG S 28 -11.03 -22.68 43.98
N LEU S 29 -12.36 -22.70 43.82
CA LEU S 29 -13.00 -22.07 42.67
C LEU S 29 -13.35 -20.60 42.94
N ARG S 30 -13.14 -20.16 44.18
CA ARG S 30 -13.38 -18.78 44.58
C ARG S 30 -14.83 -18.35 44.33
N THR S 31 -15.77 -19.28 44.53
CA THR S 31 -17.18 -18.99 44.37
C THR S 31 -18.02 -20.05 45.06
N PHE S 32 -19.32 -19.81 45.17
CA PHE S 32 -20.22 -20.76 45.82
C PHE S 32 -20.35 -22.05 45.01
N VAL S 33 -19.88 -23.16 45.59
CA VAL S 33 -20.00 -24.48 44.96
C VAL S 33 -20.90 -25.40 45.77
N ASP S 34 -21.82 -26.06 45.09
CA ASP S 34 -22.75 -26.95 45.77
C ASP S 34 -22.61 -28.40 45.32
N VAL S 35 -22.57 -29.31 46.29
CA VAL S 35 -22.39 -30.74 46.01
C VAL S 35 -23.45 -31.56 46.71
N GLU S 36 -24.02 -32.54 46.01
CA GLU S 36 -24.92 -33.49 46.65
C GLU S 36 -24.45 -34.92 46.40
N ILE S 37 -24.51 -35.75 47.44
CA ILE S 37 -23.96 -37.09 47.36
C ILE S 37 -25.02 -38.14 47.02
N SER S 38 -24.67 -38.99 46.06
CA SER S 38 -25.53 -40.12 45.70
C SER S 38 -24.74 -41.42 45.85
N ILE S 39 -25.43 -42.47 46.27
CA ILE S 39 -24.77 -43.74 46.53
C ILE S 39 -25.54 -44.87 45.84
N ASP S 40 -24.83 -45.92 45.45
CA ASP S 40 -25.45 -47.04 44.73
C ASP S 40 -24.60 -48.31 44.68
N GLN S 41 -25.18 -49.35 44.10
CA GLN S 41 -24.59 -50.68 44.07
C GLN S 41 -24.61 -51.28 42.65
N LEU S 42 -23.43 -51.42 42.06
CA LEU S 42 -23.30 -52.08 40.76
C LEU S 42 -22.03 -52.92 40.72
N THR S 43 -21.85 -53.69 39.65
CA THR S 43 -20.71 -54.59 39.50
C THR S 43 -19.40 -53.83 39.27
N TYR S 44 -18.52 -54.42 38.48
CA TYR S 44 -17.42 -53.70 37.88
C TYR S 44 -17.89 -53.34 36.48
N GLU S 45 -19.19 -53.60 36.31
CA GLU S 45 -20.07 -53.35 35.16
C GLU S 45 -19.74 -52.22 34.16
N GLU S 46 -20.80 -51.51 33.77
CA GLU S 46 -20.74 -50.32 32.92
C GLU S 46 -19.78 -49.27 33.44
N PHE S 47 -19.42 -49.34 34.72
CA PHE S 47 -18.57 -48.33 35.34
C PHE S 47 -17.26 -48.13 34.57
N ILE S 48 -16.72 -49.21 34.02
CA ILE S 48 -15.52 -49.13 33.20
C ILE S 48 -15.84 -48.45 31.86
N ARG S 49 -17.11 -48.48 31.46
CA ARG S 49 -17.53 -47.75 30.26
C ARG S 49 -18.35 -46.51 30.64
N SER S 50 -18.78 -46.42 31.89
CA SER S 50 -19.52 -45.25 32.38
C SER S 50 -18.61 -44.04 32.48
N VAL S 51 -17.31 -44.30 32.51
CA VAL S 51 -16.31 -43.25 32.53
C VAL S 51 -15.86 -42.96 31.11
N MET S 52 -16.05 -41.72 30.67
CA MET S 52 -15.75 -41.32 29.30
C MET S 52 -14.27 -41.39 29.00
N ILE S 53 -13.93 -41.77 27.76
CA ILE S 53 -12.55 -41.83 27.31
C ILE S 53 -12.16 -40.58 26.52
N PRO S 54 -11.09 -39.89 26.95
CA PRO S 54 -10.32 -40.26 28.15
C PRO S 54 -10.84 -39.54 29.41
N SER S 55 -10.25 -39.86 30.55
CA SER S 55 -10.63 -39.21 31.81
C SER S 55 -9.51 -39.25 32.83
N PHE S 56 -9.72 -38.56 33.95
CA PHE S 56 -8.74 -38.50 35.02
C PHE S 56 -9.09 -39.49 36.12
N ILE S 57 -8.26 -40.51 36.27
CA ILE S 57 -8.52 -41.58 37.22
C ILE S 57 -7.31 -41.84 38.12
N VAL S 58 -7.54 -41.76 39.43
CA VAL S 58 -6.49 -42.06 40.39
C VAL S 58 -6.88 -43.26 41.24
N ILE S 59 -6.02 -44.27 41.29
CA ILE S 59 -6.23 -45.39 42.19
C ILE S 59 -5.34 -45.22 43.41
N PHE S 60 -5.92 -45.48 44.58
CA PHE S 60 -5.21 -45.25 45.84
C PHE S 60 -5.32 -46.46 46.74
N THR S 61 -4.59 -46.42 47.85
CA THR S 61 -4.65 -47.48 48.84
C THR S 61 -4.55 -46.88 50.25
N GLY S 62 -4.24 -47.72 51.23
CA GLY S 62 -4.10 -47.28 52.60
C GLY S 62 -3.26 -48.22 53.44
N ASP S 63 -2.84 -47.75 54.61
CA ASP S 63 -2.09 -48.56 55.54
C ASP S 63 -2.93 -49.75 56.00
N VAL S 64 -4.17 -49.46 56.37
CA VAL S 64 -5.09 -50.47 56.86
C VAL S 64 -5.80 -51.15 55.70
N PHE S 65 -5.54 -50.69 54.49
CA PHE S 65 -6.19 -51.23 53.31
C PHE S 65 -5.35 -52.35 52.68
N GLU S 66 -6.06 -53.30 52.09
CA GLU S 66 -5.49 -54.53 51.56
C GLU S 66 -5.77 -54.65 50.07
N GLY S 67 -5.61 -53.53 49.37
CA GLY S 67 -5.90 -53.45 47.95
C GLY S 67 -6.13 -52.01 47.57
N SER S 68 -6.82 -51.79 46.46
CA SER S 68 -6.99 -50.44 45.94
C SER S 68 -8.45 -50.07 45.72
N ALA S 69 -8.72 -48.76 45.79
CA ALA S 69 -10.02 -48.21 45.45
C ALA S 69 -9.80 -47.04 44.49
N ILE S 70 -10.87 -46.57 43.83
CA ILE S 70 -10.70 -45.62 42.73
C ILE S 70 -11.35 -44.26 42.99
N PHE S 71 -10.65 -43.21 42.57
CA PHE S 71 -11.13 -41.83 42.64
C PHE S 71 -11.20 -41.25 41.22
N GLU S 72 -12.41 -40.94 40.77
CA GLU S 72 -12.64 -40.56 39.38
C GLU S 72 -13.13 -39.12 39.22
N MET S 73 -12.61 -38.43 38.21
CA MET S 73 -13.01 -37.06 37.92
C MET S 73 -13.20 -36.82 36.43
N ARG S 74 -14.36 -36.25 36.07
CA ARG S 74 -14.66 -35.95 34.68
C ARG S 74 -13.85 -34.74 34.20
N LEU S 75 -13.40 -34.80 32.95
CA LEU S 75 -12.56 -33.73 32.39
C LEU S 75 -13.28 -32.39 32.34
N ASP S 76 -14.61 -32.43 32.40
CA ASP S 76 -15.41 -31.21 32.55
C ASP S 76 -14.95 -30.45 33.78
N LEU S 77 -14.81 -31.20 34.88
CA LEU S 77 -14.48 -30.64 36.18
C LEU S 77 -12.97 -30.54 36.38
N PHE S 78 -12.22 -31.28 35.58
CA PHE S 78 -10.77 -31.37 35.73
C PHE S 78 -10.05 -30.12 35.28
N TYR S 79 -10.36 -29.69 34.06
CA TYR S 79 -9.70 -28.53 33.50
C TYR S 79 -10.27 -27.25 34.08
N THR S 80 -11.58 -27.25 34.36
CA THR S 80 -12.24 -26.07 34.92
C THR S 80 -11.53 -25.63 36.21
N MET S 81 -11.13 -26.59 37.02
CA MET S 81 -10.35 -26.28 38.22
C MET S 81 -8.99 -25.68 37.86
N LEU S 82 -8.27 -26.37 36.98
CA LEU S 82 -6.96 -25.94 36.55
C LEU S 82 -7.00 -24.50 36.02
N ASP S 83 -8.10 -24.16 35.36
CA ASP S 83 -8.31 -22.83 34.80
C ASP S 83 -8.39 -21.76 35.88
N ILE S 84 -9.24 -21.99 36.88
CA ILE S 84 -9.46 -21.02 37.95
C ILE S 84 -8.19 -20.77 38.75
N ILE S 85 -7.55 -21.84 39.18
CA ILE S 85 -6.42 -21.76 40.10
C ILE S 85 -5.17 -21.18 39.45
N MET S 86 -5.17 -21.07 38.13
CA MET S 86 -4.06 -20.43 37.44
C MET S 86 -4.43 -19.03 36.99
N GLY S 87 -5.45 -18.47 37.64
CA GLY S 87 -5.88 -17.09 37.43
C GLY S 87 -6.76 -16.89 36.22
N GLY S 88 -7.76 -17.75 36.06
CA GLY S 88 -8.64 -17.69 34.90
C GLY S 88 -10.11 -17.82 35.21
N PRO S 89 -10.94 -17.89 34.16
CA PRO S 89 -12.40 -17.93 34.26
C PRO S 89 -12.97 -19.34 34.38
N GLY S 90 -12.28 -20.33 33.84
CA GLY S 90 -12.84 -21.67 33.73
C GLY S 90 -13.70 -21.73 32.48
N GLU S 91 -13.17 -21.15 31.41
CA GLU S 91 -13.91 -20.96 30.18
C GLU S 91 -14.16 -22.27 29.43
N ASN S 92 -13.32 -22.52 28.43
CA ASN S 92 -13.45 -23.72 27.61
C ASN S 92 -12.59 -24.87 28.13
N PRO S 93 -13.26 -25.97 28.52
CA PRO S 93 -12.57 -27.18 28.98
C PRO S 93 -12.32 -28.16 27.84
N PRO S 94 -11.05 -28.35 27.46
CA PRO S 94 -10.67 -29.24 26.36
C PRO S 94 -10.98 -30.70 26.65
N ASN S 95 -11.12 -31.51 25.60
CA ASN S 95 -11.43 -32.93 25.72
C ASN S 95 -10.28 -33.79 25.27
N ARG S 96 -9.13 -33.60 25.92
CA ARG S 96 -7.91 -34.29 25.54
C ARG S 96 -7.22 -34.84 26.78
N PRO S 97 -6.38 -35.88 26.60
CA PRO S 97 -5.59 -36.37 27.73
C PRO S 97 -4.69 -35.27 28.31
N PRO S 98 -4.70 -35.11 29.64
CA PRO S 98 -3.94 -34.07 30.35
C PRO S 98 -2.44 -34.29 30.26
N THR S 99 -1.68 -33.20 30.32
CA THR S 99 -0.23 -33.25 30.24
C THR S 99 0.41 -33.57 31.59
N GLU S 100 1.72 -33.39 31.69
CA GLU S 100 2.45 -33.64 32.92
C GLU S 100 2.32 -32.45 33.87
N ILE S 101 2.20 -31.28 33.28
CA ILE S 101 2.01 -30.04 34.03
C ILE S 101 0.69 -30.09 34.79
N GLU S 102 -0.36 -30.45 34.07
CA GLU S 102 -1.73 -30.32 34.55
C GLU S 102 -2.11 -31.40 35.58
N THR S 103 -1.59 -32.61 35.44
CA THR S 103 -1.87 -33.68 36.41
C THR S 103 -1.10 -33.45 37.72
N SER S 104 0.17 -33.07 37.60
CA SER S 104 1.03 -32.80 38.74
C SER S 104 0.40 -31.78 39.68
N ILE S 105 -0.21 -30.75 39.10
CA ILE S 105 -0.94 -29.78 39.91
C ILE S 105 -2.15 -30.42 40.56
N MET S 106 -2.87 -31.24 39.80
CA MET S 106 -4.11 -31.82 40.29
C MET S 106 -3.91 -33.02 41.22
N ARG S 107 -2.77 -33.69 41.10
CA ARG S 107 -2.50 -34.83 41.97
C ARG S 107 -2.35 -34.36 43.41
N LYS S 108 -1.94 -33.11 43.58
CA LYS S 108 -1.89 -32.51 44.90
C LYS S 108 -3.31 -32.13 45.33
N GLU S 109 -4.13 -31.75 44.36
CA GLU S 109 -5.51 -31.38 44.62
C GLU S 109 -6.32 -32.59 45.08
N VAL S 110 -6.19 -33.69 44.35
CA VAL S 110 -6.91 -34.92 44.71
C VAL S 110 -6.36 -35.54 45.99
N THR S 111 -5.06 -35.36 46.25
CA THR S 111 -4.46 -35.89 47.47
C THR S 111 -5.03 -35.14 48.67
N ASN S 112 -5.07 -33.81 48.56
CA ASN S 112 -5.69 -33.00 49.60
C ASN S 112 -7.18 -33.30 49.68
N MET S 113 -7.79 -33.53 48.52
CA MET S 113 -9.21 -33.82 48.45
C MET S 113 -9.52 -35.20 49.01
N LEU S 114 -8.60 -36.14 48.81
CA LEU S 114 -8.71 -37.49 49.34
C LEU S 114 -8.66 -37.50 50.85
N THR S 115 -7.86 -36.60 51.40
CA THR S 115 -7.65 -36.50 52.84
C THR S 115 -8.97 -36.22 53.55
N LEU S 116 -9.82 -35.43 52.93
CA LEU S 116 -11.14 -35.11 53.46
C LEU S 116 -12.02 -36.34 53.62
N LEU S 117 -11.79 -37.32 52.75
CA LEU S 117 -12.53 -38.57 52.82
C LEU S 117 -12.07 -39.38 54.02
N ALA S 118 -10.75 -39.38 54.25
CA ALA S 118 -10.18 -40.11 55.39
C ALA S 118 -10.65 -39.51 56.71
N GLN S 119 -11.01 -38.23 56.69
CA GLN S 119 -11.47 -37.54 57.89
C GLN S 119 -12.97 -37.70 58.09
N ALA S 120 -13.68 -38.04 57.03
CA ALA S 120 -15.09 -38.41 57.16
C ALA S 120 -15.17 -39.88 57.57
N TRP S 121 -14.11 -40.63 57.27
CA TRP S 121 -14.03 -42.04 57.62
C TRP S 121 -13.25 -42.24 58.91
N SER S 122 -12.97 -41.15 59.63
CA SER S 122 -12.19 -41.23 60.86
C SER S 122 -13.01 -41.81 62.01
N ASP S 123 -14.32 -41.80 61.85
CA ASP S 123 -15.22 -42.34 62.87
C ASP S 123 -15.14 -43.86 62.94
N PHE S 124 -15.03 -44.50 61.78
CA PHE S 124 -15.15 -45.96 61.73
C PHE S 124 -13.80 -46.62 61.47
N GLN S 125 -12.96 -45.97 60.66
CA GLN S 125 -11.64 -46.50 60.34
C GLN S 125 -10.71 -45.41 59.81
N TYR S 126 -9.90 -44.83 60.68
CA TYR S 126 -8.95 -43.81 60.25
C TYR S 126 -7.85 -44.43 59.40
N PHE S 127 -7.55 -43.79 58.27
CA PHE S 127 -6.49 -44.27 57.38
C PHE S 127 -5.76 -43.14 56.68
N ILE S 128 -4.61 -43.48 56.11
CA ILE S 128 -3.74 -42.55 55.44
C ILE S 128 -3.69 -42.83 53.95
N PRO S 129 -4.61 -42.22 53.19
CA PRO S 129 -4.74 -42.45 51.75
C PRO S 129 -3.47 -42.10 50.97
N SER S 130 -2.88 -43.11 50.33
CA SER S 130 -1.69 -42.89 49.52
C SER S 130 -1.94 -43.34 48.09
N ILE S 131 -1.98 -42.38 47.17
CA ILE S 131 -2.20 -42.66 45.75
C ILE S 131 -1.20 -43.70 45.26
N GLU S 132 -1.70 -44.74 44.60
CA GLU S 132 -0.83 -45.84 44.15
C GLU S 132 -0.42 -45.61 42.67
N ASN S 133 -1.39 -45.22 41.84
CA ASN S 133 -1.07 -44.86 40.46
C ASN S 133 -2.17 -44.00 39.82
N VAL S 134 -1.80 -43.25 38.78
CA VAL S 134 -2.73 -42.38 38.07
C VAL S 134 -2.79 -42.77 36.60
N GLU S 135 -3.97 -43.12 36.13
CA GLU S 135 -4.15 -43.52 34.73
C GLU S 135 -5.24 -42.66 34.07
N THR S 136 -5.27 -42.68 32.75
CA THR S 136 -6.14 -41.80 31.99
C THR S 136 -7.18 -42.55 31.19
N ASN S 137 -6.98 -43.85 31.04
CA ASN S 137 -7.93 -44.67 30.29
C ASN S 137 -8.67 -45.63 31.21
N PRO S 138 -10.01 -45.57 31.18
CA PRO S 138 -10.82 -46.36 32.11
C PRO S 138 -10.90 -47.83 31.74
N GLN S 139 -10.52 -48.22 30.53
CA GLN S 139 -10.49 -49.65 30.25
C GLN S 139 -9.07 -50.17 30.45
N PHE S 140 -8.28 -49.37 31.14
CA PHE S 140 -6.89 -49.71 31.44
C PHE S 140 -6.67 -49.99 32.91
N VAL S 141 -7.67 -49.67 33.73
CA VAL S 141 -7.57 -49.89 35.16
C VAL S 141 -7.85 -51.34 35.52
N GLN S 142 -9.14 -51.69 35.65
CA GLN S 142 -9.57 -53.03 36.02
C GLN S 142 -8.80 -53.52 37.26
N ILE S 143 -9.06 -52.89 38.40
CA ILE S 143 -8.29 -53.13 39.61
C ILE S 143 -8.74 -54.41 40.33
N VAL S 144 -9.94 -54.88 40.00
CA VAL S 144 -10.50 -56.09 40.58
C VAL S 144 -11.11 -56.96 39.47
N PRO S 145 -11.41 -58.24 39.76
CA PRO S 145 -12.14 -59.09 38.79
C PRO S 145 -13.38 -58.41 38.23
N PRO S 146 -13.54 -58.45 36.89
CA PRO S 146 -14.56 -57.71 36.13
C PRO S 146 -16.00 -57.98 36.56
N ASN S 147 -16.21 -59.03 37.35
CA ASN S 147 -17.57 -59.36 37.75
C ASN S 147 -17.80 -59.11 39.23
N GLU S 148 -16.91 -58.36 39.87
CA GLU S 148 -17.05 -58.08 41.30
C GLU S 148 -18.03 -56.94 41.55
N ILE S 149 -18.87 -57.10 42.57
CA ILE S 149 -19.81 -56.05 42.95
C ILE S 149 -19.09 -54.95 43.75
N VAL S 150 -19.48 -53.69 43.54
CA VAL S 150 -18.77 -52.54 44.10
C VAL S 150 -19.72 -51.41 44.54
N LEU S 151 -19.35 -50.74 45.63
CA LEU S 151 -20.03 -49.53 46.08
C LEU S 151 -19.60 -48.30 45.27
N LEU S 152 -20.55 -47.44 44.90
CA LEU S 152 -20.26 -46.28 44.07
C LEU S 152 -20.83 -44.98 44.62
N VAL S 153 -19.95 -44.11 45.10
CA VAL S 153 -20.37 -42.80 45.58
C VAL S 153 -20.32 -41.78 44.44
N THR S 154 -21.41 -41.05 44.25
CA THR S 154 -21.47 -40.11 43.12
C THR S 154 -21.81 -38.70 43.56
N ALA S 155 -20.82 -37.82 43.49
CA ALA S 155 -20.98 -36.45 43.92
C ALA S 155 -21.33 -35.54 42.75
N SER S 156 -22.54 -35.00 42.77
CA SER S 156 -22.97 -34.08 41.73
C SER S 156 -22.48 -32.66 42.00
N VAL S 157 -21.24 -32.39 41.62
CA VAL S 157 -20.67 -31.05 41.79
C VAL S 157 -21.30 -30.10 40.78
N SER S 158 -21.77 -28.96 41.26
CA SER S 158 -22.41 -27.99 40.40
C SER S 158 -22.34 -26.60 41.01
N TRP S 159 -22.24 -25.59 40.16
CA TRP S 159 -22.11 -24.22 40.62
C TRP S 159 -22.40 -23.22 39.49
N GLY S 160 -23.23 -22.23 39.79
CA GLY S 160 -23.60 -21.24 38.81
C GLY S 160 -24.38 -21.82 37.64
N GLU S 161 -23.66 -22.48 36.74
CA GLU S 161 -24.27 -23.06 35.55
C GLU S 161 -23.77 -24.48 35.27
N PHE S 162 -22.47 -24.72 35.45
CA PHE S 162 -21.87 -26.02 35.16
C PHE S 162 -22.30 -27.09 36.17
N THR S 163 -22.17 -28.35 35.76
CA THR S 163 -22.53 -29.49 36.60
C THR S 163 -21.85 -30.77 36.11
N SER S 164 -20.91 -31.27 36.91
CA SER S 164 -20.16 -32.47 36.55
C SER S 164 -20.23 -33.48 37.69
N PHE S 165 -19.28 -34.42 37.72
CA PHE S 165 -19.37 -35.53 38.65
C PHE S 165 -18.02 -36.02 39.18
N ILE S 166 -17.94 -36.17 40.49
CA ILE S 166 -16.83 -36.85 41.16
C ILE S 166 -17.32 -38.21 41.65
N ASN S 167 -16.74 -39.28 41.11
CA ASN S 167 -17.15 -40.63 41.52
C ASN S 167 -16.08 -41.33 42.36
N VAL S 168 -16.56 -42.12 43.33
CA VAL S 168 -15.69 -42.86 44.23
C VAL S 168 -16.06 -44.34 44.23
N CYS S 169 -15.07 -45.19 44.01
CA CYS S 169 -15.32 -46.62 43.89
C CYS S 169 -14.80 -47.43 45.07
N TRP S 170 -15.72 -48.06 45.82
CA TRP S 170 -15.34 -48.94 46.91
C TRP S 170 -15.61 -50.41 46.57
N PRO S 171 -14.56 -51.14 46.15
CA PRO S 171 -14.69 -52.58 45.90
C PRO S 171 -14.97 -53.35 47.19
N PHE S 172 -15.57 -54.53 47.08
CA PHE S 172 -15.94 -55.25 48.30
C PHE S 172 -14.79 -56.04 48.89
N SER S 173 -13.82 -56.43 48.06
CA SER S 173 -12.66 -57.17 48.54
C SER S 173 -11.81 -56.37 49.53
N LEU S 174 -12.18 -55.10 49.74
CA LEU S 174 -11.53 -54.26 50.73
C LEU S 174 -12.50 -53.82 51.82
N LEU S 175 -13.79 -54.09 51.62
CA LEU S 175 -14.81 -53.64 52.57
C LEU S 175 -15.23 -54.73 53.55
N GLU S 176 -15.39 -55.95 53.05
CA GLU S 176 -15.86 -57.05 53.89
C GLU S 176 -14.94 -57.39 55.07
N PRO S 177 -13.60 -57.29 54.90
CA PRO S 177 -12.86 -57.60 56.13
C PRO S 177 -12.93 -56.48 57.16
N LEU S 178 -13.53 -55.36 56.78
CA LEU S 178 -13.65 -54.21 57.68
C LEU S 178 -15.09 -54.06 58.14
N LEU S 179 -16.01 -54.73 57.46
CA LEU S 179 -17.42 -54.63 57.79
C LEU S 179 -17.89 -55.85 58.57
N GLU S 180 -16.95 -56.69 59.00
CA GLU S 180 -17.26 -57.91 59.76
C GLU S 180 -18.11 -57.60 61.00
N LYS S 181 -17.44 -57.17 62.07
CA LYS S 181 -18.14 -56.73 63.27
C LYS S 181 -17.70 -55.32 63.67
N LEU S 182 -17.36 -54.51 62.67
CA LEU S 182 -17.03 -53.12 62.90
C LEU S 182 -18.17 -52.22 62.40
N SER S 183 -19.40 -52.66 62.62
CA SER S 183 -20.58 -51.89 62.25
C SER S 183 -21.85 -52.47 62.91
N GLY T 1 18.34 -19.69 19.08
CA GLY T 1 19.02 -20.15 20.27
C GLY T 1 18.63 -21.57 20.65
N SER T 2 19.41 -22.20 21.53
CA SER T 2 19.16 -23.57 21.96
C SER T 2 17.88 -23.65 22.79
N HIS T 3 17.68 -22.67 23.66
CA HIS T 3 16.50 -22.62 24.51
C HIS T 3 15.23 -22.41 23.69
N MET T 4 15.24 -21.37 22.86
CA MET T 4 14.09 -20.96 22.06
C MET T 4 13.46 -22.13 21.31
N VAL T 5 14.28 -22.96 20.69
CA VAL T 5 13.80 -24.11 19.95
C VAL T 5 13.15 -25.12 20.88
N GLN T 6 13.82 -25.41 22.00
CA GLN T 6 13.40 -26.46 22.91
C GLN T 6 12.22 -26.04 23.79
N LEU T 7 11.89 -24.76 23.73
CA LEU T 7 10.87 -24.19 24.61
C LEU T 7 9.53 -24.09 23.90
N VAL T 8 9.57 -23.70 22.63
CA VAL T 8 8.37 -23.46 21.85
C VAL T 8 7.54 -24.74 21.66
N ASN T 9 8.20 -25.80 21.21
CA ASN T 9 7.50 -27.06 20.93
C ASN T 9 6.96 -27.73 22.20
N PHE T 10 7.25 -27.15 23.36
CA PHE T 10 6.74 -27.67 24.62
C PHE T 10 5.41 -27.02 24.99
N LEU T 11 5.31 -25.72 24.79
CA LEU T 11 4.10 -24.99 25.14
C LEU T 11 3.00 -25.11 24.09
N GLN T 12 3.30 -25.81 22.99
CA GLN T 12 2.29 -26.01 21.95
C GLN T 12 1.15 -26.88 22.45
N SER T 13 1.47 -27.84 23.31
CA SER T 13 0.48 -28.78 23.81
C SER T 13 -0.24 -28.27 25.04
N GLU T 14 0.35 -27.26 25.67
CA GLU T 14 -0.15 -26.77 26.95
C GLU T 14 -1.48 -26.04 26.85
N HIS T 15 -2.18 -25.96 27.98
CA HIS T 15 -3.43 -25.23 28.07
C HIS T 15 -3.16 -23.78 27.73
N PRO T 16 -4.11 -23.11 27.05
CA PRO T 16 -4.03 -21.68 26.73
C PRO T 16 -3.53 -20.84 27.89
N GLN T 17 -4.15 -20.98 29.05
CA GLN T 17 -3.76 -20.18 30.20
C GLN T 17 -2.46 -20.68 30.83
N THR T 18 -2.21 -21.98 30.74
CA THR T 18 -0.93 -22.53 31.20
C THR T 18 0.21 -21.76 30.54
N ILE T 19 0.10 -21.59 29.23
CA ILE T 19 1.10 -20.84 28.47
C ILE T 19 1.18 -19.39 28.95
N ALA T 20 0.00 -18.81 29.14
CA ALA T 20 -0.12 -17.42 29.54
C ALA T 20 0.66 -17.11 30.83
N VAL T 21 0.47 -17.95 31.84
CA VAL T 21 1.15 -17.72 33.11
C VAL T 21 2.65 -17.80 32.91
N VAL T 22 3.10 -18.76 32.11
CA VAL T 22 4.52 -18.95 31.83
C VAL T 22 5.15 -17.71 31.21
N LEU T 23 4.56 -17.23 30.12
CA LEU T 23 5.07 -16.06 29.41
C LEU T 23 5.05 -14.82 30.29
N SER T 24 4.24 -14.84 31.34
CA SER T 24 4.09 -13.67 32.20
C SER T 24 5.33 -13.47 33.06
N TYR T 25 6.01 -14.56 33.41
CA TYR T 25 7.16 -14.48 34.30
C TYR T 25 8.49 -14.42 33.54
N LEU T 26 8.44 -14.72 32.25
CA LEU T 26 9.64 -14.64 31.42
C LEU T 26 9.97 -13.20 31.05
N ASP T 27 11.22 -12.95 30.69
CA ASP T 27 11.64 -11.65 30.21
C ASP T 27 10.89 -11.32 28.92
N PRO T 28 10.25 -10.13 28.85
CA PRO T 28 9.52 -9.70 27.65
C PRO T 28 10.23 -9.96 26.30
N PRO T 29 11.58 -9.90 26.24
CA PRO T 29 12.20 -10.34 24.98
C PRO T 29 12.01 -11.83 24.70
N VAL T 30 12.19 -12.67 25.72
CA VAL T 30 12.02 -14.11 25.56
C VAL T 30 10.57 -14.46 25.29
N ALA T 31 9.67 -13.70 25.91
CA ALA T 31 8.23 -13.89 25.72
C ALA T 31 7.82 -13.64 24.28
N ALA T 32 8.62 -12.85 23.58
CA ALA T 32 8.33 -12.51 22.18
C ALA T 32 8.56 -13.70 21.26
N GLN T 33 9.82 -14.10 21.12
CA GLN T 33 10.21 -15.16 20.20
C GLN T 33 9.34 -16.40 20.33
N ILE T 34 8.95 -16.72 21.56
CA ILE T 34 8.06 -17.83 21.87
C ILE T 34 6.66 -17.63 21.31
N LEU T 35 6.14 -16.42 21.47
CA LEU T 35 4.79 -16.10 21.02
C LEU T 35 4.77 -15.96 19.49
N GLY T 36 5.92 -15.66 18.92
CA GLY T 36 6.02 -15.45 17.49
C GLY T 36 6.16 -16.74 16.69
N ALA T 37 6.56 -17.80 17.38
CA ALA T 37 6.72 -19.12 16.76
C ALA T 37 5.53 -20.01 17.08
N LEU T 38 4.63 -19.49 17.91
CA LEU T 38 3.37 -20.15 18.17
C LEU T 38 2.37 -19.85 17.06
N PRO T 39 1.57 -20.85 16.67
CA PRO T 39 0.48 -20.63 15.72
C PRO T 39 -0.55 -19.66 16.27
N GLU T 40 -1.30 -19.00 15.40
CA GLU T 40 -2.39 -18.11 15.81
C GLU T 40 -3.18 -18.81 16.90
N GLU T 41 -3.58 -20.04 16.59
CA GLU T 41 -3.99 -21.04 17.58
C GLU T 41 -4.59 -20.44 18.84
N LEU T 42 -3.70 -20.17 19.78
CA LEU T 42 -4.06 -19.62 21.06
C LEU T 42 -3.35 -18.28 21.22
N GLN T 43 -2.47 -17.97 20.27
CA GLN T 43 -1.81 -16.66 20.25
C GLN T 43 -2.86 -15.56 20.29
N THR T 44 -4.05 -15.87 19.77
CA THR T 44 -5.19 -14.99 19.91
C THR T 44 -5.77 -15.09 21.32
N GLU T 45 -6.01 -16.31 21.77
CA GLU T 45 -6.66 -16.54 23.06
C GLU T 45 -5.65 -16.67 24.21
N VAL T 46 -4.37 -16.43 23.95
CA VAL T 46 -3.39 -16.28 25.02
C VAL T 46 -3.28 -14.81 25.34
N LEU T 47 -3.18 -14.00 24.30
CA LEU T 47 -3.15 -12.55 24.44
C LEU T 47 -4.42 -12.06 25.14
N LYS T 48 -5.55 -12.69 24.83
CA LYS T 48 -6.80 -12.41 25.53
C LYS T 48 -6.63 -12.76 27.01
N ARG T 49 -5.90 -13.84 27.26
CA ARG T 49 -5.80 -14.40 28.60
C ARG T 49 -4.78 -13.69 29.51
N ILE T 50 -3.56 -13.43 29.05
CA ILE T 50 -2.61 -12.73 29.91
C ILE T 50 -3.14 -11.35 30.26
N ALA T 51 -4.07 -10.87 29.43
CA ALA T 51 -4.72 -9.59 29.65
C ALA T 51 -5.58 -9.57 30.90
N LEU T 52 -5.99 -10.75 31.34
CA LEU T 52 -6.96 -10.86 32.43
C LEU T 52 -6.46 -11.73 33.58
N LEU T 53 -5.16 -11.65 33.87
CA LEU T 53 -4.64 -12.37 35.02
C LEU T 53 -4.29 -11.37 36.12
N GLU T 54 -4.99 -11.50 37.25
CA GLU T 54 -4.73 -10.67 38.41
C GLU T 54 -4.10 -11.56 39.49
N ARG T 55 -2.78 -11.48 39.60
CA ARG T 55 -2.01 -12.36 40.47
C ARG T 55 -2.11 -13.82 40.00
N THR T 56 -1.18 -14.65 40.44
CA THR T 56 -1.25 -16.09 40.16
C THR T 56 -1.04 -16.88 41.44
N SER T 57 -0.96 -18.20 41.31
CA SER T 57 -0.68 -19.03 42.46
C SER T 57 0.83 -19.09 42.68
N PRO T 58 1.27 -18.81 43.91
CA PRO T 58 2.68 -18.90 44.29
C PRO T 58 3.25 -20.29 44.05
N GLU T 59 2.39 -21.31 44.17
CA GLU T 59 2.85 -22.68 43.97
C GLU T 59 2.84 -23.08 42.50
N VAL T 60 1.86 -22.58 41.74
CA VAL T 60 1.76 -22.92 40.33
C VAL T 60 3.01 -22.46 39.60
N VAL T 61 3.68 -21.47 40.19
CA VAL T 61 4.97 -21.00 39.71
C VAL T 61 6.06 -21.98 40.08
N LYS T 62 6.12 -22.31 41.37
CA LYS T 62 7.09 -23.28 41.89
C LYS T 62 7.02 -24.58 41.11
N GLU T 63 5.80 -25.04 40.83
CA GLU T 63 5.64 -26.28 40.09
C GLU T 63 6.25 -26.17 38.70
N ILE T 64 5.80 -25.19 37.93
CA ILE T 64 6.29 -25.00 36.58
C ILE T 64 7.81 -24.73 36.55
N GLU T 65 8.30 -23.96 37.52
CA GLU T 65 9.74 -23.73 37.68
C GLU T 65 10.49 -25.05 37.83
N ARG T 66 9.95 -25.93 38.68
CA ARG T 66 10.50 -27.26 38.85
C ARG T 66 10.09 -28.15 37.67
N ASN T 67 9.05 -27.73 36.95
CA ASN T 67 8.61 -28.47 35.76
C ASN T 67 9.33 -27.97 34.50
N LEU T 68 10.25 -27.04 34.68
CA LEU T 68 11.23 -26.77 33.64
C LEU T 68 12.09 -28.01 33.56
N GLU T 69 12.38 -28.54 34.75
CA GLU T 69 12.77 -29.93 34.97
C GLU T 69 13.81 -30.51 34.02
N LYS T 70 13.70 -31.81 33.82
CA LYS T 70 14.59 -32.60 32.97
C LYS T 70 14.40 -32.36 31.48
N LYS T 71 13.79 -31.24 31.11
CA LYS T 71 13.52 -30.93 29.70
C LYS T 71 14.34 -29.75 29.18
N ILE T 72 14.21 -28.58 29.82
CA ILE T 72 15.05 -27.44 29.44
C ILE T 72 16.50 -27.74 29.86
N SER T 73 17.41 -27.57 28.92
CA SER T 73 18.79 -27.97 29.17
C SER T 73 19.54 -26.93 30.01
N GLY T 74 19.12 -25.68 29.92
CA GLY T 74 19.80 -24.61 30.64
C GLY T 74 18.89 -23.79 31.52
N PHE T 75 18.96 -24.02 32.81
CA PHE T 75 18.16 -23.26 33.76
C PHE T 75 18.73 -21.86 33.96
N LYS U 1 -5.49 -32.88 -47.40
CA LYS U 1 -6.42 -33.93 -47.83
C LYS U 1 -7.01 -33.61 -49.20
N PHE U 2 -6.42 -34.19 -50.25
CA PHE U 2 -6.93 -33.99 -51.61
C PHE U 2 -7.40 -35.29 -52.26
N SER U 3 -7.81 -35.20 -53.52
CA SER U 3 -8.56 -36.29 -54.14
C SER U 3 -8.26 -36.54 -55.62
N LYS U 4 -9.07 -37.43 -56.20
CA LYS U 4 -9.00 -37.81 -57.61
C LYS U 4 -10.21 -37.23 -58.35
N GLU U 5 -11.29 -36.98 -57.60
CA GLU U 5 -12.54 -36.45 -58.15
C GLU U 5 -12.49 -34.95 -58.41
N GLN U 6 -11.67 -34.24 -57.65
CA GLN U 6 -11.52 -32.80 -57.82
C GLN U 6 -10.60 -32.49 -59.01
N LEU U 7 -10.04 -33.54 -59.59
CA LEU U 7 -9.27 -33.43 -60.83
C LEU U 7 -10.21 -33.06 -61.99
N ARG U 8 -11.48 -33.47 -61.86
CA ARG U 8 -12.52 -33.21 -62.84
C ARG U 8 -12.82 -31.71 -62.97
N THR U 9 -13.02 -31.06 -61.84
CA THR U 9 -13.46 -29.68 -61.80
C THR U 9 -12.29 -28.69 -61.92
N PHE U 10 -11.14 -29.04 -61.37
CA PHE U 10 -10.07 -28.07 -61.20
C PHE U 10 -9.00 -28.04 -62.29
N GLN U 11 -9.05 -28.97 -63.24
CA GLN U 11 -8.24 -28.77 -64.44
C GLN U 11 -9.17 -28.32 -65.54
N MET U 12 -10.45 -28.21 -65.20
CA MET U 12 -11.45 -27.70 -66.12
C MET U 12 -12.03 -26.39 -65.59
N ILE U 13 -11.26 -25.66 -64.78
CA ILE U 13 -11.57 -24.27 -64.45
C ILE U 13 -10.32 -23.42 -64.64
N HIS U 14 -9.16 -24.07 -64.65
CA HIS U 14 -7.93 -23.46 -65.15
C HIS U 14 -7.87 -23.79 -66.64
N GLU U 15 -8.90 -24.50 -67.08
CA GLU U 15 -9.15 -24.85 -68.48
C GLU U 15 -9.13 -23.62 -69.39
N ASN U 16 -10.08 -22.72 -69.16
CA ASN U 16 -10.26 -21.59 -70.05
C ASN U 16 -9.52 -20.33 -69.62
N PHE U 17 -8.92 -20.34 -68.43
CA PHE U 17 -8.04 -19.26 -68.04
C PHE U 17 -6.77 -19.32 -68.88
N GLY U 18 -6.43 -20.51 -69.35
CA GLY U 18 -5.24 -20.71 -70.16
C GLY U 18 -5.45 -20.33 -71.61
N ARG U 19 -6.72 -20.25 -72.03
CA ARG U 19 -7.03 -19.89 -73.41
C ARG U 19 -7.71 -18.53 -73.50
N ALA U 20 -8.10 -17.99 -72.34
CA ALA U 20 -8.52 -16.59 -72.26
C ALA U 20 -7.28 -15.74 -72.06
N LEU U 21 -6.18 -16.39 -71.69
CA LEU U 21 -4.89 -15.73 -71.56
C LEU U 21 -4.09 -15.88 -72.85
N SER U 22 -4.22 -17.03 -73.51
CA SER U 22 -3.45 -17.32 -74.72
C SER U 22 -3.79 -16.38 -75.88
N THR U 23 -4.93 -15.72 -75.78
CA THR U 23 -5.37 -14.77 -76.80
C THR U 23 -5.37 -13.32 -76.29
N TYR U 24 -5.36 -13.16 -74.97
CA TYR U 24 -5.31 -11.82 -74.37
C TYR U 24 -3.92 -11.24 -74.43
N LEU U 25 -2.92 -12.05 -74.10
CA LEU U 25 -1.53 -11.64 -74.24
C LEU U 25 -1.18 -11.57 -75.72
N SER U 26 -1.77 -12.46 -76.51
CA SER U 26 -1.50 -12.51 -77.94
C SER U 26 -2.05 -11.31 -78.69
N GLY U 27 -2.93 -10.56 -78.02
CA GLY U 27 -3.53 -9.37 -78.59
C GLY U 27 -2.75 -8.11 -78.30
N ARG U 28 -1.95 -8.14 -77.24
CA ARG U 28 -1.12 -6.98 -76.89
C ARG U 28 0.36 -7.27 -77.07
N LEU U 29 0.72 -8.52 -77.37
CA LEU U 29 2.12 -8.84 -77.61
C LEU U 29 2.43 -9.01 -79.09
N ARG U 30 1.49 -8.59 -79.94
CA ARG U 30 1.75 -8.46 -81.39
C ARG U 30 2.03 -9.81 -82.07
N THR U 31 1.86 -10.90 -81.34
CA THR U 31 2.07 -12.24 -81.90
C THR U 31 1.11 -13.25 -81.27
N PHE U 32 0.85 -14.33 -82.00
CA PHE U 32 -0.17 -15.29 -81.60
C PHE U 32 0.28 -16.20 -80.46
N VAL U 33 0.80 -17.38 -80.81
CA VAL U 33 1.45 -18.33 -79.90
C VAL U 33 0.63 -18.81 -78.69
N ASP U 34 1.20 -19.78 -78.00
CA ASP U 34 0.47 -20.61 -77.04
C ASP U 34 0.75 -20.31 -75.57
N VAL U 35 -0.16 -20.77 -74.72
CA VAL U 35 0.03 -20.85 -73.27
C VAL U 35 -0.63 -22.14 -72.76
N GLU U 36 0.17 -23.07 -72.23
CA GLU U 36 -0.37 -24.38 -71.84
C GLU U 36 -0.44 -24.55 -70.32
N ILE U 37 -1.57 -25.08 -69.85
CA ILE U 37 -1.86 -25.23 -68.42
C ILE U 37 -1.43 -26.58 -67.84
N SER U 38 -0.58 -26.53 -66.83
CA SER U 38 -0.14 -27.73 -66.12
C SER U 38 -0.45 -27.61 -64.62
N ILE U 39 -1.51 -28.28 -64.19
CA ILE U 39 -1.92 -28.22 -62.79
C ILE U 39 -1.19 -29.30 -61.98
N ASP U 40 -0.89 -28.98 -60.72
CA ASP U 40 -0.17 -29.91 -59.85
C ASP U 40 -0.37 -29.49 -58.39
N GLN U 41 0.42 -30.06 -57.48
CA GLN U 41 0.33 -29.70 -56.08
C GLN U 41 1.51 -30.19 -55.24
N LEU U 42 2.00 -29.33 -54.34
CA LEU U 42 3.05 -29.65 -53.39
C LEU U 42 2.94 -28.76 -52.15
N THR U 43 3.87 -28.92 -51.21
CA THR U 43 3.88 -28.12 -49.98
C THR U 43 4.03 -26.65 -50.30
N TYR U 44 3.38 -25.79 -49.51
CA TYR U 44 3.50 -24.35 -49.68
C TYR U 44 4.93 -23.87 -49.45
N GLU U 45 5.69 -24.65 -48.69
CA GLU U 45 7.10 -24.33 -48.42
C GLU U 45 7.97 -24.60 -49.66
N GLU U 46 7.59 -25.59 -50.46
CA GLU U 46 8.35 -25.95 -51.65
C GLU U 46 7.90 -25.15 -52.88
N PHE U 47 6.85 -24.34 -52.72
CA PHE U 47 6.41 -23.42 -53.76
C PHE U 47 6.91 -22.02 -53.47
N ILE U 48 7.10 -21.73 -52.18
CA ILE U 48 7.60 -20.43 -51.75
C ILE U 48 9.12 -20.37 -51.96
N ARG U 49 9.75 -21.53 -52.13
CA ARG U 49 11.20 -21.55 -52.35
C ARG U 49 11.51 -21.85 -53.82
N SER U 50 10.48 -22.21 -54.58
CA SER U 50 10.64 -22.47 -56.02
C SER U 50 10.76 -21.16 -56.79
N VAL U 51 10.01 -20.16 -56.34
CA VAL U 51 10.04 -18.85 -56.96
C VAL U 51 11.39 -18.19 -56.73
N MET U 52 12.08 -17.88 -57.81
CA MET U 52 13.42 -17.31 -57.73
C MET U 52 13.39 -15.85 -57.34
N ILE U 53 14.41 -15.44 -56.60
CA ILE U 53 14.51 -14.09 -56.06
C ILE U 53 15.32 -13.19 -56.97
N PRO U 54 14.76 -12.02 -57.33
CA PRO U 54 13.39 -11.65 -56.98
C PRO U 54 12.41 -12.07 -58.07
N SER U 55 11.14 -11.70 -57.91
CA SER U 55 10.13 -12.02 -58.91
C SER U 55 8.96 -11.04 -58.77
N PHE U 56 7.89 -11.28 -59.52
CA PHE U 56 6.70 -10.45 -59.39
C PHE U 56 5.55 -11.26 -58.81
N ILE U 57 5.18 -10.95 -57.57
CA ILE U 57 4.19 -11.74 -56.83
C ILE U 57 3.01 -10.87 -56.40
N VAL U 58 1.81 -11.27 -56.79
CA VAL U 58 0.58 -10.57 -56.43
C VAL U 58 -0.30 -11.43 -55.53
N ILE U 59 -0.44 -11.05 -54.26
CA ILE U 59 -1.37 -11.74 -53.37
C ILE U 59 -2.74 -11.04 -53.38
N PHE U 60 -3.72 -11.69 -53.99
CA PHE U 60 -5.01 -11.08 -54.22
C PHE U 60 -6.12 -11.75 -53.43
N THR U 61 -7.33 -11.22 -53.55
CA THR U 61 -8.48 -11.77 -52.83
C THR U 61 -9.78 -11.44 -53.55
N GLY U 62 -10.88 -11.86 -52.96
CA GLY U 62 -12.20 -11.58 -53.49
C GLY U 62 -13.21 -11.35 -52.39
N ASP U 63 -14.43 -10.99 -52.78
CA ASP U 63 -15.51 -10.75 -51.83
C ASP U 63 -15.88 -12.05 -51.10
N VAL U 64 -15.97 -13.14 -51.86
CA VAL U 64 -16.32 -14.44 -51.33
C VAL U 64 -15.26 -14.97 -50.35
N PHE U 65 -13.99 -14.77 -50.71
CA PHE U 65 -12.89 -15.34 -49.92
C PHE U 65 -12.55 -14.49 -48.69
N GLU U 66 -12.27 -15.18 -47.60
CA GLU U 66 -11.87 -14.55 -46.34
C GLU U 66 -10.38 -14.76 -46.10
N GLY U 67 -9.57 -14.26 -47.04
CA GLY U 67 -8.14 -14.42 -47.00
C GLY U 67 -7.57 -14.11 -48.37
N SER U 68 -6.44 -14.73 -48.72
CA SER U 68 -5.79 -14.39 -49.98
C SER U 68 -5.33 -15.60 -50.80
N ALA U 69 -4.62 -15.32 -51.89
CA ALA U 69 -4.03 -16.31 -52.77
C ALA U 69 -3.04 -15.60 -53.68
N ILE U 70 -2.12 -16.36 -54.28
CA ILE U 70 -1.00 -15.76 -55.01
C ILE U 70 -1.13 -15.84 -56.53
N PHE U 71 -0.79 -14.74 -57.20
CA PHE U 71 -0.62 -14.73 -58.65
C PHE U 71 0.85 -14.40 -58.99
N GLU U 72 1.61 -15.43 -59.35
CA GLU U 72 3.04 -15.29 -59.57
C GLU U 72 3.40 -15.10 -61.04
N MET U 73 4.44 -14.29 -61.29
CA MET U 73 4.94 -14.02 -62.64
C MET U 73 6.44 -13.80 -62.59
N ARG U 74 7.20 -14.64 -63.28
CA ARG U 74 8.66 -14.54 -63.25
C ARG U 74 9.16 -13.31 -63.99
N LEU U 75 10.39 -12.91 -63.69
CA LEU U 75 10.96 -11.67 -64.19
C LEU U 75 11.35 -11.72 -65.66
N ASP U 76 11.75 -12.88 -66.15
CA ASP U 76 12.08 -13.05 -67.57
C ASP U 76 10.86 -12.75 -68.42
N LEU U 77 9.68 -12.96 -67.84
CA LEU U 77 8.42 -12.70 -68.51
C LEU U 77 7.87 -11.33 -68.13
N PHE U 78 8.16 -10.92 -66.91
CA PHE U 78 7.63 -9.68 -66.36
C PHE U 78 8.03 -8.44 -67.15
N TYR U 79 9.30 -8.37 -67.53
CA TYR U 79 9.80 -7.21 -68.26
C TYR U 79 9.61 -7.33 -69.76
N THR U 80 9.56 -8.56 -70.25
CA THR U 80 9.36 -8.81 -71.67
C THR U 80 8.06 -8.15 -72.12
N MET U 81 7.05 -8.25 -71.27
CA MET U 81 5.74 -7.68 -71.54
C MET U 81 5.77 -6.15 -71.49
N LEU U 82 6.50 -5.62 -70.52
CA LEU U 82 6.59 -4.18 -70.33
C LEU U 82 7.19 -3.48 -71.55
N ASP U 83 8.24 -4.08 -72.11
CA ASP U 83 8.95 -3.50 -73.25
C ASP U 83 8.02 -3.41 -74.46
N ILE U 84 7.12 -4.38 -74.57
CA ILE U 84 6.19 -4.41 -75.69
C ILE U 84 5.11 -3.36 -75.54
N ILE U 85 4.46 -3.35 -74.38
CA ILE U 85 3.29 -2.49 -74.14
C ILE U 85 3.65 -1.01 -73.98
N MET U 86 4.87 -0.65 -74.38
CA MET U 86 5.29 0.73 -74.34
C MET U 86 5.93 1.12 -75.68
N GLY U 87 5.98 0.16 -76.61
CA GLY U 87 6.50 0.41 -77.94
C GLY U 87 7.95 -0.02 -78.13
N GLY U 88 8.21 -1.31 -77.95
CA GLY U 88 9.55 -1.84 -78.08
C GLY U 88 9.60 -3.29 -78.52
N PRO U 89 10.82 -3.85 -78.61
CA PRO U 89 11.05 -5.22 -79.06
C PRO U 89 10.99 -6.28 -77.95
N GLY U 90 11.46 -5.93 -76.75
CA GLY U 90 11.52 -6.87 -75.65
C GLY U 90 12.76 -7.76 -75.72
N GLU U 91 13.93 -7.13 -75.76
CA GLU U 91 15.18 -7.84 -75.97
C GLU U 91 15.74 -8.46 -74.68
N ASN U 92 16.22 -7.59 -73.79
CA ASN U 92 16.93 -8.05 -72.59
C ASN U 92 16.16 -7.76 -71.31
N PRO U 93 15.50 -8.79 -70.76
CA PRO U 93 14.81 -8.67 -69.47
C PRO U 93 15.81 -8.52 -68.32
N PRO U 94 15.79 -7.37 -67.63
CA PRO U 94 16.71 -7.15 -66.53
C PRO U 94 16.25 -7.89 -65.27
N ASN U 95 17.17 -8.57 -64.60
CA ASN U 95 16.83 -9.26 -63.35
C ASN U 95 16.95 -8.32 -62.17
N ARG U 96 15.97 -7.43 -62.07
CA ARG U 96 15.98 -6.39 -61.05
C ARG U 96 14.63 -6.31 -60.35
N PRO U 97 14.60 -5.74 -59.15
CA PRO U 97 13.31 -5.41 -58.53
C PRO U 97 12.65 -4.25 -59.28
N PRO U 98 11.39 -4.43 -59.70
CA PRO U 98 10.63 -3.43 -60.47
C PRO U 98 10.56 -2.09 -59.77
N THR U 99 10.47 -1.02 -60.55
CA THR U 99 10.47 0.33 -60.00
C THR U 99 9.06 0.85 -59.76
N GLU U 100 8.95 2.15 -59.52
CA GLU U 100 7.67 2.80 -59.25
C GLU U 100 6.72 2.72 -60.43
N ILE U 101 7.23 2.93 -61.63
CA ILE U 101 6.39 2.94 -62.82
C ILE U 101 6.25 1.52 -63.37
N GLU U 102 7.17 0.64 -62.99
CA GLU U 102 7.21 -0.72 -63.51
C GLU U 102 6.19 -1.61 -62.82
N THR U 103 5.53 -1.08 -61.80
CA THR U 103 4.53 -1.83 -61.07
C THR U 103 3.13 -1.28 -61.32
N SER U 104 3.02 0.04 -61.41
CA SER U 104 1.73 0.69 -61.60
C SER U 104 1.16 0.48 -63.00
N ILE U 105 1.99 -0.05 -63.88
CA ILE U 105 1.61 -0.31 -65.27
C ILE U 105 1.25 -1.77 -65.47
N MET U 106 2.03 -2.65 -64.85
CA MET U 106 1.80 -4.08 -64.95
C MET U 106 0.61 -4.52 -64.09
N ARG U 107 0.43 -3.90 -62.93
CA ARG U 107 -0.68 -4.24 -62.03
C ARG U 107 -2.02 -3.98 -62.72
N LYS U 108 -2.07 -2.92 -63.52
CA LYS U 108 -3.25 -2.59 -64.29
C LYS U 108 -3.54 -3.69 -65.31
N GLU U 109 -2.52 -4.49 -65.62
CA GLU U 109 -2.64 -5.59 -66.56
C GLU U 109 -2.94 -6.92 -65.87
N VAL U 110 -2.41 -7.12 -64.66
CA VAL U 110 -2.64 -8.37 -63.93
C VAL U 110 -3.97 -8.31 -63.18
N THR U 111 -4.48 -7.12 -62.95
CA THR U 111 -5.81 -6.96 -62.37
C THR U 111 -6.84 -7.39 -63.40
N ASN U 112 -6.55 -7.09 -64.67
CA ASN U 112 -7.37 -7.52 -65.79
C ASN U 112 -6.97 -8.90 -66.31
N MET U 113 -5.87 -9.43 -65.77
CA MET U 113 -5.46 -10.80 -66.05
C MET U 113 -6.00 -11.70 -64.94
N LEU U 114 -6.26 -11.09 -63.78
CA LEU U 114 -6.92 -11.79 -62.68
C LEU U 114 -8.40 -11.94 -62.98
N THR U 115 -8.93 -11.02 -63.79
CA THR U 115 -10.33 -11.08 -64.19
C THR U 115 -10.53 -12.18 -65.23
N LEU U 116 -9.44 -12.66 -65.80
CA LEU U 116 -9.49 -13.74 -66.79
C LEU U 116 -9.55 -15.11 -66.13
N LEU U 117 -9.30 -15.15 -64.82
CA LEU U 117 -9.49 -16.38 -64.07
C LEU U 117 -10.76 -16.29 -63.23
N ALA U 118 -11.47 -15.16 -63.39
CA ALA U 118 -12.77 -14.97 -62.76
C ALA U 118 -13.86 -15.38 -63.73
N GLN U 119 -13.55 -15.30 -65.03
CA GLN U 119 -14.43 -15.76 -66.09
C GLN U 119 -14.45 -17.29 -66.14
N ALA U 120 -13.33 -17.88 -65.74
CA ALA U 120 -13.20 -19.33 -65.73
C ALA U 120 -13.72 -19.90 -64.41
N TRP U 121 -14.34 -19.05 -63.61
CA TRP U 121 -14.93 -19.45 -62.34
C TRP U 121 -16.42 -19.09 -62.27
N SER U 122 -16.90 -18.36 -63.28
CA SER U 122 -18.28 -17.87 -63.31
C SER U 122 -19.33 -18.99 -63.36
N ASP U 123 -18.89 -20.20 -63.71
CA ASP U 123 -19.77 -21.36 -63.68
C ASP U 123 -20.03 -21.82 -62.26
N PHE U 124 -18.97 -21.90 -61.46
CA PHE U 124 -19.05 -22.49 -60.13
C PHE U 124 -19.15 -21.44 -59.02
N GLN U 125 -18.38 -20.38 -59.12
CA GLN U 125 -18.38 -19.32 -58.10
C GLN U 125 -17.85 -18.00 -58.63
N TYR U 126 -18.70 -16.98 -58.67
CA TYR U 126 -18.30 -15.66 -59.18
C TYR U 126 -17.82 -14.73 -58.06
N PHE U 127 -16.70 -14.05 -58.32
CA PHE U 127 -16.14 -13.08 -57.39
C PHE U 127 -15.40 -11.97 -58.14
N ILE U 128 -15.55 -10.74 -57.68
CA ILE U 128 -14.81 -9.63 -58.25
C ILE U 128 -13.51 -9.41 -57.47
N PRO U 129 -12.38 -9.86 -58.05
CA PRO U 129 -11.11 -9.87 -57.33
C PRO U 129 -10.47 -8.49 -57.22
N SER U 130 -9.78 -8.27 -56.10
CA SER U 130 -9.02 -7.04 -55.89
C SER U 130 -7.70 -7.37 -55.20
N ILE U 131 -6.61 -6.82 -55.70
CA ILE U 131 -5.30 -7.15 -55.17
C ILE U 131 -5.12 -6.54 -53.77
N GLU U 132 -4.59 -7.37 -52.87
CA GLU U 132 -4.32 -6.94 -51.50
C GLU U 132 -2.99 -6.23 -51.42
N ASN U 133 -1.92 -7.02 -51.47
CA ASN U 133 -0.55 -6.51 -51.40
C ASN U 133 0.23 -7.03 -52.61
N VAL U 134 1.26 -6.30 -53.04
CA VAL U 134 2.12 -6.77 -54.12
C VAL U 134 3.59 -6.66 -53.71
N GLU U 135 4.29 -7.79 -53.65
CA GLU U 135 5.69 -7.78 -53.27
C GLU U 135 6.53 -8.56 -54.27
N THR U 136 7.84 -8.57 -54.06
CA THR U 136 8.76 -9.16 -55.03
C THR U 136 9.70 -10.18 -54.42
N ASN U 137 9.63 -10.34 -53.10
CA ASN U 137 10.48 -11.31 -52.43
C ASN U 137 9.63 -12.43 -51.84
N PRO U 138 9.79 -13.66 -52.35
CA PRO U 138 8.96 -14.81 -51.96
C PRO U 138 9.10 -15.22 -50.48
N GLN U 139 10.18 -14.81 -49.83
CA GLN U 139 10.35 -15.12 -48.41
C GLN U 139 9.65 -14.10 -47.53
N PHE U 140 8.89 -13.19 -48.14
CA PHE U 140 8.21 -12.14 -47.40
C PHE U 140 6.70 -12.35 -47.34
N VAL U 141 6.18 -13.18 -48.22
CA VAL U 141 4.73 -13.44 -48.25
C VAL U 141 4.34 -14.39 -47.13
N GLN U 142 4.40 -15.69 -47.42
CA GLN U 142 3.95 -16.73 -46.50
C GLN U 142 2.51 -16.45 -46.07
N ILE U 143 1.56 -16.89 -46.90
CA ILE U 143 0.15 -16.51 -46.80
C ILE U 143 -0.53 -17.02 -45.53
N VAL U 144 -0.19 -18.24 -45.13
CA VAL U 144 -0.88 -18.95 -44.05
C VAL U 144 -0.12 -20.27 -43.87
N PRO U 145 0.05 -20.73 -42.61
CA PRO U 145 0.91 -21.84 -42.15
C PRO U 145 1.77 -22.54 -43.22
N PRO U 146 3.10 -22.39 -43.09
CA PRO U 146 4.14 -22.73 -44.07
C PRO U 146 4.07 -24.13 -44.65
N ASN U 147 3.61 -25.10 -43.86
CA ASN U 147 3.64 -26.48 -44.31
C ASN U 147 2.30 -26.98 -44.85
N GLU U 148 1.34 -26.07 -45.03
CA GLU U 148 0.04 -26.42 -45.60
C GLU U 148 0.18 -26.75 -47.09
N ILE U 149 -0.79 -27.47 -47.64
CA ILE U 149 -0.79 -27.77 -49.06
C ILE U 149 -1.60 -26.74 -49.85
N VAL U 150 -1.03 -26.31 -50.98
CA VAL U 150 -1.62 -25.23 -51.77
C VAL U 150 -1.60 -25.60 -53.26
N LEU U 151 -2.75 -25.45 -53.92
CA LEU U 151 -2.89 -25.81 -55.32
C LEU U 151 -2.17 -24.84 -56.26
N LEU U 152 -1.09 -25.31 -56.88
CA LEU U 152 -0.29 -24.47 -57.78
C LEU U 152 -0.53 -24.81 -59.25
N VAL U 153 -0.81 -23.80 -60.05
CA VAL U 153 -1.00 -24.00 -61.47
C VAL U 153 0.23 -23.52 -62.24
N THR U 154 0.73 -24.34 -63.15
CA THR U 154 1.94 -24.01 -63.91
C THR U 154 1.61 -23.71 -65.37
N ALA U 155 1.33 -22.44 -65.67
CA ALA U 155 1.04 -22.00 -67.03
C ALA U 155 2.33 -21.73 -67.80
N SER U 156 2.55 -22.49 -68.87
CA SER U 156 3.79 -22.39 -69.64
C SER U 156 3.66 -21.50 -70.87
N VAL U 157 3.78 -20.18 -70.66
CA VAL U 157 3.73 -19.21 -71.75
C VAL U 157 4.91 -19.42 -72.70
N SER U 158 4.62 -19.51 -73.99
CA SER U 158 5.67 -19.83 -74.96
C SER U 158 5.43 -19.17 -76.32
N TRP U 159 6.46 -18.49 -76.83
CA TRP U 159 6.42 -17.90 -78.17
C TRP U 159 7.78 -18.03 -78.84
N GLY U 160 7.78 -18.34 -80.14
CA GLY U 160 9.00 -18.54 -80.88
C GLY U 160 9.80 -19.70 -80.35
N GLU U 161 10.53 -19.46 -79.26
CA GLU U 161 11.31 -20.50 -78.60
C GLU U 161 11.42 -20.19 -77.11
N PHE U 162 11.40 -18.91 -76.77
CA PHE U 162 11.45 -18.46 -75.38
C PHE U 162 10.23 -18.96 -74.61
N THR U 163 10.40 -19.20 -73.31
CA THR U 163 9.30 -19.69 -72.50
C THR U 163 9.45 -19.26 -71.03
N SER U 164 8.32 -19.08 -70.36
CA SER U 164 8.30 -18.66 -68.97
C SER U 164 7.14 -19.28 -68.20
N PHE U 165 6.78 -18.68 -67.07
CA PHE U 165 5.79 -19.29 -66.18
C PHE U 165 4.88 -18.32 -65.45
N ILE U 166 3.58 -18.46 -65.68
CA ILE U 166 2.56 -17.79 -64.89
C ILE U 166 1.98 -18.73 -63.84
N ASN U 167 2.20 -18.41 -62.57
CA ASN U 167 1.74 -19.29 -61.49
C ASN U 167 0.65 -18.66 -60.63
N VAL U 168 -0.44 -19.39 -60.46
CA VAL U 168 -1.50 -19.00 -59.54
C VAL U 168 -1.70 -20.11 -58.52
N CYS U 169 -1.48 -19.80 -57.24
CA CYS U 169 -1.59 -20.81 -56.19
C CYS U 169 -2.88 -20.63 -55.39
N TRP U 170 -3.48 -21.75 -54.99
CA TRP U 170 -4.73 -21.73 -54.24
C TRP U 170 -4.60 -22.51 -52.94
N PRO U 171 -4.60 -21.79 -51.80
CA PRO U 171 -4.49 -22.43 -50.48
C PRO U 171 -5.75 -23.24 -50.18
N PHE U 172 -5.59 -24.35 -49.46
CA PHE U 172 -6.72 -25.21 -49.14
C PHE U 172 -7.67 -24.52 -48.15
N SER U 173 -7.11 -23.69 -47.25
CA SER U 173 -7.90 -23.05 -46.21
C SER U 173 -8.86 -21.97 -46.74
N LEU U 174 -8.97 -21.87 -48.06
CA LEU U 174 -9.93 -20.98 -48.70
C LEU U 174 -10.51 -21.64 -49.93
N LEU U 175 -10.22 -22.93 -50.07
CA LEU U 175 -10.69 -23.71 -51.22
C LEU U 175 -11.70 -24.76 -50.80
N GLU U 176 -11.76 -25.06 -49.50
CA GLU U 176 -12.68 -26.07 -48.98
C GLU U 176 -14.03 -25.55 -48.42
N PRO U 177 -14.13 -24.26 -48.04
CA PRO U 177 -15.51 -23.87 -47.69
C PRO U 177 -16.34 -23.55 -48.93
N LEU U 178 -15.73 -23.68 -50.10
CA LEU U 178 -16.40 -23.48 -51.37
C LEU U 178 -16.51 -24.80 -52.11
N LEU U 179 -16.24 -25.89 -51.39
CA LEU U 179 -16.02 -27.20 -52.01
C LEU U 179 -16.95 -28.30 -51.49
N GLU U 180 -17.52 -28.08 -50.30
CA GLU U 180 -18.27 -29.14 -49.61
C GLU U 180 -19.61 -29.49 -50.23
N LYS U 181 -20.13 -28.61 -51.10
CA LYS U 181 -21.35 -28.91 -51.85
C LYS U 181 -21.57 -27.88 -52.98
N LEU U 182 -20.61 -27.80 -53.90
CA LEU U 182 -20.72 -26.90 -55.04
C LEU U 182 -20.33 -27.56 -56.37
N SER U 183 -19.40 -28.52 -56.34
CA SER U 183 -19.03 -29.24 -57.56
C SER U 183 -18.71 -30.70 -57.27
N GLY V 1 20.61 22.94 -64.59
CA GLY V 1 19.43 23.30 -63.82
C GLY V 1 18.93 22.15 -62.98
N SER V 2 18.15 22.47 -61.95
CA SER V 2 17.61 21.46 -61.06
C SER V 2 16.60 20.55 -61.75
N HIS V 3 15.97 21.07 -62.82
CA HIS V 3 14.96 20.32 -63.55
C HIS V 3 15.55 19.08 -64.20
N MET V 4 16.66 19.27 -64.92
CA MET V 4 17.38 18.16 -65.54
C MET V 4 17.84 17.14 -64.49
N VAL V 5 18.38 17.64 -63.39
CA VAL V 5 18.90 16.78 -62.33
C VAL V 5 17.82 15.82 -61.80
N GLN V 6 16.63 16.35 -61.57
CA GLN V 6 15.53 15.50 -61.14
C GLN V 6 15.13 14.54 -62.25
N LEU V 7 14.99 15.05 -63.46
CA LEU V 7 14.65 14.24 -64.63
C LEU V 7 15.65 13.12 -64.87
N VAL V 8 16.93 13.47 -64.94
CA VAL V 8 17.98 12.50 -65.23
C VAL V 8 18.10 11.46 -64.12
N ASN V 9 18.28 11.93 -62.89
CA ASN V 9 18.49 11.03 -61.76
C ASN V 9 17.31 10.09 -61.52
N PHE V 10 16.20 10.37 -62.18
CA PHE V 10 15.03 9.50 -62.12
C PHE V 10 15.04 8.49 -63.25
N LEU V 11 15.17 8.98 -64.48
CA LEU V 11 15.17 8.10 -65.65
C LEU V 11 16.36 7.16 -65.67
N GLN V 12 17.43 7.52 -64.95
CA GLN V 12 18.65 6.73 -64.92
C GLN V 12 18.39 5.26 -64.61
N SER V 13 17.50 5.02 -63.64
CA SER V 13 17.25 3.67 -63.18
C SER V 13 16.21 2.96 -64.02
N GLU V 14 15.23 3.73 -64.50
CA GLU V 14 14.06 3.16 -65.16
C GLU V 14 14.41 2.31 -66.36
N HIS V 15 13.47 1.45 -66.74
CA HIS V 15 13.68 0.50 -67.82
C HIS V 15 14.05 1.21 -69.10
N PRO V 16 14.90 0.58 -69.92
CA PRO V 16 15.27 1.02 -71.27
C PRO V 16 14.14 1.75 -72.01
N GLN V 17 13.19 1.02 -72.56
CA GLN V 17 12.14 1.61 -73.38
C GLN V 17 11.36 2.72 -72.66
N THR V 18 11.30 2.65 -71.34
CA THR V 18 10.61 3.67 -70.55
C THR V 18 11.24 5.04 -70.79
N ILE V 19 12.58 5.07 -70.76
CA ILE V 19 13.33 6.29 -70.97
C ILE V 19 13.12 6.85 -72.38
N ALA V 20 12.87 5.96 -73.33
CA ALA V 20 12.66 6.36 -74.71
C ALA V 20 11.33 7.06 -74.89
N VAL V 21 10.29 6.49 -74.29
CA VAL V 21 8.95 7.04 -74.41
C VAL V 21 8.89 8.43 -73.76
N VAL V 22 9.58 8.58 -72.65
CA VAL V 22 9.68 9.87 -71.96
C VAL V 22 10.33 10.94 -72.84
N LEU V 23 11.54 10.65 -73.32
CA LEU V 23 12.30 11.62 -74.11
C LEU V 23 11.65 11.94 -75.45
N SER V 24 10.61 11.18 -75.79
CA SER V 24 9.89 11.38 -77.04
C SER V 24 9.05 12.65 -77.01
N TYR V 25 8.29 12.82 -75.94
CA TYR V 25 7.48 14.02 -75.76
C TYR V 25 8.33 15.24 -75.45
N LEU V 26 9.38 15.03 -74.65
CA LEU V 26 10.27 16.12 -74.25
C LEU V 26 10.83 16.88 -75.46
N ASP V 27 10.98 18.20 -75.31
CA ASP V 27 11.60 19.04 -76.32
C ASP V 27 13.04 18.61 -76.54
N PRO V 28 13.44 18.51 -77.82
CA PRO V 28 14.82 18.13 -78.19
C PRO V 28 15.93 18.78 -77.34
N PRO V 29 15.81 20.07 -76.99
CA PRO V 29 16.90 20.58 -76.13
C PRO V 29 17.00 19.88 -74.79
N VAL V 30 15.87 19.41 -74.27
CA VAL V 30 15.84 18.74 -72.98
C VAL V 30 16.28 17.30 -73.10
N ALA V 31 15.89 16.67 -74.20
CA ALA V 31 16.21 15.27 -74.46
C ALA V 31 17.71 15.05 -74.54
N ALA V 32 18.42 16.03 -75.09
CA ALA V 32 19.86 15.93 -75.26
C ALA V 32 20.57 15.94 -73.90
N GLN V 33 20.16 16.86 -73.04
CA GLN V 33 20.75 16.98 -71.71
C GLN V 33 20.53 15.72 -70.88
N ILE V 34 19.32 15.16 -70.96
CA ILE V 34 18.99 13.95 -70.22
C ILE V 34 19.77 12.76 -70.78
N LEU V 35 19.76 12.63 -72.10
CA LEU V 35 20.47 11.56 -72.79
C LEU V 35 21.99 11.75 -72.70
N GLY V 36 22.42 12.99 -72.56
CA GLY V 36 23.82 13.29 -72.45
C GLY V 36 24.35 12.98 -71.07
N ALA V 37 23.45 12.92 -70.10
CA ALA V 37 23.82 12.68 -68.71
C ALA V 37 23.79 11.20 -68.35
N LEU V 38 23.13 10.42 -69.21
CA LEU V 38 23.07 8.98 -69.03
C LEU V 38 24.38 8.31 -69.41
N PRO V 39 24.78 7.27 -68.67
CA PRO V 39 25.96 6.45 -68.96
C PRO V 39 25.97 5.95 -70.39
N GLU V 40 27.16 5.77 -70.94
CA GLU V 40 27.36 5.55 -72.37
C GLU V 40 26.64 4.32 -72.92
N GLU V 41 26.63 3.23 -72.17
CA GLU V 41 26.02 2.01 -72.69
C GLU V 41 24.49 2.16 -72.82
N LEU V 42 23.86 2.92 -71.93
CA LEU V 42 22.43 3.18 -72.06
C LEU V 42 22.18 4.14 -73.22
N GLN V 43 23.06 5.14 -73.35
CA GLN V 43 22.95 6.12 -74.42
C GLN V 43 22.92 5.44 -75.78
N THR V 44 23.83 4.49 -75.98
CA THR V 44 23.88 3.74 -77.24
C THR V 44 22.58 2.97 -77.44
N GLU V 45 21.98 2.56 -76.33
CA GLU V 45 20.77 1.74 -76.39
C GLU V 45 19.48 2.53 -76.21
N VAL V 46 19.53 3.69 -75.56
CA VAL V 46 18.33 4.52 -75.50
C VAL V 46 18.03 5.00 -76.91
N LEU V 47 19.09 5.40 -77.61
CA LEU V 47 19.01 5.80 -79.02
C LEU V 47 18.52 4.64 -79.89
N LYS V 48 18.93 3.43 -79.53
CA LYS V 48 18.54 2.22 -80.26
C LYS V 48 17.02 2.09 -80.30
N ARG V 49 16.37 2.55 -79.23
CA ARG V 49 14.94 2.34 -79.09
C ARG V 49 14.10 3.52 -79.57
N ILE V 50 14.55 4.73 -79.29
CA ILE V 50 13.83 5.92 -79.73
C ILE V 50 13.68 5.92 -81.24
N ALA V 51 14.76 5.52 -81.92
CA ALA V 51 14.78 5.44 -83.38
C ALA V 51 13.86 4.34 -83.90
N LEU V 52 13.38 3.49 -83.00
CA LEU V 52 12.47 2.40 -83.36
C LEU V 52 11.20 2.44 -82.55
N LEU V 53 10.59 3.63 -82.46
CA LEU V 53 9.31 3.78 -81.80
C LEU V 53 8.18 3.68 -82.81
N GLU V 54 7.73 2.46 -83.05
CA GLU V 54 6.65 2.20 -84.00
C GLU V 54 5.40 2.94 -83.59
N ARG V 55 4.75 2.47 -82.53
CA ARG V 55 3.60 3.15 -81.97
C ARG V 55 3.82 3.41 -80.48
N THR V 56 3.18 4.43 -79.96
CA THR V 56 3.21 4.68 -78.53
C THR V 56 1.84 4.38 -77.95
N SER V 57 1.82 3.57 -76.89
CA SER V 57 0.57 3.13 -76.29
C SER V 57 -0.17 4.29 -75.63
N PRO V 58 -1.42 4.54 -76.08
CA PRO V 58 -2.29 5.61 -75.59
C PRO V 58 -2.50 5.58 -74.08
N GLU V 59 -2.41 4.40 -73.49
CA GLU V 59 -2.64 4.24 -72.06
C GLU V 59 -1.39 4.54 -71.24
N VAL V 60 -0.22 4.18 -71.76
CA VAL V 60 1.02 4.35 -71.00
C VAL V 60 1.64 5.73 -71.19
N VAL V 61 1.35 6.37 -72.32
CA VAL V 61 1.81 7.73 -72.54
C VAL V 61 1.11 8.62 -71.53
N LYS V 62 -0.11 8.22 -71.16
CA LYS V 62 -0.81 8.86 -70.07
C LYS V 62 -0.99 7.84 -68.94
N GLU V 63 0.11 7.18 -68.59
CA GLU V 63 0.23 6.46 -67.34
C GLU V 63 1.44 7.04 -66.63
N ILE V 64 2.37 7.54 -67.43
CA ILE V 64 3.53 8.27 -66.92
C ILE V 64 3.11 9.71 -66.66
N GLU V 65 1.84 10.01 -66.93
CA GLU V 65 1.26 11.31 -66.60
C GLU V 65 1.38 11.58 -65.11
N ARG V 66 0.59 10.87 -64.31
CA ARG V 66 0.60 11.01 -62.85
C ARG V 66 1.91 10.47 -62.29
N ASN V 67 2.66 9.75 -63.13
CA ASN V 67 4.02 9.35 -62.78
C ASN V 67 4.97 10.52 -63.00
N LEU V 68 4.41 11.71 -63.14
CA LEU V 68 5.14 12.93 -62.85
C LEU V 68 5.56 12.79 -61.40
N GLU V 69 4.64 12.23 -60.62
CA GLU V 69 4.95 11.58 -59.36
C GLU V 69 5.48 12.52 -58.29
N LYS V 70 6.78 12.43 -58.05
CA LYS V 70 7.38 13.00 -56.86
C LYS V 70 7.73 14.48 -56.93
N LYS V 71 9.03 14.78 -56.97
CA LYS V 71 9.52 16.10 -56.59
C LYS V 71 10.10 16.92 -57.74
N ILE V 72 9.80 16.55 -58.98
CA ILE V 72 10.25 17.35 -60.12
C ILE V 72 9.33 18.55 -60.27
N SER V 73 9.45 19.48 -59.33
CA SER V 73 8.56 20.62 -59.13
C SER V 73 7.77 21.09 -60.36
N GLY V 74 8.44 21.20 -61.51
CA GLY V 74 7.81 21.64 -62.73
C GLY V 74 7.26 20.50 -63.58
N PHE V 75 5.97 20.19 -63.39
CA PHE V 75 5.34 19.13 -64.15
C PHE V 75 4.56 19.67 -65.34
#